data_2VIG
#
_entry.id   2VIG
#
_cell.length_a   85.714
_cell.length_b   157.620
_cell.length_c   260.843
_cell.angle_alpha   90.00
_cell.angle_beta   90.00
_cell.angle_gamma   90.00
#
_symmetry.space_group_name_H-M   'P 21 21 21'
#
loop_
_entity.id
_entity.type
_entity.pdbx_description
1 polymer 'SHORT-CHAIN SPECIFIC ACYL-COA DEHYDROGENASE,'
2 non-polymer 'FLAVIN-ADENINE DINUCLEOTIDE'
3 non-polymer 1,2-ETHANEDIOL
4 non-polymer 'COENZYME A PERSULFIDE'
5 water water
#
_entity_poly.entity_id   1
_entity_poly.type   'polypeptide(L)'
_entity_poly.pdbx_seq_one_letter_code
;MQSVELPETHQMLLQTCRDFAEKELFPIAAQVDKEHLFPAAQVKKMGGLGLLAMDVPEELGGAGLDYLAYAIAMEEISRG
CASTGVIMSVNNSLYLGPILKFGSKEQKQAWVTPFTSGDKIGCFALSEPGNGSDAGAASTTARAEGDSWVLNGTKAWITN
AWEASAAVVFASTDRALQNKSISAFLVPMPTPGLTLGKKEDKLGIRGSSTANLIFEDCRIPKDSILGEPGMGFKIAMQTL
DMGRIGIASQALGIAQTALDCAVNYAENRMAFGAPLTKLQVIQFKLADMALALESARLLTWRAAMLKDNKKPFIKEAAMA
KLAASEAATAISHQAIQILGGMGYVTEMPAERHYRDARITEIYEGTSEIQRLVIAGHLLRSYRSAENLYFQ
;
_entity_poly.pdbx_strand_id   A,B,C,D,E,F,G,H
#
# COMPACT_ATOMS: atom_id res chain seq x y z
N LEU A 6 21.16 4.79 -40.68
CA LEU A 6 20.64 6.15 -40.33
C LEU A 6 20.15 6.85 -41.58
N PRO A 7 18.96 7.47 -41.49
CA PRO A 7 18.50 8.35 -42.57
C PRO A 7 19.59 9.34 -43.03
N GLU A 8 19.51 9.76 -44.29
CA GLU A 8 20.45 10.73 -44.85
C GLU A 8 20.39 12.03 -44.04
N THR A 9 19.18 12.44 -43.69
CA THR A 9 18.93 13.66 -42.91
C THR A 9 19.67 13.64 -41.58
N HIS A 10 19.56 12.52 -40.87
CA HIS A 10 20.24 12.35 -39.58
C HIS A 10 21.75 12.27 -39.79
N GLN A 11 22.18 11.75 -40.94
CA GLN A 11 23.61 11.74 -41.30
C GLN A 11 24.17 13.16 -41.52
N MET A 12 23.39 14.02 -42.19
CA MET A 12 23.77 15.43 -42.38
C MET A 12 23.90 16.13 -41.02
N LEU A 13 22.83 16.02 -40.23
CA LEU A 13 22.79 16.56 -38.87
C LEU A 13 24.01 16.11 -38.05
N LEU A 14 24.34 14.82 -38.13
CA LEU A 14 25.48 14.33 -37.37
C LEU A 14 26.75 15.12 -37.76
N GLN A 15 26.94 15.32 -39.06
CA GLN A 15 28.13 16.01 -39.57
C GLN A 15 28.15 17.50 -39.24
N THR A 16 26.99 18.13 -39.32
CA THR A 16 26.84 19.51 -38.90
C THR A 16 27.29 19.70 -37.45
N CYS A 17 26.79 18.84 -36.55
CA CYS A 17 27.08 18.97 -35.12
C CYS A 17 28.51 18.63 -34.80
N ARG A 18 29.04 17.62 -35.46
CA ARG A 18 30.44 17.27 -35.30
C ARG A 18 31.33 18.44 -35.71
N ASP A 19 31.01 19.03 -36.86
CA ASP A 19 31.80 20.15 -37.38
C ASP A 19 31.76 21.34 -36.45
N PHE A 20 30.55 21.69 -36.00
CA PHE A 20 30.38 22.70 -34.97
C PHE A 20 31.18 22.40 -33.71
N ALA A 21 31.11 21.16 -33.23
CA ALA A 21 31.81 20.78 -32.02
C ALA A 21 33.30 20.94 -32.18
N GLU A 22 33.80 20.44 -33.31
CA GLU A 22 35.21 20.54 -33.63
C GLU A 22 35.62 22.01 -33.78
N LYS A 23 34.82 22.79 -34.50
CA LYS A 23 35.12 24.22 -34.69
C LYS A 23 34.93 25.09 -33.42
N GLU A 24 33.89 24.84 -32.62
CA GLU A 24 33.50 25.78 -31.55
C GLU A 24 33.65 25.34 -30.10
N LEU A 25 33.66 24.03 -29.86
CA LEU A 25 33.58 23.52 -28.49
C LEU A 25 34.90 22.95 -28.01
N PHE A 26 35.48 22.06 -28.81
CA PHE A 26 36.80 21.50 -28.48
C PHE A 26 37.82 22.58 -28.05
N PRO A 27 37.91 23.70 -28.79
CA PRO A 27 38.91 24.71 -28.40
C PRO A 27 38.61 25.50 -27.11
N ILE A 28 37.39 25.45 -26.57
CA ILE A 28 37.05 26.17 -25.34
C ILE A 28 36.89 25.26 -24.10
N ALA A 29 36.89 23.93 -24.28
CA ALA A 29 36.49 23.01 -23.22
C ALA A 29 37.36 23.05 -21.99
N ALA A 30 38.69 23.06 -22.18
CA ALA A 30 39.63 23.22 -21.06
C ALA A 30 39.35 24.52 -20.29
N GLN A 31 39.13 25.62 -21.00
CA GLN A 31 38.90 26.91 -20.35
C GLN A 31 37.57 26.99 -19.61
N VAL A 32 36.52 26.48 -20.25
CA VAL A 32 35.19 26.43 -19.65
C VAL A 32 35.23 25.66 -18.33
N ASP A 33 35.96 24.55 -18.33
CA ASP A 33 36.14 23.71 -17.15
C ASP A 33 37.01 24.40 -16.11
N LYS A 34 38.14 24.94 -16.54
CA LYS A 34 39.11 25.51 -15.62
C LYS A 34 38.53 26.71 -14.86
N GLU A 35 37.79 27.55 -15.57
CA GLU A 35 37.38 28.84 -15.05
C GLU A 35 35.91 28.88 -14.64
N HIS A 36 35.21 27.75 -14.77
CA HIS A 36 33.78 27.65 -14.45
C HIS A 36 33.00 28.66 -15.28
N LEU A 37 33.35 28.75 -16.55
CA LEU A 37 32.89 29.83 -17.40
C LEU A 37 31.72 29.39 -18.24
N PHE A 38 30.59 30.08 -18.13
CA PHE A 38 29.40 29.74 -18.90
C PHE A 38 29.68 30.09 -20.36
N PRO A 39 29.48 29.13 -21.29
CA PRO A 39 29.88 29.40 -22.69
C PRO A 39 28.80 30.08 -23.52
N ALA A 40 28.52 31.34 -23.21
CA ALA A 40 27.36 32.06 -23.74
C ALA A 40 27.36 32.25 -25.26
N ALA A 41 28.50 32.63 -25.83
CA ALA A 41 28.60 32.84 -27.28
C ALA A 41 28.28 31.56 -28.05
N GLN A 42 28.79 30.44 -27.56
CA GLN A 42 28.58 29.14 -28.21
C GLN A 42 27.12 28.68 -28.13
N VAL A 43 26.49 28.85 -26.96
CA VAL A 43 25.08 28.53 -26.78
C VAL A 43 24.18 29.35 -27.71
N LYS A 44 24.50 30.64 -27.87
CA LYS A 44 23.77 31.51 -28.83
C LYS A 44 23.89 30.96 -30.26
N LYS A 45 25.11 30.63 -30.69
CA LYS A 45 25.31 30.03 -32.03
C LYS A 45 24.50 28.73 -32.20
N MET A 46 24.60 27.83 -31.23
CA MET A 46 23.75 26.60 -31.19
C MET A 46 22.26 26.95 -31.33
N GLY A 47 21.86 28.00 -30.65
CA GLY A 47 20.51 28.48 -30.74
C GLY A 47 20.12 28.79 -32.17
N GLY A 48 21.01 29.48 -32.89
CA GLY A 48 20.76 29.82 -34.30
C GLY A 48 20.63 28.62 -35.20
N LEU A 49 21.34 27.54 -34.84
CA LEU A 49 21.27 26.26 -35.58
C LEU A 49 20.08 25.35 -35.23
N GLY A 50 19.27 25.70 -34.24
CA GLY A 50 18.12 24.87 -33.86
C GLY A 50 18.40 23.88 -32.72
N LEU A 51 19.64 23.83 -32.26
CA LEU A 51 20.07 22.80 -31.31
C LEU A 51 19.42 22.92 -29.92
N LEU A 52 18.96 24.11 -29.59
CA LEU A 52 18.31 24.35 -28.30
C LEU A 52 16.81 24.04 -28.30
N ALA A 53 16.23 23.76 -29.48
CA ALA A 53 14.76 23.50 -29.66
C ALA A 53 14.49 22.45 -30.73
N MET A 54 15.11 21.29 -30.59
CA MET A 54 15.16 20.31 -31.68
C MET A 54 13.84 19.64 -32.01
N ASP A 55 13.06 19.32 -30.98
CA ASP A 55 11.79 18.60 -31.10
C ASP A 55 10.61 19.59 -31.16
N VAL A 56 10.92 20.89 -31.16
CA VAL A 56 9.86 21.90 -31.19
C VAL A 56 9.44 22.10 -32.65
N PRO A 57 8.12 22.17 -32.91
CA PRO A 57 7.69 22.41 -34.27
C PRO A 57 8.21 23.73 -34.82
N GLU A 58 8.46 23.76 -36.13
CA GLU A 58 8.95 24.98 -36.77
C GLU A 58 8.03 26.19 -36.57
N GLU A 59 6.73 25.91 -36.53
CA GLU A 59 5.69 26.91 -36.32
C GLU A 59 5.77 27.61 -34.95
N LEU A 60 6.44 26.98 -33.99
CA LEU A 60 6.73 27.64 -32.71
C LEU A 60 8.16 28.16 -32.64
N GLY A 61 8.87 28.13 -33.77
CA GLY A 61 10.26 28.56 -33.84
C GLY A 61 11.31 27.49 -33.67
N GLY A 62 10.88 26.24 -33.60
CA GLY A 62 11.79 25.12 -33.36
C GLY A 62 12.42 24.55 -34.64
N ALA A 63 13.29 23.55 -34.46
CA ALA A 63 13.97 22.88 -35.58
C ALA A 63 13.04 21.92 -36.34
N GLY A 64 11.93 21.53 -35.71
CA GLY A 64 10.96 20.63 -36.33
C GLY A 64 11.42 19.19 -36.55
N LEU A 65 12.37 18.73 -35.74
CA LEU A 65 12.95 17.40 -35.84
C LEU A 65 12.37 16.47 -34.75
N ASP A 66 13.11 15.43 -34.39
CA ASP A 66 12.63 14.42 -33.44
C ASP A 66 13.69 14.06 -32.41
N TYR A 67 13.34 13.17 -31.47
CA TYR A 67 14.25 12.78 -30.39
C TYR A 67 15.44 11.94 -30.79
N LEU A 68 15.32 11.19 -31.89
CA LEU A 68 16.51 10.54 -32.46
C LEU A 68 17.56 11.57 -32.94
N ALA A 69 17.10 12.61 -33.60
CA ALA A 69 17.96 13.72 -34.00
C ALA A 69 18.59 14.40 -32.79
N TYR A 70 17.77 14.60 -31.75
CA TYR A 70 18.22 15.24 -30.51
C TYR A 70 19.30 14.41 -29.86
N ALA A 71 19.09 13.10 -29.81
CA ALA A 71 20.08 12.19 -29.22
C ALA A 71 21.45 12.21 -29.95
N ILE A 72 21.39 12.18 -31.27
CA ILE A 72 22.58 12.29 -32.13
C ILE A 72 23.29 13.63 -31.91
N ALA A 73 22.51 14.72 -32.00
CA ALA A 73 23.02 16.07 -31.76
C ALA A 73 23.62 16.23 -30.36
N MET A 74 22.91 15.75 -29.34
CA MET A 74 23.43 15.76 -27.95
C MET A 74 24.76 15.05 -27.79
N GLU A 75 24.91 13.93 -28.49
CA GLU A 75 26.14 13.18 -28.34
C GLU A 75 27.34 13.93 -28.96
N GLU A 76 27.12 14.47 -30.15
CA GLU A 76 28.15 15.28 -30.82
C GLU A 76 28.50 16.57 -30.07
N ILE A 77 27.49 17.26 -29.52
CA ILE A 77 27.77 18.45 -28.73
C ILE A 77 28.60 18.09 -27.48
N SER A 78 28.15 17.06 -26.77
CA SER A 78 28.79 16.68 -25.49
C SER A 78 30.19 16.11 -25.61
N ARG A 79 30.45 15.48 -26.76
CA ARG A 79 31.79 15.05 -27.15
C ARG A 79 32.79 16.23 -27.15
N GLY A 80 32.33 17.40 -27.62
CA GLY A 80 33.13 18.62 -27.59
C GLY A 80 33.19 19.32 -26.24
N CYS A 81 32.03 19.53 -25.63
CA CYS A 81 31.95 20.13 -24.27
C CYS A 81 30.75 19.60 -23.46
N ALA A 82 31.06 18.89 -22.38
CA ALA A 82 30.05 18.27 -21.52
C ALA A 82 29.10 19.29 -20.90
N SER A 83 29.63 20.46 -20.53
CA SER A 83 28.82 21.54 -19.98
C SER A 83 27.81 22.09 -20.98
N THR A 84 28.27 22.38 -22.21
CA THR A 84 27.37 22.81 -23.30
C THR A 84 26.28 21.77 -23.56
N GLY A 85 26.63 20.49 -23.40
CA GLY A 85 25.63 19.43 -23.55
C GLY A 85 24.54 19.49 -22.50
N VAL A 86 24.89 19.66 -21.22
CA VAL A 86 23.83 19.70 -20.20
C VAL A 86 22.97 20.99 -20.35
N ILE A 87 23.59 22.08 -20.77
CA ILE A 87 22.88 23.35 -20.92
C ILE A 87 21.79 23.15 -21.98
N MET A 88 22.18 22.52 -23.09
CA MET A 88 21.31 22.22 -24.23
C MET A 88 20.20 21.21 -23.84
N SER A 89 20.59 20.20 -23.10
CA SER A 89 19.63 19.19 -22.65
C SER A 89 18.54 19.77 -21.73
N VAL A 90 18.93 20.59 -20.76
CA VAL A 90 17.96 21.22 -19.87
C VAL A 90 16.95 22.03 -20.68
N ASN A 91 17.44 22.86 -21.60
CA ASN A 91 16.52 23.65 -22.38
C ASN A 91 15.56 22.82 -23.25
N ASN A 92 16.11 21.85 -24.00
CA ASN A 92 15.29 20.96 -24.81
C ASN A 92 14.27 20.11 -24.00
N SER A 93 14.79 19.31 -23.08
CA SER A 93 13.99 18.26 -22.44
C SER A 93 13.19 18.76 -21.25
N LEU A 94 13.87 19.47 -20.35
CA LEU A 94 13.29 19.85 -19.07
C LEU A 94 12.50 21.15 -19.05
N TYR A 95 12.91 22.13 -19.85
CA TYR A 95 12.20 23.41 -19.92
C TYR A 95 11.13 23.34 -21.02
N LEU A 96 11.59 23.21 -22.27
CA LEU A 96 10.66 23.20 -23.41
C LEU A 96 9.77 21.97 -23.43
N GLY A 97 10.33 20.81 -23.08
CA GLY A 97 9.58 19.54 -23.09
C GLY A 97 8.20 19.57 -22.45
N PRO A 98 8.12 19.89 -21.15
CA PRO A 98 6.84 19.95 -20.45
C PRO A 98 5.87 20.98 -21.00
N ILE A 99 6.41 22.12 -21.45
CA ILE A 99 5.53 23.18 -21.98
C ILE A 99 4.89 22.67 -23.26
N LEU A 100 5.68 22.06 -24.13
CA LEU A 100 5.12 21.45 -25.35
C LEU A 100 4.14 20.33 -25.03
N LYS A 101 4.48 19.45 -24.10
CA LYS A 101 3.59 18.32 -23.77
C LYS A 101 2.29 18.74 -23.06
N PHE A 102 2.38 19.64 -22.08
CA PHE A 102 1.24 19.94 -21.20
C PHE A 102 0.63 21.34 -21.32
N GLY A 103 1.31 22.22 -22.07
CA GLY A 103 0.91 23.60 -22.12
C GLY A 103 -0.20 23.87 -23.09
N SER A 104 -0.90 24.99 -22.87
CA SER A 104 -1.90 25.48 -23.82
C SER A 104 -1.18 26.13 -25.01
N LYS A 105 -1.94 26.44 -26.06
CA LYS A 105 -1.41 27.22 -27.20
C LYS A 105 -0.72 28.51 -26.73
N GLU A 106 -1.40 29.23 -25.85
CA GLU A 106 -0.94 30.52 -25.35
C GLU A 106 0.32 30.37 -24.54
N GLN A 107 0.41 29.30 -23.77
CA GLN A 107 1.62 29.02 -23.01
C GLN A 107 2.79 28.69 -23.91
N LYS A 108 2.53 27.91 -24.97
CA LYS A 108 3.58 27.62 -25.94
C LYS A 108 4.10 28.91 -26.60
N GLN A 109 3.20 29.75 -27.08
CA GLN A 109 3.60 31.02 -27.69
C GLN A 109 4.38 31.93 -26.72
N ALA A 110 3.90 32.04 -25.48
CA ALA A 110 4.50 32.93 -24.49
C ALA A 110 5.84 32.41 -23.99
N TRP A 111 5.92 31.10 -23.79
CA TRP A 111 7.05 30.50 -23.07
C TRP A 111 7.93 29.59 -23.95
N VAL A 112 7.40 29.05 -25.04
CA VAL A 112 8.27 28.24 -25.93
C VAL A 112 8.98 29.15 -26.92
N THR A 113 8.21 29.85 -27.74
CA THR A 113 8.79 30.58 -28.86
C THR A 113 10.00 31.49 -28.59
N PRO A 114 9.98 32.29 -27.50
CA PRO A 114 11.16 33.13 -27.20
C PRO A 114 12.38 32.41 -26.65
N PHE A 115 12.24 31.10 -26.46
CA PHE A 115 13.29 30.27 -25.85
C PHE A 115 13.80 29.22 -26.83
N THR A 116 13.66 29.52 -28.12
CA THR A 116 14.05 28.58 -29.18
C THR A 116 15.29 29.00 -29.99
N SER A 117 15.91 30.13 -29.69
CA SER A 117 16.93 30.70 -30.56
C SER A 117 18.26 31.01 -29.89
N GLY A 118 18.40 30.71 -28.61
CA GLY A 118 19.67 30.93 -27.95
C GLY A 118 19.79 32.27 -27.23
N ASP A 119 18.79 33.13 -27.37
CA ASP A 119 18.75 34.37 -26.57
C ASP A 119 18.25 34.15 -25.15
N LYS A 120 17.19 33.33 -25.02
CA LYS A 120 16.65 32.96 -23.71
C LYS A 120 16.64 31.45 -23.59
N ILE A 121 17.15 30.96 -22.46
CA ILE A 121 17.04 29.57 -22.11
C ILE A 121 16.28 29.44 -20.76
N GLY A 122 15.72 28.25 -20.54
CA GLY A 122 15.04 27.94 -19.28
C GLY A 122 15.78 27.00 -18.34
N CYS A 123 15.08 26.66 -17.28
CA CYS A 123 15.51 25.72 -16.27
C CYS A 123 14.31 24.98 -15.65
N PHE A 124 14.60 24.02 -14.77
CA PHE A 124 13.64 23.02 -14.29
C PHE A 124 13.90 22.87 -12.80
N ALA A 125 12.93 23.20 -11.98
CA ALA A 125 13.18 23.24 -10.53
C ALA A 125 12.27 22.27 -9.77
N LEU A 126 12.85 21.11 -9.45
CA LEU A 126 12.15 20.01 -8.77
C LEU A 126 12.82 19.70 -7.42
N SER A 127 14.12 19.49 -7.42
CA SER A 127 14.85 19.13 -6.21
C SER A 127 14.88 20.28 -5.19
N GLU A 128 15.12 19.91 -3.93
CA GLU A 128 15.19 20.83 -2.82
C GLU A 128 16.36 20.41 -1.95
N PRO A 129 16.82 21.30 -1.07
CA PRO A 129 17.95 20.86 -0.26
C PRO A 129 17.68 19.55 0.49
N GLY A 130 16.43 19.34 0.88
CA GLY A 130 16.02 18.23 1.72
C GLY A 130 15.73 16.96 0.97
N ASN A 131 15.52 17.07 -0.35
CA ASN A 131 15.09 15.95 -1.18
C ASN A 131 15.34 16.11 -2.69
N GLY A 132 15.90 15.06 -3.28
CA GLY A 132 16.10 14.96 -4.71
C GLY A 132 15.50 13.66 -5.23
N SER A 133 16.08 12.53 -4.85
CA SER A 133 15.51 11.21 -5.21
C SER A 133 14.07 11.10 -4.77
N ASP A 134 13.80 11.61 -3.57
CA ASP A 134 12.45 11.65 -3.01
C ASP A 134 11.77 12.94 -3.49
N ALA A 135 11.47 12.95 -4.79
CA ALA A 135 10.93 14.12 -5.49
C ALA A 135 9.58 14.57 -4.95
N GLY A 136 8.76 13.62 -4.52
CA GLY A 136 7.44 13.90 -3.99
C GLY A 136 7.41 14.62 -2.65
N ALA A 137 8.55 14.66 -1.95
CA ALA A 137 8.62 15.35 -0.65
C ALA A 137 8.88 16.87 -0.76
N ALA A 138 8.39 17.51 -1.84
CA ALA A 138 8.58 18.95 -2.05
C ALA A 138 7.90 19.79 -0.95
N SER A 139 8.69 20.58 -0.23
CA SER A 139 8.16 21.43 0.84
C SER A 139 7.96 22.89 0.40
N THR A 140 8.53 23.26 -0.75
CA THR A 140 8.20 24.52 -1.41
C THR A 140 6.71 24.53 -1.65
N THR A 141 6.06 25.63 -1.32
CA THR A 141 4.59 25.69 -1.38
C THR A 141 4.12 26.73 -2.36
N ALA A 142 2.94 26.50 -2.92
CA ALA A 142 2.24 27.44 -3.79
C ALA A 142 0.82 27.53 -3.25
N ARG A 143 0.41 28.74 -2.90
CA ARG A 143 -0.90 28.97 -2.28
C ARG A 143 -1.73 29.86 -3.18
N ALA A 144 -2.97 29.47 -3.42
CA ALA A 144 -3.87 30.29 -4.21
C ALA A 144 -4.30 31.48 -3.34
N GLU A 145 -3.95 32.68 -3.76
CA GLU A 145 -4.33 33.90 -3.08
C GLU A 145 -4.97 34.81 -4.11
N GLY A 146 -6.30 34.93 -4.04
CA GLY A 146 -7.05 35.70 -5.01
C GLY A 146 -6.82 35.16 -6.40
N ASP A 147 -6.50 36.05 -7.33
CA ASP A 147 -6.24 35.66 -8.71
C ASP A 147 -4.80 35.15 -8.96
N SER A 148 -4.04 34.85 -7.91
CA SER A 148 -2.63 34.55 -8.06
C SER A 148 -2.16 33.31 -7.30
N TRP A 149 -0.89 32.95 -7.48
CA TRP A 149 -0.26 31.88 -6.72
C TRP A 149 0.89 32.50 -6.00
N VAL A 150 1.09 32.12 -4.74
CA VAL A 150 2.19 32.65 -3.96
C VAL A 150 3.13 31.51 -3.58
N LEU A 151 4.41 31.66 -3.96
CA LEU A 151 5.40 30.60 -3.80
C LEU A 151 6.34 30.93 -2.67
N ASN A 152 6.60 29.92 -1.84
CA ASN A 152 7.55 30.04 -0.75
C ASN A 152 8.36 28.77 -0.60
N GLY A 153 9.68 28.91 -0.63
CA GLY A 153 10.54 27.75 -0.49
C GLY A 153 11.81 27.88 -1.28
N THR A 154 12.73 26.95 -1.03
CA THR A 154 14.00 26.87 -1.72
C THR A 154 14.02 25.63 -2.65
N LYS A 155 14.33 25.84 -3.94
CA LYS A 155 14.70 24.71 -4.80
C LYS A 155 16.23 24.63 -4.76
N ALA A 156 16.77 23.43 -4.92
CA ALA A 156 18.20 23.22 -4.99
C ALA A 156 18.67 22.52 -6.26
N TRP A 157 19.94 22.78 -6.58
CA TRP A 157 20.68 22.14 -7.68
C TRP A 157 20.21 22.53 -9.06
N ILE A 158 19.70 23.74 -9.26
CA ILE A 158 19.05 24.06 -10.54
C ILE A 158 20.11 24.44 -11.59
N THR A 159 20.29 23.58 -12.57
CA THR A 159 21.17 23.82 -13.72
C THR A 159 20.62 24.99 -14.56
N ASN A 160 21.51 25.92 -14.93
CA ASN A 160 21.15 27.14 -15.68
C ASN A 160 20.53 28.24 -14.81
N ALA A 161 20.48 28.04 -13.48
CA ALA A 161 19.85 28.98 -12.55
C ALA A 161 20.34 30.43 -12.75
N TRP A 162 21.65 30.59 -12.90
CA TRP A 162 22.25 31.91 -13.06
C TRP A 162 22.18 32.48 -14.48
N GLU A 163 21.76 31.69 -15.46
CA GLU A 163 21.55 32.19 -16.82
C GLU A 163 20.12 32.16 -17.36
N ALA A 164 19.23 31.41 -16.69
CA ALA A 164 17.84 31.22 -17.16
C ALA A 164 16.96 32.50 -17.13
N SER A 165 16.05 32.59 -18.08
CA SER A 165 15.05 33.63 -18.17
C SER A 165 13.64 33.18 -17.83
N ALA A 166 13.48 31.90 -17.52
CA ALA A 166 12.23 31.33 -17.03
C ALA A 166 12.51 29.95 -16.46
N ALA A 167 11.61 29.50 -15.58
CA ALA A 167 11.72 28.22 -14.89
C ALA A 167 10.38 27.50 -14.92
N VAL A 168 10.44 26.17 -15.04
CA VAL A 168 9.33 25.29 -14.71
C VAL A 168 9.57 24.87 -13.25
N VAL A 169 8.63 25.25 -12.37
CA VAL A 169 8.82 25.13 -10.94
C VAL A 169 7.74 24.22 -10.34
N PHE A 170 8.17 23.29 -9.48
CA PHE A 170 7.24 22.35 -8.84
C PHE A 170 7.06 22.70 -7.37
N ALA A 171 5.81 22.92 -6.98
CA ALA A 171 5.49 23.34 -5.61
C ALA A 171 4.29 22.56 -5.07
N SER A 172 4.29 22.35 -3.76
CA SER A 172 3.17 21.69 -3.07
C SER A 172 1.98 22.64 -3.00
N THR A 173 0.85 22.21 -3.57
CA THR A 173 -0.38 22.96 -3.58
C THR A 173 -1.52 22.32 -2.75
N ASP A 174 -1.31 21.10 -2.21
CA ASP A 174 -2.37 20.35 -1.49
C ASP A 174 -1.80 19.14 -0.76
N ARG A 175 -1.41 19.32 0.49
CA ARG A 175 -0.87 18.20 1.29
C ARG A 175 -1.99 17.21 1.75
N ALA A 176 -3.27 17.63 1.72
CA ALA A 176 -4.40 16.72 2.00
C ALA A 176 -4.52 15.60 0.98
N LEU A 177 -4.44 15.91 -0.32
CA LEU A 177 -4.57 14.90 -1.36
C LEU A 177 -3.18 14.44 -1.74
N GLN A 178 -2.77 13.33 -1.12
CA GLN A 178 -1.38 12.93 -1.06
C GLN A 178 -0.76 12.51 -2.41
N ASN A 179 -1.59 12.14 -3.37
CA ASN A 179 -1.11 11.82 -4.73
C ASN A 179 -1.45 12.88 -5.79
N LYS A 180 -2.20 13.92 -5.39
CA LYS A 180 -2.48 15.11 -6.23
C LYS A 180 -1.92 16.34 -5.50
N SER A 181 -0.71 16.23 -4.99
CA SER A 181 -0.21 17.21 -4.04
C SER A 181 0.64 18.32 -4.64
N ILE A 182 1.11 18.15 -5.87
CA ILE A 182 2.10 19.05 -6.45
C ILE A 182 1.55 19.65 -7.72
N SER A 183 1.94 20.89 -7.98
CA SER A 183 1.59 21.54 -9.24
C SER A 183 2.84 22.10 -9.91
N ALA A 184 2.77 22.25 -11.22
CA ALA A 184 3.86 22.86 -12.00
C ALA A 184 3.51 24.32 -12.38
N PHE A 185 4.52 25.18 -12.31
CA PHE A 185 4.37 26.60 -12.58
C PHE A 185 5.47 27.16 -13.51
N LEU A 186 5.03 28.06 -14.39
CA LEU A 186 5.94 28.86 -15.24
C LEU A 186 6.24 30.18 -14.58
N VAL A 187 7.51 30.44 -14.32
CA VAL A 187 7.95 31.59 -13.56
C VAL A 187 9.05 32.35 -14.33
N PRO A 188 8.87 33.66 -14.54
CA PRO A 188 9.92 34.42 -15.23
C PRO A 188 11.11 34.70 -14.30
N MET A 189 12.29 34.85 -14.89
CA MET A 189 13.51 35.15 -14.16
C MET A 189 14.14 36.36 -14.85
N PRO A 190 14.22 37.50 -14.15
CA PRO A 190 13.89 37.74 -12.74
C PRO A 190 12.41 37.87 -12.46
N THR A 191 12.07 37.77 -11.18
CA THR A 191 10.72 38.14 -10.72
C THR A 191 10.79 38.51 -9.23
N PRO A 192 10.01 39.53 -8.82
CA PRO A 192 10.00 39.90 -7.41
C PRO A 192 9.60 38.73 -6.54
N GLY A 193 10.37 38.47 -5.48
CA GLY A 193 10.16 37.30 -4.64
C GLY A 193 11.09 36.12 -4.93
N LEU A 194 11.81 36.20 -6.04
CA LEU A 194 12.84 35.18 -6.38
C LEU A 194 14.27 35.70 -6.22
N THR A 195 15.09 34.99 -5.47
CA THR A 195 16.51 35.24 -5.44
C THR A 195 17.32 33.95 -5.65
N LEU A 196 18.56 34.10 -6.10
CA LEU A 196 19.42 32.97 -6.42
C LEU A 196 20.40 32.72 -5.29
N GLY A 197 20.70 31.46 -5.03
CA GLY A 197 21.77 31.12 -4.12
C GLY A 197 23.11 31.20 -4.84
N LYS A 198 24.20 31.09 -4.09
CA LYS A 198 25.52 31.02 -4.66
C LYS A 198 25.66 29.80 -5.62
N LYS A 199 26.39 30.01 -6.73
CA LYS A 199 26.77 28.93 -7.63
C LYS A 199 27.48 27.81 -6.90
N GLU A 200 27.12 26.56 -7.19
CA GLU A 200 27.85 25.43 -6.58
C GLU A 200 29.23 25.30 -7.24
N ASP A 201 30.19 24.85 -6.44
CA ASP A 201 31.56 24.54 -6.85
C ASP A 201 31.63 23.02 -7.08
N LYS A 202 31.62 22.61 -8.35
CA LYS A 202 31.39 21.23 -8.74
C LYS A 202 32.67 20.52 -9.21
N LEU A 203 32.66 19.19 -9.08
CA LEU A 203 33.71 18.31 -9.56
C LEU A 203 33.91 18.44 -11.07
N GLY A 204 32.82 18.54 -11.79
CA GLY A 204 32.83 18.60 -13.24
C GLY A 204 31.61 19.37 -13.72
N ILE A 205 31.33 19.23 -15.01
CA ILE A 205 30.39 20.10 -15.78
C ILE A 205 30.35 21.59 -15.29
N ARG A 206 31.54 22.18 -15.14
CA ARG A 206 31.68 23.46 -14.43
C ARG A 206 31.23 24.70 -15.19
N GLY A 207 31.03 24.57 -16.50
CA GLY A 207 30.53 25.66 -17.32
C GLY A 207 29.06 25.89 -17.11
N SER A 208 28.34 24.88 -16.64
CA SER A 208 26.93 25.06 -16.33
C SER A 208 26.82 25.66 -14.93
N SER A 209 25.84 26.52 -14.72
CA SER A 209 25.57 27.04 -13.39
C SER A 209 24.61 26.10 -12.66
N THR A 210 24.86 25.92 -11.38
CA THR A 210 23.96 25.18 -10.51
C THR A 210 23.80 26.02 -9.26
N ALA A 211 22.55 26.26 -8.85
CA ALA A 211 22.31 27.05 -7.63
C ALA A 211 20.88 26.92 -7.13
N ASN A 212 20.67 27.37 -5.88
CA ASN A 212 19.32 27.42 -5.31
C ASN A 212 18.48 28.54 -5.90
N LEU A 213 17.20 28.26 -6.14
CA LEU A 213 16.17 29.27 -6.37
C LEU A 213 15.36 29.45 -5.06
N ILE A 214 15.46 30.65 -4.48
CA ILE A 214 14.78 31.00 -3.23
C ILE A 214 13.57 31.90 -3.47
N PHE A 215 12.40 31.35 -3.18
CA PHE A 215 11.13 32.05 -3.29
C PHE A 215 10.70 32.52 -1.90
N GLU A 216 10.44 33.81 -1.78
CA GLU A 216 9.82 34.38 -0.59
C GLU A 216 8.70 35.32 -1.02
N ASP A 217 7.47 34.97 -0.67
CA ASP A 217 6.26 35.69 -1.02
C ASP A 217 6.21 36.02 -2.51
N CYS A 218 6.53 35.05 -3.35
CA CYS A 218 6.65 35.28 -4.78
C CYS A 218 5.31 35.07 -5.50
N ARG A 219 4.72 36.18 -5.94
CA ARG A 219 3.38 36.19 -6.53
C ARG A 219 3.50 36.10 -8.05
N ILE A 220 2.77 35.16 -8.65
CA ILE A 220 2.79 34.96 -10.09
C ILE A 220 1.35 34.83 -10.49
N PRO A 221 1.01 35.26 -11.70
CA PRO A 221 -0.39 35.28 -12.15
C PRO A 221 -1.05 33.91 -12.30
N LYS A 222 -2.39 33.89 -12.29
CA LYS A 222 -3.11 32.62 -12.22
C LYS A 222 -2.83 31.67 -13.38
N ASP A 223 -2.62 32.21 -14.59
CA ASP A 223 -2.32 31.35 -15.74
C ASP A 223 -0.86 30.88 -15.84
N SER A 224 -0.10 31.01 -14.76
CA SER A 224 1.26 30.50 -14.66
C SER A 224 1.30 28.98 -14.47
N ILE A 225 0.19 28.40 -14.00
CA ILE A 225 0.09 26.95 -13.73
C ILE A 225 0.07 26.17 -15.04
N LEU A 226 0.99 25.19 -15.14
CA LEU A 226 1.13 24.33 -16.32
C LEU A 226 0.32 23.05 -16.08
N GLY A 227 -0.75 22.84 -16.83
CA GLY A 227 -1.64 21.72 -16.55
C GLY A 227 -2.53 22.02 -15.33
N GLU A 228 -3.16 20.98 -14.81
CA GLU A 228 -4.14 21.13 -13.73
C GLU A 228 -3.47 21.08 -12.35
N PRO A 229 -4.13 21.68 -11.35
CA PRO A 229 -3.58 21.53 -10.00
C PRO A 229 -3.50 20.05 -9.58
N GLY A 230 -2.39 19.66 -8.95
CA GLY A 230 -2.19 18.29 -8.53
C GLY A 230 -1.46 17.39 -9.54
N MET A 231 -1.39 17.83 -10.80
CA MET A 231 -0.63 17.14 -11.89
C MET A 231 0.90 17.25 -11.82
N GLY A 232 1.43 18.06 -10.92
CA GLY A 232 2.86 18.33 -10.87
C GLY A 232 3.80 17.15 -10.78
N PHE A 233 3.43 16.12 -10.03
CA PHE A 233 4.32 14.97 -9.88
C PHE A 233 4.38 14.18 -11.21
N LYS A 234 3.22 14.00 -11.83
CA LYS A 234 3.15 13.36 -13.13
C LYS A 234 3.92 14.14 -14.22
N ILE A 235 3.79 15.46 -14.22
CA ILE A 235 4.43 16.28 -15.26
C ILE A 235 5.93 16.14 -15.05
N ALA A 236 6.36 16.17 -13.80
CA ALA A 236 7.76 16.08 -13.45
C ALA A 236 8.40 14.74 -13.87
N MET A 237 7.71 13.64 -13.57
CA MET A 237 8.18 12.29 -13.92
C MET A 237 8.24 12.03 -15.43
N GLN A 238 7.20 12.43 -16.16
CA GLN A 238 7.19 12.30 -17.59
C GLN A 238 8.19 13.22 -18.27
N THR A 239 8.47 14.37 -17.64
CA THR A 239 9.52 15.23 -18.13
C THR A 239 10.89 14.56 -17.94
N LEU A 240 11.13 13.99 -16.77
CA LEU A 240 12.39 13.31 -16.53
C LEU A 240 12.63 12.08 -17.45
N ASP A 241 11.55 11.44 -17.90
CA ASP A 241 11.66 10.31 -18.84
C ASP A 241 12.36 10.75 -20.13
N MET A 242 11.93 11.89 -20.65
CA MET A 242 12.57 12.52 -21.80
C MET A 242 13.98 13.03 -21.50
N GLY A 243 14.11 13.70 -20.36
CA GLY A 243 15.40 14.22 -19.93
C GLY A 243 16.45 13.15 -19.88
N ARG A 244 16.04 11.95 -19.43
CA ARG A 244 16.92 10.82 -19.35
C ARG A 244 17.50 10.40 -20.71
N ILE A 245 16.74 10.60 -21.78
CA ILE A 245 17.28 10.32 -23.12
C ILE A 245 18.38 11.34 -23.47
N GLY A 246 18.15 12.60 -23.10
CA GLY A 246 19.16 13.65 -23.24
C GLY A 246 20.41 13.35 -22.44
N ILE A 247 20.23 12.96 -21.19
CA ILE A 247 21.39 12.70 -20.33
C ILE A 247 22.16 11.46 -20.79
N ALA A 248 21.45 10.41 -21.20
CA ALA A 248 22.08 9.25 -21.84
C ALA A 248 22.93 9.67 -23.05
N SER A 249 22.42 10.59 -23.88
CA SER A 249 23.17 11.07 -25.04
C SER A 249 24.40 11.90 -24.62
N GLN A 250 24.22 12.71 -23.58
CA GLN A 250 25.34 13.45 -23.04
C GLN A 250 26.44 12.48 -22.63
N ALA A 251 26.08 11.46 -21.86
CA ALA A 251 27.02 10.45 -21.39
C ALA A 251 27.72 9.67 -22.54
N LEU A 252 27.00 9.38 -23.62
CA LEU A 252 27.63 8.79 -24.81
C LEU A 252 28.74 9.67 -25.40
N GLY A 253 28.48 10.98 -25.43
CA GLY A 253 29.41 11.95 -25.91
C GLY A 253 30.67 11.99 -25.09
N ILE A 254 30.51 11.96 -23.76
CA ILE A 254 31.65 11.92 -22.82
C ILE A 254 32.47 10.62 -22.98
N ALA A 255 31.77 9.49 -23.01
CA ALA A 255 32.38 8.18 -23.29
C ALA A 255 33.09 8.15 -24.66
N GLN A 256 32.45 8.66 -25.71
CA GLN A 256 33.08 8.66 -27.03
C GLN A 256 34.37 9.46 -27.09
N THR A 257 34.40 10.67 -26.51
CA THR A 257 35.63 11.48 -26.56
C THR A 257 36.72 10.87 -25.69
N ALA A 258 36.32 10.27 -24.58
CA ALA A 258 37.28 9.53 -23.72
C ALA A 258 37.93 8.34 -24.46
N LEU A 259 37.12 7.60 -25.22
CA LEU A 259 37.58 6.48 -26.02
C LEU A 259 38.48 6.97 -27.19
N ASP A 260 38.02 7.96 -27.97
CA ASP A 260 38.88 8.61 -28.99
C ASP A 260 40.27 8.98 -28.40
N CYS A 261 40.23 9.60 -27.25
CA CYS A 261 41.45 10.01 -26.55
C CYS A 261 42.37 8.81 -26.24
N ALA A 262 41.81 7.75 -25.68
CA ALA A 262 42.61 6.58 -25.26
C ALA A 262 43.19 5.84 -26.49
N VAL A 263 42.41 5.72 -27.56
CA VAL A 263 42.89 5.03 -28.76
C VAL A 263 44.06 5.81 -29.42
N ASN A 264 43.87 7.10 -29.66
CA ASN A 264 44.94 7.92 -30.20
C ASN A 264 46.24 7.82 -29.39
N TYR A 265 46.11 7.86 -28.08
CA TYR A 265 47.25 7.79 -27.17
C TYR A 265 47.91 6.42 -27.21
N ALA A 266 47.07 5.39 -27.19
CA ALA A 266 47.55 4.03 -27.17
C ALA A 266 48.27 3.64 -28.47
N GLU A 267 47.78 4.12 -29.62
CA GLU A 267 48.45 3.84 -30.89
C GLU A 267 49.80 4.52 -31.04
N ASN A 268 50.06 5.57 -30.24
CA ASN A 268 51.21 6.46 -30.44
C ASN A 268 52.20 6.58 -29.31
N ARG A 269 51.82 6.05 -28.16
CA ARG A 269 52.69 5.91 -27.03
C ARG A 269 53.38 4.57 -27.22
N MET A 270 54.68 4.55 -26.98
CA MET A 270 55.46 3.35 -27.04
C MET A 270 55.82 2.93 -25.63
N ALA A 271 55.89 1.61 -25.43
CA ALA A 271 56.48 1.03 -24.23
C ALA A 271 56.97 -0.38 -24.61
N PHE A 272 58.12 -0.76 -24.04
CA PHE A 272 58.80 -2.03 -24.37
C PHE A 272 58.91 -2.26 -25.90
N GLY A 273 59.28 -1.20 -26.62
CA GLY A 273 59.66 -1.30 -28.02
C GLY A 273 58.52 -1.37 -29.04
N ALA A 274 57.30 -1.09 -28.60
CA ALA A 274 56.14 -1.13 -29.49
C ALA A 274 55.04 -0.21 -28.95
N PRO A 275 54.05 0.11 -29.79
CA PRO A 275 52.93 0.85 -29.26
C PRO A 275 52.20 0.06 -28.18
N LEU A 276 51.50 0.79 -27.30
CA LEU A 276 50.66 0.19 -26.27
C LEU A 276 49.60 -0.75 -26.84
N THR A 277 49.04 -0.41 -28.00
CA THR A 277 48.06 -1.26 -28.67
C THR A 277 48.58 -2.64 -29.12
N LYS A 278 49.89 -2.91 -28.98
CA LYS A 278 50.42 -4.23 -29.25
C LYS A 278 50.30 -5.11 -28.01
N LEU A 279 50.08 -4.51 -26.85
CA LEU A 279 49.77 -5.25 -25.63
C LEU A 279 48.32 -5.74 -25.64
N GLN A 280 48.12 -7.04 -25.38
CA GLN A 280 46.77 -7.65 -25.36
C GLN A 280 45.81 -7.02 -24.37
N VAL A 281 46.34 -6.69 -23.21
CA VAL A 281 45.54 -6.14 -22.14
C VAL A 281 44.98 -4.79 -22.53
N ILE A 282 45.78 -3.98 -23.24
CA ILE A 282 45.34 -2.68 -23.76
C ILE A 282 44.24 -2.87 -24.80
N GLN A 283 44.40 -3.88 -25.65
CA GLN A 283 43.39 -4.21 -26.65
C GLN A 283 42.07 -4.64 -26.02
N PHE A 284 42.19 -5.47 -24.98
CA PHE A 284 41.07 -5.85 -24.13
C PHE A 284 40.40 -4.63 -23.50
N LYS A 285 41.16 -3.76 -22.84
CA LYS A 285 40.60 -2.52 -22.26
C LYS A 285 39.79 -1.78 -23.32
N LEU A 286 40.42 -1.60 -24.48
CA LEU A 286 39.77 -0.89 -25.59
C LEU A 286 38.55 -1.60 -26.17
N ALA A 287 38.57 -2.93 -26.26
CA ALA A 287 37.38 -3.66 -26.74
C ALA A 287 36.16 -3.54 -25.80
N ASP A 288 36.42 -3.63 -24.50
CA ASP A 288 35.39 -3.50 -23.46
C ASP A 288 34.80 -2.08 -23.52
N MET A 289 35.67 -1.08 -23.71
CA MET A 289 35.22 0.29 -23.87
C MET A 289 34.27 0.42 -25.06
N ALA A 290 34.70 -0.07 -26.21
CA ALA A 290 33.90 0.03 -27.44
C ALA A 290 32.55 -0.69 -27.30
N LEU A 291 32.56 -1.89 -26.71
CA LEU A 291 31.35 -2.66 -26.49
C LEU A 291 30.38 -1.94 -25.52
N ALA A 292 30.88 -1.47 -24.37
CA ALA A 292 30.03 -0.72 -23.47
C ALA A 292 29.42 0.50 -24.14
N LEU A 293 30.19 1.21 -24.96
CA LEU A 293 29.65 2.42 -25.58
C LEU A 293 28.61 2.11 -26.64
N GLU A 294 28.89 1.17 -27.50
CA GLU A 294 27.97 0.89 -28.61
C GLU A 294 26.61 0.32 -28.13
N SER A 295 26.69 -0.56 -27.13
CA SER A 295 25.55 -1.08 -26.39
C SER A 295 24.64 0.03 -25.78
N ALA A 296 25.25 0.95 -25.01
CA ALA A 296 24.56 2.12 -24.45
C ALA A 296 23.94 2.97 -25.57
N ARG A 297 24.68 3.19 -26.66
CA ARG A 297 24.13 3.96 -27.76
C ARG A 297 22.86 3.30 -28.32
N LEU A 298 22.89 2.00 -28.57
CA LEU A 298 21.70 1.31 -29.10
C LEU A 298 20.53 1.41 -28.11
N LEU A 299 20.76 1.27 -26.80
CA LEU A 299 19.69 1.50 -25.80
C LEU A 299 19.09 2.90 -25.89
N THR A 300 19.94 3.89 -26.12
CA THR A 300 19.50 5.28 -26.20
C THR A 300 18.63 5.52 -27.41
N TRP A 301 19.09 5.01 -28.55
CA TRP A 301 18.35 5.16 -29.81
C TRP A 301 17.01 4.44 -29.82
N ARG A 302 16.95 3.25 -29.22
CA ARG A 302 15.67 2.57 -29.00
C ARG A 302 14.69 3.47 -28.23
N ALA A 303 15.12 4.09 -27.13
CA ALA A 303 14.20 4.92 -26.32
C ALA A 303 13.70 6.15 -27.08
N ALA A 304 14.64 6.84 -27.76
CA ALA A 304 14.31 7.99 -28.62
C ALA A 304 13.33 7.59 -29.69
N MET A 305 13.55 6.42 -30.26
CA MET A 305 12.70 5.95 -31.33
C MET A 305 11.29 5.61 -30.83
N LEU A 306 11.19 5.02 -29.65
CA LEU A 306 9.90 4.78 -29.00
C LEU A 306 9.16 6.07 -28.70
N LYS A 307 9.87 7.05 -28.12
CA LYS A 307 9.28 8.36 -27.92
C LYS A 307 8.75 8.95 -29.24
N ASP A 308 9.60 8.97 -30.28
CA ASP A 308 9.20 9.55 -31.57
C ASP A 308 8.03 8.82 -32.20
N ASN A 309 7.82 7.56 -31.83
CA ASN A 309 6.70 6.77 -32.36
C ASN A 309 5.44 6.73 -31.48
N LYS A 310 5.45 7.54 -30.43
CA LYS A 310 4.34 7.65 -29.49
C LYS A 310 4.08 6.33 -28.76
N LYS A 311 5.15 5.62 -28.43
CA LYS A 311 5.07 4.40 -27.63
C LYS A 311 5.67 4.67 -26.27
N PRO A 312 5.28 3.89 -25.25
CA PRO A 312 5.89 3.93 -23.91
C PRO A 312 7.41 3.75 -23.93
N PHE A 313 8.13 4.53 -23.12
CA PHE A 313 9.61 4.50 -23.15
C PHE A 313 10.25 4.73 -21.79
N ILE A 314 9.47 4.59 -20.72
CA ILE A 314 9.97 4.82 -19.35
C ILE A 314 11.07 3.84 -18.99
N LYS A 315 10.79 2.56 -19.17
CA LYS A 315 11.80 1.55 -18.86
C LYS A 315 13.01 1.76 -19.74
N GLU A 316 12.75 2.03 -21.02
CA GLU A 316 13.81 2.10 -22.02
C GLU A 316 14.69 3.33 -21.80
N ALA A 317 14.07 4.47 -21.49
CA ALA A 317 14.84 5.68 -21.11
C ALA A 317 15.72 5.47 -19.88
N ALA A 318 15.17 4.83 -18.85
CA ALA A 318 15.92 4.47 -17.64
C ALA A 318 17.10 3.53 -17.93
N MET A 319 16.88 2.51 -18.77
CA MET A 319 17.97 1.60 -19.21
C MET A 319 19.13 2.33 -19.91
N ALA A 320 18.75 3.19 -20.83
CA ALA A 320 19.70 4.01 -21.60
C ALA A 320 20.51 4.96 -20.72
N LYS A 321 19.83 5.71 -19.84
CA LYS A 321 20.55 6.61 -18.94
C LYS A 321 21.48 5.85 -17.98
N LEU A 322 20.96 4.75 -17.45
CA LEU A 322 21.72 3.87 -16.60
C LEU A 322 22.93 3.31 -17.36
N ALA A 323 22.74 2.68 -18.51
CA ALA A 323 23.86 2.06 -19.22
C ALA A 323 24.91 3.08 -19.68
N ALA A 324 24.45 4.22 -20.18
CA ALA A 324 25.33 5.25 -20.73
C ALA A 324 26.20 5.89 -19.64
N SER A 325 25.56 6.20 -18.50
CA SER A 325 26.21 6.91 -17.43
C SER A 325 27.27 6.02 -16.80
N GLU A 326 26.95 4.73 -16.63
CA GLU A 326 27.95 3.82 -16.03
C GLU A 326 29.08 3.53 -17.01
N ALA A 327 28.75 3.46 -18.31
CA ALA A 327 29.79 3.34 -19.36
C ALA A 327 30.72 4.56 -19.42
N ALA A 328 30.16 5.75 -19.37
CA ALA A 328 30.96 6.99 -19.35
C ALA A 328 31.95 7.00 -18.21
N THR A 329 31.53 6.59 -17.01
CA THR A 329 32.46 6.54 -15.88
C THR A 329 33.53 5.43 -16.02
N ALA A 330 33.12 4.22 -16.41
CA ALA A 330 34.07 3.13 -16.68
C ALA A 330 35.04 3.46 -17.85
N ILE A 331 34.52 4.01 -18.92
CA ILE A 331 35.36 4.34 -20.08
C ILE A 331 36.35 5.46 -19.76
N SER A 332 35.93 6.45 -18.97
CA SER A 332 36.79 7.58 -18.65
C SER A 332 37.85 7.15 -17.65
N HIS A 333 37.46 6.26 -16.76
CA HIS A 333 38.40 5.67 -15.82
C HIS A 333 39.53 4.90 -16.57
N GLN A 334 39.13 4.05 -17.50
CA GLN A 334 40.11 3.32 -18.34
C GLN A 334 40.91 4.19 -19.32
N ALA A 335 40.34 5.31 -19.78
CA ALA A 335 41.13 6.29 -20.56
C ALA A 335 42.29 6.87 -19.73
N ILE A 336 42.00 7.27 -18.50
CA ILE A 336 43.07 7.68 -17.59
C ILE A 336 44.13 6.57 -17.46
N GLN A 337 43.69 5.33 -17.22
CA GLN A 337 44.65 4.24 -16.97
C GLN A 337 45.57 4.04 -18.17
N ILE A 338 45.02 4.07 -19.38
CA ILE A 338 45.80 3.89 -20.61
C ILE A 338 46.84 5.01 -20.79
N LEU A 339 46.51 6.25 -20.40
CA LEU A 339 47.47 7.39 -20.49
C LEU A 339 48.54 7.33 -19.42
N GLY A 340 48.31 6.54 -18.39
CA GLY A 340 49.27 6.47 -17.29
C GLY A 340 49.36 7.82 -16.59
N GLY A 341 50.58 8.31 -16.34
CA GLY A 341 50.79 9.64 -15.71
C GLY A 341 50.11 10.81 -16.43
N MET A 342 50.16 10.79 -17.75
CA MET A 342 49.50 11.84 -18.54
C MET A 342 48.00 11.89 -18.30
N GLY A 343 47.42 10.76 -17.84
CA GLY A 343 46.00 10.70 -17.53
C GLY A 343 45.63 11.47 -16.28
N TYR A 344 46.61 11.72 -15.42
CA TYR A 344 46.37 12.42 -14.17
C TYR A 344 46.53 13.94 -14.20
N VAL A 345 46.93 14.52 -15.35
CA VAL A 345 47.23 15.93 -15.42
C VAL A 345 46.34 16.62 -16.43
N THR A 346 46.15 17.93 -16.22
CA THR A 346 45.19 18.71 -16.99
C THR A 346 45.68 18.97 -18.43
N GLU A 347 46.94 18.69 -18.70
CA GLU A 347 47.49 18.78 -20.04
C GLU A 347 46.76 17.89 -21.04
N MET A 348 46.29 16.75 -20.56
CA MET A 348 45.40 15.90 -21.34
C MET A 348 43.97 16.03 -20.83
N PRO A 349 42.99 15.74 -21.70
CA PRO A 349 41.56 15.90 -21.39
C PRO A 349 40.88 14.78 -20.60
N ALA A 350 41.61 13.67 -20.35
CA ALA A 350 41.06 12.48 -19.71
C ALA A 350 40.56 12.71 -18.27
N GLU A 351 41.32 13.47 -17.48
CA GLU A 351 40.89 13.72 -16.11
C GLU A 351 39.58 14.55 -16.09
N ARG A 352 39.42 15.45 -17.05
CA ARG A 352 38.19 16.20 -17.17
C ARG A 352 37.01 15.31 -17.57
N HIS A 353 37.24 14.38 -18.49
CA HIS A 353 36.18 13.44 -18.89
C HIS A 353 35.72 12.58 -17.69
N TYR A 354 36.66 12.21 -16.80
CA TYR A 354 36.37 11.40 -15.61
C TYR A 354 35.50 12.19 -14.62
N ARG A 355 35.81 13.47 -14.43
CA ARG A 355 35.03 14.39 -13.59
C ARG A 355 33.65 14.71 -14.16
N ASP A 356 33.56 14.94 -15.47
CA ASP A 356 32.26 15.19 -16.14
C ASP A 356 31.34 13.96 -16.14
N ALA A 357 31.93 12.78 -16.37
CA ALA A 357 31.17 11.52 -16.46
C ALA A 357 30.42 11.23 -15.15
N ARG A 358 31.07 11.57 -14.06
CA ARG A 358 30.58 11.25 -12.75
C ARG A 358 29.20 11.83 -12.45
N ILE A 359 28.88 13.01 -12.97
CA ILE A 359 27.58 13.61 -12.70
C ILE A 359 26.46 12.78 -13.31
N THR A 360 26.75 12.11 -14.43
CA THR A 360 25.71 11.42 -15.21
C THR A 360 25.05 10.25 -14.45
N GLU A 361 25.78 9.70 -13.48
CA GLU A 361 25.27 8.67 -12.57
C GLU A 361 24.38 9.24 -11.43
N ILE A 362 24.30 10.57 -11.31
CA ILE A 362 23.58 11.20 -10.19
C ILE A 362 22.34 11.92 -10.64
N TYR A 363 22.49 12.86 -11.57
CA TYR A 363 21.35 13.72 -11.90
C TYR A 363 20.33 13.11 -12.86
N GLU A 364 19.14 13.68 -12.81
CA GLU A 364 17.94 13.17 -13.45
C GLU A 364 17.53 11.76 -12.99
N GLY A 365 17.84 11.46 -11.73
CA GLY A 365 17.54 10.16 -11.16
C GLY A 365 18.83 9.38 -11.12
N THR A 366 19.31 9.16 -9.90
CA THR A 366 20.51 8.39 -9.69
C THR A 366 20.38 6.97 -10.29
N SER A 367 21.51 6.30 -10.39
CA SER A 367 21.59 4.94 -10.87
C SER A 367 20.67 4.04 -10.06
N GLU A 368 20.59 4.28 -8.75
CA GLU A 368 19.73 3.49 -7.88
C GLU A 368 18.24 3.67 -8.24
N ILE A 369 17.85 4.92 -8.44
CA ILE A 369 16.49 5.22 -8.87
C ILE A 369 16.18 4.59 -10.21
N GLN A 370 17.13 4.65 -11.13
CA GLN A 370 16.94 4.04 -12.47
C GLN A 370 16.62 2.54 -12.33
N ARG A 371 17.40 1.82 -11.54
CA ARG A 371 17.14 0.39 -11.31
C ARG A 371 15.79 0.11 -10.70
N LEU A 372 15.35 0.94 -9.74
CA LEU A 372 14.01 0.82 -9.16
C LEU A 372 12.95 1.04 -10.24
N VAL A 373 13.19 2.00 -11.11
CA VAL A 373 12.25 2.30 -12.18
C VAL A 373 12.14 1.12 -13.14
N ILE A 374 13.29 0.63 -13.60
CA ILE A 374 13.36 -0.53 -14.50
C ILE A 374 12.70 -1.76 -13.90
N ALA A 375 13.01 -2.06 -12.65
CA ALA A 375 12.48 -3.26 -12.00
C ALA A 375 10.96 -3.19 -11.93
N GLY A 376 10.44 -2.01 -11.60
CA GLY A 376 9.02 -1.78 -11.51
C GLY A 376 8.29 -2.04 -12.80
N HIS A 377 8.85 -1.58 -13.90
CA HIS A 377 8.22 -1.75 -15.22
C HIS A 377 8.41 -3.16 -15.73
N LEU A 378 9.53 -3.78 -15.41
CA LEU A 378 9.76 -5.18 -15.74
C LEU A 378 8.65 -6.05 -15.11
N LEU A 379 8.41 -5.83 -13.83
CA LEU A 379 7.48 -6.63 -13.07
C LEU A 379 6.07 -6.44 -13.56
N ARG A 380 5.72 -5.19 -13.87
CA ARG A 380 4.41 -4.88 -14.43
C ARG A 380 4.15 -5.58 -15.77
N SER A 381 5.20 -5.76 -16.58
CA SER A 381 5.08 -6.48 -17.85
C SER A 381 4.72 -7.93 -17.64
N TYR A 382 5.38 -8.59 -16.69
CA TYR A 382 5.07 -9.98 -16.36
C TYR A 382 3.64 -10.13 -15.79
N ARG A 383 3.17 -9.14 -15.04
CA ARG A 383 1.83 -9.18 -14.45
C ARG A 383 0.73 -8.96 -15.48
N SER A 384 1.00 -8.14 -16.49
CA SER A 384 0.08 -7.93 -17.59
C SER A 384 0.30 -8.99 -18.66
N LEU B 6 46.81 -6.59 17.31
CA LEU B 6 48.00 -5.68 17.20
C LEU B 6 48.63 -5.52 18.57
N PRO B 7 49.97 -5.54 18.62
CA PRO B 7 50.73 -5.16 19.83
C PRO B 7 50.31 -3.80 20.42
N GLU B 8 50.44 -3.68 21.75
CA GLU B 8 50.15 -2.44 22.47
C GLU B 8 51.00 -1.28 21.98
N THR B 9 52.24 -1.54 21.61
CA THR B 9 53.11 -0.49 21.06
C THR B 9 52.54 0.03 19.74
N HIS B 10 52.09 -0.89 18.90
CA HIS B 10 51.44 -0.54 17.65
C HIS B 10 50.04 0.07 17.88
N GLN B 11 49.37 -0.38 18.94
CA GLN B 11 48.09 0.21 19.37
C GLN B 11 48.23 1.68 19.80
N MET B 12 49.35 2.02 20.44
CA MET B 12 49.59 3.38 20.91
C MET B 12 50.01 4.29 19.76
N LEU B 13 50.77 3.71 18.83
CA LEU B 13 51.23 4.45 17.66
C LEU B 13 50.03 4.84 16.80
N LEU B 14 49.04 3.96 16.73
CA LEU B 14 47.84 4.22 15.93
C LEU B 14 47.09 5.43 16.51
N GLN B 15 46.96 5.47 17.84
CA GLN B 15 46.26 6.59 18.49
C GLN B 15 47.04 7.92 18.41
N THR B 16 48.37 7.86 18.49
CA THR B 16 49.16 9.07 18.28
C THR B 16 48.97 9.67 16.87
N CYS B 17 48.92 8.79 15.86
CA CYS B 17 48.83 9.23 14.47
C CYS B 17 47.43 9.68 14.17
N ARG B 18 46.45 8.99 14.74
CA ARG B 18 45.08 9.42 14.63
C ARG B 18 44.88 10.78 15.31
N ASP B 19 45.37 10.92 16.55
CA ASP B 19 45.27 12.19 17.24
C ASP B 19 45.93 13.29 16.40
N PHE B 20 47.18 13.06 15.99
CA PHE B 20 47.86 14.04 15.12
C PHE B 20 47.05 14.45 13.88
N ALA B 21 46.52 13.46 13.15
CA ALA B 21 45.80 13.73 11.91
C ALA B 21 44.53 14.56 12.12
N GLU B 22 43.82 14.25 13.20
CA GLU B 22 42.57 14.95 13.49
C GLU B 22 42.83 16.39 13.95
N LYS B 23 43.90 16.61 14.69
CA LYS B 23 44.27 17.98 15.07
C LYS B 23 44.96 18.75 13.93
N GLU B 24 45.94 18.14 13.28
CA GLU B 24 46.78 18.88 12.33
C GLU B 24 46.43 18.76 10.85
N LEU B 25 45.79 17.66 10.43
CA LEU B 25 45.64 17.37 9.00
C LEU B 25 44.22 17.57 8.48
N PHE B 26 43.24 17.00 9.16
CA PHE B 26 41.85 17.19 8.74
C PHE B 26 41.46 18.68 8.53
N PRO B 27 41.87 19.57 9.46
CA PRO B 27 41.51 20.99 9.28
C PRO B 27 42.13 21.73 8.07
N ILE B 28 43.24 21.23 7.52
CA ILE B 28 43.91 21.87 6.33
C ILE B 28 43.73 21.14 4.98
N ALA B 29 43.16 19.93 5.00
CA ALA B 29 43.08 19.05 3.82
C ALA B 29 42.45 19.77 2.66
N ALA B 30 41.31 20.42 2.89
CA ALA B 30 40.61 21.15 1.83
C ALA B 30 41.50 22.28 1.27
N GLN B 31 42.16 23.04 2.14
CA GLN B 31 43.01 24.13 1.70
C GLN B 31 44.21 23.65 0.88
N VAL B 32 44.88 22.61 1.37
CA VAL B 32 46.02 22.02 0.69
C VAL B 32 45.66 21.64 -0.75
N ASP B 33 44.47 21.06 -0.91
CA ASP B 33 43.94 20.57 -2.19
C ASP B 33 43.53 21.71 -3.12
N LYS B 34 42.78 22.66 -2.56
CA LYS B 34 42.27 23.76 -3.35
C LYS B 34 43.41 24.65 -3.84
N GLU B 35 44.40 24.89 -3.00
CA GLU B 35 45.45 25.84 -3.36
C GLU B 35 46.73 25.15 -3.82
N HIS B 36 46.70 23.84 -4.03
CA HIS B 36 47.91 23.09 -4.42
C HIS B 36 49.07 23.44 -3.49
N LEU B 37 48.83 23.42 -2.19
CA LEU B 37 49.73 24.03 -1.20
C LEU B 37 50.51 22.99 -0.38
N PHE B 38 51.84 23.00 -0.52
CA PHE B 38 52.69 22.06 0.21
C PHE B 38 52.48 22.32 1.69
N PRO B 39 52.18 21.27 2.48
CA PRO B 39 51.89 21.45 3.91
C PRO B 39 53.12 21.48 4.81
N ALA B 40 53.96 22.50 4.63
CA ALA B 40 55.29 22.55 5.22
C ALA B 40 55.34 22.49 6.76
N ALA B 41 54.49 23.27 7.43
CA ALA B 41 54.45 23.27 8.91
C ALA B 41 54.07 21.89 9.46
N GLN B 42 53.09 21.24 8.83
CA GLN B 42 52.61 19.93 9.29
C GLN B 42 53.62 18.81 9.02
N VAL B 43 54.34 18.91 7.89
CA VAL B 43 55.41 17.97 7.58
C VAL B 43 56.57 18.11 8.57
N LYS B 44 56.87 19.34 9.01
CA LYS B 44 57.90 19.55 10.05
C LYS B 44 57.49 18.88 11.36
N LYS B 45 56.24 19.07 11.77
CA LYS B 45 55.74 18.43 13.01
C LYS B 45 55.81 16.90 12.91
N MET B 46 55.42 16.36 11.75
CA MET B 46 55.57 14.92 11.48
C MET B 46 57.02 14.46 11.63
N GLY B 47 57.94 15.28 11.12
CA GLY B 47 59.37 15.02 11.29
C GLY B 47 59.80 14.93 12.75
N GLY B 48 59.25 15.83 13.56
CA GLY B 48 59.48 15.83 15.00
C GLY B 48 58.94 14.60 15.70
N LEU B 49 57.83 14.06 15.20
CA LEU B 49 57.27 12.81 15.72
C LEU B 49 57.98 11.51 15.25
N GLY B 50 58.80 11.60 14.20
CA GLY B 50 59.50 10.41 13.67
C GLY B 50 58.83 9.75 12.47
N LEU B 51 57.73 10.32 12.02
CA LEU B 51 56.92 9.72 10.96
C LEU B 51 57.59 9.72 9.57
N LEU B 52 58.60 10.57 9.38
CA LEU B 52 59.29 10.68 8.10
C LEU B 52 60.52 9.77 8.03
N ALA B 53 60.81 9.08 9.14
CA ALA B 53 61.98 8.21 9.26
C ALA B 53 61.71 7.05 10.21
N MET B 54 60.65 6.28 9.90
CA MET B 54 60.09 5.27 10.81
C MET B 54 60.87 3.97 10.97
N ASP B 55 61.35 3.43 9.85
CA ASP B 55 62.11 2.17 9.81
C ASP B 55 63.63 2.43 9.89
N VAL B 56 64.01 3.65 10.30
CA VAL B 56 65.41 4.07 10.35
C VAL B 56 65.92 3.88 11.78
N PRO B 57 67.15 3.34 11.96
CA PRO B 57 67.67 3.14 13.32
C PRO B 57 67.77 4.46 14.10
N GLU B 58 67.45 4.40 15.39
CA GLU B 58 67.53 5.59 16.24
C GLU B 58 68.95 6.18 16.29
N GLU B 59 69.95 5.36 15.99
CA GLU B 59 71.35 5.80 15.85
C GLU B 59 71.56 6.77 14.68
N LEU B 60 70.72 6.67 13.65
CA LEU B 60 70.76 7.61 12.53
C LEU B 60 69.66 8.66 12.62
N GLY B 61 69.08 8.81 13.82
CA GLY B 61 68.00 9.79 14.05
C GLY B 61 66.61 9.30 13.65
N GLY B 62 66.50 8.02 13.32
CA GLY B 62 65.21 7.43 12.99
C GLY B 62 64.38 7.06 14.19
N ALA B 63 63.16 6.59 13.92
CA ALA B 63 62.22 6.16 14.96
C ALA B 63 62.54 4.74 15.48
N GLY B 64 63.30 3.98 14.70
CA GLY B 64 63.65 2.63 15.09
C GLY B 64 62.48 1.67 15.15
N LEU B 65 61.45 1.93 14.34
CA LEU B 65 60.27 1.06 14.29
C LEU B 65 60.35 0.07 13.11
N ASP B 66 59.22 -0.53 12.75
CA ASP B 66 59.20 -1.52 11.69
C ASP B 66 58.16 -1.15 10.63
N TYR B 67 58.11 -1.93 9.55
CA TYR B 67 57.19 -1.63 8.45
C TYR B 67 55.72 -1.80 8.80
N LEU B 68 55.39 -2.71 9.71
CA LEU B 68 54.03 -2.75 10.25
C LEU B 68 53.65 -1.42 10.91
N ALA B 69 54.56 -0.83 11.70
CA ALA B 69 54.27 0.47 12.30
C ALA B 69 54.06 1.51 11.19
N TYR B 70 54.97 1.49 10.21
CA TYR B 70 54.90 2.42 9.08
C TYR B 70 53.55 2.34 8.36
N ALA B 71 53.06 1.13 8.10
CA ALA B 71 51.82 0.96 7.33
C ALA B 71 50.60 1.49 8.11
N ILE B 72 50.59 1.27 9.43
CA ILE B 72 49.57 1.82 10.33
C ILE B 72 49.62 3.35 10.35
N ALA B 73 50.81 3.91 10.61
CA ALA B 73 50.99 5.37 10.62
C ALA B 73 50.63 5.96 9.25
N MET B 74 51.05 5.29 8.16
CA MET B 74 50.73 5.75 6.79
C MET B 74 49.23 5.86 6.56
N GLU B 75 48.48 4.92 7.11
CA GLU B 75 47.04 4.91 6.88
C GLU B 75 46.35 6.06 7.65
N GLU B 76 46.75 6.26 8.91
CA GLU B 76 46.22 7.36 9.71
C GLU B 76 46.58 8.76 9.14
N ILE B 77 47.83 8.96 8.70
CA ILE B 77 48.21 10.24 8.06
C ILE B 77 47.37 10.49 6.80
N SER B 78 47.27 9.47 5.95
CA SER B 78 46.60 9.61 4.66
C SER B 78 45.11 9.78 4.77
N ARG B 79 44.54 9.19 5.82
CA ARG B 79 43.14 9.41 6.18
C ARG B 79 42.91 10.90 6.45
N GLY B 80 43.89 11.53 7.11
CA GLY B 80 43.88 12.99 7.33
C GLY B 80 44.09 13.87 6.09
N CYS B 81 45.14 13.56 5.31
CA CYS B 81 45.45 14.33 4.10
C CYS B 81 46.27 13.45 3.14
N ALA B 82 45.75 13.18 1.95
CA ALA B 82 46.44 12.24 1.05
C ALA B 82 47.82 12.75 0.55
N SER B 83 47.97 14.06 0.42
CA SER B 83 49.21 14.65 -0.06
C SER B 83 50.30 14.52 0.99
N THR B 84 49.96 14.77 2.25
CA THR B 84 50.92 14.55 3.37
C THR B 84 51.36 13.07 3.44
N GLY B 85 50.43 12.18 3.16
CA GLY B 85 50.71 10.75 3.07
C GLY B 85 51.77 10.44 2.01
N VAL B 86 51.61 10.93 0.77
CA VAL B 86 52.58 10.60 -0.29
C VAL B 86 53.95 11.25 -0.04
N ILE B 87 53.94 12.49 0.46
CA ILE B 87 55.19 13.17 0.86
C ILE B 87 55.96 12.31 1.86
N MET B 88 55.23 11.75 2.83
CA MET B 88 55.82 10.95 3.93
C MET B 88 56.31 9.60 3.41
N SER B 89 55.50 8.99 2.55
CA SER B 89 55.86 7.73 1.90
C SER B 89 57.10 7.83 0.98
N VAL B 90 57.18 8.90 0.18
CA VAL B 90 58.34 9.09 -0.67
C VAL B 90 59.59 9.20 0.20
N ASN B 91 59.51 9.94 1.30
CA ASN B 91 60.71 10.14 2.14
C ASN B 91 61.15 8.87 2.86
N ASN B 92 60.19 8.18 3.48
CA ASN B 92 60.45 6.89 4.14
C ASN B 92 60.92 5.76 3.20
N SER B 93 60.13 5.47 2.16
CA SER B 93 60.33 4.26 1.38
C SER B 93 61.29 4.44 0.22
N LEU B 94 61.14 5.55 -0.50
CA LEU B 94 61.81 5.72 -1.79
C LEU B 94 63.13 6.47 -1.66
N TYR B 95 63.26 7.36 -0.65
CA TYR B 95 64.49 8.11 -0.48
C TYR B 95 65.41 7.44 0.54
N LEU B 96 64.94 7.38 1.78
CA LEU B 96 65.73 6.85 2.89
C LEU B 96 65.94 5.34 2.78
N GLY B 97 64.93 4.65 2.25
CA GLY B 97 64.95 3.19 2.10
C GLY B 97 66.13 2.59 1.37
N PRO B 98 66.36 3.00 0.11
CA PRO B 98 67.53 2.49 -0.62
C PRO B 98 68.86 2.90 0.01
N ILE B 99 68.90 4.08 0.60
CA ILE B 99 70.15 4.55 1.23
C ILE B 99 70.48 3.66 2.41
N LEU B 100 69.46 3.34 3.21
CA LEU B 100 69.63 2.39 4.31
C LEU B 100 70.07 1.00 3.83
N LYS B 101 69.42 0.51 2.78
CA LYS B 101 69.63 -0.84 2.34
C LYS B 101 70.92 -1.03 1.55
N PHE B 102 71.34 0.01 0.82
CA PHE B 102 72.48 -0.10 -0.10
C PHE B 102 73.64 0.83 0.15
N GLY B 103 73.46 1.81 1.03
CA GLY B 103 74.48 2.84 1.22
C GLY B 103 75.58 2.41 2.16
N SER B 104 76.70 3.12 2.08
CA SER B 104 77.80 2.98 3.03
C SER B 104 77.47 3.71 4.31
N LYS B 105 78.23 3.39 5.37
CA LYS B 105 78.17 4.11 6.65
C LYS B 105 78.19 5.63 6.45
N GLU B 106 79.19 6.11 5.69
CA GLU B 106 79.39 7.53 5.46
C GLU B 106 78.21 8.11 4.68
N GLN B 107 77.77 7.37 3.66
CA GLN B 107 76.58 7.77 2.89
C GLN B 107 75.33 7.93 3.78
N LYS B 108 75.17 7.05 4.78
CA LYS B 108 74.02 7.09 5.67
C LYS B 108 74.04 8.34 6.55
N GLN B 109 75.22 8.64 7.08
CA GLN B 109 75.42 9.81 7.93
C GLN B 109 75.25 11.11 7.16
N ALA B 110 75.73 11.15 5.92
CA ALA B 110 75.58 12.33 5.06
C ALA B 110 74.16 12.53 4.54
N TRP B 111 73.47 11.44 4.18
CA TRP B 111 72.26 11.50 3.35
C TRP B 111 70.96 11.02 4.02
N VAL B 112 71.08 10.21 5.08
CA VAL B 112 69.94 9.82 5.88
C VAL B 112 69.75 10.76 7.08
N THR B 113 70.76 10.80 7.95
CA THR B 113 70.66 11.50 9.24
C THR B 113 70.11 12.95 9.16
N PRO B 114 70.53 13.73 8.13
CA PRO B 114 69.96 15.05 7.96
C PRO B 114 68.53 15.08 7.40
N PHE B 115 68.00 13.94 7.00
CA PHE B 115 66.69 13.89 6.35
C PHE B 115 65.65 13.11 7.18
N THR B 116 65.85 13.07 8.49
CA THR B 116 65.01 12.27 9.38
C THR B 116 64.05 13.07 10.27
N SER B 117 64.10 14.40 10.21
CA SER B 117 63.44 15.24 11.24
C SER B 117 62.48 16.29 10.68
N GLY B 118 62.23 16.24 9.38
CA GLY B 118 61.27 17.12 8.72
C GLY B 118 61.84 18.45 8.29
N ASP B 119 63.12 18.68 8.55
CA ASP B 119 63.83 19.88 8.07
C ASP B 119 64.16 19.71 6.59
N LYS B 120 64.71 18.55 6.25
CA LYS B 120 65.07 18.20 4.88
C LYS B 120 64.39 16.86 4.51
N ILE B 121 63.72 16.84 3.35
CA ILE B 121 63.18 15.62 2.80
C ILE B 121 63.80 15.37 1.43
N GLY B 122 63.51 14.19 0.90
CA GLY B 122 64.15 13.68 -0.29
C GLY B 122 63.15 13.23 -1.34
N CYS B 123 63.69 12.71 -2.42
CA CYS B 123 62.89 12.24 -3.55
C CYS B 123 63.65 11.16 -4.35
N PHE B 124 62.92 10.55 -5.28
CA PHE B 124 63.29 9.32 -5.96
C PHE B 124 63.00 9.55 -7.43
N ALA B 125 64.03 9.49 -8.27
CA ALA B 125 63.88 9.82 -9.70
C ALA B 125 64.29 8.67 -10.61
N LEU B 126 63.25 7.92 -11.04
CA LEU B 126 63.38 6.77 -11.93
C LEU B 126 62.71 7.04 -13.29
N SER B 127 61.45 7.44 -13.25
CA SER B 127 60.70 7.69 -14.48
C SER B 127 61.27 8.82 -15.31
N GLU B 128 60.95 8.76 -16.60
CA GLU B 128 61.32 9.77 -17.60
C GLU B 128 60.10 10.04 -18.48
N PRO B 129 60.12 11.14 -19.27
CA PRO B 129 58.98 11.44 -20.13
C PRO B 129 58.55 10.30 -21.08
N GLY B 130 59.52 9.52 -21.56
CA GLY B 130 59.28 8.49 -22.55
C GLY B 130 59.04 7.10 -22.01
N ASN B 131 59.36 6.90 -20.73
CA ASN B 131 59.23 5.62 -20.06
C ASN B 131 58.94 5.75 -18.56
N GLY B 132 57.84 5.16 -18.12
CA GLY B 132 57.53 5.00 -16.68
C GLY B 132 57.41 3.52 -16.31
N SER B 133 56.41 2.84 -16.88
CA SER B 133 56.31 1.38 -16.70
C SER B 133 57.61 0.65 -17.13
N ASP B 134 58.12 1.06 -18.28
CA ASP B 134 59.35 0.50 -18.85
C ASP B 134 60.54 1.21 -18.17
N ALA B 135 60.74 0.88 -16.90
CA ALA B 135 61.70 1.56 -16.04
C ALA B 135 63.16 1.40 -16.51
N GLY B 136 63.46 0.24 -17.10
CA GLY B 136 64.82 -0.05 -17.59
C GLY B 136 65.19 0.71 -18.85
N ALA B 137 64.21 1.32 -19.50
CA ALA B 137 64.45 2.13 -20.70
C ALA B 137 65.08 3.51 -20.41
N ALA B 138 65.46 3.77 -19.16
CA ALA B 138 66.10 5.04 -18.74
C ALA B 138 67.19 5.58 -19.70
N SER B 139 66.97 6.75 -20.29
CA SER B 139 67.92 7.36 -21.22
C SER B 139 68.80 8.46 -20.60
N THR B 140 68.49 8.89 -19.38
CA THR B 140 69.40 9.74 -18.63
C THR B 140 70.72 8.97 -18.52
N THR B 141 71.84 9.68 -18.66
CA THR B 141 73.16 9.07 -18.65
C THR B 141 74.00 9.66 -17.55
N ALA B 142 74.86 8.79 -16.99
CA ALA B 142 75.91 9.17 -16.07
C ALA B 142 77.22 8.71 -16.73
N ARG B 143 78.13 9.65 -17.01
CA ARG B 143 79.48 9.32 -17.48
C ARG B 143 80.49 9.67 -16.39
N ALA B 144 81.50 8.81 -16.24
CA ALA B 144 82.62 9.08 -15.31
C ALA B 144 83.68 9.97 -16.00
N GLU B 145 83.74 11.22 -15.57
CA GLU B 145 84.76 12.17 -16.01
C GLU B 145 85.59 12.59 -14.78
N GLY B 146 86.76 11.96 -14.63
CA GLY B 146 87.66 12.30 -13.51
C GLY B 146 87.16 11.79 -12.17
N ASP B 147 87.21 12.64 -11.15
CA ASP B 147 86.64 12.28 -9.82
C ASP B 147 85.18 12.76 -9.64
N SER B 148 84.47 12.82 -10.77
CA SER B 148 83.04 13.11 -10.80
C SER B 148 82.28 12.14 -11.73
N TRP B 149 80.97 12.06 -11.50
CA TRP B 149 80.00 11.57 -12.48
C TRP B 149 79.39 12.78 -13.12
N VAL B 150 79.13 12.69 -14.43
CA VAL B 150 78.45 13.78 -15.15
C VAL B 150 77.11 13.23 -15.63
N LEU B 151 76.01 13.89 -15.24
CA LEU B 151 74.64 13.41 -15.53
C LEU B 151 74.04 14.28 -16.61
N ASN B 152 73.35 13.65 -17.55
CA ASN B 152 72.64 14.38 -18.59
C ASN B 152 71.34 13.68 -18.86
N GLY B 153 70.26 14.46 -18.85
CA GLY B 153 68.92 13.93 -19.16
C GLY B 153 67.82 14.53 -18.30
N THR B 154 66.56 14.19 -18.65
CA THR B 154 65.39 14.63 -17.89
C THR B 154 64.63 13.47 -17.22
N LYS B 155 64.42 13.58 -15.91
CA LYS B 155 63.54 12.65 -15.20
C LYS B 155 62.19 13.31 -15.04
N ALA B 156 61.14 12.48 -15.03
CA ALA B 156 59.78 12.99 -15.03
C ALA B 156 59.00 12.45 -13.84
N TRP B 157 58.01 13.25 -13.42
CA TRP B 157 57.03 12.90 -12.39
C TRP B 157 57.58 12.80 -10.99
N ILE B 158 58.52 13.66 -10.62
CA ILE B 158 59.24 13.46 -9.37
C ILE B 158 58.48 14.12 -8.20
N THR B 159 57.95 13.28 -7.31
CA THR B 159 57.23 13.74 -6.14
C THR B 159 58.20 14.38 -5.14
N ASN B 160 57.85 15.58 -4.65
CA ASN B 160 58.68 16.36 -3.69
C ASN B 160 59.82 17.12 -4.40
N ALA B 161 59.74 17.25 -5.73
CA ALA B 161 60.82 17.85 -6.55
C ALA B 161 61.14 19.27 -6.06
N TRP B 162 60.09 20.04 -5.81
CA TRP B 162 60.22 21.45 -5.45
C TRP B 162 60.52 21.69 -3.99
N GLU B 163 60.51 20.64 -3.18
CA GLU B 163 60.81 20.75 -1.75
C GLU B 163 62.02 19.94 -1.31
N ALA B 164 62.46 19.00 -2.14
CA ALA B 164 63.53 18.09 -1.78
C ALA B 164 64.92 18.77 -1.80
N SER B 165 65.79 18.29 -0.92
CA SER B 165 67.19 18.73 -0.82
C SER B 165 68.16 17.65 -1.31
N ALA B 166 67.61 16.51 -1.73
CA ALA B 166 68.39 15.41 -2.28
C ALA B 166 67.46 14.46 -3.04
N ALA B 167 68.03 13.78 -4.02
CA ALA B 167 67.30 12.84 -4.88
C ALA B 167 68.12 11.58 -5.04
N VAL B 168 67.46 10.42 -5.12
CA VAL B 168 68.10 9.19 -5.58
C VAL B 168 67.76 9.10 -7.07
N VAL B 169 68.76 9.22 -7.94
CA VAL B 169 68.54 9.32 -9.37
C VAL B 169 69.10 8.09 -10.09
N PHE B 170 68.30 7.53 -11.01
CA PHE B 170 68.72 6.35 -11.78
C PHE B 170 69.16 6.74 -13.19
N ALA B 171 70.41 6.42 -13.51
CA ALA B 171 71.02 6.84 -14.76
C ALA B 171 71.69 5.67 -15.45
N SER B 172 71.62 5.67 -16.78
CA SER B 172 72.23 4.62 -17.58
C SER B 172 73.74 4.84 -17.65
N THR B 173 74.46 3.81 -17.20
CA THR B 173 75.91 3.80 -17.16
C THR B 173 76.41 2.71 -18.13
N SER B 181 73.59 -2.10 -16.37
CA SER B 181 73.72 -0.88 -17.16
C SER B 181 73.08 0.38 -16.51
N ILE B 182 72.20 0.20 -15.53
CA ILE B 182 71.63 1.33 -14.79
C ILE B 182 72.34 1.44 -13.45
N SER B 183 72.66 2.67 -13.05
CA SER B 183 73.18 2.90 -11.68
C SER B 183 72.33 3.91 -10.89
N ALA B 184 72.46 3.87 -9.56
CA ALA B 184 71.81 4.78 -8.61
C ALA B 184 72.81 5.81 -8.03
N PHE B 185 72.35 7.05 -7.92
CA PHE B 185 73.19 8.19 -7.50
C PHE B 185 72.47 9.11 -6.53
N LEU B 186 73.21 9.57 -5.53
CA LEU B 186 72.73 10.58 -4.60
C LEU B 186 73.10 11.96 -5.17
N VAL B 187 72.08 12.74 -5.52
CA VAL B 187 72.21 14.08 -6.09
C VAL B 187 71.68 15.13 -5.10
N PRO B 188 72.49 16.16 -4.77
CA PRO B 188 71.97 17.20 -3.86
C PRO B 188 71.15 18.20 -4.65
N MET B 189 70.25 18.88 -3.96
CA MET B 189 69.34 19.84 -4.61
C MET B 189 69.27 21.08 -3.71
N PRO B 190 69.54 22.27 -4.26
CA PRO B 190 69.91 22.56 -5.65
C PRO B 190 71.35 22.17 -5.94
N THR B 191 71.71 22.16 -7.22
CA THR B 191 73.08 21.87 -7.62
C THR B 191 73.34 22.44 -9.02
N PRO B 192 74.60 22.84 -9.30
CA PRO B 192 74.84 23.32 -10.66
C PRO B 192 74.60 22.19 -11.69
N GLY B 193 73.89 22.52 -12.76
CA GLY B 193 73.59 21.56 -13.81
C GLY B 193 72.23 20.93 -13.64
N LEU B 194 71.58 21.19 -12.49
CA LEU B 194 70.21 20.72 -12.23
C LEU B 194 69.20 21.88 -12.17
N THR B 195 68.15 21.80 -12.99
CA THR B 195 66.99 22.67 -12.87
C THR B 195 65.70 21.87 -12.80
N LEU B 196 64.63 22.54 -12.36
CA LEU B 196 63.32 21.89 -12.16
C LEU B 196 62.34 22.31 -13.27
N GLY B 197 61.49 21.39 -13.67
CA GLY B 197 60.41 21.75 -14.60
C GLY B 197 59.27 22.40 -13.81
N LYS B 198 58.30 22.96 -14.52
CA LYS B 198 57.07 23.46 -13.95
C LYS B 198 56.43 22.33 -13.10
N LYS B 199 55.76 22.74 -12.04
CA LYS B 199 54.91 21.81 -11.25
C LYS B 199 53.78 21.30 -12.14
N GLU B 200 53.43 20.02 -12.03
CA GLU B 200 52.28 19.47 -12.76
C GLU B 200 50.95 19.93 -12.14
N ASP B 201 49.95 20.20 -12.98
CA ASP B 201 48.61 20.52 -12.52
C ASP B 201 47.81 19.20 -12.43
N LYS B 202 47.61 18.69 -11.22
CA LYS B 202 47.11 17.33 -11.04
C LYS B 202 45.64 17.28 -10.68
N LEU B 203 45.02 16.16 -11.05
CA LEU B 203 43.67 15.77 -10.64
C LEU B 203 43.50 15.71 -9.12
N GLY B 204 44.52 15.20 -8.45
CA GLY B 204 44.44 15.03 -7.02
C GLY B 204 45.85 15.06 -6.45
N ILE B 205 45.96 14.64 -5.19
CA ILE B 205 47.20 14.77 -4.35
C ILE B 205 47.97 16.08 -4.63
N ARG B 206 47.20 17.15 -4.73
CA ARG B 206 47.67 18.43 -5.26
C ARG B 206 48.62 19.17 -4.34
N GLY B 207 48.70 18.78 -3.07
CA GLY B 207 49.63 19.39 -2.13
C GLY B 207 51.06 18.89 -2.20
N SER B 208 51.27 17.70 -2.77
CA SER B 208 52.60 17.28 -3.12
C SER B 208 52.97 17.97 -4.42
N SER B 209 54.24 18.30 -4.58
CA SER B 209 54.76 18.79 -5.83
C SER B 209 55.22 17.58 -6.69
N THR B 210 54.99 17.71 -7.99
CA THR B 210 55.48 16.76 -9.00
C THR B 210 56.05 17.60 -10.15
N ALA B 211 57.27 17.28 -10.57
CA ALA B 211 57.94 18.00 -11.67
C ALA B 211 59.15 17.27 -12.21
N ASN B 212 59.62 17.74 -13.37
CA ASN B 212 60.81 17.20 -14.00
C ASN B 212 62.10 17.64 -13.31
N LEU B 213 63.06 16.72 -13.26
CA LEU B 213 64.46 17.05 -12.96
C LEU B 213 65.26 17.00 -14.27
N ILE B 214 65.90 18.12 -14.61
CA ILE B 214 66.60 18.30 -15.89
C ILE B 214 68.07 18.52 -15.64
N PHE B 215 68.87 17.49 -15.94
CA PHE B 215 70.31 17.50 -15.78
C PHE B 215 71.00 17.89 -17.09
N GLU B 216 71.79 18.96 -17.04
CA GLU B 216 72.59 19.40 -18.17
C GLU B 216 74.04 19.54 -17.68
N ASP B 217 74.86 18.55 -18.03
CA ASP B 217 76.26 18.50 -17.57
C ASP B 217 76.30 18.71 -16.07
N CYS B 218 75.55 17.89 -15.35
CA CYS B 218 75.48 18.03 -13.90
C CYS B 218 76.58 17.19 -13.25
N ARG B 219 77.50 17.84 -12.55
CA ARG B 219 78.66 17.14 -11.99
C ARG B 219 78.50 16.81 -10.51
N ILE B 220 78.68 15.55 -10.17
CA ILE B 220 78.64 15.11 -8.76
C ILE B 220 79.85 14.22 -8.46
N PRO B 221 80.28 14.21 -7.19
CA PRO B 221 81.48 13.43 -6.87
C PRO B 221 81.34 11.93 -7.07
N LYS B 222 82.48 11.25 -7.30
CA LYS B 222 82.50 9.82 -7.66
C LYS B 222 81.87 8.97 -6.56
N ASP B 223 82.03 9.40 -5.31
CA ASP B 223 81.42 8.73 -4.16
C ASP B 223 79.88 8.85 -4.07
N SER B 224 79.26 9.61 -4.97
CA SER B 224 77.80 9.71 -5.06
C SER B 224 77.07 8.44 -5.50
N ILE B 225 77.78 7.48 -6.12
CA ILE B 225 77.10 6.28 -6.58
C ILE B 225 76.63 5.47 -5.37
N LEU B 226 75.40 4.96 -5.47
CA LEU B 226 74.78 4.14 -4.42
C LEU B 226 74.89 2.68 -4.86
N GLY B 227 75.57 1.86 -4.05
CA GLY B 227 75.94 0.50 -4.49
C GLY B 227 77.01 0.51 -5.59
N GLU B 228 77.16 -0.63 -6.26
CA GLU B 228 78.12 -0.80 -7.36
C GLU B 228 77.51 -0.39 -8.71
N PRO B 229 78.37 -0.01 -9.67
CA PRO B 229 77.84 0.30 -11.00
C PRO B 229 77.07 -0.88 -11.57
N GLY B 230 75.95 -0.60 -12.23
CA GLY B 230 75.11 -1.63 -12.80
C GLY B 230 74.02 -2.17 -11.88
N MET B 231 74.09 -1.90 -10.58
CA MET B 231 73.10 -2.34 -9.59
C MET B 231 71.79 -1.53 -9.61
N GLY B 232 71.75 -0.44 -10.38
CA GLY B 232 70.64 0.51 -10.33
C GLY B 232 69.24 -0.08 -10.49
N PHE B 233 69.04 -0.96 -11.48
CA PHE B 233 67.70 -1.49 -11.76
C PHE B 233 67.21 -2.36 -10.61
N LYS B 234 68.09 -3.19 -10.07
CA LYS B 234 67.76 -3.98 -8.89
C LYS B 234 67.46 -3.10 -7.66
N ILE B 235 68.26 -2.05 -7.44
CA ILE B 235 68.07 -1.14 -6.30
C ILE B 235 66.67 -0.47 -6.45
N ALA B 236 66.37 -0.01 -7.67
CA ALA B 236 65.08 0.59 -7.99
C ALA B 236 63.93 -0.39 -7.76
N MET B 237 64.10 -1.64 -8.18
CA MET B 237 63.05 -2.63 -8.01
C MET B 237 62.83 -3.01 -6.55
N GLN B 238 63.91 -3.16 -5.79
CA GLN B 238 63.76 -3.48 -4.38
C GLN B 238 63.20 -2.28 -3.60
N THR B 239 63.40 -1.06 -4.12
CA THR B 239 62.90 0.14 -3.45
C THR B 239 61.38 0.20 -3.62
N LEU B 240 60.93 -0.10 -4.83
CA LEU B 240 59.52 -0.01 -5.20
C LEU B 240 58.65 -1.08 -4.56
N ASP B 241 59.26 -2.20 -4.19
CA ASP B 241 58.61 -3.22 -3.32
C ASP B 241 58.24 -2.63 -1.96
N MET B 242 59.17 -1.91 -1.34
CA MET B 242 58.90 -1.21 -0.07
C MET B 242 57.91 -0.07 -0.26
N GLY B 243 58.14 0.76 -1.28
CA GLY B 243 57.26 1.83 -1.64
C GLY B 243 55.82 1.39 -1.84
N ARG B 244 55.64 0.20 -2.42
CA ARG B 244 54.30 -0.33 -2.67
C ARG B 244 53.47 -0.60 -1.41
N ILE B 245 54.15 -1.01 -0.33
CA ILE B 245 53.52 -1.18 0.97
C ILE B 245 53.03 0.20 1.46
N GLY B 246 53.85 1.22 1.24
CA GLY B 246 53.52 2.59 1.57
C GLY B 246 52.32 3.14 0.82
N ILE B 247 52.30 2.93 -0.49
CA ILE B 247 51.16 3.38 -1.32
C ILE B 247 49.88 2.58 -1.01
N ALA B 248 49.98 1.26 -0.85
CA ALA B 248 48.89 0.43 -0.29
C ALA B 248 48.25 1.15 0.89
N SER B 249 49.08 1.53 1.86
CA SER B 249 48.62 2.15 3.11
C SER B 249 48.04 3.55 2.90
N GLN B 250 48.68 4.37 2.08
CA GLN B 250 48.12 5.64 1.67
C GLN B 250 46.71 5.38 1.19
N ALA B 251 46.55 4.38 0.29
CA ALA B 251 45.27 4.02 -0.31
C ALA B 251 44.22 3.54 0.70
N LEU B 252 44.66 2.80 1.71
CA LEU B 252 43.78 2.36 2.79
C LEU B 252 43.23 3.56 3.56
N GLY B 253 44.05 4.59 3.77
CA GLY B 253 43.63 5.79 4.46
C GLY B 253 42.59 6.57 3.70
N ILE B 254 42.83 6.73 2.40
CA ILE B 254 41.87 7.41 1.50
C ILE B 254 40.52 6.69 1.53
N ALA B 255 40.57 5.38 1.29
CA ALA B 255 39.43 4.50 1.35
C ALA B 255 38.69 4.58 2.69
N GLN B 256 39.42 4.51 3.80
CA GLN B 256 38.84 4.54 5.13
C GLN B 256 38.09 5.87 5.36
N THR B 257 38.75 7.00 5.04
CA THR B 257 38.11 8.29 5.22
C THR B 257 36.88 8.45 4.31
N ALA B 258 36.95 7.88 3.12
CA ALA B 258 35.81 7.91 2.20
C ALA B 258 34.61 7.13 2.76
N LEU B 259 34.90 5.97 3.35
CA LEU B 259 33.88 5.14 4.00
C LEU B 259 33.36 5.81 5.29
N ASP B 260 34.24 6.40 6.12
CA ASP B 260 33.80 7.19 7.29
C ASP B 260 32.83 8.30 6.88
N CYS B 261 33.21 9.04 5.85
CA CYS B 261 32.35 10.07 5.26
C CYS B 261 30.94 9.55 4.89
N ALA B 262 30.89 8.51 4.05
CA ALA B 262 29.64 7.87 3.60
C ALA B 262 28.71 7.41 4.74
N VAL B 263 29.27 6.73 5.71
CA VAL B 263 28.50 6.22 6.84
C VAL B 263 27.89 7.36 7.67
N ASN B 264 28.66 8.41 7.98
CA ASN B 264 28.15 9.55 8.73
C ASN B 264 27.01 10.20 8.00
N TYR B 265 27.20 10.36 6.71
CA TYR B 265 26.23 11.05 5.89
C TYR B 265 24.91 10.26 5.81
N ALA B 266 25.01 8.99 5.49
CA ALA B 266 23.90 8.11 5.29
C ALA B 266 23.10 7.89 6.57
N GLU B 267 23.77 8.01 7.71
CA GLU B 267 23.09 7.87 9.00
C GLU B 267 22.22 9.08 9.29
N ASN B 268 22.54 10.23 8.68
CA ASN B 268 21.92 11.49 9.00
C ASN B 268 21.17 12.14 7.86
N ARG B 269 21.28 11.58 6.65
CA ARG B 269 20.48 12.02 5.51
C ARG B 269 19.17 11.22 5.54
N MET B 270 18.05 11.93 5.56
CA MET B 270 16.74 11.29 5.48
C MET B 270 16.26 11.25 4.05
N ALA B 271 15.54 10.18 3.71
CA ALA B 271 14.93 10.05 2.41
C ALA B 271 13.84 9.01 2.55
N PHE B 272 12.72 9.25 1.88
CA PHE B 272 11.53 8.41 2.00
C PHE B 272 11.20 8.02 3.45
N GLY B 273 11.39 8.94 4.39
CA GLY B 273 10.96 8.76 5.77
C GLY B 273 11.89 8.05 6.72
N ALA B 274 13.15 7.85 6.34
CA ALA B 274 14.11 7.21 7.26
C ALA B 274 15.52 7.56 6.84
N PRO B 275 16.52 7.31 7.71
CA PRO B 275 17.89 7.50 7.25
C PRO B 275 18.18 6.61 6.01
N LEU B 276 19.14 7.05 5.21
CA LEU B 276 19.60 6.28 4.05
C LEU B 276 20.06 4.89 4.45
N THR B 277 20.67 4.77 5.62
CA THR B 277 21.17 3.49 6.11
C THR B 277 20.07 2.46 6.38
N LYS B 278 18.80 2.87 6.36
CA LYS B 278 17.69 1.95 6.45
C LYS B 278 17.34 1.31 5.12
N LEU B 279 17.88 1.85 4.02
CA LEU B 279 17.70 1.25 2.69
C LEU B 279 18.66 0.10 2.48
N GLN B 280 18.12 -1.01 2.01
CA GLN B 280 18.85 -2.27 1.81
C GLN B 280 20.01 -2.11 0.83
N VAL B 281 19.75 -1.33 -0.23
CA VAL B 281 20.76 -0.98 -1.22
C VAL B 281 21.98 -0.23 -0.64
N ILE B 282 21.73 0.75 0.21
CA ILE B 282 22.79 1.49 0.86
C ILE B 282 23.58 0.57 1.79
N GLN B 283 22.89 -0.32 2.49
CA GLN B 283 23.56 -1.32 3.34
C GLN B 283 24.52 -2.22 2.56
N PHE B 284 24.08 -2.68 1.40
CA PHE B 284 24.91 -3.49 0.49
C PHE B 284 26.17 -2.74 -0.01
N LYS B 285 25.97 -1.50 -0.47
CA LYS B 285 27.10 -0.66 -0.86
C LYS B 285 28.12 -0.57 0.29
N LEU B 286 27.61 -0.26 1.47
CA LEU B 286 28.46 -0.14 2.65
C LEU B 286 29.15 -1.44 3.00
N ALA B 287 28.44 -2.57 2.88
CA ALA B 287 29.04 -3.87 3.19
C ALA B 287 30.18 -4.18 2.23
N ASP B 288 29.97 -3.89 0.95
CA ASP B 288 30.98 -4.14 -0.08
C ASP B 288 32.19 -3.27 0.12
N MET B 289 31.95 -2.05 0.57
CA MET B 289 33.03 -1.12 0.84
C MET B 289 33.91 -1.64 1.98
N ALA B 290 33.26 -2.03 3.07
CA ALA B 290 33.96 -2.51 4.25
C ALA B 290 34.74 -3.79 3.93
N LEU B 291 34.13 -4.68 3.15
CA LEU B 291 34.78 -5.91 2.71
C LEU B 291 36.04 -5.61 1.88
N ALA B 292 35.92 -4.75 0.85
CA ALA B 292 37.10 -4.37 0.03
C ALA B 292 38.23 -3.75 0.88
N LEU B 293 37.89 -2.86 1.83
CA LEU B 293 38.91 -2.18 2.63
C LEU B 293 39.64 -3.14 3.56
N GLU B 294 38.87 -3.95 4.27
CA GLU B 294 39.40 -4.83 5.31
C GLU B 294 40.28 -5.91 4.69
N SER B 295 39.82 -6.50 3.57
CA SER B 295 40.67 -7.43 2.83
C SER B 295 41.98 -6.81 2.32
N ALA B 296 41.91 -5.58 1.82
CA ALA B 296 43.11 -4.88 1.34
C ALA B 296 44.06 -4.61 2.49
N ARG B 297 43.53 -4.26 3.67
CA ARG B 297 44.37 -3.99 4.84
C ARG B 297 45.13 -5.26 5.27
N LEU B 298 44.44 -6.40 5.31
CA LEU B 298 45.08 -7.67 5.64
C LEU B 298 46.21 -8.03 4.66
N LEU B 299 45.99 -7.85 3.36
CA LEU B 299 47.06 -8.02 2.36
C LEU B 299 48.22 -7.07 2.60
N THR B 300 47.89 -5.84 2.94
CA THR B 300 48.88 -4.82 3.20
C THR B 300 49.74 -5.20 4.43
N TRP B 301 49.10 -5.59 5.53
CA TRP B 301 49.82 -6.04 6.75
C TRP B 301 50.65 -7.33 6.59
N ARG B 302 50.12 -8.30 5.86
CA ARG B 302 50.91 -9.46 5.45
C ARG B 302 52.25 -9.07 4.78
N ALA B 303 52.20 -8.13 3.83
CA ALA B 303 53.40 -7.66 3.13
C ALA B 303 54.41 -6.97 4.08
N ALA B 304 53.88 -6.13 4.98
CA ALA B 304 54.73 -5.41 5.95
C ALA B 304 55.39 -6.34 6.95
N MET B 305 54.67 -7.38 7.35
CA MET B 305 55.20 -8.36 8.28
C MET B 305 56.25 -9.29 7.64
N LEU B 306 56.03 -9.69 6.38
CA LEU B 306 57.05 -10.43 5.64
C LEU B 306 58.34 -9.64 5.53
N LYS B 307 58.25 -8.36 5.19
CA LYS B 307 59.41 -7.48 5.17
C LYS B 307 60.11 -7.39 6.53
N ASP B 308 59.34 -7.24 7.61
CA ASP B 308 59.90 -7.12 8.99
C ASP B 308 60.61 -8.39 9.46
N ASN B 309 60.18 -9.52 8.92
CA ASN B 309 60.77 -10.80 9.23
C ASN B 309 61.85 -11.25 8.23
N LYS B 310 62.31 -10.34 7.36
CA LYS B 310 63.33 -10.62 6.33
C LYS B 310 62.92 -11.75 5.35
N LYS B 311 61.63 -11.85 5.07
CA LYS B 311 61.10 -12.81 4.13
C LYS B 311 60.75 -12.11 2.80
N PRO B 312 60.73 -12.87 1.69
CA PRO B 312 60.34 -12.30 0.40
C PRO B 312 58.90 -11.74 0.45
N PHE B 313 58.69 -10.60 -0.19
CA PHE B 313 57.40 -9.92 -0.14
C PHE B 313 57.05 -9.22 -1.43
N ILE B 314 57.73 -9.57 -2.53
CA ILE B 314 57.50 -8.89 -3.82
C ILE B 314 56.05 -9.08 -4.27
N LYS B 315 55.60 -10.33 -4.33
CA LYS B 315 54.26 -10.66 -4.80
C LYS B 315 53.18 -10.10 -3.86
N GLU B 316 53.46 -10.20 -2.56
CA GLU B 316 52.54 -9.75 -1.50
C GLU B 316 52.40 -8.24 -1.47
N ALA B 317 53.50 -7.50 -1.69
CA ALA B 317 53.48 -6.03 -1.83
C ALA B 317 52.65 -5.57 -3.03
N ALA B 318 52.86 -6.28 -4.14
CA ALA B 318 52.12 -6.05 -5.39
C ALA B 318 50.61 -6.26 -5.23
N MET B 319 50.25 -7.37 -4.59
CA MET B 319 48.85 -7.67 -4.26
C MET B 319 48.21 -6.60 -3.33
N ALA B 320 48.93 -6.21 -2.30
CA ALA B 320 48.47 -5.16 -1.36
C ALA B 320 48.22 -3.83 -2.08
N LYS B 321 49.16 -3.39 -2.90
CA LYS B 321 49.04 -2.12 -3.64
C LYS B 321 47.88 -2.15 -4.62
N LEU B 322 47.77 -3.26 -5.36
CA LEU B 322 46.71 -3.48 -6.35
C LEU B 322 45.32 -3.51 -5.67
N ALA B 323 45.17 -4.36 -4.66
CA ALA B 323 43.92 -4.45 -3.89
C ALA B 323 43.54 -3.12 -3.25
N ALA B 324 44.50 -2.46 -2.60
CA ALA B 324 44.22 -1.25 -1.83
C ALA B 324 43.82 -0.11 -2.72
N SER B 325 44.55 0.04 -3.85
CA SER B 325 44.30 1.09 -4.83
C SER B 325 42.97 0.94 -5.55
N GLU B 326 42.63 -0.29 -5.89
CA GLU B 326 41.34 -0.53 -6.58
C GLU B 326 40.15 -0.35 -5.62
N ALA B 327 40.37 -0.66 -4.35
CA ALA B 327 39.40 -0.46 -3.29
C ALA B 327 39.19 1.03 -3.02
N ALA B 328 40.28 1.81 -2.97
CA ALA B 328 40.19 3.25 -2.77
C ALA B 328 39.36 3.90 -3.86
N THR B 329 39.51 3.47 -5.11
CA THR B 329 38.73 4.05 -6.23
C THR B 329 37.26 3.63 -6.20
N ALA B 330 36.99 2.35 -6.04
CA ALA B 330 35.63 1.83 -5.88
C ALA B 330 34.87 2.42 -4.65
N ILE B 331 35.56 2.54 -3.51
CA ILE B 331 34.90 3.03 -2.30
C ILE B 331 34.62 4.55 -2.38
N SER B 332 35.59 5.32 -2.91
CA SER B 332 35.43 6.76 -3.08
C SER B 332 34.31 7.05 -4.08
N HIS B 333 34.25 6.24 -5.12
CA HIS B 333 33.14 6.30 -6.06
C HIS B 333 31.79 6.10 -5.37
N GLN B 334 31.71 5.11 -4.50
CA GLN B 334 30.44 4.81 -3.85
C GLN B 334 30.13 5.84 -2.77
N ALA B 335 31.16 6.44 -2.19
CA ALA B 335 30.99 7.51 -1.24
C ALA B 335 30.26 8.70 -1.89
N ILE B 336 30.73 9.09 -3.08
CA ILE B 336 30.08 10.14 -3.86
C ILE B 336 28.64 9.73 -4.15
N GLN B 337 28.43 8.46 -4.53
CA GLN B 337 27.06 8.01 -4.89
C GLN B 337 26.11 8.09 -3.68
N ILE B 338 26.58 7.67 -2.51
CA ILE B 338 25.74 7.72 -1.29
C ILE B 338 25.38 9.15 -0.89
N LEU B 339 26.31 10.08 -1.07
CA LEU B 339 26.09 11.50 -0.82
C LEU B 339 25.14 12.19 -1.82
N GLY B 340 24.92 11.57 -2.97
CA GLY B 340 24.08 12.15 -4.02
C GLY B 340 24.70 13.43 -4.56
N GLY B 341 23.87 14.46 -4.75
CA GLY B 341 24.35 15.80 -5.16
C GLY B 341 25.51 16.33 -4.30
N MET B 342 25.40 16.15 -3.00
CA MET B 342 26.45 16.61 -2.08
C MET B 342 27.80 15.96 -2.39
N GLY B 343 27.80 14.79 -3.02
CA GLY B 343 29.02 14.09 -3.37
C GLY B 343 29.78 14.76 -4.50
N TYR B 344 29.08 15.57 -5.28
CA TYR B 344 29.63 16.25 -6.45
C TYR B 344 30.14 17.66 -6.18
N VAL B 345 30.00 18.18 -4.95
CA VAL B 345 30.45 19.54 -4.63
C VAL B 345 31.55 19.55 -3.58
N THR B 346 32.34 20.62 -3.57
CA THR B 346 33.48 20.76 -2.69
C THR B 346 33.09 21.03 -1.21
N GLU B 347 31.82 21.29 -0.94
CA GLU B 347 31.33 21.41 0.44
C GLU B 347 31.59 20.14 1.24
N MET B 348 31.61 18.99 0.55
CA MET B 348 31.93 17.70 1.17
C MET B 348 33.30 17.19 0.70
N PRO B 349 33.94 16.30 1.49
CA PRO B 349 35.26 15.81 1.13
C PRO B 349 35.25 14.63 0.14
N ALA B 350 34.08 14.12 -0.24
CA ALA B 350 33.98 12.93 -1.12
C ALA B 350 34.61 13.11 -2.49
N GLU B 351 34.36 14.24 -3.15
CA GLU B 351 34.91 14.48 -4.49
C GLU B 351 36.45 14.56 -4.46
N ARG B 352 37.01 15.07 -3.37
CA ARG B 352 38.43 15.05 -3.18
C ARG B 352 38.97 13.63 -2.96
N HIS B 353 38.24 12.77 -2.27
CA HIS B 353 38.74 11.42 -2.04
C HIS B 353 38.77 10.64 -3.37
N TYR B 354 37.78 10.88 -4.22
CA TYR B 354 37.70 10.26 -5.53
C TYR B 354 38.92 10.64 -6.40
N ARG B 355 39.27 11.92 -6.37
CA ARG B 355 40.42 12.47 -7.11
C ARG B 355 41.77 11.96 -6.57
N ASP B 356 41.91 11.91 -5.26
CA ASP B 356 43.12 11.39 -4.60
C ASP B 356 43.36 9.87 -4.80
N ALA B 357 42.30 9.09 -4.63
CA ALA B 357 42.30 7.65 -4.85
C ALA B 357 42.88 7.26 -6.22
N ARG B 358 42.53 8.04 -7.23
CA ARG B 358 42.80 7.69 -8.62
C ARG B 358 44.30 7.54 -8.89
N ILE B 359 45.15 8.30 -8.20
CA ILE B 359 46.60 8.23 -8.48
C ILE B 359 47.19 6.89 -8.03
N THR B 360 46.60 6.29 -6.99
CA THR B 360 47.14 5.10 -6.35
C THR B 360 47.12 3.87 -7.28
N GLU B 361 46.25 3.90 -8.29
CA GLU B 361 46.25 2.88 -9.35
C GLU B 361 47.36 3.08 -10.42
N ILE B 362 48.08 4.20 -10.33
CA ILE B 362 49.03 4.56 -11.39
C ILE B 362 50.47 4.53 -10.90
N TYR B 363 50.76 5.35 -9.91
CA TYR B 363 52.16 5.44 -9.50
C TYR B 363 52.67 4.25 -8.68
N GLU B 364 53.99 4.14 -8.63
CA GLU B 364 54.70 2.99 -8.11
C GLU B 364 54.33 1.68 -8.85
N GLY B 365 54.04 1.82 -10.13
CA GLY B 365 53.64 0.68 -10.95
C GLY B 365 52.15 0.62 -11.10
N THR B 366 51.70 0.80 -12.34
CA THR B 366 50.30 0.78 -12.64
C THR B 366 49.70 -0.55 -12.21
N SER B 367 48.38 -0.59 -12.10
CA SER B 367 47.66 -1.81 -11.78
C SER B 367 48.06 -2.95 -12.72
N GLU B 368 48.29 -2.62 -13.99
CA GLU B 368 48.68 -3.61 -15.01
C GLU B 368 50.07 -4.21 -14.73
N ILE B 369 51.02 -3.37 -14.35
CA ILE B 369 52.33 -3.82 -13.95
C ILE B 369 52.20 -4.72 -12.71
N GLN B 370 51.38 -4.33 -11.74
CA GLN B 370 51.16 -5.17 -10.54
C GLN B 370 50.70 -6.59 -10.90
N ARG B 371 49.69 -6.69 -11.77
CA ARG B 371 49.23 -7.97 -12.28
C ARG B 371 50.31 -8.81 -12.96
N LEU B 372 51.19 -8.17 -13.76
CA LEU B 372 52.32 -8.87 -14.37
C LEU B 372 53.27 -9.41 -13.31
N VAL B 373 53.60 -8.59 -12.32
CA VAL B 373 54.51 -8.97 -11.23
C VAL B 373 53.92 -10.14 -10.47
N ILE B 374 52.64 -10.03 -10.11
CA ILE B 374 51.94 -11.11 -9.41
C ILE B 374 51.96 -12.42 -10.23
N ALA B 375 51.53 -12.38 -11.48
CA ALA B 375 51.54 -13.57 -12.35
C ALA B 375 52.94 -14.23 -12.47
N GLY B 376 53.98 -13.42 -12.65
CA GLY B 376 55.34 -13.95 -12.71
C GLY B 376 55.67 -14.78 -11.49
N HIS B 377 55.39 -14.22 -10.31
CA HIS B 377 55.72 -14.91 -9.06
C HIS B 377 54.85 -16.14 -8.88
N LEU B 378 53.58 -16.03 -9.24
CA LEU B 378 52.68 -17.16 -9.09
C LEU B 378 53.22 -18.35 -9.88
N LEU B 379 53.51 -18.13 -11.17
CA LEU B 379 53.98 -19.22 -12.03
C LEU B 379 55.30 -19.83 -11.52
N ARG B 380 56.22 -18.99 -11.02
CA ARG B 380 57.49 -19.49 -10.46
C ARG B 380 57.28 -20.35 -9.22
N SER B 381 56.29 -19.99 -8.40
CA SER B 381 55.89 -20.82 -7.27
C SER B 381 55.46 -22.24 -7.72
N TYR B 382 54.78 -22.34 -8.86
CA TYR B 382 54.36 -23.64 -9.37
C TYR B 382 55.49 -24.39 -10.10
N ARG B 383 56.55 -23.68 -10.47
CA ARG B 383 57.74 -24.32 -11.05
C ARG B 383 58.76 -24.52 -9.94
N LEU C 6 9.39 -4.39 -34.60
CA LEU C 6 9.60 -5.47 -35.62
C LEU C 6 8.58 -5.38 -36.74
N PRO C 7 8.95 -5.82 -37.96
CA PRO C 7 7.96 -5.97 -39.03
C PRO C 7 6.87 -6.97 -38.67
N GLU C 8 5.74 -6.90 -39.39
CA GLU C 8 4.59 -7.79 -39.15
C GLU C 8 4.98 -9.25 -39.31
N THR C 9 5.58 -9.57 -40.46
CA THR C 9 6.08 -10.92 -40.75
C THR C 9 6.89 -11.46 -39.58
N HIS C 10 7.87 -10.68 -39.15
CA HIS C 10 8.79 -11.10 -38.07
C HIS C 10 8.08 -11.26 -36.71
N GLN C 11 7.00 -10.50 -36.50
CA GLN C 11 6.14 -10.64 -35.32
C GLN C 11 5.35 -11.96 -35.33
N MET C 12 4.83 -12.33 -36.50
CA MET C 12 4.12 -13.60 -36.68
C MET C 12 5.08 -14.78 -36.48
N LEU C 13 6.22 -14.73 -37.18
CA LEU C 13 7.33 -15.69 -37.01
C LEU C 13 7.65 -15.93 -35.53
N LEU C 14 7.81 -14.83 -34.80
CA LEU C 14 8.11 -14.90 -33.37
C LEU C 14 7.02 -15.70 -32.64
N GLN C 15 5.76 -15.42 -32.94
CA GLN C 15 4.63 -16.11 -32.29
C GLN C 15 4.55 -17.59 -32.66
N THR C 16 4.79 -17.93 -33.93
CA THR C 16 4.89 -19.32 -34.37
C THR C 16 6.01 -20.07 -33.60
N CYS C 17 7.17 -19.41 -33.49
CA CYS C 17 8.33 -20.04 -32.85
C CYS C 17 8.13 -20.21 -31.35
N ARG C 18 7.48 -19.24 -30.73
CA ARG C 18 7.22 -19.30 -29.30
C ARG C 18 6.17 -20.36 -28.99
N ASP C 19 5.15 -20.46 -29.82
CA ASP C 19 4.16 -21.50 -29.69
C ASP C 19 4.81 -22.87 -29.84
N PHE C 20 5.60 -23.04 -30.90
CA PHE C 20 6.33 -24.29 -31.07
C PHE C 20 7.14 -24.64 -29.84
N ALA C 21 7.89 -23.68 -29.31
CA ALA C 21 8.77 -23.90 -28.18
C ALA C 21 8.01 -24.35 -26.92
N GLU C 22 6.93 -23.65 -26.63
CA GLU C 22 6.04 -23.97 -25.51
C GLU C 22 5.36 -25.34 -25.70
N LYS C 23 4.88 -25.62 -26.91
CA LYS C 23 4.25 -26.90 -27.21
C LYS C 23 5.23 -28.10 -27.23
N GLU C 24 6.37 -27.94 -27.92
CA GLU C 24 7.25 -29.07 -28.27
C GLU C 24 8.55 -29.18 -27.50
N LEU C 25 9.06 -28.06 -26.98
CA LEU C 25 10.41 -27.99 -26.42
C LEU C 25 10.45 -27.94 -24.88
N PHE C 26 9.73 -26.99 -24.27
CA PHE C 26 9.64 -26.90 -22.81
C PHE C 26 9.35 -28.25 -22.11
N PRO C 27 8.38 -29.03 -22.64
CA PRO C 27 8.04 -30.33 -22.03
C PRO C 27 9.11 -31.42 -22.11
N ILE C 28 10.09 -31.28 -23.00
CA ILE C 28 11.19 -32.27 -23.13
C ILE C 28 12.55 -31.82 -22.62
N ALA C 29 12.71 -30.52 -22.37
CA ALA C 29 14.02 -29.92 -22.07
C ALA C 29 14.75 -30.65 -20.95
N ALA C 30 14.01 -30.95 -19.87
CA ALA C 30 14.55 -31.66 -18.71
C ALA C 30 15.07 -33.05 -19.11
N GLN C 31 14.27 -33.79 -19.87
CA GLN C 31 14.61 -35.14 -20.35
C GLN C 31 15.88 -35.14 -21.25
N VAL C 32 15.83 -34.29 -22.28
CA VAL C 32 16.92 -34.13 -23.27
C VAL C 32 18.23 -33.92 -22.52
N ASP C 33 18.20 -33.08 -21.48
CA ASP C 33 19.37 -32.79 -20.66
C ASP C 33 19.82 -33.93 -19.77
N LYS C 34 18.86 -34.54 -19.09
CA LYS C 34 19.18 -35.57 -18.11
C LYS C 34 19.80 -36.80 -18.77
N GLU C 35 19.26 -37.18 -19.92
CA GLU C 35 19.60 -38.40 -20.63
C GLU C 35 20.59 -38.20 -21.78
N HIS C 36 21.06 -36.96 -22.00
CA HIS C 36 21.90 -36.61 -23.15
C HIS C 36 21.21 -37.07 -24.44
N LEU C 37 19.97 -36.70 -24.62
CA LEU C 37 19.15 -37.31 -25.65
C LEU C 37 18.91 -36.38 -26.83
N PHE C 38 19.25 -36.84 -28.03
CA PHE C 38 19.08 -36.05 -29.24
C PHE C 38 17.58 -35.93 -29.54
N PRO C 39 17.06 -34.69 -29.67
CA PRO C 39 15.63 -34.44 -29.89
C PRO C 39 15.15 -34.69 -31.33
N ALA C 40 15.17 -35.96 -31.71
CA ALA C 40 14.93 -36.42 -33.09
C ALA C 40 13.60 -35.94 -33.70
N ALA C 41 12.50 -36.30 -33.05
CA ALA C 41 11.17 -35.91 -33.52
C ALA C 41 11.03 -34.39 -33.65
N GLN C 42 11.56 -33.65 -32.68
CA GLN C 42 11.43 -32.19 -32.67
C GLN C 42 12.25 -31.49 -33.77
N VAL C 43 13.47 -31.96 -33.98
CA VAL C 43 14.32 -31.44 -35.07
C VAL C 43 13.60 -31.60 -36.42
N LYS C 44 12.93 -32.74 -36.62
CA LYS C 44 12.21 -33.04 -37.87
C LYS C 44 10.96 -32.15 -38.08
N LYS C 45 10.20 -31.92 -37.01
CA LYS C 45 9.09 -30.97 -37.03
C LYS C 45 9.61 -29.56 -37.37
N MET C 46 10.69 -29.15 -36.71
CA MET C 46 11.34 -27.87 -37.00
C MET C 46 11.78 -27.75 -38.45
N GLY C 47 12.29 -28.87 -38.98
CA GLY C 47 12.66 -29.00 -40.37
C GLY C 47 11.53 -28.68 -41.32
N GLY C 48 10.35 -29.22 -41.01
CA GLY C 48 9.13 -28.96 -41.77
C GLY C 48 8.65 -27.53 -41.68
N LEU C 49 8.98 -26.85 -40.58
CA LEU C 49 8.61 -25.45 -40.38
C LEU C 49 9.56 -24.46 -41.09
N GLY C 50 10.73 -24.94 -41.54
CA GLY C 50 11.68 -24.12 -42.26
C GLY C 50 12.79 -23.57 -41.38
N LEU C 51 12.80 -23.97 -40.11
CA LEU C 51 13.72 -23.41 -39.10
C LEU C 51 15.16 -23.89 -39.25
N LEU C 52 15.35 -25.01 -39.95
CA LEU C 52 16.70 -25.51 -40.20
C LEU C 52 17.28 -24.91 -41.50
N ALA C 53 16.49 -24.12 -42.22
CA ALA C 53 16.99 -23.54 -43.46
C ALA C 53 16.37 -22.17 -43.69
N MET C 54 16.57 -21.28 -42.72
CA MET C 54 15.84 -20.02 -42.68
C MET C 54 16.25 -19.04 -43.78
N ASP C 55 17.57 -18.93 -43.99
CA ASP C 55 18.13 -17.97 -44.96
C ASP C 55 18.35 -18.63 -46.33
N VAL C 56 17.81 -19.82 -46.54
CA VAL C 56 18.03 -20.54 -47.79
C VAL C 56 16.91 -20.13 -48.74
N PRO C 57 17.26 -19.79 -49.99
CA PRO C 57 16.21 -19.49 -50.97
C PRO C 57 15.14 -20.58 -51.06
N GLU C 58 13.89 -20.16 -51.21
CA GLU C 58 12.78 -21.11 -51.34
C GLU C 58 13.01 -22.06 -52.52
N GLU C 59 13.70 -21.57 -53.55
CA GLU C 59 13.98 -22.39 -54.74
C GLU C 59 14.91 -23.57 -54.40
N LEU C 60 15.80 -23.38 -53.43
CA LEU C 60 16.70 -24.46 -52.99
C LEU C 60 16.09 -25.31 -51.86
N GLY C 61 14.86 -25.00 -51.47
CA GLY C 61 14.14 -25.74 -50.46
C GLY C 61 14.03 -25.08 -49.09
N GLY C 62 14.47 -23.83 -48.97
CA GLY C 62 14.52 -23.14 -47.67
C GLY C 62 13.34 -22.23 -47.37
N ALA C 63 13.40 -21.55 -46.23
CA ALA C 63 12.31 -20.66 -45.78
C ALA C 63 12.27 -19.34 -46.56
N GLY C 64 13.39 -18.96 -47.19
CA GLY C 64 13.49 -17.70 -47.94
C GLY C 64 13.39 -16.46 -47.05
N LEU C 65 13.93 -16.55 -45.85
CA LEU C 65 13.79 -15.46 -44.88
C LEU C 65 15.13 -14.74 -44.72
N ASP C 66 15.30 -13.97 -43.66
CA ASP C 66 16.57 -13.25 -43.47
C ASP C 66 17.20 -13.61 -42.13
N TYR C 67 18.38 -13.07 -41.85
CA TYR C 67 19.09 -13.32 -40.61
C TYR C 67 18.49 -12.68 -39.38
N LEU C 68 17.68 -11.63 -39.54
CA LEU C 68 16.91 -11.10 -38.41
C LEU C 68 15.87 -12.13 -37.94
N ALA C 69 15.10 -12.66 -38.88
CA ALA C 69 14.14 -13.75 -38.62
C ALA C 69 14.82 -14.96 -37.95
N TYR C 70 15.98 -15.30 -38.46
CA TYR C 70 16.76 -16.39 -37.89
C TYR C 70 17.14 -16.09 -36.44
N ALA C 71 17.57 -14.85 -36.19
CA ALA C 71 17.96 -14.44 -34.86
C ALA C 71 16.77 -14.56 -33.89
N ILE C 72 15.61 -14.12 -34.35
CA ILE C 72 14.38 -14.16 -33.58
C ILE C 72 13.95 -15.60 -33.28
N ALA C 73 13.96 -16.44 -34.33
CA ALA C 73 13.61 -17.84 -34.21
C ALA C 73 14.58 -18.56 -33.28
N MET C 74 15.87 -18.34 -33.48
CA MET C 74 16.91 -18.96 -32.64
C MET C 74 16.69 -18.72 -31.14
N GLU C 75 16.38 -17.47 -30.79
CA GLU C 75 16.12 -17.08 -29.40
C GLU C 75 14.95 -17.86 -28.79
N GLU C 76 13.83 -17.87 -29.51
CA GLU C 76 12.62 -18.58 -29.09
C GLU C 76 12.77 -20.08 -28.95
N ILE C 77 13.60 -20.68 -29.82
CA ILE C 77 13.84 -22.11 -29.79
C ILE C 77 14.73 -22.43 -28.60
N SER C 78 15.78 -21.64 -28.41
CA SER C 78 16.78 -21.87 -27.36
C SER C 78 16.21 -21.65 -25.96
N ARG C 79 15.26 -20.75 -25.89
CA ARG C 79 14.45 -20.50 -24.71
C ARG C 79 13.76 -21.77 -24.26
N GLY C 80 13.27 -22.58 -25.22
CA GLY C 80 12.63 -23.85 -24.93
C GLY C 80 13.64 -24.96 -24.64
N CYS C 81 14.58 -25.16 -25.56
CA CYS C 81 15.66 -26.15 -25.38
C CYS C 81 16.96 -25.62 -25.99
N ALA C 82 17.98 -25.45 -25.16
CA ALA C 82 19.24 -24.91 -25.65
C ALA C 82 19.95 -25.86 -26.63
N SER C 83 19.77 -27.16 -26.44
CA SER C 83 20.42 -28.19 -27.28
C SER C 83 19.82 -28.14 -28.68
N THR C 84 18.50 -28.10 -28.73
CA THR C 84 17.78 -27.89 -29.98
C THR C 84 18.24 -26.63 -30.70
N GLY C 85 18.47 -25.55 -29.93
CA GLY C 85 19.06 -24.32 -30.45
C GLY C 85 20.40 -24.50 -31.15
N VAL C 86 21.37 -25.15 -30.51
CA VAL C 86 22.66 -25.30 -31.13
C VAL C 86 22.60 -26.21 -32.39
N ILE C 87 21.68 -27.19 -32.39
CA ILE C 87 21.54 -28.12 -33.52
C ILE C 87 21.08 -27.34 -34.75
N MET C 88 20.07 -26.51 -34.52
CA MET C 88 19.52 -25.61 -35.54
C MET C 88 20.58 -24.58 -35.99
N SER C 89 21.31 -24.00 -35.04
CA SER C 89 22.32 -23.00 -35.40
C SER C 89 23.48 -23.57 -36.26
N VAL C 90 23.93 -24.78 -35.93
CA VAL C 90 24.98 -25.42 -36.69
C VAL C 90 24.50 -25.67 -38.12
N ASN C 91 23.27 -26.14 -38.29
CA ASN C 91 22.76 -26.45 -39.65
C ASN C 91 22.60 -25.20 -40.54
N ASN C 92 21.98 -24.16 -39.97
CA ASN C 92 21.80 -22.89 -40.68
C ASN C 92 23.08 -22.15 -41.01
N SER C 93 23.87 -21.85 -39.97
CA SER C 93 25.02 -20.96 -40.08
C SER C 93 26.30 -21.66 -40.51
N LEU C 94 26.61 -22.80 -39.89
CA LEU C 94 27.88 -23.45 -40.10
C LEU C 94 27.90 -24.48 -41.24
N TYR C 95 26.76 -25.08 -41.55
CA TYR C 95 26.70 -26.08 -42.61
C TYR C 95 26.18 -25.44 -43.89
N LEU C 96 24.92 -25.03 -43.89
CA LEU C 96 24.28 -24.50 -45.08
C LEU C 96 24.85 -23.15 -45.49
N GLY C 97 25.26 -22.35 -44.50
CA GLY C 97 25.82 -21.03 -44.70
C GLY C 97 26.92 -20.96 -45.73
N PRO C 98 28.06 -21.64 -45.46
CA PRO C 98 29.18 -21.58 -46.39
C PRO C 98 28.92 -22.20 -47.75
N ILE C 99 28.03 -23.19 -47.81
CA ILE C 99 27.68 -23.83 -49.09
C ILE C 99 26.90 -22.84 -49.98
N LEU C 100 25.93 -22.13 -49.41
CA LEU C 100 25.21 -21.08 -50.16
C LEU C 100 26.14 -19.96 -50.57
N LYS C 101 27.03 -19.57 -49.68
CA LYS C 101 27.96 -18.48 -49.96
C LYS C 101 29.04 -18.81 -51.01
N PHE C 102 29.68 -19.98 -50.91
CA PHE C 102 30.86 -20.29 -51.71
C PHE C 102 30.68 -21.47 -52.67
N GLY C 103 29.50 -22.09 -52.68
CA GLY C 103 29.27 -23.29 -53.48
C GLY C 103 28.81 -23.02 -54.91
N SER C 104 29.12 -23.97 -55.80
CA SER C 104 28.58 -23.98 -57.17
C SER C 104 27.09 -24.31 -57.17
N LYS C 105 26.43 -24.08 -58.30
CA LYS C 105 25.02 -24.43 -58.49
C LYS C 105 24.79 -25.90 -58.13
N GLU C 106 25.79 -26.72 -58.46
CA GLU C 106 25.68 -28.18 -58.32
C GLU C 106 25.89 -28.61 -56.90
N GLN C 107 26.85 -27.99 -56.21
CA GLN C 107 27.10 -28.28 -54.82
C GLN C 107 25.88 -27.93 -53.96
N LYS C 108 25.24 -26.82 -54.28
CA LYS C 108 24.01 -26.37 -53.66
C LYS C 108 22.88 -27.38 -53.84
N GLN C 109 22.66 -27.82 -55.08
CA GLN C 109 21.63 -28.83 -55.35
C GLN C 109 21.87 -30.11 -54.53
N ALA C 110 23.11 -30.59 -54.52
CA ALA C 110 23.47 -31.84 -53.85
C ALA C 110 23.58 -31.73 -52.33
N TRP C 111 24.07 -30.61 -51.81
CA TRP C 111 24.46 -30.53 -50.38
C TRP C 111 23.66 -29.57 -49.48
N VAL C 112 22.84 -28.72 -50.10
CA VAL C 112 21.93 -27.82 -49.41
C VAL C 112 20.55 -28.47 -49.37
N THR C 113 19.96 -28.61 -50.56
CA THR C 113 18.55 -29.01 -50.71
C THR C 113 18.09 -30.23 -49.90
N PRO C 114 18.88 -31.31 -49.88
CA PRO C 114 18.50 -32.45 -49.02
C PRO C 114 18.70 -32.24 -47.51
N PHE C 115 19.28 -31.11 -47.12
CA PHE C 115 19.57 -30.81 -45.71
C PHE C 115 18.73 -29.62 -45.22
N THR C 116 17.59 -29.37 -45.86
CA THR C 116 16.78 -28.20 -45.54
C THR C 116 15.51 -28.52 -44.75
N SER C 117 15.17 -29.80 -44.62
CA SER C 117 13.84 -30.21 -44.15
C SER C 117 13.84 -31.06 -42.87
N GLY C 118 15.00 -31.30 -42.30
CA GLY C 118 15.09 -32.11 -41.10
C GLY C 118 15.24 -33.60 -41.38
N ASP C 119 15.20 -33.99 -42.65
CA ASP C 119 15.50 -35.37 -43.05
C ASP C 119 16.99 -35.67 -42.87
N LYS C 120 17.82 -34.69 -43.25
CA LYS C 120 19.27 -34.74 -42.99
C LYS C 120 19.75 -33.39 -42.45
N ILE C 121 20.76 -33.43 -41.58
CA ILE C 121 21.42 -32.23 -41.06
C ILE C 121 22.92 -32.34 -41.32
N GLY C 122 23.64 -31.23 -41.19
CA GLY C 122 25.10 -31.21 -41.38
C GLY C 122 25.90 -30.79 -40.15
N CYS C 123 27.20 -30.68 -40.33
CA CYS C 123 28.13 -30.27 -39.28
C CYS C 123 29.35 -29.55 -39.87
N PHE C 124 30.17 -28.98 -38.97
CA PHE C 124 31.23 -28.04 -39.31
C PHE C 124 32.45 -28.49 -38.55
N ALA C 125 33.53 -28.78 -39.25
CA ALA C 125 34.71 -29.37 -38.64
C ALA C 125 35.96 -28.56 -38.92
N LEU C 126 36.27 -27.67 -37.98
CA LEU C 126 37.43 -26.79 -38.06
C LEU C 126 38.45 -27.14 -36.96
N SER C 127 37.96 -27.24 -35.73
CA SER C 127 38.82 -27.50 -34.58
C SER C 127 39.47 -28.88 -34.62
N GLU C 128 40.62 -28.99 -33.97
CA GLU C 128 41.32 -30.24 -33.85
C GLU C 128 41.80 -30.37 -32.41
N PRO C 129 42.14 -31.60 -31.98
CA PRO C 129 42.53 -31.73 -30.58
C PRO C 129 43.62 -30.76 -30.10
N GLY C 130 44.57 -30.42 -30.96
CA GLY C 130 45.67 -29.53 -30.60
C GLY C 130 45.43 -28.06 -30.86
N ASN C 131 44.28 -27.72 -31.46
CA ASN C 131 43.98 -26.33 -31.80
C ASN C 131 42.49 -26.04 -32.05
N GLY C 132 41.95 -25.06 -31.31
CA GLY C 132 40.60 -24.54 -31.55
C GLY C 132 40.54 -23.03 -31.74
N SER C 133 41.22 -22.27 -30.88
CA SER C 133 41.33 -20.81 -31.03
C SER C 133 42.27 -20.50 -32.18
N ASP C 134 43.36 -21.23 -32.22
CA ASP C 134 44.37 -21.13 -33.26
C ASP C 134 43.93 -21.96 -34.45
N ALA C 135 42.92 -21.45 -35.15
CA ALA C 135 42.23 -22.16 -36.23
C ALA C 135 43.16 -22.55 -37.39
N GLY C 136 44.04 -21.63 -37.78
CA GLY C 136 44.95 -21.87 -38.91
C GLY C 136 45.99 -22.96 -38.71
N ALA C 137 46.15 -23.44 -37.46
CA ALA C 137 47.13 -24.51 -37.17
C ALA C 137 46.61 -25.94 -37.47
N ALA C 138 45.65 -26.06 -38.39
CA ALA C 138 45.11 -27.37 -38.80
C ALA C 138 46.19 -28.32 -39.30
N SER C 139 46.29 -29.50 -38.68
CA SER C 139 47.21 -30.57 -39.03
C SER C 139 46.55 -31.67 -39.84
N THR C 140 45.22 -31.65 -39.91
CA THR C 140 44.50 -32.53 -40.81
C THR C 140 44.85 -32.15 -42.26
N THR C 141 45.18 -33.15 -43.08
CA THR C 141 45.70 -32.91 -44.43
C THR C 141 44.76 -33.39 -45.53
N ALA C 142 44.70 -32.61 -46.60
CA ALA C 142 44.04 -33.01 -47.85
C ALA C 142 45.12 -33.07 -48.95
N ARG C 143 45.23 -34.22 -49.63
CA ARG C 143 46.21 -34.40 -50.71
C ARG C 143 45.48 -34.86 -51.96
N ALA C 144 45.70 -34.16 -53.08
CA ALA C 144 45.14 -34.59 -54.38
C ALA C 144 45.87 -35.84 -54.89
N GLU C 145 45.11 -36.86 -55.27
CA GLU C 145 45.65 -38.09 -55.84
C GLU C 145 44.63 -38.69 -56.79
N GLY C 146 44.87 -38.51 -58.09
CA GLY C 146 43.98 -39.04 -59.12
C GLY C 146 42.75 -38.16 -59.21
N ASP C 147 41.57 -38.79 -59.24
CA ASP C 147 40.29 -38.06 -59.23
C ASP C 147 39.79 -37.82 -57.78
N SER C 148 40.71 -37.76 -56.82
CA SER C 148 40.35 -37.67 -55.40
C SER C 148 41.27 -36.76 -54.55
N TRP C 149 40.66 -36.22 -53.49
CA TRP C 149 41.39 -35.65 -52.35
C TRP C 149 41.46 -36.75 -51.33
N VAL C 150 42.62 -36.92 -50.70
CA VAL C 150 42.75 -37.91 -49.64
C VAL C 150 42.94 -37.19 -48.30
N LEU C 151 42.02 -37.44 -47.37
CA LEU C 151 41.99 -36.74 -46.08
C LEU C 151 42.56 -37.59 -44.95
N ASN C 152 43.50 -37.01 -44.20
CA ASN C 152 44.05 -37.66 -43.02
C ASN C 152 44.11 -36.71 -41.84
N GLY C 153 43.50 -37.14 -40.73
CA GLY C 153 43.67 -36.46 -39.43
C GLY C 153 42.43 -36.51 -38.58
N THR C 154 42.49 -35.85 -37.41
CA THR C 154 41.35 -35.84 -36.48
C THR C 154 40.84 -34.43 -36.27
N LYS C 155 39.55 -34.22 -36.52
CA LYS C 155 38.86 -33.00 -36.11
C LYS C 155 38.24 -33.25 -34.74
N ALA C 156 38.18 -32.21 -33.91
CA ALA C 156 37.68 -32.33 -32.52
C ALA C 156 36.45 -31.44 -32.25
N TRP C 157 35.64 -31.86 -31.28
CA TRP C 157 34.50 -31.09 -30.77
C TRP C 157 33.37 -30.86 -31.77
N ILE C 158 33.08 -31.83 -32.63
CA ILE C 158 32.15 -31.55 -33.75
C ILE C 158 30.68 -31.76 -33.32
N THR C 159 29.94 -30.66 -33.24
CA THR C 159 28.52 -30.65 -32.94
C THR C 159 27.75 -31.30 -34.08
N ASN C 160 26.84 -32.20 -33.70
CA ASN C 160 26.01 -33.01 -34.62
C ASN C 160 26.76 -34.18 -35.27
N ALA C 161 27.95 -34.48 -34.77
CA ALA C 161 28.80 -35.52 -35.36
C ALA C 161 28.04 -36.85 -35.52
N TRP C 162 27.26 -37.22 -34.50
CA TRP C 162 26.57 -38.51 -34.50
C TRP C 162 25.27 -38.53 -35.28
N GLU C 163 24.74 -37.37 -35.64
CA GLU C 163 23.50 -37.30 -36.43
C GLU C 163 23.67 -36.75 -37.84
N ALA C 164 24.84 -36.17 -38.12
CA ALA C 164 25.06 -35.46 -39.40
C ALA C 164 25.20 -36.44 -40.58
N SER C 165 24.73 -36.04 -41.77
CA SER C 165 24.94 -36.82 -43.02
C SER C 165 26.01 -36.21 -43.92
N ALA C 166 26.61 -35.12 -43.46
CA ALA C 166 27.60 -34.35 -44.22
C ALA C 166 28.34 -33.37 -43.32
N ALA C 167 29.55 -33.04 -43.72
CA ALA C 167 30.39 -32.10 -43.01
C ALA C 167 31.14 -31.19 -43.96
N VAL C 168 31.18 -29.91 -43.63
CA VAL C 168 32.15 -28.99 -44.19
C VAL C 168 33.41 -29.15 -43.33
N VAL C 169 34.50 -29.62 -43.94
CA VAL C 169 35.73 -29.98 -43.27
C VAL C 169 36.89 -29.13 -43.81
N PHE C 170 37.70 -28.61 -42.89
CA PHE C 170 38.80 -27.72 -43.22
C PHE C 170 40.09 -28.50 -43.02
N ALA C 171 40.86 -28.60 -44.11
CA ALA C 171 42.08 -29.40 -44.14
C ALA C 171 43.24 -28.60 -44.75
N SER C 172 44.43 -28.84 -44.23
CA SER C 172 45.65 -28.24 -44.79
C SER C 172 46.05 -28.87 -46.13
N THR C 173 46.10 -28.04 -47.18
CA THR C 173 46.47 -28.47 -48.51
C THR C 173 47.90 -28.05 -48.90
N ASP C 174 48.59 -27.31 -48.02
CA ASP C 174 49.99 -26.91 -48.24
C ASP C 174 50.54 -26.16 -47.02
N SER C 181 46.75 -21.83 -47.40
CA SER C 181 47.15 -23.24 -47.24
C SER C 181 46.07 -24.17 -46.68
N ILE C 182 44.92 -23.63 -46.30
CA ILE C 182 43.81 -24.44 -45.83
C ILE C 182 42.71 -24.38 -46.88
N SER C 183 42.05 -25.50 -47.07
CA SER C 183 40.87 -25.56 -47.94
C SER C 183 39.65 -26.18 -47.23
N ALA C 184 38.46 -25.88 -47.76
CA ALA C 184 37.18 -26.46 -47.31
C ALA C 184 36.74 -27.61 -48.23
N PHE C 185 36.21 -28.68 -47.63
CA PHE C 185 35.71 -29.83 -48.38
C PHE C 185 34.32 -30.27 -47.91
N LEU C 186 33.47 -30.63 -48.87
CA LEU C 186 32.19 -31.29 -48.57
C LEU C 186 32.45 -32.80 -48.47
N VAL C 187 32.18 -33.37 -47.28
CA VAL C 187 32.42 -34.79 -46.99
C VAL C 187 31.10 -35.45 -46.61
N PRO C 188 30.71 -36.54 -47.31
CA PRO C 188 29.50 -37.26 -46.90
C PRO C 188 29.74 -38.08 -45.65
N MET C 189 28.67 -38.33 -44.90
CA MET C 189 28.77 -39.11 -43.65
C MET C 189 27.58 -40.09 -43.66
N PRO C 190 27.83 -41.41 -43.50
CA PRO C 190 29.14 -42.03 -43.39
C PRO C 190 29.87 -42.08 -44.74
N THR C 191 31.15 -42.40 -44.66
CA THR C 191 32.00 -42.55 -45.84
C THR C 191 33.23 -43.38 -45.43
N PRO C 192 33.75 -44.21 -46.36
CA PRO C 192 34.94 -45.01 -46.05
C PRO C 192 36.17 -44.18 -45.63
N GLY C 193 36.85 -44.60 -44.56
CA GLY C 193 37.98 -43.84 -44.02
C GLY C 193 37.64 -42.72 -43.04
N LEU C 194 36.35 -42.59 -42.71
CA LEU C 194 35.83 -41.68 -41.67
C LEU C 194 35.22 -42.49 -40.53
N THR C 195 35.75 -42.33 -39.33
CA THR C 195 35.15 -42.91 -38.14
C THR C 195 34.86 -41.78 -37.13
N LEU C 196 33.95 -42.07 -36.22
CA LEU C 196 33.53 -41.11 -35.21
C LEU C 196 34.22 -41.45 -33.90
N GLY C 197 34.67 -40.44 -33.18
CA GLY C 197 35.05 -40.61 -31.77
C GLY C 197 33.83 -40.83 -30.89
N LYS C 198 34.08 -41.13 -29.62
CA LYS C 198 33.02 -41.24 -28.61
C LYS C 198 32.38 -39.88 -28.34
N LYS C 199 31.10 -39.91 -28.03
CA LYS C 199 30.34 -38.71 -27.70
C LYS C 199 30.97 -38.10 -26.44
N GLU C 200 31.26 -36.80 -26.46
CA GLU C 200 31.75 -36.11 -25.26
C GLU C 200 30.67 -36.07 -24.19
N ASP C 201 31.10 -36.16 -22.93
CA ASP C 201 30.25 -36.03 -21.74
C ASP C 201 30.35 -34.58 -21.19
N LYS C 202 29.37 -33.77 -21.55
CA LYS C 202 29.40 -32.31 -21.37
C LYS C 202 28.67 -31.78 -20.11
N LEU C 203 29.13 -30.61 -19.64
CA LEU C 203 28.49 -29.89 -18.57
C LEU C 203 27.04 -29.51 -18.91
N GLY C 204 26.80 -29.15 -20.16
CA GLY C 204 25.49 -28.72 -20.62
C GLY C 204 25.37 -28.93 -22.13
N ILE C 205 24.37 -28.30 -22.75
CA ILE C 205 23.86 -28.67 -24.11
C ILE C 205 24.01 -30.17 -24.43
N ARG C 206 23.59 -30.99 -23.46
CA ARG C 206 23.84 -32.43 -23.47
C ARG C 206 23.08 -33.21 -24.54
N GLY C 207 21.96 -32.67 -25.01
CA GLY C 207 21.21 -33.27 -26.10
C GLY C 207 21.84 -33.21 -27.49
N SER C 208 22.78 -32.31 -27.69
CA SER C 208 23.53 -32.32 -28.95
C SER C 208 24.74 -33.25 -28.81
N SER C 209 25.07 -33.96 -29.89
CA SER C 209 26.30 -34.76 -29.90
C SER C 209 27.54 -33.90 -30.19
N THR C 210 28.65 -34.31 -29.58
CA THR C 210 29.94 -33.72 -29.79
C THR C 210 30.93 -34.88 -29.78
N ALA C 211 31.70 -34.98 -30.85
CA ALA C 211 32.61 -36.09 -31.06
C ALA C 211 33.65 -35.73 -32.10
N ASN C 212 34.80 -36.39 -31.99
CA ASN C 212 35.85 -36.31 -33.00
C ASN C 212 35.48 -36.94 -34.35
N LEU C 213 36.01 -36.37 -35.42
CA LEU C 213 35.95 -36.95 -36.77
C LEU C 213 37.34 -37.44 -37.14
N ILE C 214 37.47 -38.74 -37.44
CA ILE C 214 38.78 -39.38 -37.66
C ILE C 214 38.89 -39.86 -39.12
N PHE C 215 39.78 -39.18 -39.84
CA PHE C 215 40.08 -39.47 -41.24
C PHE C 215 41.38 -40.24 -41.31
N GLU C 216 41.29 -41.43 -41.91
CA GLU C 216 42.43 -42.27 -42.20
C GLU C 216 42.32 -42.68 -43.67
N ASP C 217 43.15 -42.04 -44.50
CA ASP C 217 43.13 -42.20 -45.95
C ASP C 217 41.71 -42.21 -46.50
N CYS C 218 40.93 -41.23 -46.07
CA CYS C 218 39.57 -41.03 -46.54
C CYS C 218 39.61 -40.32 -47.89
N ARG C 219 39.03 -40.95 -48.93
CA ARG C 219 39.02 -40.42 -50.29
C ARG C 219 37.67 -39.84 -50.61
N ILE C 220 37.68 -38.66 -51.21
CA ILE C 220 36.49 -37.98 -51.64
C ILE C 220 36.80 -37.41 -53.01
N PRO C 221 35.78 -37.28 -53.86
CA PRO C 221 36.03 -36.74 -55.20
C PRO C 221 36.62 -35.34 -55.23
N LYS C 222 37.30 -35.01 -56.34
CA LYS C 222 37.92 -33.68 -56.52
C LYS C 222 36.97 -32.48 -56.42
N ASP C 223 35.76 -32.58 -56.95
CA ASP C 223 34.81 -31.47 -56.87
C ASP C 223 34.15 -31.34 -55.46
N SER C 224 34.68 -32.07 -54.49
CA SER C 224 34.26 -31.94 -53.09
C SER C 224 34.80 -30.67 -52.43
N ILE C 225 35.81 -30.05 -53.07
CA ILE C 225 36.40 -28.81 -52.56
C ILE C 225 35.36 -27.72 -52.71
N LEU C 226 35.19 -26.94 -51.64
CA LEU C 226 34.27 -25.81 -51.60
C LEU C 226 35.13 -24.57 -51.86
N GLY C 227 34.79 -23.82 -52.90
CA GLY C 227 35.69 -22.74 -53.36
C GLY C 227 37.01 -23.23 -53.97
N GLU C 228 38.04 -22.40 -53.86
CA GLU C 228 39.36 -22.70 -54.43
C GLU C 228 40.32 -23.11 -53.33
N PRO C 229 41.35 -23.90 -53.69
CA PRO C 229 42.35 -24.28 -52.70
C PRO C 229 43.03 -23.07 -52.03
N GLY C 230 43.12 -23.09 -50.71
CA GLY C 230 43.65 -21.94 -49.97
C GLY C 230 42.56 -20.97 -49.49
N MET C 231 41.35 -21.03 -50.04
CA MET C 231 40.23 -20.21 -49.57
C MET C 231 39.70 -20.63 -48.19
N GLY C 232 40.19 -21.74 -47.64
CA GLY C 232 39.57 -22.35 -46.46
C GLY C 232 39.52 -21.43 -45.25
N PHE C 233 40.67 -20.85 -44.90
CA PHE C 233 40.75 -20.04 -43.71
C PHE C 233 39.77 -18.86 -43.79
N LYS C 234 39.64 -18.24 -44.98
CA LYS C 234 38.65 -17.20 -45.23
C LYS C 234 37.20 -17.71 -45.18
N ILE C 235 36.95 -18.89 -45.75
CA ILE C 235 35.64 -19.53 -45.65
C ILE C 235 35.29 -19.79 -44.17
N ALA C 236 36.23 -20.32 -43.41
CA ALA C 236 36.01 -20.61 -42.02
C ALA C 236 35.71 -19.34 -41.22
N MET C 237 36.45 -18.25 -41.48
CA MET C 237 36.32 -17.03 -40.69
C MET C 237 35.01 -16.33 -41.02
N GLN C 238 34.64 -16.29 -42.29
CA GLN C 238 33.38 -15.68 -42.67
C GLN C 238 32.18 -16.49 -42.21
N THR C 239 32.35 -17.80 -42.10
CA THR C 239 31.23 -18.65 -41.67
C THR C 239 30.99 -18.42 -40.17
N LEU C 240 32.08 -18.35 -39.41
CA LEU C 240 32.02 -18.04 -37.99
C LEU C 240 31.40 -16.66 -37.65
N ASP C 241 31.57 -15.66 -38.52
CA ASP C 241 30.89 -14.36 -38.38
C ASP C 241 29.38 -14.56 -38.34
N MET C 242 28.88 -15.37 -39.27
CA MET C 242 27.45 -15.68 -39.33
C MET C 242 27.04 -16.54 -38.13
N GLY C 243 27.81 -17.57 -37.85
CA GLY C 243 27.56 -18.45 -36.73
C GLY C 243 27.44 -17.72 -35.41
N ARG C 244 28.28 -16.69 -35.24
CA ARG C 244 28.35 -15.90 -34.02
C ARG C 244 27.04 -15.21 -33.69
N ILE C 245 26.27 -14.86 -34.72
CA ILE C 245 24.95 -14.29 -34.57
C ILE C 245 23.96 -15.34 -34.03
N GLY C 246 24.05 -16.56 -34.58
CA GLY C 246 23.27 -17.68 -34.10
C GLY C 246 23.52 -18.03 -32.66
N ILE C 247 24.79 -18.04 -32.28
CA ILE C 247 25.16 -18.33 -30.89
C ILE C 247 24.74 -17.19 -29.96
N ALA C 248 24.86 -15.94 -30.44
CA ALA C 248 24.34 -14.78 -29.69
C ALA C 248 22.84 -14.98 -29.41
N SER C 249 22.10 -15.42 -30.41
CA SER C 249 20.68 -15.63 -30.25
C SER C 249 20.36 -16.77 -29.29
N GLN C 250 21.18 -17.82 -29.32
CA GLN C 250 20.96 -18.95 -28.46
C GLN C 250 21.16 -18.49 -27.01
N ALA C 251 22.21 -17.69 -26.80
CA ALA C 251 22.54 -17.16 -25.50
C ALA C 251 21.42 -16.24 -24.99
N LEU C 252 20.83 -15.45 -25.88
CA LEU C 252 19.63 -14.67 -25.54
C LEU C 252 18.44 -15.50 -25.09
N GLY C 253 18.21 -16.64 -25.70
CA GLY C 253 17.11 -17.55 -25.32
C GLY C 253 17.33 -18.15 -23.94
N ILE C 254 18.57 -18.57 -23.69
CA ILE C 254 18.98 -19.10 -22.39
C ILE C 254 18.81 -18.08 -21.27
N ALA C 255 19.37 -16.89 -21.51
CA ALA C 255 19.18 -15.75 -20.61
C ALA C 255 17.69 -15.36 -20.42
N GLN C 256 16.91 -15.29 -21.50
CA GLN C 256 15.49 -14.93 -21.39
C GLN C 256 14.70 -15.91 -20.51
N THR C 257 14.92 -17.20 -20.73
CA THR C 257 14.24 -18.21 -19.97
C THR C 257 14.73 -18.25 -18.48
N ALA C 258 16.02 -18.00 -18.24
CA ALA C 258 16.52 -17.91 -16.87
C ALA C 258 15.88 -16.72 -16.08
N LEU C 259 15.78 -15.58 -16.76
CA LEU C 259 15.10 -14.40 -16.23
C LEU C 259 13.62 -14.66 -15.97
N ASP C 260 12.93 -15.31 -16.91
CA ASP C 260 11.53 -15.68 -16.74
C ASP C 260 11.34 -16.52 -15.50
N CYS C 261 12.24 -17.47 -15.31
CA CYS C 261 12.25 -18.35 -14.18
C CYS C 261 12.41 -17.58 -12.85
N ALA C 262 13.38 -16.67 -12.80
CA ALA C 262 13.61 -15.86 -11.60
C ALA C 262 12.39 -14.98 -11.24
N VAL C 263 11.75 -14.37 -12.24
CA VAL C 263 10.69 -13.41 -12.00
C VAL C 263 9.45 -14.11 -11.40
N ASN C 264 9.05 -15.21 -12.01
CA ASN C 264 7.92 -15.99 -11.54
C ASN C 264 8.14 -16.55 -10.14
N TYR C 265 9.35 -17.06 -9.93
CA TYR C 265 9.69 -17.56 -8.61
C TYR C 265 9.58 -16.48 -7.55
N ALA C 266 10.31 -15.39 -7.77
CA ALA C 266 10.40 -14.28 -6.83
C ALA C 266 9.06 -13.57 -6.55
N GLU C 267 8.14 -13.60 -7.51
CA GLU C 267 6.81 -13.06 -7.32
C GLU C 267 5.96 -13.91 -6.39
N ASN C 268 6.24 -15.22 -6.34
CA ASN C 268 5.41 -16.17 -5.59
C ASN C 268 6.03 -16.67 -4.28
N ARG C 269 7.35 -16.58 -4.16
CA ARG C 269 8.07 -16.89 -2.93
C ARG C 269 7.98 -15.75 -1.93
N MET C 270 7.56 -16.07 -0.72
CA MET C 270 7.36 -15.14 0.37
C MET C 270 8.54 -15.21 1.29
N ALA C 271 8.96 -14.08 1.80
CA ALA C 271 10.04 -14.07 2.81
C ALA C 271 9.88 -12.81 3.65
N PHE C 272 10.18 -12.95 4.94
CA PHE C 272 9.99 -11.85 5.89
C PHE C 272 8.68 -11.09 5.69
N GLY C 273 7.59 -11.82 5.42
CA GLY C 273 6.25 -11.24 5.30
C GLY C 273 5.69 -10.92 3.93
N ALA C 274 6.49 -11.01 2.86
CA ALA C 274 6.05 -10.55 1.52
C ALA C 274 6.79 -11.25 0.36
N PRO C 275 6.31 -11.09 -0.89
CA PRO C 275 7.06 -11.64 -2.05
C PRO C 275 8.49 -11.16 -2.07
N LEU C 276 9.38 -11.99 -2.61
CA LEU C 276 10.80 -11.58 -2.75
C LEU C 276 10.94 -10.30 -3.58
N THR C 277 10.03 -10.09 -4.52
CA THR C 277 10.04 -8.89 -5.37
C THR C 277 9.73 -7.55 -4.66
N LYS C 278 9.37 -7.61 -3.37
CA LYS C 278 9.30 -6.42 -2.49
C LYS C 278 10.66 -6.02 -1.93
N LEU C 279 11.61 -6.94 -1.91
CA LEU C 279 12.97 -6.63 -1.49
C LEU C 279 13.74 -5.86 -2.57
N GLN C 280 14.28 -4.71 -2.18
CA GLN C 280 15.11 -3.85 -3.04
C GLN C 280 16.22 -4.58 -3.80
N VAL C 281 16.98 -5.37 -3.07
CA VAL C 281 18.11 -6.08 -3.66
C VAL C 281 17.66 -7.04 -4.76
N ILE C 282 16.52 -7.68 -4.56
CA ILE C 282 15.94 -8.55 -5.60
C ILE C 282 15.55 -7.77 -6.86
N GLN C 283 14.94 -6.60 -6.64
CA GLN C 283 14.51 -5.73 -7.75
C GLN C 283 15.72 -5.29 -8.59
N PHE C 284 16.78 -4.93 -7.89
CA PHE C 284 18.08 -4.59 -8.47
C PHE C 284 18.74 -5.71 -9.29
N LYS C 285 18.79 -6.92 -8.74
CA LYS C 285 19.24 -8.12 -9.48
C LYS C 285 18.45 -8.23 -10.79
N LEU C 286 17.14 -8.19 -10.65
CA LEU C 286 16.26 -8.33 -11.80
C LEU C 286 16.45 -7.21 -12.82
N ALA C 287 16.66 -5.97 -12.35
CA ALA C 287 16.81 -4.84 -13.27
C ALA C 287 18.12 -5.00 -14.04
N ASP C 288 19.19 -5.40 -13.36
CA ASP C 288 20.47 -5.65 -14.01
C ASP C 288 20.42 -6.80 -15.03
N MET C 289 19.71 -7.85 -14.66
CA MET C 289 19.42 -8.95 -15.56
C MET C 289 18.73 -8.49 -16.83
N ALA C 290 17.65 -7.72 -16.66
CA ALA C 290 16.89 -7.20 -17.79
C ALA C 290 17.73 -6.25 -18.68
N LEU C 291 18.52 -5.38 -18.06
CA LEU C 291 19.41 -4.48 -18.79
C LEU C 291 20.42 -5.25 -19.62
N ALA C 292 21.10 -6.22 -19.01
CA ALA C 292 22.11 -6.99 -19.74
C ALA C 292 21.52 -7.74 -20.94
N LEU C 293 20.28 -8.19 -20.81
CA LEU C 293 19.67 -9.04 -21.78
C LEU C 293 19.18 -8.22 -22.98
N GLU C 294 18.55 -7.09 -22.67
CA GLU C 294 17.96 -6.23 -23.70
C GLU C 294 19.06 -5.57 -24.53
N SER C 295 20.13 -5.19 -23.84
CA SER C 295 21.32 -4.65 -24.44
C SER C 295 21.98 -5.66 -25.43
N ALA C 296 22.10 -6.91 -25.00
CA ALA C 296 22.68 -7.99 -25.80
C ALA C 296 21.80 -8.25 -27.02
N ARG C 297 20.50 -8.17 -26.81
CA ARG C 297 19.56 -8.39 -27.88
C ARG C 297 19.71 -7.34 -28.99
N LEU C 298 19.76 -6.07 -28.62
CA LEU C 298 19.92 -5.00 -29.63
C LEU C 298 21.22 -5.14 -30.42
N LEU C 299 22.32 -5.51 -29.75
CA LEU C 299 23.58 -5.80 -30.43
C LEU C 299 23.45 -6.95 -31.42
N THR C 300 22.63 -7.95 -31.08
CA THR C 300 22.43 -9.09 -31.94
C THR C 300 21.66 -8.71 -33.17
N TRP C 301 20.56 -8.00 -32.96
CA TRP C 301 19.71 -7.54 -34.07
C TRP C 301 20.47 -6.60 -35.01
N ARG C 302 21.26 -5.69 -34.45
CA ARG C 302 22.18 -4.87 -35.26
C ARG C 302 23.06 -5.72 -36.23
N ALA C 303 23.74 -6.72 -35.68
CA ALA C 303 24.61 -7.62 -36.45
C ALA C 303 23.80 -8.37 -37.50
N ALA C 304 22.64 -8.88 -37.13
CA ALA C 304 21.72 -9.50 -38.11
C ALA C 304 21.32 -8.58 -39.26
N MET C 305 20.91 -7.36 -38.92
CA MET C 305 20.42 -6.43 -39.94
C MET C 305 21.53 -5.96 -40.89
N LEU C 306 22.74 -5.81 -40.37
CA LEU C 306 23.90 -5.48 -41.17
C LEU C 306 24.17 -6.58 -42.18
N LYS C 307 24.22 -7.83 -41.71
CA LYS C 307 24.41 -8.97 -42.59
C LYS C 307 23.30 -8.95 -43.67
N ASP C 308 22.04 -8.76 -43.27
CA ASP C 308 20.91 -8.73 -44.24
C ASP C 308 20.95 -7.58 -45.26
N ASN C 309 21.67 -6.51 -44.93
CA ASN C 309 21.83 -5.38 -45.85
C ASN C 309 23.17 -5.38 -46.56
N LYS C 310 23.81 -6.56 -46.59
CA LYS C 310 25.10 -6.80 -47.24
C LYS C 310 26.18 -5.78 -46.80
N LYS C 311 26.11 -5.37 -45.53
CA LYS C 311 27.11 -4.50 -44.95
C LYS C 311 28.03 -5.35 -44.08
N PRO C 312 29.25 -4.85 -43.79
CA PRO C 312 30.20 -5.55 -42.90
C PRO C 312 29.68 -5.66 -41.48
N PHE C 313 29.96 -6.81 -40.84
CA PHE C 313 29.38 -7.12 -39.53
C PHE C 313 30.29 -7.93 -38.61
N ILE C 314 31.57 -8.02 -38.95
CA ILE C 314 32.52 -8.84 -38.19
C ILE C 314 32.61 -8.36 -36.75
N LYS C 315 32.80 -7.06 -36.57
CA LYS C 315 32.96 -6.48 -35.23
C LYS C 315 31.63 -6.63 -34.52
N GLU C 316 30.56 -6.38 -35.25
CA GLU C 316 29.22 -6.36 -34.67
C GLU C 316 28.76 -7.73 -34.17
N ALA C 317 29.13 -8.80 -34.89
CA ALA C 317 28.78 -10.17 -34.53
C ALA C 317 29.57 -10.61 -33.32
N ALA C 318 30.84 -10.22 -33.30
CA ALA C 318 31.71 -10.51 -32.17
C ALA C 318 31.20 -9.85 -30.88
N MET C 319 30.77 -8.60 -30.99
CA MET C 319 30.16 -7.86 -29.86
C MET C 319 28.89 -8.51 -29.38
N ALA C 320 27.99 -8.88 -30.29
CA ALA C 320 26.75 -9.55 -29.93
C ALA C 320 27.00 -10.91 -29.20
N LYS C 321 27.92 -11.72 -29.73
CA LYS C 321 28.18 -13.03 -29.20
C LYS C 321 28.78 -12.89 -27.81
N LEU C 322 29.75 -12.00 -27.70
CA LEU C 322 30.39 -11.63 -26.46
C LEU C 322 29.38 -11.10 -25.43
N ALA C 323 28.60 -10.06 -25.76
CA ALA C 323 27.62 -9.51 -24.84
C ALA C 323 26.57 -10.56 -24.41
N ALA C 324 26.04 -11.31 -25.37
CA ALA C 324 24.96 -12.26 -25.06
C ALA C 324 25.46 -13.43 -24.18
N SER C 325 26.64 -13.94 -24.47
CA SER C 325 27.15 -15.10 -23.79
C SER C 325 27.45 -14.76 -22.35
N GLU C 326 28.01 -13.57 -22.11
CA GLU C 326 28.34 -13.15 -20.77
C GLU C 326 27.07 -12.76 -20.02
N ALA C 327 26.07 -12.19 -20.70
CA ALA C 327 24.77 -12.01 -20.08
C ALA C 327 24.11 -13.32 -19.68
N ALA C 328 24.14 -14.32 -20.57
CA ALA C 328 23.55 -15.62 -20.31
C ALA C 328 24.16 -16.24 -19.04
N THR C 329 25.47 -16.14 -18.88
CA THR C 329 26.15 -16.68 -17.68
C THR C 329 25.84 -15.89 -16.37
N ALA C 330 25.97 -14.56 -16.41
CA ALA C 330 25.52 -13.68 -15.34
C ALA C 330 24.06 -13.86 -14.92
N ILE C 331 23.15 -13.90 -15.89
CA ILE C 331 21.73 -13.94 -15.62
C ILE C 331 21.35 -15.28 -15.01
N SER C 332 21.92 -16.34 -15.56
CA SER C 332 21.64 -17.70 -15.11
C SER C 332 22.15 -17.91 -13.68
N HIS C 333 23.33 -17.38 -13.37
CA HIS C 333 23.88 -17.37 -12.00
C HIS C 333 22.91 -16.69 -11.01
N GLN C 334 22.38 -15.54 -11.40
CA GLN C 334 21.50 -14.77 -10.55
C GLN C 334 20.10 -15.35 -10.40
N ALA C 335 19.65 -16.04 -11.43
CA ALA C 335 18.46 -16.89 -11.32
C ALA C 335 18.62 -18.00 -10.24
N ILE C 336 19.75 -18.70 -10.24
CA ILE C 336 20.00 -19.67 -9.21
C ILE C 336 19.91 -18.92 -7.84
N GLN C 337 20.54 -17.76 -7.75
CA GLN C 337 20.66 -17.07 -6.48
C GLN C 337 19.29 -16.65 -5.91
N ILE C 338 18.42 -16.19 -6.80
CA ILE C 338 17.09 -15.75 -6.44
C ILE C 338 16.19 -16.88 -5.99
N LEU C 339 16.33 -18.04 -6.65
CA LEU C 339 15.65 -19.28 -6.27
C LEU C 339 16.15 -19.85 -4.95
N GLY C 340 17.37 -19.50 -4.56
CA GLY C 340 17.98 -20.04 -3.33
C GLY C 340 18.35 -21.53 -3.44
N GLY C 341 17.99 -22.32 -2.41
CA GLY C 341 18.12 -23.78 -2.44
C GLY C 341 17.49 -24.39 -3.69
N MET C 342 16.31 -23.91 -4.04
CA MET C 342 15.60 -24.42 -5.21
C MET C 342 16.44 -24.24 -6.49
N GLY C 343 17.31 -23.23 -6.48
CA GLY C 343 18.27 -22.98 -7.58
C GLY C 343 19.32 -24.07 -7.80
N TYR C 344 19.61 -24.84 -6.76
CA TYR C 344 20.68 -25.84 -6.81
C TYR C 344 20.24 -27.27 -7.16
N VAL C 345 18.94 -27.51 -7.29
CA VAL C 345 18.44 -28.85 -7.54
C VAL C 345 17.71 -28.93 -8.87
N THR C 346 17.63 -30.14 -9.43
CA THR C 346 17.07 -30.39 -10.78
C THR C 346 15.55 -30.32 -10.80
N GLU C 347 14.93 -30.16 -9.64
CA GLU C 347 13.50 -29.82 -9.52
C GLU C 347 13.11 -28.55 -10.29
N MET C 348 14.01 -27.57 -10.33
CA MET C 348 13.80 -26.33 -11.04
C MET C 348 14.78 -26.27 -12.22
N PRO C 349 14.45 -25.48 -13.28
CA PRO C 349 15.29 -25.41 -14.49
C PRO C 349 16.54 -24.52 -14.40
N ALA C 350 16.70 -23.78 -13.30
CA ALA C 350 17.76 -22.78 -13.20
C ALA C 350 19.17 -23.36 -13.29
N GLU C 351 19.41 -24.49 -12.62
CA GLU C 351 20.74 -25.09 -12.67
C GLU C 351 21.13 -25.58 -14.10
N ARG C 352 20.15 -26.06 -14.89
CA ARG C 352 20.38 -26.37 -16.27
C ARG C 352 20.74 -25.11 -17.10
N HIS C 353 20.05 -24.00 -16.83
CA HIS C 353 20.39 -22.76 -17.49
C HIS C 353 21.83 -22.33 -17.26
N TYR C 354 22.31 -22.46 -16.04
CA TYR C 354 23.69 -22.09 -15.69
C TYR C 354 24.68 -22.98 -16.47
N ARG C 355 24.30 -24.25 -16.66
CA ARG C 355 25.15 -25.23 -17.36
C ARG C 355 25.22 -25.00 -18.89
N ASP C 356 24.07 -24.73 -19.52
CA ASP C 356 23.97 -24.44 -20.93
C ASP C 356 24.60 -23.12 -21.31
N ALA C 357 24.34 -22.08 -20.48
CA ALA C 357 24.90 -20.76 -20.65
C ALA C 357 26.41 -20.81 -20.80
N ARG C 358 27.05 -21.67 -20.01
CA ARG C 358 28.49 -21.68 -19.91
C ARG C 358 29.23 -21.98 -21.23
N ILE C 359 28.61 -22.71 -22.16
CA ILE C 359 29.27 -23.05 -23.43
C ILE C 359 29.32 -21.85 -24.39
N THR C 360 28.36 -20.93 -24.27
CA THR C 360 28.27 -19.78 -25.16
C THR C 360 29.51 -18.85 -25.07
N GLU C 361 30.24 -18.93 -23.96
CA GLU C 361 31.48 -18.15 -23.76
C GLU C 361 32.71 -18.83 -24.40
N ILE C 362 32.54 -20.06 -24.86
CA ILE C 362 33.65 -20.87 -25.33
C ILE C 362 33.58 -21.05 -26.85
N TYR C 363 32.47 -21.61 -27.32
CA TYR C 363 32.48 -22.08 -28.69
C TYR C 363 32.15 -20.97 -29.68
N GLU C 364 32.49 -21.23 -30.94
CA GLU C 364 32.53 -20.23 -32.01
C GLU C 364 33.45 -19.04 -31.69
N GLY C 365 34.55 -19.34 -31.02
CA GLY C 365 35.53 -18.35 -30.63
C GLY C 365 35.30 -17.94 -29.21
N THR C 366 36.28 -18.20 -28.36
CA THR C 366 36.13 -17.87 -26.95
C THR C 366 35.90 -16.35 -26.78
N SER C 367 35.50 -15.95 -25.59
CA SER C 367 35.35 -14.53 -25.24
C SER C 367 36.63 -13.73 -25.51
N GLU C 368 37.77 -14.31 -25.13
CA GLU C 368 39.08 -13.76 -25.38
C GLU C 368 39.31 -13.46 -26.88
N ILE C 369 39.00 -14.45 -27.71
CA ILE C 369 39.12 -14.30 -29.14
C ILE C 369 38.21 -13.16 -29.62
N GLN C 370 36.96 -13.14 -29.16
CA GLN C 370 35.99 -12.08 -29.50
C GLN C 370 36.54 -10.69 -29.19
N ARG C 371 37.13 -10.50 -28.01
CA ARG C 371 37.73 -9.22 -27.67
C ARG C 371 38.86 -8.83 -28.63
N LEU C 372 39.63 -9.82 -29.07
CA LEU C 372 40.77 -9.57 -29.96
C LEU C 372 40.25 -9.16 -31.32
N VAL C 373 39.15 -9.77 -31.73
CA VAL C 373 38.49 -9.44 -32.99
C VAL C 373 37.94 -8.00 -32.95
N ILE C 374 37.21 -7.67 -31.89
CA ILE C 374 36.64 -6.33 -31.75
C ILE C 374 37.75 -5.26 -31.73
N ALA C 375 38.77 -5.46 -30.90
CA ALA C 375 39.92 -4.55 -30.78
C ALA C 375 40.61 -4.35 -32.13
N GLY C 376 40.79 -5.42 -32.88
CA GLY C 376 41.45 -5.35 -34.18
C GLY C 376 40.68 -4.47 -35.15
N HIS C 377 39.37 -4.65 -35.16
CA HIS C 377 38.51 -3.86 -36.03
C HIS C 377 38.36 -2.43 -35.58
N LEU C 378 38.41 -2.22 -34.27
CA LEU C 378 38.37 -0.89 -33.71
C LEU C 378 39.62 -0.15 -34.17
N LEU C 379 40.78 -0.74 -33.94
CA LEU C 379 42.04 -0.11 -34.32
C LEU C 379 42.22 0.11 -35.84
N ARG C 380 41.71 -0.80 -36.67
CA ARG C 380 41.76 -0.62 -38.12
C ARG C 380 40.90 0.56 -38.56
N SER C 381 39.73 0.70 -37.95
CA SER C 381 38.83 1.80 -38.27
C SER C 381 39.47 3.17 -37.99
N TYR C 382 40.20 3.29 -36.88
CA TYR C 382 40.83 4.55 -36.53
C TYR C 382 42.02 4.82 -37.47
N ARG C 383 42.74 3.77 -37.88
CA ARG C 383 43.89 3.91 -38.79
C ARG C 383 43.49 4.36 -40.18
N SER C 384 42.34 3.86 -40.60
CA SER C 384 41.72 4.28 -41.86
C SER C 384 41.33 5.76 -41.83
N ALA C 385 40.70 6.18 -40.74
CA ALA C 385 40.30 7.57 -40.55
C ALA C 385 41.51 8.52 -40.51
N GLU C 386 42.58 8.08 -39.86
CA GLU C 386 43.86 8.80 -39.86
C GLU C 386 44.48 8.95 -41.25
N ASN C 387 44.43 7.90 -42.06
CA ASN C 387 45.05 7.92 -43.40
C ASN C 387 44.38 8.89 -44.36
N LEU C 388 43.07 9.10 -44.21
CA LEU C 388 42.36 9.99 -45.11
C LEU C 388 42.95 11.39 -45.12
N TYR C 389 43.58 11.79 -44.02
CA TYR C 389 44.31 13.05 -43.94
C TYR C 389 45.53 13.08 -44.89
N PHE C 390 46.08 11.89 -45.19
CA PHE C 390 47.30 11.76 -46.01
C PHE C 390 47.08 10.96 -47.29
N LEU D 6 52.59 -19.49 10.00
CA LEU D 6 51.91 -20.66 10.65
C LEU D 6 52.83 -21.32 11.69
N PRO D 7 52.30 -21.63 12.89
CA PRO D 7 53.01 -22.48 13.87
C PRO D 7 53.49 -23.81 13.26
N GLU D 8 54.60 -24.35 13.78
CA GLU D 8 55.12 -25.64 13.33
C GLU D 8 54.03 -26.71 13.32
N THR D 9 53.19 -26.70 14.37
CA THR D 9 52.13 -27.70 14.52
C THR D 9 51.05 -27.58 13.43
N HIS D 10 50.72 -26.35 13.07
CA HIS D 10 49.76 -26.09 11.99
C HIS D 10 50.36 -26.39 10.60
N GLN D 11 51.69 -26.30 10.49
CA GLN D 11 52.41 -26.72 9.28
C GLN D 11 52.36 -28.24 9.11
N MET D 12 52.55 -28.97 10.20
CA MET D 12 52.50 -30.43 10.15
C MET D 12 51.07 -30.95 9.91
N LEU D 13 50.08 -30.23 10.41
CA LEU D 13 48.68 -30.56 10.13
C LEU D 13 48.39 -30.37 8.65
N LEU D 14 48.81 -29.23 8.10
CA LEU D 14 48.52 -28.92 6.69
C LEU D 14 49.04 -30.07 5.80
N GLN D 15 50.29 -30.50 6.05
CA GLN D 15 50.91 -31.58 5.29
C GLN D 15 50.21 -32.93 5.47
N THR D 16 49.85 -33.26 6.71
CA THR D 16 49.06 -34.47 6.99
C THR D 16 47.79 -34.50 6.15
N CYS D 17 47.07 -33.38 6.19
CA CYS D 17 45.84 -33.23 5.42
C CYS D 17 46.08 -33.25 3.91
N ARG D 18 47.10 -32.54 3.45
CA ARG D 18 47.46 -32.56 2.03
C ARG D 18 47.77 -33.99 1.59
N ASP D 19 48.62 -34.67 2.35
CA ASP D 19 48.97 -36.06 2.06
C ASP D 19 47.74 -36.97 2.07
N PHE D 20 46.80 -36.73 2.98
CA PHE D 20 45.59 -37.56 3.05
C PHE D 20 44.69 -37.31 1.83
N ALA D 21 44.43 -36.05 1.52
CA ALA D 21 43.60 -35.71 0.36
C ALA D 21 44.17 -36.31 -0.95
N GLU D 22 45.47 -36.17 -1.16
CA GLU D 22 46.12 -36.69 -2.37
C GLU D 22 46.00 -38.22 -2.50
N LYS D 23 46.18 -38.92 -1.39
CA LYS D 23 46.08 -40.36 -1.40
C LYS D 23 44.64 -40.84 -1.46
N GLU D 24 43.75 -40.20 -0.69
CA GLU D 24 42.45 -40.81 -0.39
C GLU D 24 41.26 -40.14 -1.05
N LEU D 25 41.37 -38.84 -1.31
CA LEU D 25 40.24 -38.09 -1.87
C LEU D 25 40.34 -37.78 -3.35
N PHE D 26 41.49 -37.31 -3.81
CA PHE D 26 41.67 -37.01 -5.25
C PHE D 26 41.30 -38.19 -6.19
N PRO D 27 41.72 -39.42 -5.83
CA PRO D 27 41.37 -40.57 -6.67
C PRO D 27 39.88 -40.94 -6.69
N ILE D 28 39.11 -40.60 -5.66
CA ILE D 28 37.67 -40.89 -5.64
C ILE D 28 36.75 -39.74 -6.03
N ALA D 29 37.26 -38.51 -6.11
CA ALA D 29 36.38 -37.33 -6.32
C ALA D 29 35.41 -37.45 -7.50
N ALA D 30 35.94 -37.90 -8.64
CA ALA D 30 35.10 -37.99 -9.86
C ALA D 30 33.93 -38.96 -9.70
N GLN D 31 34.20 -40.12 -9.10
CA GLN D 31 33.18 -41.16 -8.91
C GLN D 31 32.09 -40.73 -7.91
N VAL D 32 32.53 -40.13 -6.78
CA VAL D 32 31.62 -39.59 -5.77
C VAL D 32 30.62 -38.65 -6.42
N ASP D 33 31.16 -37.73 -7.21
CA ASP D 33 30.36 -36.75 -7.91
C ASP D 33 29.45 -37.38 -8.96
N LYS D 34 30.00 -38.27 -9.78
CA LYS D 34 29.24 -38.93 -10.83
C LYS D 34 28.08 -39.79 -10.30
N GLU D 35 28.37 -40.58 -9.27
CA GLU D 35 27.40 -41.53 -8.74
C GLU D 35 26.53 -41.01 -7.57
N HIS D 36 26.77 -39.78 -7.12
CA HIS D 36 26.09 -39.22 -5.92
C HIS D 36 26.34 -40.14 -4.74
N LEU D 37 27.61 -40.46 -4.52
CA LEU D 37 27.98 -41.57 -3.66
C LEU D 37 28.67 -41.09 -2.40
N PHE D 38 28.08 -41.41 -1.26
CA PHE D 38 28.62 -41.02 0.03
C PHE D 38 29.97 -41.66 0.25
N PRO D 39 31.00 -40.87 0.56
CA PRO D 39 32.36 -41.39 0.73
C PRO D 39 32.63 -42.03 2.10
N ALA D 40 31.84 -43.06 2.39
CA ALA D 40 31.76 -43.66 3.72
C ALA D 40 33.11 -44.13 4.27
N ALA D 41 33.92 -44.81 3.45
CA ALA D 41 35.20 -45.36 3.93
C ALA D 41 36.19 -44.26 4.24
N GLN D 42 36.16 -43.20 3.43
CA GLN D 42 37.10 -42.10 3.62
C GLN D 42 36.72 -41.25 4.84
N VAL D 43 35.43 -41.09 5.08
CA VAL D 43 34.95 -40.35 6.25
C VAL D 43 35.38 -41.03 7.56
N LYS D 44 35.24 -42.36 7.59
CA LYS D 44 35.67 -43.18 8.72
C LYS D 44 37.17 -43.02 8.94
N LYS D 45 37.96 -43.02 7.86
CA LYS D 45 39.39 -42.76 7.98
C LYS D 45 39.69 -41.36 8.54
N MET D 46 38.99 -40.35 8.03
CA MET D 46 39.06 -38.98 8.60
C MET D 46 38.67 -38.91 10.08
N GLY D 47 37.60 -39.64 10.43
CA GLY D 47 37.22 -39.86 11.81
C GLY D 47 38.40 -40.26 12.68
N GLY D 48 39.11 -41.31 12.27
CA GLY D 48 40.28 -41.81 13.00
C GLY D 48 41.42 -40.83 13.12
N LEU D 49 41.54 -39.91 12.16
CA LEU D 49 42.59 -38.88 12.22
C LEU D 49 42.20 -37.64 13.05
N GLY D 50 40.98 -37.60 13.58
CA GLY D 50 40.53 -36.46 14.38
C GLY D 50 39.87 -35.32 13.60
N LEU D 51 39.65 -35.52 12.30
CA LEU D 51 39.23 -34.43 11.41
C LEU D 51 37.75 -34.13 11.49
N LEU D 52 36.96 -35.08 12.00
CA LEU D 52 35.53 -34.82 12.21
C LEU D 52 35.24 -34.20 13.60
N ALA D 53 36.28 -34.00 14.43
CA ALA D 53 36.12 -33.34 15.75
C ALA D 53 37.37 -32.57 16.18
N MET D 54 37.71 -31.54 15.42
CA MET D 54 39.01 -30.90 15.54
C MET D 54 39.15 -30.00 16.77
N ASP D 55 38.07 -29.28 17.07
CA ASP D 55 38.01 -28.29 18.13
C ASP D 55 37.34 -28.90 19.36
N VAL D 56 37.24 -30.23 19.40
CA VAL D 56 36.70 -30.94 20.55
C VAL D 56 37.85 -31.34 21.49
N PRO D 57 37.68 -31.10 22.79
CA PRO D 57 38.76 -31.50 23.72
C PRO D 57 39.04 -33.00 23.64
N GLU D 58 40.31 -33.39 23.77
CA GLU D 58 40.67 -34.80 23.69
C GLU D 58 39.90 -35.63 24.70
N GLU D 59 39.66 -35.09 25.90
CA GLU D 59 38.97 -35.84 26.95
C GLU D 59 37.53 -36.21 26.56
N LEU D 60 36.98 -35.52 25.56
CA LEU D 60 35.68 -35.88 24.98
C LEU D 60 35.86 -36.69 23.67
N GLY D 61 37.12 -36.91 23.32
CA GLY D 61 37.50 -37.74 22.20
C GLY D 61 37.79 -37.00 20.91
N GLY D 62 38.01 -35.69 21.01
CA GLY D 62 38.36 -34.84 19.85
C GLY D 62 39.85 -34.66 19.69
N ALA D 63 40.27 -33.89 18.68
CA ALA D 63 41.70 -33.65 18.43
C ALA D 63 42.34 -32.60 19.36
N GLY D 64 41.53 -31.81 20.05
CA GLY D 64 42.08 -30.77 20.94
C GLY D 64 42.81 -29.65 20.23
N LEU D 65 42.47 -29.40 18.96
CA LEU D 65 43.08 -28.32 18.16
C LEU D 65 42.19 -27.08 18.23
N ASP D 66 42.38 -26.14 17.31
CA ASP D 66 41.63 -24.87 17.35
C ASP D 66 40.96 -24.61 16.00
N TYR D 67 40.31 -23.46 15.87
CA TYR D 67 39.62 -23.15 14.61
C TYR D 67 40.54 -22.74 13.46
N LEU D 68 41.76 -22.31 13.75
CA LEU D 68 42.73 -22.05 12.70
C LEU D 68 43.12 -23.37 12.05
N ALA D 69 43.36 -24.39 12.87
CA ALA D 69 43.72 -25.72 12.41
C ALA D 69 42.60 -26.31 11.61
N TYR D 70 41.38 -26.07 12.09
CA TYR D 70 40.18 -26.52 11.42
C TYR D 70 40.05 -25.94 10.02
N ALA D 71 40.25 -24.62 9.89
CA ALA D 71 40.13 -23.97 8.59
C ALA D 71 41.18 -24.46 7.59
N ILE D 72 42.40 -24.70 8.08
CA ILE D 72 43.47 -25.26 7.27
C ILE D 72 43.22 -26.67 6.76
N ALA D 73 42.82 -27.55 7.68
CA ALA D 73 42.44 -28.92 7.38
C ALA D 73 41.25 -28.93 6.44
N MET D 74 40.30 -28.06 6.72
CA MET D 74 39.08 -27.98 5.91
C MET D 74 39.37 -27.58 4.45
N GLU D 75 40.33 -26.68 4.28
CA GLU D 75 40.79 -26.27 2.96
C GLU D 75 41.47 -27.42 2.19
N GLU D 76 42.39 -28.12 2.84
CA GLU D 76 43.07 -29.25 2.23
C GLU D 76 42.11 -30.39 1.87
N ILE D 77 41.16 -30.71 2.75
CA ILE D 77 40.16 -31.74 2.44
C ILE D 77 39.32 -31.41 1.22
N SER D 78 38.87 -30.16 1.14
CA SER D 78 37.93 -29.73 0.11
C SER D 78 38.62 -29.56 -1.25
N ARG D 79 39.89 -29.20 -1.20
CA ARG D 79 40.79 -29.25 -2.35
C ARG D 79 40.76 -30.63 -2.99
N GLY D 80 40.80 -31.68 -2.15
CA GLY D 80 40.65 -33.07 -2.58
C GLY D 80 39.23 -33.49 -2.99
N CYS D 81 38.22 -33.26 -2.15
CA CYS D 81 36.82 -33.58 -2.52
C CYS D 81 35.85 -32.62 -1.79
N ALA D 82 35.07 -31.85 -2.55
CA ALA D 82 34.22 -30.85 -1.93
C ALA D 82 33.12 -31.46 -1.03
N SER D 83 32.61 -32.64 -1.40
CA SER D 83 31.54 -33.30 -0.64
C SER D 83 32.03 -33.76 0.73
N THR D 84 33.19 -34.39 0.74
CA THR D 84 33.86 -34.80 1.96
C THR D 84 34.06 -33.57 2.85
N GLY D 85 34.45 -32.46 2.22
CA GLY D 85 34.49 -31.14 2.86
C GLY D 85 33.20 -30.73 3.61
N VAL D 86 32.05 -30.70 2.95
CA VAL D 86 30.85 -30.25 3.63
C VAL D 86 30.46 -31.26 4.76
N ILE D 87 30.72 -32.56 4.53
CA ILE D 87 30.36 -33.59 5.51
C ILE D 87 31.16 -33.35 6.79
N MET D 88 32.45 -33.08 6.63
CA MET D 88 33.36 -32.79 7.74
C MET D 88 32.95 -31.50 8.44
N SER D 89 32.51 -30.51 7.65
CA SER D 89 32.16 -29.22 8.22
C SER D 89 30.84 -29.25 9.01
N VAL D 90 29.82 -29.91 8.45
CA VAL D 90 28.58 -30.09 9.17
C VAL D 90 28.80 -30.78 10.53
N ASN D 91 29.56 -31.87 10.55
CA ASN D 91 29.84 -32.56 11.82
C ASN D 91 30.56 -31.68 12.81
N ASN D 92 31.64 -31.04 12.36
CA ASN D 92 32.45 -30.18 13.23
C ASN D 92 31.69 -28.96 13.76
N SER D 93 31.14 -28.16 12.86
CA SER D 93 30.67 -26.84 13.21
C SER D 93 29.18 -26.82 13.55
N LEU D 94 28.37 -27.50 12.75
CA LEU D 94 26.94 -27.39 12.89
C LEU D 94 26.36 -28.39 13.88
N TYR D 95 26.96 -29.58 14.01
CA TYR D 95 26.46 -30.60 14.94
C TYR D 95 27.21 -30.53 16.27
N LEU D 96 28.51 -30.78 16.21
CA LEU D 96 29.29 -30.87 17.43
C LEU D 96 29.41 -29.49 18.08
N GLY D 97 29.51 -28.44 17.25
CA GLY D 97 29.73 -27.09 17.74
C GLY D 97 28.71 -26.55 18.75
N PRO D 98 27.42 -26.61 18.40
CA PRO D 98 26.39 -26.17 19.35
C PRO D 98 26.36 -26.99 20.66
N ILE D 99 26.68 -28.29 20.59
CA ILE D 99 26.64 -29.14 21.79
C ILE D 99 27.80 -28.81 22.71
N LEU D 100 28.99 -28.57 22.14
CA LEU D 100 30.12 -28.11 22.98
C LEU D 100 29.84 -26.75 23.61
N LYS D 101 29.19 -25.87 22.86
CA LYS D 101 29.01 -24.51 23.33
C LYS D 101 27.86 -24.40 24.33
N PHE D 102 26.76 -25.11 24.08
CA PHE D 102 25.55 -24.92 24.85
C PHE D 102 25.07 -26.13 25.64
N GLY D 103 25.80 -27.24 25.56
CA GLY D 103 25.38 -28.47 26.21
C GLY D 103 25.86 -28.63 27.65
N SER D 104 25.13 -29.46 28.38
CA SER D 104 25.52 -29.88 29.72
C SER D 104 26.66 -30.86 29.57
N LYS D 105 27.40 -31.10 30.65
CA LYS D 105 28.44 -32.13 30.67
C LYS D 105 27.90 -33.51 30.22
N GLU D 106 26.77 -33.91 30.78
CA GLU D 106 26.10 -35.16 30.38
C GLU D 106 25.73 -35.20 28.89
N GLN D 107 25.21 -34.10 28.35
CA GLN D 107 24.87 -34.00 26.93
C GLN D 107 26.11 -34.17 26.02
N LYS D 108 27.25 -33.62 26.43
CA LYS D 108 28.46 -33.74 25.66
C LYS D 108 28.95 -35.20 25.63
N GLN D 109 28.81 -35.90 26.75
CA GLN D 109 29.22 -37.30 26.80
C GLN D 109 28.33 -38.17 25.91
N ALA D 110 27.03 -37.88 25.89
CA ALA D 110 26.04 -38.66 25.15
C ALA D 110 26.00 -38.36 23.64
N TRP D 111 26.18 -37.09 23.28
CA TRP D 111 25.90 -36.62 21.91
C TRP D 111 27.13 -36.15 21.14
N VAL D 112 28.22 -35.87 21.85
CA VAL D 112 29.47 -35.47 21.22
C VAL D 112 30.39 -36.68 21.06
N THR D 113 30.75 -37.30 22.17
CA THR D 113 31.78 -38.36 22.18
C THR D 113 31.56 -39.50 21.16
N PRO D 114 30.31 -40.01 20.99
CA PRO D 114 30.12 -41.06 19.97
C PRO D 114 30.12 -40.58 18.52
N PHE D 115 30.32 -39.28 18.32
CA PHE D 115 30.32 -38.65 17.01
C PHE D 115 31.65 -37.97 16.77
N THR D 116 32.70 -38.44 17.43
CA THR D 116 34.02 -37.83 17.30
C THR D 116 35.04 -38.66 16.49
N SER D 117 34.66 -39.84 15.98
CA SER D 117 35.62 -40.84 15.47
C SER D 117 35.35 -41.45 14.11
N GLY D 118 34.24 -41.08 13.47
CA GLY D 118 33.88 -41.58 12.13
C GLY D 118 32.73 -42.56 12.10
N ASP D 119 32.41 -43.15 13.24
CA ASP D 119 31.41 -44.19 13.29
C ASP D 119 30.01 -43.62 13.25
N LYS D 120 29.82 -42.51 13.93
CA LYS D 120 28.58 -41.75 13.83
C LYS D 120 28.90 -40.28 13.48
N ILE D 121 28.06 -39.70 12.65
CA ILE D 121 28.08 -38.26 12.35
C ILE D 121 26.68 -37.67 12.56
N GLY D 122 26.65 -36.35 12.69
CA GLY D 122 25.38 -35.64 12.90
C GLY D 122 24.95 -34.73 11.76
N CYS D 123 23.86 -34.03 12.01
CA CYS D 123 23.35 -33.01 11.11
C CYS D 123 22.66 -31.86 11.87
N PHE D 124 22.36 -30.80 11.14
CA PHE D 124 21.84 -29.54 11.67
C PHE D 124 20.56 -29.23 10.91
N ALA D 125 19.46 -29.02 11.61
CA ALA D 125 18.16 -28.87 10.94
C ALA D 125 17.40 -27.61 11.36
N LEU D 126 17.61 -26.57 10.56
CA LEU D 126 17.07 -25.26 10.83
C LEU D 126 16.08 -24.87 9.76
N SER D 127 16.51 -25.00 8.51
CA SER D 127 15.71 -24.61 7.36
C SER D 127 14.44 -25.45 7.18
N GLU D 128 13.43 -24.85 6.57
CA GLU D 128 12.18 -25.55 6.26
C GLU D 128 11.82 -25.21 4.84
N PRO D 129 10.90 -26.00 4.23
CA PRO D 129 10.48 -25.71 2.85
C PRO D 129 10.03 -24.26 2.56
N GLY D 130 9.31 -23.67 3.50
CA GLY D 130 8.76 -22.34 3.31
C GLY D 130 9.72 -21.24 3.73
N ASN D 131 10.86 -21.60 4.33
CA ASN D 131 11.77 -20.61 4.91
C ASN D 131 13.18 -21.12 5.20
N GLY D 132 14.18 -20.48 4.59
CA GLY D 132 15.59 -20.75 4.86
C GLY D 132 16.37 -19.53 5.31
N SER D 133 16.30 -18.45 4.55
CA SER D 133 16.93 -17.18 4.97
C SER D 133 16.21 -16.60 6.19
N ASP D 134 14.89 -16.78 6.20
CA ASP D 134 14.02 -16.29 7.25
C ASP D 134 13.96 -17.40 8.28
N ALA D 135 15.04 -17.48 9.07
CA ALA D 135 15.28 -18.57 10.01
C ALA D 135 14.20 -18.62 11.09
N GLY D 136 13.96 -17.47 11.73
CA GLY D 136 12.96 -17.36 12.79
C GLY D 136 11.54 -17.70 12.40
N ALA D 137 11.25 -17.87 11.10
CA ALA D 137 9.90 -18.29 10.67
C ALA D 137 9.61 -19.81 10.79
N ALA D 138 10.41 -20.52 11.61
CA ALA D 138 10.25 -21.98 11.86
C ALA D 138 8.80 -22.35 12.25
N SER D 139 8.14 -23.15 11.41
CA SER D 139 6.78 -23.59 11.69
C SER D 139 6.72 -25.05 12.17
N THR D 140 7.88 -25.69 12.33
CA THR D 140 7.98 -26.97 13.04
C THR D 140 7.72 -26.68 14.52
N THR D 141 6.88 -27.49 15.15
CA THR D 141 6.38 -27.19 16.49
C THR D 141 6.89 -28.28 17.42
N ALA D 142 7.19 -27.86 18.65
CA ALA D 142 7.56 -28.77 19.72
C ALA D 142 6.58 -28.47 20.86
N ARG D 143 5.87 -29.50 21.31
CA ARG D 143 4.87 -29.33 22.35
C ARG D 143 5.20 -30.24 23.52
N ALA D 144 5.26 -29.65 24.71
CA ALA D 144 5.55 -30.41 25.94
C ALA D 144 4.32 -31.26 26.34
N GLU D 145 4.47 -32.58 26.33
CA GLU D 145 3.38 -33.50 26.73
C GLU D 145 3.91 -34.66 27.59
N GLY D 146 3.81 -34.51 28.91
CA GLY D 146 4.21 -35.56 29.83
C GLY D 146 5.72 -35.65 29.94
N ASP D 147 6.23 -36.86 29.72
CA ASP D 147 7.68 -37.13 29.79
C ASP D 147 8.41 -36.80 28.50
N SER D 148 7.67 -36.31 27.49
CA SER D 148 8.24 -36.04 26.18
C SER D 148 7.96 -34.62 25.62
N TRP D 149 8.84 -34.21 24.70
CA TRP D 149 8.54 -33.15 23.75
C TRP D 149 7.98 -33.84 22.52
N VAL D 150 6.93 -33.28 21.93
CA VAL D 150 6.34 -33.81 20.71
C VAL D 150 6.63 -32.89 19.50
N LEU D 151 7.33 -33.42 18.51
CA LEU D 151 7.73 -32.64 17.32
C LEU D 151 6.80 -32.93 16.15
N ASN D 152 6.36 -31.85 15.49
CA ASN D 152 5.55 -31.91 14.28
C ASN D 152 6.03 -30.89 13.22
N GLY D 153 6.29 -31.34 11.99
CA GLY D 153 6.76 -30.47 10.93
C GLY D 153 7.83 -31.05 10.03
N THR D 154 8.18 -30.32 8.97
CA THR D 154 9.25 -30.75 8.04
C THR D 154 10.43 -29.78 8.07
N LYS D 155 11.63 -30.32 8.24
CA LYS D 155 12.85 -29.56 8.01
C LYS D 155 13.32 -29.87 6.60
N ALA D 156 13.88 -28.88 5.92
CA ALA D 156 14.33 -29.04 4.54
C ALA D 156 15.84 -28.80 4.39
N TRP D 157 16.42 -29.47 3.39
CA TRP D 157 17.81 -29.27 2.95
C TRP D 157 18.85 -29.79 3.89
N ILE D 158 18.57 -30.89 4.58
CA ILE D 158 19.46 -31.28 5.64
C ILE D 158 20.59 -32.11 5.06
N THR D 159 21.79 -31.53 5.11
CA THR D 159 23.01 -32.20 4.72
C THR D 159 23.31 -33.34 5.73
N ASN D 160 23.68 -34.51 5.23
CA ASN D 160 23.97 -35.70 6.07
C ASN D 160 22.71 -36.43 6.57
N ALA D 161 21.53 -36.08 6.03
CA ALA D 161 20.27 -36.64 6.51
C ALA D 161 20.22 -38.17 6.47
N TRP D 162 20.73 -38.74 5.37
CA TRP D 162 20.66 -40.17 5.15
C TRP D 162 21.77 -40.97 5.83
N GLU D 163 22.80 -40.30 6.34
CA GLU D 163 23.86 -41.01 7.06
C GLU D 163 23.95 -40.65 8.53
N ALA D 164 23.23 -39.61 8.94
CA ALA D 164 23.31 -39.07 10.30
C ALA D 164 22.62 -39.96 11.34
N SER D 165 23.24 -40.04 12.52
CA SER D 165 22.69 -40.75 13.69
C SER D 165 22.08 -39.82 14.74
N ALA D 166 22.20 -38.50 14.55
CA ALA D 166 21.62 -37.48 15.45
C ALA D 166 21.47 -36.12 14.74
N ALA D 167 20.50 -35.35 15.19
CA ALA D 167 20.26 -34.01 14.64
C ALA D 167 20.14 -32.95 15.77
N VAL D 168 20.53 -31.72 15.44
CA VAL D 168 20.18 -30.54 16.24
C VAL D 168 19.01 -29.94 15.47
N VAL D 169 17.80 -30.05 16.01
CA VAL D 169 16.56 -29.62 15.35
C VAL D 169 16.00 -28.39 16.05
N PHE D 170 15.59 -27.40 15.25
CA PHE D 170 15.02 -26.17 15.76
C PHE D 170 13.54 -26.16 15.51
N ALA D 171 12.78 -25.85 16.56
CA ALA D 171 11.32 -25.93 16.55
C ALA D 171 10.69 -24.86 17.42
N SER D 172 9.53 -24.38 17.00
CA SER D 172 8.81 -23.35 17.72
C SER D 172 8.10 -23.95 18.93
N THR D 173 8.42 -23.40 20.10
CA THR D 173 7.81 -23.80 21.37
C THR D 173 6.78 -22.82 21.89
N ASP D 174 6.62 -21.66 21.25
CA ASP D 174 5.66 -20.64 21.71
C ASP D 174 4.71 -20.19 20.59
N LYS D 180 12.31 -15.19 20.83
CA LYS D 180 12.53 -16.13 21.93
C LYS D 180 11.55 -17.31 21.90
N SER D 181 10.96 -17.60 20.73
CA SER D 181 9.95 -18.64 20.59
C SER D 181 10.49 -19.97 20.02
N ILE D 182 11.80 -20.05 19.77
CA ILE D 182 12.38 -21.23 19.16
C ILE D 182 13.31 -21.91 20.15
N SER D 183 13.31 -23.23 20.12
CA SER D 183 14.24 -24.01 20.96
C SER D 183 15.01 -25.02 20.11
N ALA D 184 16.16 -25.40 20.63
CA ALA D 184 17.05 -26.36 19.99
C ALA D 184 16.89 -27.73 20.66
N PHE D 185 16.80 -28.79 19.86
CA PHE D 185 16.60 -30.15 20.39
C PHE D 185 17.60 -31.17 19.83
N LEU D 186 18.11 -32.04 20.71
CA LEU D 186 18.91 -33.21 20.31
C LEU D 186 18.00 -34.41 20.01
N VAL D 187 17.95 -34.82 18.75
CA VAL D 187 17.04 -35.83 18.25
C VAL D 187 17.83 -37.02 17.68
N PRO D 188 17.52 -38.27 18.13
CA PRO D 188 18.22 -39.42 17.56
C PRO D 188 17.66 -39.79 16.22
N MET D 189 18.50 -40.42 15.39
CA MET D 189 18.12 -40.88 14.07
C MET D 189 18.70 -42.29 13.92
N PRO D 190 17.85 -43.29 13.64
CA PRO D 190 16.42 -43.12 13.48
C PRO D 190 15.64 -43.00 14.82
N THR D 191 14.36 -42.68 14.71
CA THR D 191 13.48 -42.60 15.88
C THR D 191 12.05 -42.62 15.38
N PRO D 192 11.13 -43.23 16.15
CA PRO D 192 9.71 -43.26 15.79
C PRO D 192 9.11 -41.89 15.55
N GLY D 193 8.36 -41.74 14.47
CA GLY D 193 7.75 -40.46 14.11
C GLY D 193 8.60 -39.58 13.19
N LEU D 194 9.82 -40.04 12.88
CA LEU D 194 10.71 -39.37 11.93
C LEU D 194 10.90 -40.21 10.67
N THR D 195 10.58 -39.60 9.52
CA THR D 195 10.93 -40.17 8.24
C THR D 195 11.82 -39.19 7.45
N LEU D 196 12.67 -39.72 6.58
CA LEU D 196 13.50 -38.92 5.69
C LEU D 196 12.78 -38.68 4.36
N GLY D 197 12.99 -37.53 3.75
CA GLY D 197 12.52 -37.29 2.38
C GLY D 197 13.48 -37.94 1.37
N LYS D 198 13.07 -37.96 0.11
CA LYS D 198 13.95 -38.35 -1.00
C LYS D 198 15.21 -37.47 -1.05
N LYS D 199 16.35 -38.10 -1.31
CA LYS D 199 17.57 -37.36 -1.59
C LYS D 199 17.37 -36.34 -2.71
N GLU D 200 17.84 -35.11 -2.49
CA GLU D 200 17.89 -34.08 -3.53
C GLU D 200 18.90 -34.43 -4.62
N ASP D 201 18.51 -34.13 -5.87
CA ASP D 201 19.35 -34.28 -7.05
C ASP D 201 20.05 -32.92 -7.30
N LYS D 202 21.31 -32.78 -6.87
CA LYS D 202 21.99 -31.49 -6.79
C LYS D 202 22.90 -31.22 -7.97
N LEU D 203 23.26 -29.94 -8.13
CA LEU D 203 24.17 -29.48 -9.18
C LEU D 203 25.59 -29.91 -8.86
N GLY D 204 25.91 -29.90 -7.58
CA GLY D 204 27.22 -30.26 -7.07
C GLY D 204 27.12 -30.75 -5.65
N ILE D 205 28.27 -30.81 -4.98
CA ILE D 205 28.45 -31.53 -3.70
C ILE D 205 27.60 -32.82 -3.62
N ARG D 206 27.64 -33.60 -4.69
CA ARG D 206 26.71 -34.73 -4.87
C ARG D 206 26.98 -35.93 -3.96
N GLY D 207 28.18 -36.04 -3.41
CA GLY D 207 28.50 -37.07 -2.42
C GLY D 207 27.82 -36.90 -1.07
N SER D 208 27.57 -35.65 -0.68
CA SER D 208 26.83 -35.33 0.55
C SER D 208 25.36 -35.61 0.28
N SER D 209 24.63 -36.16 1.26
CA SER D 209 23.17 -36.33 1.11
C SER D 209 22.48 -35.08 1.62
N THR D 210 21.34 -34.78 1.02
CA THR D 210 20.50 -33.64 1.36
C THR D 210 19.06 -34.11 1.25
N ALA D 211 18.30 -34.00 2.34
CA ALA D 211 16.87 -34.38 2.29
C ALA D 211 16.08 -33.79 3.43
N ASN D 212 14.77 -33.85 3.26
CA ASN D 212 13.84 -33.45 4.31
C ASN D 212 13.85 -34.39 5.54
N LEU D 213 13.74 -33.78 6.73
CA LEU D 213 13.40 -34.48 7.98
C LEU D 213 11.91 -34.25 8.29
N ILE D 214 11.11 -35.32 8.22
CA ILE D 214 9.64 -35.21 8.41
C ILE D 214 9.21 -35.79 9.78
N PHE D 215 8.76 -34.91 10.68
CA PHE D 215 8.31 -35.27 12.02
C PHE D 215 6.79 -35.35 12.09
N GLU D 216 6.28 -36.50 12.51
CA GLU D 216 4.87 -36.63 12.80
C GLU D 216 4.70 -37.24 14.20
N ASP D 217 4.19 -36.43 15.14
CA ASP D 217 3.98 -36.84 16.54
C ASP D 217 5.21 -37.52 17.09
N CYS D 218 6.36 -36.94 16.78
CA CYS D 218 7.62 -37.53 17.13
C CYS D 218 7.99 -37.17 18.56
N ARG D 219 8.09 -38.18 19.42
CA ARG D 219 8.26 -37.98 20.84
C ARG D 219 9.72 -38.16 21.19
N ILE D 220 10.27 -37.22 21.95
CA ILE D 220 11.64 -37.30 22.42
C ILE D 220 11.62 -36.94 23.88
N PRO D 221 12.59 -37.45 24.63
CA PRO D 221 12.55 -37.14 26.08
C PRO D 221 12.64 -35.64 26.37
N LYS D 222 12.10 -35.23 27.53
CA LYS D 222 12.16 -33.83 27.97
C LYS D 222 13.57 -33.27 28.12
N ASP D 223 14.51 -34.12 28.48
CA ASP D 223 15.91 -33.66 28.59
C ASP D 223 16.64 -33.45 27.24
N SER D 224 15.91 -33.57 26.13
CA SER D 224 16.49 -33.44 24.77
C SER D 224 16.83 -31.99 24.39
N ILE D 225 16.23 -31.01 25.08
CA ILE D 225 16.46 -29.58 24.80
C ILE D 225 17.91 -29.17 24.97
N LEU D 226 18.44 -28.42 24.00
CA LEU D 226 19.81 -27.92 24.09
C LEU D 226 19.72 -26.47 24.57
N GLY D 227 20.34 -26.17 25.72
CA GLY D 227 20.13 -24.88 26.39
C GLY D 227 18.74 -24.77 27.01
N GLU D 228 18.22 -23.55 27.09
CA GLU D 228 16.94 -23.28 27.75
C GLU D 228 15.89 -23.01 26.69
N PRO D 229 14.61 -23.23 27.02
CA PRO D 229 13.58 -22.92 26.03
C PRO D 229 13.59 -21.45 25.59
N GLY D 230 13.39 -21.22 24.29
CA GLY D 230 13.51 -19.90 23.71
C GLY D 230 14.91 -19.43 23.31
N MET D 231 15.95 -20.19 23.65
CA MET D 231 17.32 -19.87 23.21
C MET D 231 17.62 -20.32 21.77
N GLY D 232 16.67 -20.98 21.12
CA GLY D 232 16.90 -21.60 19.81
C GLY D 232 17.46 -20.68 18.76
N PHE D 233 16.85 -19.51 18.57
CA PHE D 233 17.31 -18.58 17.52
C PHE D 233 18.77 -18.14 17.73
N LYS D 234 19.10 -17.83 18.97
CA LYS D 234 20.44 -17.44 19.34
C LYS D 234 21.46 -18.58 19.10
N ILE D 235 21.07 -19.81 19.43
CA ILE D 235 21.94 -20.97 19.24
C ILE D 235 22.23 -21.17 17.76
N ALA D 236 21.19 -21.15 16.96
CA ALA D 236 21.29 -21.26 15.54
C ALA D 236 22.24 -20.19 14.98
N MET D 237 22.06 -18.93 15.39
CA MET D 237 22.83 -17.81 14.82
C MET D 237 24.29 -17.89 15.18
N GLN D 238 24.59 -18.24 16.43
CA GLN D 238 25.95 -18.41 16.85
C GLN D 238 26.58 -19.67 16.25
N THR D 239 25.74 -20.64 15.87
CA THR D 239 26.26 -21.88 15.27
C THR D 239 26.69 -21.56 13.85
N LEU D 240 25.81 -20.86 13.14
CA LEU D 240 26.09 -20.44 11.77
C LEU D 240 27.32 -19.55 11.65
N ASP D 241 27.58 -18.74 12.67
CA ASP D 241 28.80 -17.96 12.69
C ASP D 241 30.02 -18.88 12.59
N MET D 242 30.05 -19.94 13.41
CA MET D 242 31.15 -20.93 13.35
C MET D 242 31.14 -21.69 12.03
N GLY D 243 29.95 -22.07 11.59
CA GLY D 243 29.80 -22.81 10.35
C GLY D 243 30.37 -22.06 9.17
N ARG D 244 30.13 -20.76 9.16
CA ARG D 244 30.55 -19.89 8.08
C ARG D 244 32.08 -19.90 7.91
N ILE D 245 32.85 -20.14 8.98
CA ILE D 245 34.30 -20.22 8.84
C ILE D 245 34.66 -21.55 8.16
N GLY D 246 33.86 -22.57 8.46
CA GLY D 246 33.98 -23.86 7.80
C GLY D 246 33.68 -23.80 6.31
N ILE D 247 32.57 -23.17 5.95
CA ILE D 247 32.20 -23.06 4.54
C ILE D 247 33.17 -22.15 3.77
N ALA D 248 33.61 -21.05 4.38
CA ALA D 248 34.67 -20.25 3.77
C ALA D 248 35.89 -21.12 3.46
N SER D 249 36.29 -21.98 4.39
CA SER D 249 37.44 -22.87 4.18
C SER D 249 37.22 -23.92 3.06
N GLN D 250 36.00 -24.47 2.95
CA GLN D 250 35.61 -25.34 1.84
C GLN D 250 35.73 -24.61 0.49
N ALA D 251 35.19 -23.39 0.43
CA ALA D 251 35.27 -22.53 -0.75
C ALA D 251 36.71 -22.25 -1.16
N LEU D 252 37.58 -22.02 -0.18
CA LEU D 252 38.98 -21.85 -0.43
C LEU D 252 39.62 -23.08 -1.09
N GLY D 253 39.25 -24.27 -0.61
CA GLY D 253 39.77 -25.52 -1.12
C GLY D 253 39.33 -25.75 -2.55
N ILE D 254 38.07 -25.40 -2.84
CA ILE D 254 37.57 -25.53 -4.20
C ILE D 254 38.29 -24.53 -5.15
N ALA D 255 38.41 -23.27 -4.72
CA ALA D 255 39.17 -22.27 -5.43
C ALA D 255 40.64 -22.66 -5.65
N GLN D 256 41.31 -23.17 -4.62
CA GLN D 256 42.70 -23.52 -4.78
C GLN D 256 42.92 -24.62 -5.82
N THR D 257 42.05 -25.62 -5.84
CA THR D 257 42.24 -26.77 -6.69
C THR D 257 41.87 -26.41 -8.13
N ALA D 258 40.89 -25.51 -8.28
CA ALA D 258 40.53 -24.96 -9.59
C ALA D 258 41.69 -24.13 -10.20
N LEU D 259 42.34 -23.32 -9.37
CA LEU D 259 43.52 -22.54 -9.76
C LEU D 259 44.72 -23.48 -10.07
N ASP D 260 44.95 -24.50 -9.24
CA ASP D 260 45.98 -25.49 -9.52
C ASP D 260 45.76 -26.14 -10.90
N CYS D 261 44.52 -26.52 -11.15
CA CYS D 261 44.11 -27.07 -12.42
C CYS D 261 44.43 -26.12 -13.64
N ALA D 262 44.05 -24.85 -13.53
CA ALA D 262 44.22 -23.87 -14.62
C ALA D 262 45.70 -23.60 -14.92
N VAL D 263 46.51 -23.51 -13.86
CA VAL D 263 47.91 -23.24 -14.00
C VAL D 263 48.67 -24.41 -14.66
N ASN D 264 48.36 -25.64 -14.24
CA ASN D 264 49.06 -26.79 -14.77
C ASN D 264 48.70 -26.99 -16.23
N TYR D 265 47.43 -26.73 -16.53
CA TYR D 265 46.97 -26.84 -17.90
C TYR D 265 47.61 -25.77 -18.81
N ALA D 266 47.58 -24.51 -18.38
CA ALA D 266 48.09 -23.39 -19.16
C ALA D 266 49.61 -23.46 -19.39
N GLU D 267 50.34 -24.07 -18.45
CA GLU D 267 51.78 -24.27 -18.62
C GLU D 267 52.10 -25.28 -19.72
N ASN D 268 51.15 -26.15 -20.03
CA ASN D 268 51.39 -27.28 -20.92
C ASN D 268 50.64 -27.20 -22.23
N ARG D 269 49.59 -26.38 -22.28
CA ARG D 269 48.82 -26.17 -23.51
C ARG D 269 49.51 -25.13 -24.40
N MET D 270 49.69 -25.45 -25.67
CA MET D 270 50.33 -24.56 -26.65
C MET D 270 49.26 -23.92 -27.52
N ALA D 271 49.47 -22.64 -27.82
CA ALA D 271 48.62 -21.95 -28.77
C ALA D 271 49.45 -20.82 -29.36
N PHE D 272 49.35 -20.68 -30.69
CA PHE D 272 50.09 -19.67 -31.43
C PHE D 272 51.57 -19.74 -31.10
N GLY D 273 52.11 -20.96 -30.99
CA GLY D 273 53.55 -21.15 -30.86
C GLY D 273 54.15 -21.29 -29.48
N ALA D 274 53.37 -21.08 -28.42
CA ALA D 274 53.93 -21.11 -27.06
C ALA D 274 52.88 -21.53 -26.03
N PRO D 275 53.29 -21.80 -24.77
CA PRO D 275 52.31 -22.10 -23.72
C PRO D 275 51.30 -20.98 -23.51
N LEU D 276 50.11 -21.32 -23.03
CA LEU D 276 49.09 -20.32 -22.71
C LEU D 276 49.60 -19.30 -21.70
N THR D 277 50.43 -19.74 -20.76
CA THR D 277 51.00 -18.82 -19.76
C THR D 277 51.95 -17.73 -20.32
N LYS D 278 52.27 -17.77 -21.62
CA LYS D 278 53.00 -16.67 -22.27
C LYS D 278 52.04 -15.59 -22.78
N LEU D 279 50.75 -15.89 -22.85
CA LEU D 279 49.74 -14.87 -23.19
C LEU D 279 49.44 -13.99 -21.98
N GLN D 280 49.48 -12.67 -22.22
CA GLN D 280 49.32 -11.67 -21.18
C GLN D 280 47.96 -11.75 -20.53
N VAL D 281 46.93 -11.88 -21.37
CA VAL D 281 45.56 -12.12 -20.95
C VAL D 281 45.45 -13.28 -19.92
N ILE D 282 46.07 -14.42 -20.23
CA ILE D 282 46.05 -15.61 -19.35
C ILE D 282 46.78 -15.32 -18.05
N GLN D 283 47.88 -14.57 -18.13
CA GLN D 283 48.64 -14.15 -16.94
C GLN D 283 47.81 -13.30 -16.00
N PHE D 284 47.05 -12.40 -16.61
CA PHE D 284 46.16 -11.52 -15.88
C PHE D 284 45.03 -12.27 -15.19
N LYS D 285 44.44 -13.27 -15.88
CA LYS D 285 43.39 -14.12 -15.31
C LYS D 285 43.92 -14.76 -14.03
N LEU D 286 45.11 -15.34 -14.14
CA LEU D 286 45.70 -16.10 -13.06
C LEU D 286 46.14 -15.22 -11.88
N ALA D 287 46.62 -14.00 -12.16
CA ALA D 287 46.92 -13.03 -11.09
C ALA D 287 45.64 -12.60 -10.33
N ASP D 288 44.54 -12.36 -11.05
CA ASP D 288 43.26 -12.01 -10.41
C ASP D 288 42.74 -13.17 -9.55
N MET D 289 42.91 -14.39 -10.06
CA MET D 289 42.51 -15.58 -9.38
C MET D 289 43.28 -15.73 -8.06
N ALA D 290 44.60 -15.58 -8.14
CA ALA D 290 45.49 -15.68 -6.98
C ALA D 290 45.20 -14.59 -5.94
N LEU D 291 44.93 -13.38 -6.42
CA LEU D 291 44.62 -12.26 -5.53
C LEU D 291 43.35 -12.53 -4.74
N ALA D 292 42.27 -12.90 -5.45
CA ALA D 292 40.99 -13.19 -4.83
C ALA D 292 41.09 -14.32 -3.80
N LEU D 293 41.90 -15.33 -4.12
CA LEU D 293 42.07 -16.48 -3.23
C LEU D 293 42.84 -16.17 -1.94
N GLU D 294 43.98 -15.50 -2.09
CA GLU D 294 44.84 -15.18 -0.96
C GLU D 294 44.16 -14.16 -0.02
N SER D 295 43.52 -13.15 -0.61
CA SER D 295 42.66 -12.22 0.11
C SER D 295 41.58 -12.95 0.91
N ALA D 296 40.89 -13.90 0.29
CA ALA D 296 39.82 -14.62 0.96
C ALA D 296 40.38 -15.46 2.11
N ARG D 297 41.58 -16.01 1.92
CA ARG D 297 42.21 -16.88 2.94
C ARG D 297 42.58 -16.10 4.22
N LEU D 298 43.14 -14.92 4.04
CA LEU D 298 43.43 -14.04 5.17
C LEU D 298 42.16 -13.63 5.97
N LEU D 299 41.07 -13.27 5.28
CA LEU D 299 39.78 -13.02 5.94
C LEU D 299 39.33 -14.22 6.75
N THR D 300 39.49 -15.41 6.16
CA THR D 300 39.11 -16.66 6.81
C THR D 300 39.93 -16.93 8.04
N TRP D 301 41.24 -16.74 7.92
CA TRP D 301 42.18 -16.93 9.05
C TRP D 301 42.01 -15.89 10.15
N ARG D 302 41.70 -14.65 9.77
CA ARG D 302 41.34 -13.61 10.74
C ARG D 302 40.13 -14.07 11.57
N ALA D 303 39.07 -14.53 10.90
CA ALA D 303 37.87 -14.97 11.64
C ALA D 303 38.14 -16.14 12.58
N ALA D 304 38.93 -17.10 12.12
CA ALA D 304 39.32 -18.28 12.94
C ALA D 304 40.14 -17.87 14.15
N MET D 305 41.07 -16.95 13.95
CA MET D 305 41.89 -16.49 15.03
C MET D 305 41.09 -15.68 16.05
N LEU D 306 40.07 -14.95 15.60
CA LEU D 306 39.23 -14.21 16.53
C LEU D 306 38.41 -15.14 17.39
N LYS D 307 37.87 -16.18 16.76
CA LYS D 307 37.08 -17.17 17.46
C LYS D 307 37.98 -17.87 18.49
N ASP D 308 39.18 -18.25 18.05
CA ASP D 308 40.16 -18.90 18.95
C ASP D 308 40.54 -18.07 20.19
N ASN D 309 40.60 -16.76 20.04
CA ASN D 309 41.01 -15.90 21.16
C ASN D 309 39.81 -15.34 21.92
N LYS D 310 38.65 -15.97 21.74
CA LYS D 310 37.42 -15.67 22.47
C LYS D 310 36.99 -14.22 22.26
N LYS D 311 37.10 -13.80 21.01
CA LYS D 311 36.79 -12.45 20.59
C LYS D 311 35.61 -12.52 19.63
N PRO D 312 34.80 -11.45 19.55
CA PRO D 312 33.72 -11.49 18.56
C PRO D 312 34.19 -11.69 17.10
N PHE D 313 33.38 -12.37 16.30
CA PHE D 313 33.79 -12.74 14.94
C PHE D 313 32.61 -12.90 13.98
N ILE D 314 31.46 -12.29 14.32
CA ILE D 314 30.25 -12.40 13.48
C ILE D 314 30.48 -11.73 12.11
N LYS D 315 30.90 -10.47 12.14
CA LYS D 315 31.16 -9.71 10.92
C LYS D 315 32.29 -10.37 10.14
N GLU D 316 33.34 -10.80 10.84
CA GLU D 316 34.51 -11.34 10.20
C GLU D 316 34.28 -12.70 9.52
N ALA D 317 33.48 -13.57 10.15
CA ALA D 317 33.03 -14.83 9.59
C ALA D 317 32.16 -14.63 8.34
N ALA D 318 31.22 -13.68 8.41
CA ALA D 318 30.39 -13.33 7.24
C ALA D 318 31.25 -12.82 6.08
N MET D 319 32.23 -11.96 6.36
CA MET D 319 33.19 -11.44 5.34
C MET D 319 33.97 -12.56 4.64
N ALA D 320 34.53 -13.47 5.46
CA ALA D 320 35.23 -14.64 5.00
C ALA D 320 34.36 -15.52 4.09
N LYS D 321 33.17 -15.86 4.56
CA LYS D 321 32.29 -16.74 3.79
C LYS D 321 31.87 -16.07 2.47
N LEU D 322 31.55 -14.80 2.55
CA LEU D 322 31.17 -14.02 1.40
C LEU D 322 32.31 -13.97 0.38
N ALA D 323 33.51 -13.56 0.82
CA ALA D 323 34.68 -13.40 -0.05
C ALA D 323 35.08 -14.74 -0.68
N ALA D 324 35.26 -15.76 0.17
CA ALA D 324 35.70 -17.08 -0.28
C ALA D 324 34.79 -17.69 -1.34
N SER D 325 33.49 -17.63 -1.04
CA SER D 325 32.46 -18.23 -1.87
C SER D 325 32.35 -17.52 -3.24
N GLU D 326 32.45 -16.19 -3.24
CA GLU D 326 32.37 -15.48 -4.51
C GLU D 326 33.65 -15.69 -5.32
N ALA D 327 34.79 -15.82 -4.63
CA ALA D 327 36.04 -16.22 -5.27
C ALA D 327 35.98 -17.61 -5.91
N ALA D 328 35.45 -18.60 -5.18
CA ALA D 328 35.29 -19.96 -5.68
C ALA D 328 34.54 -20.00 -7.03
N THR D 329 33.47 -19.23 -7.10
CA THR D 329 32.69 -19.17 -8.30
C THR D 329 33.46 -18.46 -9.42
N ALA D 330 34.18 -17.38 -9.09
CA ALA D 330 34.94 -16.65 -10.11
C ALA D 330 36.16 -17.43 -10.57
N ILE D 331 36.85 -18.09 -9.64
CA ILE D 331 38.03 -18.83 -9.97
C ILE D 331 37.70 -20.06 -10.79
N SER D 332 36.61 -20.74 -10.43
CA SER D 332 36.26 -21.96 -11.09
C SER D 332 35.74 -21.65 -12.51
N HIS D 333 35.02 -20.54 -12.66
CA HIS D 333 34.60 -20.05 -13.98
C HIS D 333 35.82 -19.80 -14.87
N GLN D 334 36.77 -19.04 -14.38
CA GLN D 334 37.95 -18.74 -15.14
C GLN D 334 38.84 -19.94 -15.44
N ALA D 335 38.81 -20.95 -14.56
CA ALA D 335 39.53 -22.20 -14.76
C ALA D 335 38.96 -22.92 -15.99
N ILE D 336 37.64 -23.01 -16.05
CA ILE D 336 36.96 -23.55 -17.23
C ILE D 336 37.38 -22.78 -18.51
N GLN D 337 37.38 -21.46 -18.41
CA GLN D 337 37.68 -20.61 -19.56
C GLN D 337 39.10 -20.87 -20.07
N ILE D 338 40.06 -20.97 -19.16
CA ILE D 338 41.44 -21.25 -19.51
C ILE D 338 41.67 -22.62 -20.16
N LEU D 339 40.90 -23.64 -19.73
CA LEU D 339 40.90 -24.97 -20.34
C LEU D 339 40.25 -25.02 -21.72
N GLY D 340 39.42 -24.03 -22.04
CA GLY D 340 38.70 -24.04 -23.32
C GLY D 340 37.64 -25.13 -23.38
N GLY D 341 37.61 -25.85 -24.51
CA GLY D 341 36.71 -26.99 -24.67
C GLY D 341 36.91 -28.01 -23.55
N MET D 342 38.16 -28.30 -23.24
CA MET D 342 38.46 -29.25 -22.17
C MET D 342 37.80 -28.87 -20.83
N GLY D 343 37.45 -27.59 -20.68
CA GLY D 343 36.74 -27.12 -19.49
C GLY D 343 35.28 -27.52 -19.40
N TYR D 344 34.67 -27.86 -20.54
CA TYR D 344 33.26 -28.14 -20.60
C TYR D 344 32.91 -29.64 -20.48
N VAL D 345 33.94 -30.48 -20.41
CA VAL D 345 33.77 -31.95 -20.38
C VAL D 345 34.25 -32.58 -19.10
N THR D 346 33.73 -33.76 -18.78
CA THR D 346 34.07 -34.46 -17.52
C THR D 346 35.47 -35.08 -17.50
N GLU D 347 36.15 -35.13 -18.66
CA GLU D 347 37.56 -35.57 -18.72
C GLU D 347 38.43 -34.76 -17.81
N MET D 348 38.07 -33.49 -17.63
CA MET D 348 38.79 -32.61 -16.71
C MET D 348 37.91 -32.29 -15.51
N PRO D 349 38.53 -31.91 -14.38
CA PRO D 349 37.79 -31.62 -13.17
C PRO D 349 37.22 -30.21 -13.05
N ALA D 350 37.51 -29.35 -14.01
CA ALA D 350 37.10 -27.93 -13.96
C ALA D 350 35.60 -27.74 -13.81
N GLU D 351 34.83 -28.46 -14.62
CA GLU D 351 33.38 -28.35 -14.61
C GLU D 351 32.76 -28.82 -13.26
N ARG D 352 33.42 -29.78 -12.62
CA ARG D 352 33.03 -30.18 -11.26
C ARG D 352 33.25 -29.04 -10.23
N HIS D 353 34.43 -28.40 -10.27
CA HIS D 353 34.72 -27.26 -9.37
C HIS D 353 33.67 -26.15 -9.53
N TYR D 354 33.28 -25.86 -10.76
CA TYR D 354 32.25 -24.86 -11.05
C TYR D 354 30.91 -25.19 -10.37
N ARG D 355 30.52 -26.46 -10.45
CA ARG D 355 29.26 -26.95 -9.90
C ARG D 355 29.32 -26.94 -8.38
N ASP D 356 30.43 -27.44 -7.82
CA ASP D 356 30.67 -27.45 -6.37
C ASP D 356 30.75 -26.03 -5.74
N ALA D 357 31.53 -25.15 -6.39
CA ALA D 357 31.66 -23.75 -5.95
C ALA D 357 30.31 -23.03 -5.78
N ARG D 358 29.34 -23.38 -6.58
CA ARG D 358 28.08 -22.65 -6.64
C ARG D 358 27.22 -22.75 -5.37
N ILE D 359 27.31 -23.87 -4.65
CA ILE D 359 26.57 -24.02 -3.39
C ILE D 359 27.07 -23.07 -2.28
N THR D 360 28.36 -22.72 -2.32
CA THR D 360 28.97 -21.96 -1.28
C THR D 360 28.40 -20.52 -1.20
N GLU D 361 27.81 -20.02 -2.30
CA GLU D 361 27.12 -18.73 -2.26
C GLU D 361 25.67 -18.80 -1.71
N ILE D 362 25.17 -20.02 -1.51
CA ILE D 362 23.81 -20.22 -1.05
C ILE D 362 23.70 -20.65 0.42
N TYR D 363 24.31 -21.78 0.80
CA TYR D 363 24.05 -22.33 2.13
C TYR D 363 24.88 -21.70 3.26
N GLU D 364 24.41 -21.94 4.48
CA GLU D 364 24.89 -21.27 5.71
C GLU D 364 24.75 -19.74 5.66
N GLY D 365 23.69 -19.28 4.98
CA GLY D 365 23.46 -17.86 4.74
C GLY D 365 23.87 -17.45 3.34
N THR D 366 22.89 -17.08 2.52
CA THR D 366 23.18 -16.61 1.16
C THR D 366 24.09 -15.39 1.21
N SER D 367 24.75 -15.12 0.10
CA SER D 367 25.58 -13.92 -0.05
C SER D 367 24.84 -12.62 0.33
N GLU D 368 23.55 -12.56 0.04
CA GLU D 368 22.70 -11.42 0.38
C GLU D 368 22.55 -11.30 1.89
N ILE D 369 22.25 -12.44 2.53
CA ILE D 369 22.23 -12.51 3.98
C ILE D 369 23.56 -12.11 4.58
N GLN D 370 24.67 -12.56 3.99
CA GLN D 370 26.00 -12.16 4.45
C GLN D 370 26.20 -10.64 4.42
N ARG D 371 25.81 -10.01 3.32
CA ARG D 371 25.93 -8.56 3.19
C ARG D 371 25.16 -7.80 4.27
N LEU D 372 23.93 -8.24 4.54
CA LEU D 372 23.10 -7.62 5.56
C LEU D 372 23.70 -7.77 6.96
N VAL D 373 24.32 -8.91 7.23
CA VAL D 373 25.01 -9.15 8.51
C VAL D 373 26.22 -8.24 8.65
N ILE D 374 27.02 -8.15 7.59
CA ILE D 374 28.20 -7.29 7.61
C ILE D 374 27.77 -5.84 7.82
N ALA D 375 26.76 -5.42 7.07
CA ALA D 375 26.25 -4.03 7.15
C ALA D 375 25.77 -3.68 8.55
N GLY D 376 24.98 -4.59 9.16
CA GLY D 376 24.46 -4.40 10.49
C GLY D 376 25.57 -4.16 11.49
N HIS D 377 26.60 -4.98 11.42
CA HIS D 377 27.73 -4.88 12.36
C HIS D 377 28.63 -3.69 12.08
N LEU D 378 28.74 -3.34 10.80
CA LEU D 378 29.48 -2.14 10.44
C LEU D 378 28.92 -0.92 11.16
N LEU D 379 27.62 -0.72 11.01
CA LEU D 379 26.91 0.42 11.55
C LEU D 379 26.87 0.46 13.08
N ARG D 380 26.73 -0.70 13.72
CA ARG D 380 26.84 -0.77 15.18
C ARG D 380 28.20 -0.27 15.63
N SER D 381 29.24 -0.59 14.87
CA SER D 381 30.59 -0.17 15.22
C SER D 381 30.76 1.36 15.12
N TYR D 382 30.07 2.00 14.19
CA TYR D 382 30.08 3.47 14.12
C TYR D 382 29.22 4.08 15.24
N ARG D 383 28.11 3.44 15.59
CA ARG D 383 27.22 3.96 16.62
C ARG D 383 27.81 3.83 18.02
N SER D 384 28.68 2.85 18.23
CA SER D 384 29.33 2.68 19.55
C SER D 384 30.55 3.57 19.70
N ALA D 385 31.13 4.00 18.58
CA ALA D 385 32.22 4.97 18.59
C ALA D 385 31.72 6.37 19.00
N LEU E 6 -19.66 -5.15 39.53
CA LEU E 6 -20.74 -5.75 40.39
C LEU E 6 -20.19 -6.24 41.74
N PRO E 7 -21.02 -6.17 42.81
CA PRO E 7 -20.68 -6.83 44.10
C PRO E 7 -20.44 -8.34 43.95
N GLU E 8 -19.72 -8.93 44.91
CA GLU E 8 -19.38 -10.35 44.86
C GLU E 8 -20.61 -11.25 44.86
N THR E 9 -21.60 -10.92 45.71
CA THR E 9 -22.84 -11.71 45.81
C THR E 9 -23.63 -11.66 44.49
N HIS E 10 -23.55 -10.52 43.81
CA HIS E 10 -24.23 -10.34 42.51
C HIS E 10 -23.48 -11.01 41.35
N GLN E 11 -22.14 -11.09 41.46
CA GLN E 11 -21.34 -11.85 40.50
C GLN E 11 -21.69 -13.34 40.55
N MET E 12 -21.78 -13.85 41.76
CA MET E 12 -22.10 -15.25 42.00
C MET E 12 -23.51 -15.60 41.51
N LEU E 13 -24.46 -14.70 41.76
CA LEU E 13 -25.83 -14.85 41.27
C LEU E 13 -25.86 -14.92 39.73
N LEU E 14 -25.09 -14.05 39.08
CA LEU E 14 -25.00 -14.04 37.61
C LEU E 14 -24.53 -15.40 37.08
N GLN E 15 -23.51 -15.97 37.71
CA GLN E 15 -22.97 -17.26 37.28
C GLN E 15 -23.94 -18.42 37.52
N THR E 16 -24.62 -18.40 38.68
CA THR E 16 -25.67 -19.36 38.98
C THR E 16 -26.81 -19.38 37.94
N CYS E 17 -27.29 -18.20 37.56
CA CYS E 17 -28.35 -18.10 36.55
C CYS E 17 -27.88 -18.43 35.14
N ARG E 18 -26.63 -18.08 34.84
CA ARG E 18 -26.03 -18.38 33.55
C ARG E 18 -25.88 -19.89 33.41
N ASP E 19 -25.33 -20.53 34.43
CA ASP E 19 -25.24 -21.99 34.47
C ASP E 19 -26.61 -22.67 34.36
N PHE E 20 -27.62 -22.12 35.05
CA PHE E 20 -28.98 -22.64 34.92
C PHE E 20 -29.53 -22.50 33.50
N ALA E 21 -29.42 -21.31 32.93
CA ALA E 21 -29.95 -21.06 31.59
C ALA E 21 -29.29 -22.01 30.59
N GLU E 22 -27.99 -22.18 30.72
CA GLU E 22 -27.24 -23.03 29.79
C GLU E 22 -27.58 -24.51 29.96
N LYS E 23 -27.72 -24.97 31.20
CA LYS E 23 -28.08 -26.36 31.43
C LYS E 23 -29.53 -26.65 31.08
N GLU E 24 -30.43 -25.75 31.45
CA GLU E 24 -31.86 -26.07 31.46
C GLU E 24 -32.72 -25.41 30.40
N LEU E 25 -32.34 -24.21 29.97
CA LEU E 25 -33.21 -23.42 29.08
C LEU E 25 -32.74 -23.50 27.61
N PHE E 26 -31.45 -23.32 27.37
CA PHE E 26 -30.91 -23.42 26.00
C PHE E 26 -31.40 -24.67 25.25
N PRO E 27 -31.33 -25.87 25.86
CA PRO E 27 -31.79 -27.09 25.22
C PRO E 27 -33.28 -27.22 24.90
N ILE E 28 -34.14 -26.41 25.54
CA ILE E 28 -35.58 -26.53 25.34
C ILE E 28 -36.20 -25.37 24.58
N ALA E 29 -35.42 -24.32 24.34
CA ALA E 29 -35.96 -23.07 23.79
C ALA E 29 -36.64 -23.24 22.43
N ALA E 30 -36.05 -24.02 21.52
CA ALA E 30 -36.66 -24.20 20.19
C ALA E 30 -38.01 -24.94 20.27
N GLN E 31 -38.06 -25.99 21.08
CA GLN E 31 -39.29 -26.76 21.30
C GLN E 31 -40.41 -25.93 21.98
N VAL E 32 -40.03 -25.22 23.04
CA VAL E 32 -40.96 -24.33 23.79
C VAL E 32 -41.66 -23.39 22.79
N ASP E 33 -40.83 -22.78 21.94
CA ASP E 33 -41.30 -21.89 20.89
C ASP E 33 -42.09 -22.59 19.79
N LYS E 34 -41.57 -23.72 19.30
CA LYS E 34 -42.22 -24.44 18.22
C LYS E 34 -43.60 -24.97 18.59
N GLU E 35 -43.69 -25.57 19.77
CA GLU E 35 -44.92 -26.26 20.17
C GLU E 35 -45.81 -25.44 21.11
N HIS E 36 -45.42 -24.19 21.39
CA HIS E 36 -46.16 -23.29 22.31
C HIS E 36 -46.29 -23.94 23.69
N LEU E 37 -45.18 -24.47 24.19
CA LEU E 37 -45.21 -25.37 25.33
C LEU E 37 -44.75 -24.64 26.59
N PHE E 38 -45.62 -24.60 27.59
CA PHE E 38 -45.27 -24.01 28.88
C PHE E 38 -44.18 -24.85 29.53
N PRO E 39 -43.04 -24.22 29.86
CA PRO E 39 -41.90 -24.93 30.45
C PRO E 39 -42.10 -25.24 31.94
N ALA E 40 -43.11 -26.07 32.23
CA ALA E 40 -43.51 -26.38 33.62
C ALA E 40 -42.35 -26.82 34.52
N ALA E 41 -41.55 -27.79 34.07
CA ALA E 41 -40.48 -28.38 34.91
C ALA E 41 -39.44 -27.34 35.24
N GLN E 42 -39.10 -26.55 34.24
CA GLN E 42 -38.06 -25.55 34.37
C GLN E 42 -38.52 -24.41 35.26
N VAL E 43 -39.80 -24.02 35.14
CA VAL E 43 -40.36 -22.96 36.00
C VAL E 43 -40.33 -23.37 37.48
N LYS E 44 -40.60 -24.64 37.76
CA LYS E 44 -40.60 -25.12 39.15
C LYS E 44 -39.20 -25.12 39.71
N LYS E 45 -38.25 -25.56 38.88
CA LYS E 45 -36.85 -25.56 39.29
C LYS E 45 -36.36 -24.17 39.64
N MET E 46 -36.76 -23.20 38.82
CA MET E 46 -36.47 -21.77 39.05
C MET E 46 -37.12 -21.35 40.37
N GLY E 47 -38.35 -21.81 40.58
CA GLY E 47 -39.03 -21.61 41.85
C GLY E 47 -38.18 -22.04 43.03
N GLY E 48 -37.61 -23.23 42.94
CA GLY E 48 -36.73 -23.73 43.99
C GLY E 48 -35.48 -22.90 44.22
N LEU E 49 -35.02 -22.18 43.19
CA LEU E 49 -33.80 -21.37 43.31
C LEU E 49 -34.04 -19.96 43.86
N GLY E 50 -35.30 -19.57 43.93
CA GLY E 50 -35.67 -18.23 44.43
C GLY E 50 -36.01 -17.21 43.33
N LEU E 51 -36.02 -17.65 42.08
CA LEU E 51 -36.09 -16.74 40.93
C LEU E 51 -37.48 -16.19 40.63
N LEU E 52 -38.51 -16.82 41.16
CA LEU E 52 -39.87 -16.34 40.93
C LEU E 52 -40.34 -15.38 42.03
N ALA E 53 -39.45 -15.08 42.99
CA ALA E 53 -39.72 -14.22 44.15
C ALA E 53 -38.42 -13.61 44.73
N MET E 54 -37.66 -12.93 43.88
CA MET E 54 -36.33 -12.44 44.24
C MET E 54 -36.32 -11.30 45.26
N ASP E 55 -37.23 -10.34 45.08
CA ASP E 55 -37.36 -9.17 45.95
C ASP E 55 -38.33 -9.40 47.12
N VAL E 56 -38.71 -10.65 47.37
CA VAL E 56 -39.62 -10.97 48.46
C VAL E 56 -38.80 -11.33 49.70
N PRO E 57 -39.20 -10.80 50.87
CA PRO E 57 -38.53 -11.14 52.12
C PRO E 57 -38.44 -12.65 52.37
N GLU E 58 -37.30 -13.11 52.89
CA GLU E 58 -37.15 -14.52 53.22
C GLU E 58 -38.29 -15.00 54.12
N GLU E 59 -38.66 -14.14 55.07
CA GLU E 59 -39.80 -14.35 55.97
C GLU E 59 -41.06 -14.79 55.25
N LEU E 60 -41.34 -14.22 54.08
CA LEU E 60 -42.52 -14.59 53.29
C LEU E 60 -42.29 -15.69 52.27
N GLY E 61 -41.08 -16.24 52.25
CA GLY E 61 -40.76 -17.38 51.39
C GLY E 61 -39.90 -17.02 50.20
N GLY E 62 -39.40 -15.78 50.16
CA GLY E 62 -38.61 -15.28 49.04
C GLY E 62 -37.11 -15.34 49.22
N ALA E 63 -36.41 -14.89 48.18
CA ALA E 63 -34.94 -14.87 48.13
C ALA E 63 -34.29 -13.79 49.00
N GLY E 64 -35.03 -12.73 49.33
CA GLY E 64 -34.48 -11.64 50.14
C GLY E 64 -33.39 -10.83 49.44
N LEU E 65 -33.46 -10.78 48.12
CA LEU E 65 -32.50 -10.00 47.31
C LEU E 65 -33.15 -8.68 46.85
N ASP E 66 -32.51 -8.00 45.91
CA ASP E 66 -32.94 -6.67 45.53
C ASP E 66 -33.22 -6.62 44.02
N TYR E 67 -33.68 -5.46 43.52
CA TYR E 67 -34.00 -5.33 42.10
C TYR E 67 -32.76 -5.36 41.18
N LEU E 68 -31.57 -5.00 41.67
CA LEU E 68 -30.37 -5.16 40.85
C LEU E 68 -30.15 -6.65 40.56
N ALA E 69 -30.20 -7.49 41.60
CA ALA E 69 -30.13 -8.94 41.47
C ALA E 69 -31.18 -9.48 40.50
N TYR E 70 -32.41 -9.00 40.63
CA TYR E 70 -33.51 -9.39 39.73
C TYR E 70 -33.22 -9.07 38.26
N ALA E 71 -32.69 -7.88 37.99
CA ALA E 71 -32.36 -7.48 36.61
C ALA E 71 -31.29 -8.41 36.00
N ILE E 72 -30.26 -8.72 36.78
CA ILE E 72 -29.20 -9.65 36.38
C ILE E 72 -29.75 -11.03 36.06
N ALA E 73 -30.55 -11.56 36.99
CA ALA E 73 -31.16 -12.89 36.87
C ALA E 73 -32.09 -12.95 35.66
N MET E 74 -32.98 -11.96 35.53
CA MET E 74 -33.87 -11.86 34.36
C MET E 74 -33.13 -11.91 33.03
N GLU E 75 -32.05 -11.15 32.94
CA GLU E 75 -31.26 -11.08 31.72
C GLU E 75 -30.64 -12.46 31.39
N GLU E 76 -30.06 -13.13 32.38
CA GLU E 76 -29.51 -14.48 32.16
C GLU E 76 -30.55 -15.53 31.78
N ILE E 77 -31.72 -15.49 32.43
CA ILE E 77 -32.80 -16.41 32.12
C ILE E 77 -33.32 -16.19 30.69
N SER E 78 -33.52 -14.92 30.32
CA SER E 78 -34.16 -14.56 29.04
C SER E 78 -33.26 -14.85 27.85
N ARG E 79 -31.95 -14.78 28.12
CA ARG E 79 -30.90 -15.23 27.19
C ARG E 79 -31.07 -16.69 26.75
N GLY E 80 -31.45 -17.55 27.71
CA GLY E 80 -31.72 -18.95 27.45
C GLY E 80 -33.09 -19.21 26.86
N CYS E 81 -34.11 -18.57 27.42
CA CYS E 81 -35.47 -18.70 26.94
C CYS E 81 -36.33 -17.48 27.30
N ALA E 82 -36.74 -16.72 26.29
CA ALA E 82 -37.51 -15.49 26.45
C ALA E 82 -38.88 -15.71 27.12
N SER E 83 -39.54 -16.83 26.80
CA SER E 83 -40.81 -17.23 27.42
C SER E 83 -40.67 -17.43 28.94
N THR E 84 -39.68 -18.23 29.34
CA THR E 84 -39.39 -18.42 30.74
C THR E 84 -39.17 -17.06 31.42
N GLY E 85 -38.46 -16.16 30.73
CA GLY E 85 -38.25 -14.79 31.17
C GLY E 85 -39.50 -14.00 31.52
N VAL E 86 -40.49 -13.98 30.64
CA VAL E 86 -41.70 -13.24 30.90
C VAL E 86 -42.54 -13.90 32.02
N ILE E 87 -42.47 -15.23 32.12
CA ILE E 87 -43.19 -15.97 33.14
C ILE E 87 -42.69 -15.56 34.53
N MET E 88 -41.36 -15.57 34.67
CA MET E 88 -40.67 -15.12 35.87
C MET E 88 -40.95 -13.65 36.18
N SER E 89 -40.99 -12.81 35.14
CA SER E 89 -41.14 -11.38 35.32
C SER E 89 -42.54 -11.04 35.85
N VAL E 90 -43.56 -11.65 35.25
CA VAL E 90 -44.93 -11.44 35.67
C VAL E 90 -45.08 -11.86 37.13
N ASN E 91 -44.53 -13.01 37.47
CA ASN E 91 -44.72 -13.49 38.82
C ASN E 91 -44.05 -12.58 39.84
N ASN E 92 -42.78 -12.23 39.57
CA ASN E 92 -42.01 -11.25 40.38
C ASN E 92 -42.61 -9.85 40.48
N SER E 93 -42.70 -9.15 39.35
CA SER E 93 -42.99 -7.72 39.35
C SER E 93 -44.45 -7.41 39.41
N LEU E 94 -45.23 -8.09 38.57
CA LEU E 94 -46.61 -7.78 38.37
C LEU E 94 -47.58 -8.45 39.36
N TYR E 95 -47.27 -9.67 39.82
CA TYR E 95 -48.18 -10.37 40.72
C TYR E 95 -47.73 -10.09 42.16
N LEU E 96 -46.55 -10.55 42.51
CA LEU E 96 -46.08 -10.44 43.87
C LEU E 96 -45.89 -8.98 44.26
N GLY E 97 -45.27 -8.21 43.37
CA GLY E 97 -44.97 -6.78 43.62
C GLY E 97 -46.06 -5.94 44.27
N PRO E 98 -47.22 -5.82 43.61
CA PRO E 98 -48.26 -5.02 44.22
C PRO E 98 -48.86 -5.57 45.53
N ILE E 99 -48.77 -6.88 45.79
CA ILE E 99 -49.26 -7.45 47.06
C ILE E 99 -48.24 -7.12 48.17
N LEU E 100 -46.95 -7.26 47.86
CA LEU E 100 -45.89 -6.84 48.81
C LEU E 100 -45.96 -5.36 49.16
N LYS E 101 -46.30 -4.51 48.19
CA LYS E 101 -46.40 -3.06 48.38
C LYS E 101 -47.68 -2.64 49.10
N PHE E 102 -48.84 -3.14 48.65
CA PHE E 102 -50.15 -2.65 49.11
C PHE E 102 -50.98 -3.61 49.97
N GLY E 103 -50.51 -4.85 50.15
CA GLY E 103 -51.27 -5.87 50.87
C GLY E 103 -51.16 -5.77 52.39
N SER E 104 -52.16 -6.31 53.09
CA SER E 104 -52.11 -6.45 54.54
C SER E 104 -51.21 -7.63 54.85
N LYS E 105 -50.88 -7.81 56.13
CA LYS E 105 -50.12 -8.97 56.59
C LYS E 105 -50.82 -10.27 56.18
N GLU E 106 -52.13 -10.29 56.33
CA GLU E 106 -52.91 -11.49 56.08
C GLU E 106 -52.86 -11.85 54.60
N GLN E 107 -53.14 -10.84 53.76
CA GLN E 107 -53.04 -10.95 52.31
C GLN E 107 -51.69 -11.49 51.80
N LYS E 108 -50.60 -11.00 52.38
CA LYS E 108 -49.28 -11.50 52.03
C LYS E 108 -49.06 -12.98 52.40
N GLN E 109 -49.51 -13.37 53.59
CA GLN E 109 -49.42 -14.77 53.97
C GLN E 109 -50.23 -15.64 53.03
N ALA E 110 -51.40 -15.16 52.62
CA ALA E 110 -52.32 -15.94 51.80
C ALA E 110 -51.99 -15.89 50.32
N TRP E 111 -51.48 -14.76 49.84
CA TRP E 111 -51.35 -14.56 48.40
C TRP E 111 -49.91 -14.44 47.90
N VAL E 112 -48.97 -14.14 48.79
CA VAL E 112 -47.55 -14.08 48.43
C VAL E 112 -46.91 -15.45 48.70
N THR E 113 -46.89 -15.87 49.96
CA THR E 113 -46.12 -17.07 50.38
C THR E 113 -46.30 -18.34 49.53
N PRO E 114 -47.56 -18.73 49.20
CA PRO E 114 -47.79 -19.89 48.34
C PRO E 114 -47.39 -19.72 46.87
N PHE E 115 -47.00 -18.50 46.49
CA PHE E 115 -46.59 -18.22 45.11
C PHE E 115 -45.10 -17.89 44.97
N THR E 116 -44.29 -18.31 45.94
CA THR E 116 -42.86 -17.94 45.97
C THR E 116 -41.86 -19.04 45.60
N SER E 117 -42.34 -20.27 45.35
CA SER E 117 -41.45 -21.43 45.18
C SER E 117 -41.70 -22.27 43.90
N GLY E 118 -42.59 -21.83 43.02
CA GLY E 118 -42.82 -22.53 41.76
C GLY E 118 -43.95 -23.53 41.76
N ASP E 119 -44.48 -23.81 42.96
CA ASP E 119 -45.67 -24.65 43.11
C ASP E 119 -46.87 -23.96 42.47
N LYS E 120 -46.96 -22.64 42.70
CA LYS E 120 -48.01 -21.81 42.12
C LYS E 120 -47.44 -20.45 41.65
N ILE E 121 -48.03 -19.91 40.59
CA ILE E 121 -47.65 -18.60 40.05
C ILE E 121 -48.91 -17.78 39.83
N GLY E 122 -48.74 -16.47 39.73
CA GLY E 122 -49.85 -15.54 39.50
C GLY E 122 -49.84 -14.84 38.14
N CYS E 123 -50.74 -13.86 38.02
CA CYS E 123 -50.88 -13.10 36.80
C CYS E 123 -51.48 -11.74 37.15
N PHE E 124 -51.52 -10.85 36.17
CA PHE E 124 -51.79 -9.42 36.36
C PHE E 124 -52.73 -9.00 35.25
N ALA E 125 -53.93 -8.54 35.61
CA ALA E 125 -55.01 -8.30 34.62
C ALA E 125 -55.56 -6.86 34.65
N LEU E 126 -55.04 -6.04 33.73
CA LEU E 126 -55.36 -4.63 33.62
C LEU E 126 -56.00 -4.36 32.26
N SER E 127 -55.36 -4.83 31.20
CA SER E 127 -55.91 -4.63 29.84
C SER E 127 -57.24 -5.32 29.57
N GLU E 128 -57.93 -4.78 28.59
CA GLU E 128 -59.20 -5.31 28.12
C GLU E 128 -59.20 -5.23 26.62
N PRO E 129 -60.10 -5.97 25.95
CA PRO E 129 -60.13 -5.94 24.50
C PRO E 129 -60.16 -4.51 23.98
N GLY E 130 -60.97 -3.65 24.60
CA GLY E 130 -61.16 -2.28 24.11
C GLY E 130 -60.09 -1.28 24.52
N ASN E 131 -59.16 -1.67 25.39
CA ASN E 131 -58.22 -0.70 25.95
C ASN E 131 -57.01 -1.31 26.62
N GLY E 132 -55.83 -0.88 26.21
CA GLY E 132 -54.59 -1.28 26.85
C GLY E 132 -53.70 -0.09 27.20
N SER E 133 -53.32 0.69 26.20
CA SER E 133 -52.59 1.95 26.47
C SER E 133 -53.46 2.86 27.35
N ASP E 134 -54.74 2.94 27.05
CA ASP E 134 -55.69 3.72 27.84
C ASP E 134 -56.21 2.84 29.00
N ALA E 135 -55.32 2.56 29.94
CA ALA E 135 -55.54 1.60 31.03
C ALA E 135 -56.63 2.06 32.02
N GLY E 136 -56.76 3.37 32.19
CA GLY E 136 -57.78 3.93 33.05
C GLY E 136 -59.20 3.76 32.55
N ALA E 137 -59.35 3.45 31.26
CA ALA E 137 -60.68 3.24 30.67
C ALA E 137 -61.32 1.85 30.90
N ALA E 138 -60.84 1.08 31.88
CA ALA E 138 -61.42 -0.24 32.19
C ALA E 138 -62.96 -0.23 32.34
N SER E 139 -63.64 -1.06 31.54
CA SER E 139 -65.09 -1.20 31.62
C SER E 139 -65.54 -2.44 32.41
N THR E 140 -64.58 -3.28 32.83
CA THR E 140 -64.85 -4.32 33.81
C THR E 140 -65.28 -3.63 35.11
N THR E 141 -66.38 -4.11 35.69
CA THR E 141 -66.95 -3.53 36.91
C THR E 141 -66.85 -4.48 38.12
N ALA E 142 -66.50 -3.90 39.27
CA ALA E 142 -66.61 -4.54 40.58
C ALA E 142 -67.62 -3.76 41.46
N ARG E 143 -68.65 -4.45 41.95
CA ARG E 143 -69.69 -3.85 42.81
C ARG E 143 -69.75 -4.60 44.14
N ALA E 144 -69.83 -3.87 45.24
CA ALA E 144 -70.03 -4.49 46.56
C ALA E 144 -71.48 -4.97 46.71
N GLU E 145 -71.66 -6.26 46.95
CA GLU E 145 -72.99 -6.83 47.17
C GLU E 145 -72.89 -7.81 48.33
N GLY E 146 -73.40 -7.39 49.49
CA GLY E 146 -73.40 -8.23 50.68
C GLY E 146 -72.00 -8.40 51.20
N ASP E 147 -71.61 -9.65 51.48
CA ASP E 147 -70.29 -9.95 52.01
C ASP E 147 -69.22 -10.04 50.92
N SER E 148 -69.50 -9.52 49.72
CA SER E 148 -68.66 -9.83 48.58
C SER E 148 -68.61 -8.72 47.48
N TRP E 149 -67.54 -8.76 46.68
CA TRP E 149 -67.47 -7.99 45.43
C TRP E 149 -67.93 -8.85 44.27
N VAL E 150 -68.66 -8.26 43.35
CA VAL E 150 -69.15 -8.94 42.17
C VAL E 150 -68.50 -8.35 40.90
N LEU E 151 -67.73 -9.17 40.21
CA LEU E 151 -66.96 -8.73 39.04
C LEU E 151 -67.65 -9.15 37.75
N ASN E 152 -67.70 -8.23 36.80
CA ASN E 152 -68.29 -8.48 35.49
C ASN E 152 -67.48 -7.78 34.41
N GLY E 153 -67.07 -8.54 33.40
CA GLY E 153 -66.34 -8.00 32.25
C GLY E 153 -65.23 -8.91 31.79
N THR E 154 -64.64 -8.55 30.64
CA THR E 154 -63.52 -9.26 30.07
C THR E 154 -62.22 -8.46 30.19
N LYS E 155 -61.20 -9.13 30.72
CA LYS E 155 -59.82 -8.68 30.65
C LYS E 155 -59.14 -9.41 29.49
N ALA E 156 -58.16 -8.74 28.85
CA ALA E 156 -57.44 -9.29 27.68
C ALA E 156 -55.94 -9.33 27.87
N TRP E 157 -55.32 -10.26 27.14
CA TRP E 157 -53.86 -10.37 26.97
C TRP E 157 -53.15 -10.85 28.20
N ILE E 158 -53.77 -11.69 28.98
CA ILE E 158 -53.25 -11.95 30.30
C ILE E 158 -52.18 -13.05 30.28
N THR E 159 -50.93 -12.66 30.47
CA THR E 159 -49.82 -13.62 30.54
C THR E 159 -49.96 -14.56 31.74
N ASN E 160 -49.72 -15.86 31.51
CA ASN E 160 -49.88 -16.89 32.55
C ASN E 160 -51.34 -17.28 32.80
N ALA E 161 -52.28 -16.75 32.03
CA ALA E 161 -53.69 -16.97 32.31
C ALA E 161 -53.95 -18.45 32.51
N TRP E 162 -53.46 -19.29 31.58
CA TRP E 162 -53.73 -20.75 31.63
C TRP E 162 -52.98 -21.55 32.67
N GLU E 163 -51.99 -20.95 33.34
CA GLU E 163 -51.20 -21.65 34.38
C GLU E 163 -51.29 -21.02 35.78
N ALA E 164 -51.82 -19.79 35.88
CA ALA E 164 -51.85 -19.02 37.14
C ALA E 164 -52.91 -19.56 38.11
N SER E 165 -52.63 -19.49 39.40
CA SER E 165 -53.60 -19.83 40.46
C SER E 165 -54.18 -18.60 41.17
N ALA E 166 -53.69 -17.41 40.82
CA ALA E 166 -54.26 -16.15 41.33
C ALA E 166 -53.99 -15.01 40.35
N ALA E 167 -54.82 -13.97 40.43
CA ALA E 167 -54.72 -12.76 39.63
C ALA E 167 -54.88 -11.50 40.49
N VAL E 168 -54.08 -10.47 40.21
CA VAL E 168 -54.39 -9.09 40.60
C VAL E 168 -55.21 -8.52 39.44
N VAL E 169 -56.50 -8.27 39.70
CA VAL E 169 -57.43 -7.83 38.68
C VAL E 169 -57.85 -6.38 38.96
N PHE E 170 -57.95 -5.58 37.89
CA PHE E 170 -58.35 -4.16 37.96
C PHE E 170 -59.72 -3.98 37.36
N ALA E 171 -60.64 -3.43 38.16
CA ALA E 171 -62.04 -3.21 37.75
C ALA E 171 -62.55 -1.81 38.20
N SER E 172 -63.44 -1.23 37.41
CA SER E 172 -64.05 0.05 37.73
C SER E 172 -65.03 -0.11 38.87
N THR E 173 -64.77 0.63 39.95
CA THR E 173 -65.62 0.65 41.12
C THR E 173 -66.47 1.92 41.16
N ASP E 174 -66.21 2.87 40.27
CA ASP E 174 -66.93 4.14 40.27
C ASP E 174 -67.40 4.45 38.85
N ARG E 175 -68.68 4.74 38.69
CA ARG E 175 -69.19 5.03 37.36
C ARG E 175 -69.04 6.50 36.91
N ALA E 176 -68.67 7.39 37.83
CA ALA E 176 -68.66 8.85 37.57
C ALA E 176 -67.26 9.48 37.46
N LEU E 177 -66.37 9.05 38.34
CA LEU E 177 -65.05 9.65 38.44
C LEU E 177 -64.12 9.12 37.33
N GLN E 178 -63.62 10.02 36.50
CA GLN E 178 -62.67 9.67 35.47
C GLN E 178 -61.32 9.29 36.10
N ASN E 179 -60.97 9.87 37.25
CA ASN E 179 -59.63 9.70 37.80
C ASN E 179 -59.44 8.92 39.09
N LYS E 180 -60.50 8.46 39.72
CA LYS E 180 -60.29 7.65 40.93
C LYS E 180 -61.26 6.49 40.89
N SER E 181 -61.32 5.85 39.73
CA SER E 181 -62.43 5.00 39.39
C SER E 181 -62.16 3.50 39.43
N ILE E 182 -60.91 3.09 39.56
CA ILE E 182 -60.52 1.69 39.44
C ILE E 182 -60.00 1.20 40.78
N SER E 183 -60.25 -0.06 41.10
CA SER E 183 -59.72 -0.72 42.29
C SER E 183 -59.02 -2.02 41.89
N ALA E 184 -58.09 -2.47 42.75
CA ALA E 184 -57.34 -3.72 42.57
C ALA E 184 -57.91 -4.82 43.49
N PHE E 185 -58.01 -6.03 42.93
CA PHE E 185 -58.61 -7.20 43.59
C PHE E 185 -57.75 -8.44 43.46
N LEU E 186 -57.59 -9.16 44.58
CA LEU E 186 -57.00 -10.51 44.54
C LEU E 186 -58.09 -11.56 44.22
N VAL E 187 -57.92 -12.28 43.11
CA VAL E 187 -58.90 -13.23 42.60
C VAL E 187 -58.24 -14.62 42.46
N PRO E 188 -58.83 -15.68 43.07
CA PRO E 188 -58.30 -17.03 42.85
C PRO E 188 -58.66 -17.62 41.48
N MET E 189 -57.82 -18.55 41.03
CA MET E 189 -58.03 -19.21 39.75
C MET E 189 -57.75 -20.68 40.00
N PRO E 190 -58.73 -21.55 39.71
CA PRO E 190 -60.07 -21.23 39.26
C PRO E 190 -60.98 -20.65 40.34
N THR E 191 -62.11 -20.13 39.90
CA THR E 191 -63.13 -19.62 40.80
C THR E 191 -64.45 -19.55 40.02
N PRO E 192 -65.59 -19.73 40.71
CA PRO E 192 -66.87 -19.63 39.99
C PRO E 192 -67.12 -18.24 39.39
N GLY E 193 -67.66 -18.22 38.18
CA GLY E 193 -67.87 -16.98 37.45
C GLY E 193 -66.68 -16.49 36.62
N LEU E 194 -65.52 -17.14 36.77
CA LEU E 194 -64.33 -16.91 35.91
C LEU E 194 -64.16 -18.04 34.88
N THR E 195 -64.13 -17.67 33.61
CA THR E 195 -63.69 -18.57 32.55
C THR E 195 -62.49 -17.99 31.78
N LEU E 196 -61.67 -18.87 31.22
CA LEU E 196 -60.51 -18.47 30.43
C LEU E 196 -60.91 -18.42 28.97
N GLY E 197 -60.36 -17.45 28.24
CA GLY E 197 -60.47 -17.44 26.79
C GLY E 197 -59.48 -18.42 26.17
N LYS E 198 -59.61 -18.59 24.85
CA LYS E 198 -58.68 -19.36 24.02
C LYS E 198 -57.26 -18.75 24.12
N LYS E 199 -56.24 -19.60 24.14
CA LYS E 199 -54.84 -19.12 24.08
C LYS E 199 -54.59 -18.35 22.79
N GLU E 200 -53.94 -17.18 22.89
CA GLU E 200 -53.58 -16.40 21.69
C GLU E 200 -52.51 -17.10 20.89
N ASP E 201 -52.57 -16.96 19.56
CA ASP E 201 -51.53 -17.52 18.68
C ASP E 201 -50.56 -16.38 18.33
N LYS E 202 -49.42 -16.37 19.01
CA LYS E 202 -48.51 -15.24 19.03
C LYS E 202 -47.31 -15.39 18.08
N LEU E 203 -46.79 -14.25 17.63
CA LEU E 203 -45.56 -14.18 16.85
C LEU E 203 -44.37 -14.76 17.61
N GLY E 204 -44.31 -14.48 18.90
CA GLY E 204 -43.22 -14.88 19.75
C GLY E 204 -43.67 -15.08 21.20
N ILE E 205 -42.68 -15.21 22.08
CA ILE E 205 -42.85 -15.67 23.47
C ILE E 205 -43.96 -16.73 23.62
N ARG E 206 -43.89 -17.71 22.73
CA ARG E 206 -45.00 -18.66 22.53
C ARG E 206 -45.15 -19.68 23.68
N GLY E 207 -44.10 -19.86 24.46
CA GLY E 207 -44.15 -20.71 25.65
C GLY E 207 -45.02 -20.16 26.77
N SER E 208 -45.14 -18.84 26.85
CA SER E 208 -46.01 -18.24 27.85
C SER E 208 -47.44 -18.26 27.30
N SER E 209 -48.42 -18.51 28.16
CA SER E 209 -49.82 -18.43 27.74
C SER E 209 -50.35 -17.00 27.82
N THR E 210 -51.26 -16.66 26.91
CA THR E 210 -51.90 -15.35 26.88
C THR E 210 -53.34 -15.59 26.49
N ALA E 211 -54.26 -15.11 27.31
CA ALA E 211 -55.70 -15.38 27.16
C ALA E 211 -56.54 -14.39 27.95
N ASN E 212 -57.79 -14.24 27.52
CA ASN E 212 -58.76 -13.43 28.25
C ASN E 212 -59.22 -14.11 29.55
N LEU E 213 -59.47 -13.26 30.55
CA LEU E 213 -60.22 -13.61 31.75
C LEU E 213 -61.62 -13.02 31.62
N ILE E 214 -62.63 -13.88 31.67
CA ILE E 214 -64.05 -13.49 31.50
C ILE E 214 -64.78 -13.70 32.82
N PHE E 215 -65.21 -12.59 33.40
CA PHE E 215 -65.93 -12.57 34.65
C PHE E 215 -67.42 -12.41 34.36
N GLU E 216 -68.20 -13.31 34.98
CA GLU E 216 -69.63 -13.32 34.88
C GLU E 216 -70.20 -13.58 36.27
N ASP E 217 -70.78 -12.52 36.84
CA ASP E 217 -71.30 -12.52 38.20
C ASP E 217 -70.33 -13.23 39.11
N CYS E 218 -69.06 -12.83 39.04
CA CYS E 218 -68.02 -13.49 39.78
C CYS E 218 -67.90 -12.86 41.18
N ARG E 219 -68.21 -13.66 42.20
CA ARG E 219 -68.26 -13.18 43.58
C ARG E 219 -67.00 -13.57 44.32
N ILE E 220 -66.39 -12.59 44.96
CA ILE E 220 -65.19 -12.80 45.76
C ILE E 220 -65.37 -12.07 47.10
N PRO E 221 -64.70 -12.53 48.15
CA PRO E 221 -64.93 -11.90 49.45
C PRO E 221 -64.55 -10.43 49.48
N LYS E 222 -65.14 -9.70 50.42
CA LYS E 222 -64.97 -8.26 50.44
C LYS E 222 -63.52 -7.87 50.80
N ASP E 223 -62.83 -8.68 51.59
CA ASP E 223 -61.39 -8.41 51.85
C ASP E 223 -60.44 -8.89 50.70
N SER E 224 -60.99 -9.13 49.52
CA SER E 224 -60.21 -9.39 48.31
C SER E 224 -59.64 -8.10 47.67
N ILE E 225 -60.20 -6.94 48.01
CA ILE E 225 -59.66 -5.67 47.54
C ILE E 225 -58.24 -5.41 48.07
N LEU E 226 -57.37 -4.98 47.17
CA LEU E 226 -55.98 -4.64 47.47
C LEU E 226 -55.91 -3.10 47.55
N GLY E 227 -55.51 -2.58 48.71
CA GLY E 227 -55.65 -1.16 49.01
C GLY E 227 -57.10 -0.72 49.24
N GLU E 228 -57.37 0.54 48.91
CA GLU E 228 -58.68 1.17 49.11
C GLU E 228 -59.36 1.31 47.75
N PRO E 229 -60.69 1.46 47.75
CA PRO E 229 -61.42 1.75 46.51
C PRO E 229 -60.92 2.99 45.79
N GLY E 230 -60.79 2.92 44.47
CA GLY E 230 -60.21 3.99 43.69
C GLY E 230 -58.68 4.11 43.67
N MET E 231 -57.94 3.31 44.46
CA MET E 231 -56.48 3.29 44.38
C MET E 231 -55.95 2.49 43.17
N GLY E 232 -56.84 1.86 42.39
CA GLY E 232 -56.43 0.87 41.42
C GLY E 232 -55.47 1.35 40.34
N PHE E 233 -55.78 2.49 39.74
CA PHE E 233 -54.97 3.01 38.65
C PHE E 233 -53.54 3.28 39.10
N LYS E 234 -53.41 3.84 40.30
CA LYS E 234 -52.12 4.20 40.85
C LYS E 234 -51.34 2.96 41.28
N ILE E 235 -52.04 1.95 41.80
CA ILE E 235 -51.42 0.67 42.13
C ILE E 235 -50.84 0.04 40.85
N ALA E 236 -51.63 0.11 39.79
CA ALA E 236 -51.27 -0.44 38.49
C ALA E 236 -50.07 0.26 37.89
N MET E 237 -50.01 1.59 38.04
CA MET E 237 -48.94 2.38 37.44
C MET E 237 -47.62 2.15 38.16
N GLN E 238 -47.67 2.04 39.47
CA GLN E 238 -46.49 1.74 40.25
C GLN E 238 -45.99 0.31 40.00
N THR E 239 -46.91 -0.61 39.82
CA THR E 239 -46.55 -1.98 39.54
C THR E 239 -45.86 -2.08 38.20
N LEU E 240 -46.38 -1.35 37.21
CA LEU E 240 -45.77 -1.32 35.89
C LEU E 240 -44.39 -0.63 35.91
N ASP E 241 -44.17 0.32 36.81
CA ASP E 241 -42.85 0.92 36.94
C ASP E 241 -41.81 -0.15 37.25
N MET E 242 -42.13 -1.02 38.19
CA MET E 242 -41.24 -2.13 38.57
C MET E 242 -41.20 -3.16 37.45
N GLY E 243 -42.37 -3.45 36.86
CA GLY E 243 -42.47 -4.38 35.76
C GLY E 243 -41.56 -4.02 34.58
N ARG E 244 -41.44 -2.71 34.30
CA ARG E 244 -40.65 -2.22 33.17
C ARG E 244 -39.15 -2.51 33.33
N ILE E 245 -38.67 -2.59 34.56
CA ILE E 245 -37.29 -2.96 34.80
C ILE E 245 -37.14 -4.44 34.46
N GLY E 246 -38.17 -5.22 34.77
CA GLY E 246 -38.23 -6.61 34.35
C GLY E 246 -38.25 -6.81 32.84
N ILE E 247 -39.08 -6.05 32.13
CA ILE E 247 -39.13 -6.24 30.69
C ILE E 247 -37.86 -5.73 30.00
N ALA E 248 -37.27 -4.63 30.49
CA ALA E 248 -35.95 -4.17 30.05
C ALA E 248 -34.93 -5.30 30.13
N SER E 249 -34.94 -6.00 31.26
CA SER E 249 -34.00 -7.06 31.47
C SER E 249 -34.27 -8.25 30.55
N GLN E 250 -35.55 -8.60 30.36
CA GLN E 250 -35.90 -9.61 29.38
C GLN E 250 -35.26 -9.25 28.03
N ALA E 251 -35.51 -8.01 27.59
CA ALA E 251 -35.01 -7.45 26.33
C ALA E 251 -33.45 -7.47 26.26
N LEU E 252 -32.78 -7.16 27.35
CA LEU E 252 -31.33 -7.34 27.42
C LEU E 252 -30.83 -8.78 27.17
N GLY E 253 -31.59 -9.76 27.68
CA GLY E 253 -31.25 -11.14 27.52
C GLY E 253 -31.46 -11.58 26.09
N ILE E 254 -32.53 -11.09 25.48
CA ILE E 254 -32.81 -11.44 24.08
C ILE E 254 -31.77 -10.84 23.13
N ALA E 255 -31.47 -9.57 23.35
CA ALA E 255 -30.38 -8.86 22.69
C ALA E 255 -29.06 -9.56 22.85
N GLN E 256 -28.71 -9.94 24.07
CA GLN E 256 -27.41 -10.55 24.32
C GLN E 256 -27.23 -11.88 23.55
N THR E 257 -28.24 -12.75 23.62
CA THR E 257 -28.19 -14.03 22.94
C THR E 257 -28.13 -13.87 21.40
N ALA E 258 -28.84 -12.87 20.89
CA ALA E 258 -28.83 -12.56 19.47
C ALA E 258 -27.44 -12.09 19.02
N LEU E 259 -26.84 -11.18 19.79
CA LEU E 259 -25.45 -10.77 19.55
C LEU E 259 -24.47 -11.96 19.63
N ASP E 260 -24.64 -12.82 20.63
CA ASP E 260 -23.77 -14.00 20.80
C ASP E 260 -23.80 -14.90 19.56
N CYS E 261 -25.02 -15.11 19.07
CA CYS E 261 -25.29 -15.88 17.88
C CYS E 261 -24.63 -15.28 16.61
N ALA E 262 -24.76 -13.97 16.41
CA ALA E 262 -24.15 -13.24 15.29
C ALA E 262 -22.61 -13.36 15.31
N VAL E 263 -22.02 -13.12 16.46
CA VAL E 263 -20.59 -13.13 16.60
C VAL E 263 -19.96 -14.50 16.32
N ASN E 264 -20.48 -15.55 16.96
CA ASN E 264 -20.02 -16.91 16.72
C ASN E 264 -20.16 -17.32 15.27
N TYR E 265 -21.29 -16.95 14.68
CA TYR E 265 -21.53 -17.28 13.30
C TYR E 265 -20.51 -16.57 12.37
N ALA E 266 -20.46 -15.25 12.48
CA ALA E 266 -19.48 -14.37 11.81
C ALA E 266 -18.03 -14.81 11.91
N GLU E 267 -17.62 -15.28 13.08
CA GLU E 267 -16.26 -15.76 13.27
C GLU E 267 -15.91 -17.04 12.49
N ASN E 268 -16.92 -17.84 12.15
CA ASN E 268 -16.74 -19.15 11.56
C ASN E 268 -17.18 -19.26 10.08
N ARG E 269 -17.94 -18.29 9.63
CA ARG E 269 -18.43 -18.27 8.24
C ARG E 269 -17.42 -17.51 7.37
N MET E 270 -17.03 -18.14 6.27
CA MET E 270 -16.03 -17.57 5.36
C MET E 270 -16.71 -16.92 4.19
N ALA E 271 -16.21 -15.76 3.82
CA ALA E 271 -16.65 -15.17 2.57
C ALA E 271 -15.50 -14.42 1.96
N PHE E 272 -15.43 -14.45 0.63
CA PHE E 272 -14.36 -13.79 -0.14
C PHE E 272 -12.99 -14.05 0.46
N GLY E 273 -12.75 -15.29 0.88
CA GLY E 273 -11.46 -15.71 1.41
C GLY E 273 -11.18 -15.67 2.90
N ALA E 274 -12.12 -15.21 3.73
CA ALA E 274 -11.83 -14.97 5.17
C ALA E 274 -13.11 -15.02 6.02
N PRO E 275 -13.00 -15.08 7.36
CA PRO E 275 -14.22 -14.95 8.17
C PRO E 275 -14.97 -13.65 7.88
N LEU E 276 -16.27 -13.65 8.11
CA LEU E 276 -17.11 -12.45 7.97
C LEU E 276 -16.65 -11.30 8.89
N THR E 277 -16.05 -11.62 10.04
CA THR E 277 -15.60 -10.61 10.98
C THR E 277 -14.37 -9.83 10.46
N LYS E 278 -13.84 -10.24 9.31
CA LYS E 278 -12.80 -9.45 8.62
C LYS E 278 -13.36 -8.32 7.75
N LEU E 279 -14.65 -8.36 7.46
CA LEU E 279 -15.28 -7.33 6.69
C LEU E 279 -15.62 -6.15 7.61
N GLN E 280 -15.14 -4.97 7.26
CA GLN E 280 -15.50 -3.70 7.92
C GLN E 280 -16.97 -3.56 8.28
N VAL E 281 -17.84 -3.83 7.32
CA VAL E 281 -19.23 -3.60 7.54
C VAL E 281 -19.80 -4.50 8.62
N ILE E 282 -19.24 -5.71 8.76
CA ILE E 282 -19.73 -6.65 9.73
C ILE E 282 -19.23 -6.22 11.12
N GLN E 283 -17.98 -5.75 11.17
CA GLN E 283 -17.42 -5.13 12.38
C GLN E 283 -18.23 -3.99 12.88
N PHE E 284 -18.60 -3.09 11.97
CA PHE E 284 -19.46 -1.96 12.30
C PHE E 284 -20.84 -2.38 12.81
N LYS E 285 -21.51 -3.31 12.13
CA LYS E 285 -22.76 -3.88 12.64
C LYS E 285 -22.60 -4.35 14.08
N LEU E 286 -21.58 -5.14 14.32
CA LEU E 286 -21.34 -5.72 15.62
C LEU E 286 -21.03 -4.65 16.65
N ALA E 287 -20.24 -3.65 16.28
CA ALA E 287 -19.94 -2.52 17.21
C ALA E 287 -21.22 -1.78 17.64
N ASP E 288 -22.14 -1.56 16.70
CA ASP E 288 -23.38 -0.83 16.99
C ASP E 288 -24.32 -1.67 17.86
N MET E 289 -24.31 -2.98 17.63
CA MET E 289 -25.08 -3.90 18.46
C MET E 289 -24.62 -3.85 19.91
N ALA E 290 -23.31 -3.94 20.13
CA ALA E 290 -22.75 -3.92 21.47
C ALA E 290 -22.97 -2.58 22.20
N LEU E 291 -22.78 -1.47 21.48
CA LEU E 291 -23.10 -0.14 22.00
C LEU E 291 -24.55 -0.01 22.47
N ALA E 292 -25.51 -0.36 21.61
CA ALA E 292 -26.91 -0.28 21.99
C ALA E 292 -27.21 -1.17 23.22
N LEU E 293 -26.64 -2.35 23.26
CA LEU E 293 -26.84 -3.28 24.34
C LEU E 293 -26.27 -2.78 25.67
N GLU E 294 -25.01 -2.36 25.64
CA GLU E 294 -24.35 -1.90 26.86
C GLU E 294 -25.01 -0.62 27.37
N SER E 295 -25.34 0.31 26.48
CA SER E 295 -26.11 1.49 26.87
C SER E 295 -27.45 1.15 27.55
N ALA E 296 -28.16 0.15 27.03
CA ALA E 296 -29.45 -0.23 27.54
C ALA E 296 -29.30 -0.85 28.93
N ARG E 297 -28.22 -1.59 29.12
CA ARG E 297 -28.05 -2.33 30.35
C ARG E 297 -27.75 -1.37 31.52
N LEU E 298 -26.98 -0.33 31.23
CA LEU E 298 -26.66 0.67 32.24
C LEU E 298 -27.89 1.46 32.68
N LEU E 299 -28.76 1.83 31.73
CA LEU E 299 -30.06 2.41 32.04
C LEU E 299 -30.94 1.49 32.89
N THR E 300 -30.93 0.21 32.56
CA THR E 300 -31.68 -0.79 33.33
C THR E 300 -31.15 -0.87 34.76
N TRP E 301 -29.83 -0.87 34.87
CA TRP E 301 -29.20 -1.02 36.19
C TRP E 301 -29.38 0.23 37.07
N ARG E 302 -29.27 1.42 36.48
CA ARG E 302 -29.65 2.67 37.13
C ARG E 302 -31.11 2.63 37.66
N ALA E 303 -32.08 2.20 36.84
CA ALA E 303 -33.48 2.15 37.29
C ALA E 303 -33.61 1.19 38.51
N ALA E 304 -32.91 0.07 38.42
CA ALA E 304 -32.93 -0.95 39.47
C ALA E 304 -32.28 -0.48 40.77
N MET E 305 -31.17 0.25 40.66
CA MET E 305 -30.45 0.74 41.85
C MET E 305 -31.20 1.87 42.55
N LEU E 306 -31.89 2.70 41.78
CA LEU E 306 -32.78 3.73 42.29
C LEU E 306 -33.91 3.15 43.15
N LYS E 307 -34.60 2.15 42.58
CA LYS E 307 -35.62 1.39 43.29
C LYS E 307 -35.07 0.78 44.58
N ASP E 308 -33.88 0.21 44.51
CA ASP E 308 -33.26 -0.41 45.70
C ASP E 308 -32.86 0.60 46.76
N ASN E 309 -32.61 1.84 46.37
CA ASN E 309 -32.28 2.89 47.34
C ASN E 309 -33.48 3.76 47.66
N LYS E 310 -34.67 3.31 47.29
CA LYS E 310 -35.91 4.00 47.64
C LYS E 310 -36.02 5.42 47.04
N LYS E 311 -35.34 5.64 45.92
CA LYS E 311 -35.44 6.90 45.18
C LYS E 311 -36.45 6.69 44.06
N PRO E 312 -37.00 7.79 43.50
CA PRO E 312 -37.92 7.79 42.33
C PRO E 312 -37.27 7.16 41.09
N PHE E 313 -38.05 6.43 40.29
CA PHE E 313 -37.46 5.67 39.18
C PHE E 313 -38.41 5.48 37.99
N ILE E 314 -39.50 6.25 37.95
CA ILE E 314 -40.48 6.12 36.86
C ILE E 314 -39.83 6.46 35.53
N LYS E 315 -39.17 7.62 35.48
CA LYS E 315 -38.55 8.09 34.24
C LYS E 315 -37.47 7.10 33.83
N GLU E 316 -36.70 6.66 34.82
CA GLU E 316 -35.57 5.80 34.63
C GLU E 316 -35.93 4.39 34.19
N ALA E 317 -37.01 3.85 34.77
CA ALA E 317 -37.55 2.56 34.34
C ALA E 317 -38.12 2.62 32.92
N ALA E 318 -38.81 3.70 32.60
CA ALA E 318 -39.33 3.93 31.25
C ALA E 318 -38.20 4.05 30.20
N MET E 319 -37.17 4.83 30.49
CA MET E 319 -35.98 4.93 29.65
C MET E 319 -35.33 3.57 29.37
N ALA E 320 -35.15 2.80 30.44
CA ALA E 320 -34.60 1.44 30.39
C ALA E 320 -35.40 0.49 29.49
N LYS E 321 -36.70 0.45 29.69
CA LYS E 321 -37.60 -0.43 28.94
C LYS E 321 -37.60 -0.03 27.45
N LEU E 322 -37.69 1.27 27.20
CA LEU E 322 -37.67 1.82 25.84
C LEU E 322 -36.36 1.48 25.13
N ALA E 323 -35.21 1.81 25.72
CA ALA E 323 -33.91 1.59 25.08
C ALA E 323 -33.59 0.09 24.89
N ALA E 324 -33.88 -0.72 25.90
CA ALA E 324 -33.63 -2.16 25.81
C ALA E 324 -34.52 -2.85 24.76
N SER E 325 -35.79 -2.44 24.69
CA SER E 325 -36.73 -3.07 23.76
C SER E 325 -36.36 -2.71 22.31
N GLU E 326 -35.99 -1.46 22.07
CA GLU E 326 -35.60 -1.01 20.75
C GLU E 326 -34.25 -1.60 20.36
N ALA E 327 -33.37 -1.80 21.36
CA ALA E 327 -32.11 -2.48 21.12
C ALA E 327 -32.26 -3.98 20.78
N ALA E 328 -33.18 -4.68 21.44
CA ALA E 328 -33.48 -6.07 21.15
C ALA E 328 -34.00 -6.26 19.73
N THR E 329 -34.91 -5.41 19.28
CA THR E 329 -35.40 -5.51 17.90
C THR E 329 -34.34 -5.22 16.84
N ALA E 330 -33.63 -4.10 17.00
CA ALA E 330 -32.50 -3.76 16.12
C ALA E 330 -31.39 -4.82 16.11
N ILE E 331 -30.95 -5.28 17.29
CA ILE E 331 -29.90 -6.27 17.34
C ILE E 331 -30.35 -7.60 16.73
N SER E 332 -31.60 -8.01 16.96
CA SER E 332 -32.03 -9.31 16.49
C SER E 332 -32.17 -9.25 14.95
N HIS E 333 -32.56 -8.09 14.42
CA HIS E 333 -32.72 -7.90 12.97
C HIS E 333 -31.35 -8.03 12.32
N GLN E 334 -30.36 -7.40 12.91
CA GLN E 334 -29.01 -7.45 12.41
C GLN E 334 -28.33 -8.82 12.61
N ALA E 335 -28.72 -9.58 13.62
CA ALA E 335 -28.24 -10.95 13.78
C ALA E 335 -28.73 -11.80 12.59
N ILE E 336 -30.02 -11.68 12.27
CA ILE E 336 -30.54 -12.32 11.07
C ILE E 336 -29.74 -11.92 9.82
N GLN E 337 -29.45 -10.63 9.69
CA GLN E 337 -28.73 -10.13 8.52
C GLN E 337 -27.30 -10.73 8.49
N ILE E 338 -26.60 -10.77 9.62
CA ILE E 338 -25.26 -11.34 9.65
C ILE E 338 -25.22 -12.83 9.22
N LEU E 339 -26.28 -13.57 9.57
CA LEU E 339 -26.43 -14.98 9.22
C LEU E 339 -26.84 -15.22 7.76
N GLY E 340 -27.37 -14.20 7.10
CA GLY E 340 -27.78 -14.35 5.73
C GLY E 340 -28.97 -15.29 5.68
N GLY E 341 -28.96 -16.20 4.70
CA GLY E 341 -30.06 -17.15 4.53
C GLY E 341 -30.30 -17.99 5.77
N MET E 342 -29.23 -18.38 6.46
CA MET E 342 -29.38 -19.11 7.72
C MET E 342 -30.24 -18.36 8.77
N GLY E 343 -30.18 -17.03 8.79
CA GLY E 343 -30.95 -16.24 9.73
C GLY E 343 -32.46 -16.34 9.52
N TYR E 344 -32.87 -16.85 8.36
CA TYR E 344 -34.29 -16.91 8.01
C TYR E 344 -35.01 -18.25 8.23
N VAL E 345 -34.24 -19.25 8.65
CA VAL E 345 -34.75 -20.58 8.84
C VAL E 345 -34.62 -21.00 10.29
N THR E 346 -35.45 -21.95 10.70
CA THR E 346 -35.52 -22.38 12.10
C THR E 346 -34.33 -23.23 12.55
N GLU E 347 -33.43 -23.59 11.63
CA GLU E 347 -32.17 -24.29 11.98
C GLU E 347 -31.27 -23.49 12.91
N MET E 348 -31.39 -22.17 12.84
CA MET E 348 -30.66 -21.26 13.72
C MET E 348 -31.69 -20.49 14.55
N PRO E 349 -31.27 -20.01 15.73
CA PRO E 349 -32.14 -19.33 16.70
C PRO E 349 -32.42 -17.84 16.40
N ALA E 350 -31.82 -17.29 15.33
CA ALA E 350 -31.92 -15.86 15.11
C ALA E 350 -33.36 -15.41 14.76
N GLU E 351 -34.07 -16.19 13.95
CA GLU E 351 -35.45 -15.82 13.61
C GLU E 351 -36.35 -15.89 14.85
N ARG E 352 -36.09 -16.83 15.75
CA ARG E 352 -36.79 -16.83 17.04
C ARG E 352 -36.50 -15.56 17.86
N HIS E 353 -35.22 -15.14 17.96
CA HIS E 353 -34.92 -13.95 18.72
C HIS E 353 -35.63 -12.68 18.17
N TYR E 354 -35.72 -12.55 16.85
CA TYR E 354 -36.46 -11.45 16.18
C TYR E 354 -37.93 -11.44 16.60
N ARG E 355 -38.57 -12.60 16.62
CA ARG E 355 -39.98 -12.70 16.97
C ARG E 355 -40.23 -12.39 18.44
N ASP E 356 -39.30 -12.84 19.30
CA ASP E 356 -39.41 -12.64 20.73
C ASP E 356 -39.16 -11.17 21.09
N ALA E 357 -38.14 -10.54 20.46
CA ALA E 357 -37.78 -9.15 20.76
C ALA E 357 -38.98 -8.21 20.49
N ARG E 358 -39.78 -8.58 19.50
CA ARG E 358 -40.81 -7.70 19.00
C ARG E 358 -41.86 -7.36 20.07
N ILE E 359 -42.17 -8.30 20.97
CA ILE E 359 -43.13 -8.04 22.05
C ILE E 359 -42.66 -6.97 23.05
N THR E 360 -41.36 -6.87 23.27
CA THR E 360 -40.80 -5.97 24.27
C THR E 360 -41.10 -4.49 23.99
N GLU E 361 -41.43 -4.13 22.74
CA GLU E 361 -41.83 -2.78 22.38
C GLU E 361 -43.32 -2.50 22.60
N ILE E 362 -44.10 -3.51 22.96
CA ILE E 362 -45.55 -3.40 23.01
C ILE E 362 -46.06 -3.49 24.43
N TYR E 363 -45.75 -4.60 25.12
CA TYR E 363 -46.37 -4.80 26.43
C TYR E 363 -45.71 -4.07 27.61
N GLU E 364 -46.51 -3.90 28.66
CA GLU E 364 -46.18 -3.07 29.80
C GLU E 364 -45.95 -1.63 29.38
N GLY E 365 -46.73 -1.18 28.41
CA GLY E 365 -46.56 0.18 27.92
C GLY E 365 -45.75 0.20 26.65
N THR E 366 -46.41 0.57 25.57
CA THR E 366 -45.81 0.68 24.27
C THR E 366 -44.72 1.75 24.28
N SER E 367 -43.84 1.64 23.29
CA SER E 367 -42.74 2.60 23.14
C SER E 367 -43.26 4.04 23.15
N GLU E 368 -44.44 4.24 22.60
CA GLU E 368 -45.10 5.55 22.51
C GLU E 368 -45.54 6.01 23.90
N ILE E 369 -46.18 5.10 24.64
CA ILE E 369 -46.56 5.42 26.01
C ILE E 369 -45.30 5.73 26.78
N GLN E 370 -44.22 4.93 26.58
CA GLN E 370 -42.94 5.19 27.29
C GLN E 370 -42.37 6.62 27.07
N ARG E 371 -42.33 7.05 25.82
CA ARG E 371 -41.92 8.43 25.49
C ARG E 371 -42.79 9.52 26.14
N LEU E 372 -44.11 9.31 26.20
CA LEU E 372 -45.00 10.20 26.92
C LEU E 372 -44.64 10.29 28.40
N VAL E 373 -44.31 9.15 29.01
CA VAL E 373 -43.91 9.11 30.41
C VAL E 373 -42.58 9.86 30.62
N ILE E 374 -41.59 9.56 29.79
CA ILE E 374 -40.29 10.23 29.89
C ILE E 374 -40.48 11.74 29.69
N ALA E 375 -41.25 12.14 28.68
CA ALA E 375 -41.50 13.57 28.45
C ALA E 375 -42.09 14.27 29.67
N GLY E 376 -43.12 13.66 30.25
CA GLY E 376 -43.84 14.23 31.38
C GLY E 376 -42.92 14.54 32.53
N HIS E 377 -42.08 13.58 32.89
CA HIS E 377 -41.16 13.74 34.01
C HIS E 377 -40.02 14.69 33.70
N LEU E 378 -39.56 14.70 32.46
CA LEU E 378 -38.54 15.66 32.02
C LEU E 378 -39.06 17.07 32.26
N LEU E 379 -40.26 17.33 31.75
CA LEU E 379 -40.86 18.66 31.88
C LEU E 379 -41.07 19.06 33.34
N ARG E 380 -41.64 18.15 34.12
CA ARG E 380 -41.78 18.41 35.55
C ARG E 380 -40.45 18.81 36.21
N SER E 381 -39.37 18.14 35.84
CA SER E 381 -38.02 18.42 36.37
C SER E 381 -37.58 19.84 36.06
N TYR E 382 -37.90 20.34 34.88
CA TYR E 382 -37.61 21.73 34.56
C TYR E 382 -38.49 22.73 35.32
N ARG E 383 -39.78 22.42 35.45
CA ARG E 383 -40.72 23.29 36.15
C ARG E 383 -40.47 23.35 37.66
N SER E 384 -40.19 22.21 38.27
CA SER E 384 -39.95 22.18 39.73
C SER E 384 -38.70 23.00 40.08
N ALA E 385 -37.60 22.74 39.37
CA ALA E 385 -36.36 23.49 39.52
C ALA E 385 -36.36 24.75 38.65
N LEU F 6 -49.74 6.80 -14.91
CA LEU F 6 -49.63 5.55 -15.73
C LEU F 6 -50.41 5.64 -17.05
N PRO F 7 -49.96 4.90 -18.09
CA PRO F 7 -50.72 4.69 -19.34
C PRO F 7 -52.08 4.04 -19.14
N GLU F 8 -52.96 4.25 -20.11
CA GLU F 8 -54.31 3.66 -20.14
C GLU F 8 -54.29 2.13 -20.00
N THR F 9 -53.37 1.50 -20.72
CA THR F 9 -53.28 0.02 -20.74
C THR F 9 -52.73 -0.53 -19.43
N HIS F 10 -51.83 0.21 -18.80
CA HIS F 10 -51.27 -0.20 -17.50
C HIS F 10 -52.26 0.02 -16.36
N GLN F 11 -53.19 0.96 -16.55
CA GLN F 11 -54.28 1.18 -15.60
C GLN F 11 -55.30 0.04 -15.62
N MET F 12 -55.57 -0.52 -16.80
CA MET F 12 -56.43 -1.69 -16.92
C MET F 12 -55.79 -2.91 -16.24
N LEU F 13 -54.49 -3.08 -16.48
CA LEU F 13 -53.73 -4.15 -15.83
C LEU F 13 -53.78 -4.03 -14.29
N LEU F 14 -53.59 -2.82 -13.78
CA LEU F 14 -53.52 -2.65 -12.33
C LEU F 14 -54.83 -3.12 -11.69
N GLN F 15 -55.95 -2.74 -12.29
CA GLN F 15 -57.27 -3.13 -11.79
C GLN F 15 -57.53 -4.63 -11.89
N THR F 16 -57.16 -5.22 -13.03
CA THR F 16 -57.29 -6.66 -13.22
C THR F 16 -56.55 -7.46 -12.15
N CYS F 17 -55.35 -7.02 -11.80
CA CYS F 17 -54.53 -7.70 -10.80
C CYS F 17 -55.02 -7.45 -9.39
N ARG F 18 -55.54 -6.24 -9.13
CA ARG F 18 -56.08 -5.92 -7.81
C ARG F 18 -57.33 -6.74 -7.53
N ASP F 19 -58.19 -6.81 -8.53
CA ASP F 19 -59.40 -7.63 -8.49
C ASP F 19 -59.09 -9.11 -8.30
N PHE F 20 -58.08 -9.61 -9.00
CA PHE F 20 -57.66 -10.99 -8.83
C PHE F 20 -57.10 -11.25 -7.43
N ALA F 21 -56.24 -10.36 -6.93
CA ALA F 21 -55.63 -10.58 -5.62
C ALA F 21 -56.72 -10.55 -4.53
N GLU F 22 -57.60 -9.57 -4.61
CA GLU F 22 -58.70 -9.47 -3.64
C GLU F 22 -59.64 -10.68 -3.68
N LYS F 23 -59.91 -11.20 -4.87
CA LYS F 23 -60.77 -12.37 -5.04
C LYS F 23 -60.09 -13.70 -4.69
N GLU F 24 -58.89 -13.90 -5.20
CA GLU F 24 -58.23 -15.21 -5.14
C GLU F 24 -57.12 -15.36 -4.10
N LEU F 25 -56.53 -14.24 -3.67
CA LEU F 25 -55.31 -14.28 -2.85
C LEU F 25 -55.52 -13.88 -1.41
N PHE F 26 -56.16 -12.73 -1.16
CA PHE F 26 -56.43 -12.31 0.24
C PHE F 26 -57.11 -13.41 1.08
N PRO F 27 -58.09 -14.12 0.49
CA PRO F 27 -58.73 -15.20 1.26
C PRO F 27 -57.89 -16.44 1.59
N ILE F 28 -56.76 -16.67 0.92
CA ILE F 28 -55.91 -17.84 1.21
C ILE F 28 -54.57 -17.57 1.89
N ALA F 29 -54.20 -16.30 2.06
CA ALA F 29 -52.86 -15.91 2.53
C ALA F 29 -52.56 -16.49 3.90
N ALA F 30 -53.52 -16.41 4.82
CA ALA F 30 -53.28 -16.92 6.18
C ALA F 30 -52.99 -18.43 6.16
N GLN F 31 -53.79 -19.17 5.41
CA GLN F 31 -53.61 -20.62 5.31
C GLN F 31 -52.31 -21.04 4.60
N VAL F 32 -51.94 -20.32 3.52
CA VAL F 32 -50.68 -20.57 2.81
C VAL F 32 -49.52 -20.46 3.80
N ASP F 33 -49.56 -19.39 4.57
CA ASP F 33 -48.54 -19.11 5.56
C ASP F 33 -48.55 -20.15 6.70
N LYS F 34 -49.74 -20.39 7.26
CA LYS F 34 -49.86 -21.32 8.37
C LYS F 34 -49.45 -22.73 7.96
N GLU F 35 -49.92 -23.18 6.79
CA GLU F 35 -49.70 -24.56 6.38
C GLU F 35 -48.46 -24.78 5.51
N HIS F 36 -47.65 -23.73 5.30
CA HIS F 36 -46.51 -23.78 4.36
C HIS F 36 -46.97 -24.42 3.04
N LEU F 37 -48.04 -23.89 2.47
CA LEU F 37 -48.74 -24.60 1.40
C LEU F 37 -48.59 -23.89 0.03
N PHE F 38 -48.07 -24.60 -0.96
CA PHE F 38 -47.91 -24.05 -2.32
C PHE F 38 -49.29 -23.75 -2.92
N PRO F 39 -49.53 -22.50 -3.33
CA PRO F 39 -50.84 -22.13 -3.91
C PRO F 39 -51.03 -22.50 -5.38
N ALA F 40 -50.98 -23.81 -5.66
CA ALA F 40 -51.05 -24.36 -7.02
C ALA F 40 -52.22 -23.80 -7.87
N ALA F 41 -53.43 -23.80 -7.34
CA ALA F 41 -54.62 -23.40 -8.16
C ALA F 41 -54.56 -21.93 -8.51
N GLN F 42 -54.06 -21.14 -7.57
CA GLN F 42 -53.94 -19.71 -7.75
C GLN F 42 -52.89 -19.35 -8.80
N VAL F 43 -51.73 -19.99 -8.71
CA VAL F 43 -50.64 -19.83 -9.65
C VAL F 43 -51.09 -20.25 -11.05
N LYS F 44 -51.81 -21.36 -11.15
CA LYS F 44 -52.36 -21.79 -12.43
C LYS F 44 -53.30 -20.73 -13.02
N LYS F 45 -54.20 -20.19 -12.21
CA LYS F 45 -55.09 -19.13 -12.66
C LYS F 45 -54.35 -17.88 -13.16
N MET F 46 -53.34 -17.47 -12.38
CA MET F 46 -52.41 -16.40 -12.77
C MET F 46 -51.73 -16.66 -14.12
N GLY F 47 -51.30 -17.90 -14.34
CA GLY F 47 -50.72 -18.31 -15.60
C GLY F 47 -51.67 -17.97 -16.76
N GLY F 48 -52.94 -18.31 -16.59
CA GLY F 48 -53.97 -18.02 -17.59
C GLY F 48 -54.14 -16.54 -17.87
N LEU F 49 -53.85 -15.72 -16.86
CA LEU F 49 -53.88 -14.27 -17.01
C LEU F 49 -52.62 -13.69 -17.62
N GLY F 50 -51.57 -14.50 -17.75
CA GLY F 50 -50.32 -14.09 -18.40
C GLY F 50 -49.27 -13.54 -17.44
N LEU F 51 -49.55 -13.64 -16.14
CA LEU F 51 -48.73 -13.05 -15.08
C LEU F 51 -47.43 -13.79 -14.81
N LEU F 52 -47.36 -15.06 -15.26
CA LEU F 52 -46.14 -15.85 -15.07
C LEU F 52 -45.13 -15.68 -16.21
N ALA F 53 -45.50 -14.87 -17.21
CA ALA F 53 -44.70 -14.66 -18.43
C ALA F 53 -45.05 -13.32 -19.07
N MET F 54 -44.91 -12.27 -18.27
CA MET F 54 -45.38 -10.93 -18.66
C MET F 54 -44.54 -10.29 -19.76
N ASP F 55 -43.23 -10.34 -19.62
CA ASP F 55 -42.32 -9.74 -20.57
C ASP F 55 -41.84 -10.76 -21.62
N VAL F 56 -42.60 -11.84 -21.80
CA VAL F 56 -42.27 -12.82 -22.82
C VAL F 56 -43.14 -12.48 -24.04
N PRO F 57 -42.57 -12.56 -25.25
CA PRO F 57 -43.34 -12.35 -26.49
C PRO F 57 -44.57 -13.25 -26.62
N GLU F 58 -45.65 -12.70 -27.17
CA GLU F 58 -46.88 -13.45 -27.38
C GLU F 58 -46.64 -14.71 -28.19
N GLU F 59 -45.70 -14.63 -29.13
CA GLU F 59 -45.30 -15.74 -29.98
C GLU F 59 -44.68 -16.91 -29.22
N LEU F 60 -44.05 -16.65 -28.07
CA LEU F 60 -43.54 -17.74 -27.22
C LEU F 60 -44.56 -18.14 -26.13
N GLY F 61 -45.76 -17.58 -26.20
CA GLY F 61 -46.82 -17.85 -25.23
C GLY F 61 -46.89 -16.89 -24.05
N GLY F 62 -46.15 -15.79 -24.12
CA GLY F 62 -46.17 -14.75 -23.08
C GLY F 62 -47.26 -13.71 -23.27
N ALA F 63 -47.33 -12.76 -22.34
CA ALA F 63 -48.33 -11.70 -22.38
C ALA F 63 -47.93 -10.57 -23.32
N GLY F 64 -46.66 -10.54 -23.70
CA GLY F 64 -46.14 -9.48 -24.57
C GLY F 64 -46.15 -8.08 -23.96
N LEU F 65 -45.96 -7.99 -22.64
CA LEU F 65 -45.92 -6.70 -21.97
C LEU F 65 -44.47 -6.33 -21.61
N ASP F 66 -44.30 -5.40 -20.69
CA ASP F 66 -42.97 -4.86 -20.36
C ASP F 66 -42.73 -4.90 -18.86
N TYR F 67 -41.51 -4.54 -18.46
CA TYR F 67 -41.13 -4.63 -17.06
C TYR F 67 -41.87 -3.67 -16.13
N LEU F 68 -42.42 -2.58 -16.67
CA LEU F 68 -43.23 -1.66 -15.89
C LEU F 68 -44.54 -2.36 -15.54
N ALA F 69 -45.14 -3.02 -16.53
CA ALA F 69 -46.31 -3.84 -16.27
C ALA F 69 -46.02 -4.93 -15.22
N TYR F 70 -44.90 -5.65 -15.37
CA TYR F 70 -44.47 -6.64 -14.39
C TYR F 70 -44.34 -6.07 -12.99
N ALA F 71 -43.77 -4.86 -12.89
CA ALA F 71 -43.65 -4.19 -11.60
C ALA F 71 -45.02 -3.93 -10.96
N ILE F 72 -45.93 -3.37 -11.73
CA ILE F 72 -47.29 -3.14 -11.28
C ILE F 72 -48.02 -4.42 -10.86
N ALA F 73 -47.93 -5.45 -11.70
CA ALA F 73 -48.61 -6.72 -11.43
C ALA F 73 -48.05 -7.39 -10.18
N MET F 74 -46.72 -7.42 -10.07
CA MET F 74 -46.01 -8.00 -8.94
C MET F 74 -46.40 -7.36 -7.61
N GLU F 75 -46.53 -6.05 -7.59
CA GLU F 75 -46.96 -5.32 -6.41
C GLU F 75 -48.36 -5.73 -5.96
N GLU F 76 -49.30 -5.74 -6.91
CA GLU F 76 -50.67 -6.16 -6.62
C GLU F 76 -50.82 -7.60 -6.14
N ILE F 77 -50.05 -8.52 -6.72
CA ILE F 77 -50.10 -9.95 -6.37
C ILE F 77 -49.50 -10.13 -4.97
N SER F 78 -48.38 -9.47 -4.72
CA SER F 78 -47.69 -9.64 -3.44
C SER F 78 -48.45 -9.00 -2.29
N ARG F 79 -49.26 -7.99 -2.62
CA ARG F 79 -50.16 -7.33 -1.70
C ARG F 79 -51.18 -8.34 -1.12
N GLY F 80 -51.67 -9.23 -1.97
CA GLY F 80 -52.55 -10.32 -1.57
C GLY F 80 -51.81 -11.50 -0.95
N CYS F 81 -50.68 -11.90 -1.51
CA CYS F 81 -49.91 -13.04 -1.01
C CYS F 81 -48.44 -12.97 -1.40
N ALA F 82 -47.56 -12.87 -0.39
CA ALA F 82 -46.14 -12.65 -0.61
C ALA F 82 -45.47 -13.88 -1.20
N SER F 83 -46.01 -15.05 -0.85
CA SER F 83 -45.52 -16.31 -1.38
C SER F 83 -45.86 -16.43 -2.87
N THR F 84 -47.09 -16.10 -3.23
CA THR F 84 -47.52 -16.10 -4.64
C THR F 84 -46.65 -15.11 -5.47
N GLY F 85 -46.27 -14.00 -4.86
CA GLY F 85 -45.41 -13.04 -5.49
C GLY F 85 -44.02 -13.55 -5.76
N VAL F 86 -43.38 -14.25 -4.82
CA VAL F 86 -42.02 -14.69 -5.08
C VAL F 86 -42.01 -15.84 -6.14
N ILE F 87 -43.09 -16.64 -6.18
CA ILE F 87 -43.19 -17.74 -7.13
C ILE F 87 -43.25 -17.16 -8.55
N MET F 88 -44.15 -16.21 -8.73
CA MET F 88 -44.27 -15.44 -9.95
C MET F 88 -42.96 -14.70 -10.34
N SER F 89 -42.30 -14.09 -9.36
CA SER F 89 -41.05 -13.38 -9.64
C SER F 89 -39.94 -14.31 -10.11
N VAL F 90 -39.81 -15.47 -9.47
CA VAL F 90 -38.80 -16.41 -9.85
C VAL F 90 -39.03 -16.87 -11.30
N ASN F 91 -40.29 -17.14 -11.67
CA ASN F 91 -40.58 -17.69 -12.99
C ASN F 91 -40.31 -16.66 -14.07
N ASN F 92 -40.82 -15.44 -13.85
CA ASN F 92 -40.62 -14.30 -14.74
C ASN F 92 -39.16 -13.88 -14.92
N SER F 93 -38.52 -13.55 -13.81
CA SER F 93 -37.21 -12.89 -13.84
C SER F 93 -36.06 -13.83 -13.92
N LEU F 94 -36.05 -14.83 -13.03
CA LEU F 94 -34.90 -15.66 -12.85
C LEU F 94 -34.88 -16.91 -13.74
N TYR F 95 -36.05 -17.42 -14.11
CA TYR F 95 -36.12 -18.60 -14.95
C TYR F 95 -36.25 -18.18 -16.40
N LEU F 96 -37.38 -17.57 -16.73
CA LEU F 96 -37.63 -17.20 -18.10
C LEU F 96 -36.69 -16.08 -18.57
N GLY F 97 -36.38 -15.14 -17.68
CA GLY F 97 -35.51 -14.00 -18.00
C GLY F 97 -34.26 -14.31 -18.80
N PRO F 98 -33.32 -15.09 -18.21
CA PRO F 98 -32.06 -15.42 -18.88
C PRO F 98 -32.24 -16.25 -20.15
N ILE F 99 -33.26 -17.11 -20.20
CA ILE F 99 -33.47 -17.93 -21.38
C ILE F 99 -33.86 -17.04 -22.57
N LEU F 100 -34.73 -16.05 -22.34
CA LEU F 100 -35.09 -15.11 -23.40
C LEU F 100 -33.91 -14.24 -23.84
N LYS F 101 -33.04 -13.88 -22.91
CA LYS F 101 -31.92 -12.99 -23.18
C LYS F 101 -30.74 -13.71 -23.81
N PHE F 102 -30.43 -14.91 -23.33
CA PHE F 102 -29.25 -15.64 -23.79
C PHE F 102 -29.51 -16.92 -24.55
N GLY F 103 -30.75 -17.36 -24.64
CA GLY F 103 -31.08 -18.63 -25.27
C GLY F 103 -31.14 -18.62 -26.79
N SER F 104 -30.85 -19.78 -27.39
CA SER F 104 -31.05 -20.01 -28.82
C SER F 104 -32.53 -20.05 -29.14
N LYS F 105 -32.83 -19.96 -30.43
CA LYS F 105 -34.19 -20.07 -30.96
C LYS F 105 -34.89 -21.34 -30.45
N GLU F 106 -34.10 -22.42 -30.36
CA GLU F 106 -34.59 -23.74 -29.98
C GLU F 106 -34.78 -23.86 -28.48
N GLN F 107 -33.82 -23.34 -27.72
CA GLN F 107 -33.93 -23.25 -26.27
C GLN F 107 -35.18 -22.50 -25.82
N LYS F 108 -35.46 -21.35 -26.42
CA LYS F 108 -36.68 -20.61 -26.15
C LYS F 108 -37.94 -21.42 -26.48
N GLN F 109 -37.94 -22.10 -27.62
CA GLN F 109 -39.11 -22.92 -27.96
C GLN F 109 -39.37 -24.02 -26.93
N ALA F 110 -38.31 -24.70 -26.49
CA ALA F 110 -38.41 -25.84 -25.56
C ALA F 110 -38.55 -25.44 -24.07
N TRP F 111 -37.89 -24.35 -23.67
CA TRP F 111 -37.73 -24.00 -22.25
C TRP F 111 -38.47 -22.77 -21.80
N VAL F 112 -38.97 -21.99 -22.76
CA VAL F 112 -39.85 -20.86 -22.43
C VAL F 112 -41.30 -21.24 -22.56
N THR F 113 -41.71 -21.66 -23.76
CA THR F 113 -43.13 -21.81 -24.05
C THR F 113 -43.91 -22.71 -23.10
N PRO F 114 -43.35 -23.86 -22.71
CA PRO F 114 -44.09 -24.74 -21.80
C PRO F 114 -44.24 -24.22 -20.35
N PHE F 115 -43.55 -23.11 -20.03
CA PHE F 115 -43.51 -22.52 -18.73
C PHE F 115 -44.17 -21.15 -18.72
N THR F 116 -45.15 -20.92 -19.60
CA THR F 116 -45.82 -19.64 -19.71
C THR F 116 -47.29 -19.63 -19.25
N SER F 117 -47.86 -20.78 -18.95
CA SER F 117 -49.31 -20.92 -18.74
C SER F 117 -49.76 -21.15 -17.29
N GLY F 118 -48.81 -21.31 -16.39
CA GLY F 118 -49.12 -21.72 -15.02
C GLY F 118 -49.10 -23.23 -14.79
N ASP F 119 -48.96 -24.01 -15.85
CA ASP F 119 -48.97 -25.47 -15.72
C ASP F 119 -47.62 -25.97 -15.22
N LYS F 120 -46.55 -25.34 -15.67
CA LYS F 120 -45.19 -25.72 -15.31
C LYS F 120 -44.42 -24.43 -14.98
N ILE F 121 -43.51 -24.52 -14.01
CA ILE F 121 -42.72 -23.37 -13.58
C ILE F 121 -41.25 -23.77 -13.42
N GLY F 122 -40.38 -22.77 -13.44
CA GLY F 122 -38.93 -22.97 -13.39
C GLY F 122 -38.32 -22.48 -12.09
N CYS F 123 -37.02 -22.59 -12.01
CA CYS F 123 -36.29 -22.16 -10.83
C CYS F 123 -34.84 -21.81 -11.21
N PHE F 124 -34.14 -21.18 -10.27
CA PHE F 124 -32.85 -20.56 -10.53
C PHE F 124 -31.86 -20.97 -9.46
N ALA F 125 -30.78 -21.63 -9.86
CA ALA F 125 -29.90 -22.30 -8.91
C ALA F 125 -28.47 -21.79 -9.05
N LEU F 126 -28.19 -20.74 -8.25
CA LEU F 126 -26.89 -20.08 -8.22
C LEU F 126 -26.15 -20.34 -6.90
N SER F 127 -26.84 -20.07 -5.80
CA SER F 127 -26.26 -20.21 -4.47
C SER F 127 -25.96 -21.66 -4.15
N GLU F 128 -24.99 -21.83 -3.26
CA GLU F 128 -24.60 -23.10 -2.68
C GLU F 128 -24.52 -22.93 -1.15
N PRO F 129 -24.44 -24.04 -0.38
CA PRO F 129 -24.31 -23.95 1.09
C PRO F 129 -23.13 -23.13 1.61
N GLY F 130 -22.01 -23.19 0.90
CA GLY F 130 -20.80 -22.49 1.30
C GLY F 130 -20.74 -21.05 0.81
N ASN F 131 -21.67 -20.63 -0.03
CA ASN F 131 -21.58 -19.34 -0.70
C ASN F 131 -22.86 -18.85 -1.40
N GLY F 132 -23.35 -17.70 -0.93
CA GLY F 132 -24.51 -17.05 -1.51
C GLY F 132 -24.13 -15.69 -2.05
N SER F 133 -23.59 -14.83 -1.20
CA SER F 133 -23.16 -13.49 -1.64
C SER F 133 -21.97 -13.56 -2.59
N ASP F 134 -21.01 -14.40 -2.22
CA ASP F 134 -19.84 -14.69 -3.01
C ASP F 134 -20.23 -15.76 -4.06
N ALA F 135 -21.01 -15.29 -5.03
CA ALA F 135 -21.65 -16.14 -6.04
C ALA F 135 -20.65 -16.84 -6.96
N GLY F 136 -19.56 -16.16 -7.28
CA GLY F 136 -18.50 -16.75 -8.10
C GLY F 136 -17.73 -17.89 -7.45
N ALA F 137 -17.83 -18.06 -6.13
CA ALA F 137 -17.15 -19.18 -5.44
C ALA F 137 -17.82 -20.57 -5.63
N ALA F 138 -18.68 -20.70 -6.67
CA ALA F 138 -19.36 -21.97 -6.99
C ALA F 138 -18.41 -23.16 -7.10
N SER F 139 -18.63 -24.17 -6.27
CA SER F 139 -17.87 -25.40 -6.29
C SER F 139 -18.68 -26.57 -6.91
N THR F 140 -19.94 -26.35 -7.26
CA THR F 140 -20.63 -27.27 -8.17
C THR F 140 -19.90 -27.22 -9.51
N THR F 141 -19.61 -28.40 -10.04
CA THR F 141 -18.77 -28.49 -11.24
C THR F 141 -19.54 -29.10 -12.38
N ALA F 142 -19.17 -28.71 -13.60
CA ALA F 142 -19.71 -29.29 -14.84
C ALA F 142 -18.54 -29.70 -15.69
N ARG F 143 -18.50 -30.98 -16.01
CA ARG F 143 -17.43 -31.59 -16.78
C ARG F 143 -17.96 -32.13 -18.10
N ALA F 144 -17.35 -31.69 -19.19
CA ALA F 144 -17.67 -32.15 -20.53
C ALA F 144 -17.18 -33.57 -20.69
N GLU F 145 -18.09 -34.45 -21.08
CA GLU F 145 -17.77 -35.84 -21.37
C GLU F 145 -18.65 -36.29 -22.51
N GLY F 146 -18.04 -36.43 -23.69
CA GLY F 146 -18.74 -36.90 -24.86
C GLY F 146 -19.68 -35.82 -25.34
N ASP F 147 -20.94 -36.19 -25.54
CA ASP F 147 -21.92 -35.22 -25.95
C ASP F 147 -22.82 -34.81 -24.76
N SER F 148 -22.26 -34.93 -23.55
CA SER F 148 -22.90 -34.51 -22.30
C SER F 148 -22.04 -33.59 -21.43
N TRP F 149 -22.74 -32.89 -20.54
CA TRP F 149 -22.13 -32.25 -19.39
C TRP F 149 -22.47 -33.11 -18.15
N VAL F 150 -21.49 -33.30 -17.29
CA VAL F 150 -21.71 -34.06 -16.06
C VAL F 150 -21.61 -33.14 -14.83
N LEU F 151 -22.73 -33.02 -14.11
CA LEU F 151 -22.79 -32.11 -12.97
C LEU F 151 -22.64 -32.83 -11.63
N ASN F 152 -21.85 -32.23 -10.74
CA ASN F 152 -21.67 -32.73 -9.40
C ASN F 152 -21.63 -31.58 -8.39
N GLY F 153 -22.44 -31.69 -7.34
CA GLY F 153 -22.51 -30.67 -6.30
C GLY F 153 -23.89 -30.35 -5.75
N THR F 154 -23.91 -29.50 -4.75
CA THR F 154 -25.14 -29.07 -4.11
C THR F 154 -25.32 -27.58 -4.29
N LYS F 155 -26.49 -27.23 -4.82
CA LYS F 155 -27.00 -25.86 -4.82
C LYS F 155 -27.92 -25.71 -3.62
N ALA F 156 -27.99 -24.50 -3.07
CA ALA F 156 -28.76 -24.23 -1.85
C ALA F 156 -29.76 -23.08 -2.03
N TRP F 157 -30.85 -23.20 -1.27
CA TRP F 157 -31.90 -22.19 -1.12
C TRP F 157 -32.73 -21.99 -2.35
N ILE F 158 -32.97 -23.02 -3.12
CA ILE F 158 -33.66 -22.85 -4.40
C ILE F 158 -35.18 -22.72 -4.24
N THR F 159 -35.71 -21.55 -4.59
CA THR F 159 -37.13 -21.28 -4.61
C THR F 159 -37.82 -22.02 -5.78
N ASN F 160 -38.95 -22.65 -5.46
CA ASN F 160 -39.67 -23.52 -6.40
C ASN F 160 -39.05 -24.92 -6.60
N ALA F 161 -38.03 -25.27 -5.82
CA ALA F 161 -37.33 -26.54 -5.96
C ALA F 161 -38.25 -27.76 -6.01
N TRP F 162 -39.29 -27.77 -5.17
CA TRP F 162 -40.21 -28.91 -5.11
C TRP F 162 -41.34 -28.89 -6.15
N GLU F 163 -41.59 -27.75 -6.77
CA GLU F 163 -42.64 -27.64 -7.80
C GLU F 163 -42.10 -27.45 -9.23
N ALA F 164 -40.83 -27.06 -9.36
CA ALA F 164 -40.23 -26.70 -10.66
C ALA F 164 -40.00 -27.91 -11.54
N SER F 165 -40.26 -27.72 -12.83
CA SER F 165 -40.01 -28.73 -13.87
C SER F 165 -38.76 -28.47 -14.72
N ALA F 166 -38.07 -27.35 -14.43
CA ALA F 166 -36.81 -26.98 -15.10
C ALA F 166 -36.08 -25.98 -14.20
N ALA F 167 -34.74 -26.01 -14.29
CA ALA F 167 -33.86 -25.10 -13.60
C ALA F 167 -32.85 -24.51 -14.56
N VAL F 168 -32.46 -23.27 -14.25
CA VAL F 168 -31.25 -22.68 -14.78
C VAL F 168 -30.19 -22.82 -13.69
N VAL F 169 -29.12 -23.52 -14.01
CA VAL F 169 -28.11 -23.96 -13.04
C VAL F 169 -26.73 -23.41 -13.39
N PHE F 170 -25.99 -22.93 -12.37
CA PHE F 170 -24.66 -22.37 -12.55
C PHE F 170 -23.61 -23.30 -11.91
N ALA F 171 -22.60 -23.68 -12.68
CA ALA F 171 -21.59 -24.62 -12.27
C ALA F 171 -20.20 -24.19 -12.76
N SER F 172 -19.17 -24.60 -12.04
CA SER F 172 -17.79 -24.29 -12.43
C SER F 172 -17.36 -25.21 -13.57
N THR F 173 -16.99 -24.61 -14.70
CA THR F 173 -16.50 -25.35 -15.87
C THR F 173 -14.95 -25.34 -15.95
N ASP F 174 -14.31 -24.36 -15.31
CA ASP F 174 -12.84 -24.33 -15.16
C ASP F 174 -12.39 -23.37 -14.05
N SER F 181 -14.93 -18.68 -15.78
CA SER F 181 -14.96 -20.08 -15.35
C SER F 181 -16.32 -20.69 -14.92
N ILE F 182 -17.41 -19.92 -14.99
CA ILE F 182 -18.73 -20.42 -14.57
C ILE F 182 -19.62 -20.44 -15.80
N SER F 183 -20.43 -21.49 -15.90
CA SER F 183 -21.37 -21.61 -17.00
C SER F 183 -22.80 -21.84 -16.51
N ALA F 184 -23.77 -21.44 -17.35
CA ALA F 184 -25.19 -21.61 -17.10
C ALA F 184 -25.70 -22.82 -17.93
N PHE F 185 -26.63 -23.59 -17.34
CA PHE F 185 -27.18 -24.83 -17.93
C PHE F 185 -28.70 -24.93 -17.74
N LEU F 186 -29.41 -25.41 -18.76
CA LEU F 186 -30.83 -25.73 -18.68
C LEU F 186 -30.98 -27.20 -18.28
N VAL F 187 -31.53 -27.45 -17.10
CA VAL F 187 -31.65 -28.81 -16.56
C VAL F 187 -33.12 -29.19 -16.31
N PRO F 188 -33.58 -30.35 -16.84
CA PRO F 188 -34.96 -30.75 -16.55
C PRO F 188 -35.13 -31.30 -15.13
N MET F 189 -36.36 -31.23 -14.63
CA MET F 189 -36.69 -31.78 -13.31
C MET F 189 -38.03 -32.54 -13.44
N PRO F 190 -38.00 -33.85 -13.19
CA PRO F 190 -36.89 -34.67 -12.76
C PRO F 190 -35.86 -34.98 -13.85
N THR F 191 -34.69 -35.40 -13.41
CA THR F 191 -33.67 -35.95 -14.27
C THR F 191 -32.78 -36.86 -13.42
N PRO F 192 -32.22 -37.91 -14.03
CA PRO F 192 -31.37 -38.80 -13.25
C PRO F 192 -30.15 -38.08 -12.71
N GLY F 193 -29.80 -38.36 -11.47
CA GLY F 193 -28.64 -37.74 -10.83
C GLY F 193 -28.94 -36.45 -10.10
N LEU F 194 -30.19 -35.99 -10.20
CA LEU F 194 -30.66 -34.79 -9.49
C LEU F 194 -31.66 -35.17 -8.38
N THR F 195 -31.32 -34.83 -7.12
CA THR F 195 -32.26 -35.03 -6.02
C THR F 195 -32.50 -33.75 -5.18
N LEU F 196 -33.58 -33.77 -4.42
CA LEU F 196 -34.00 -32.55 -3.73
C LEU F 196 -33.72 -32.71 -2.27
N GLY F 197 -33.14 -31.67 -1.68
CA GLY F 197 -33.09 -31.55 -0.23
C GLY F 197 -34.46 -31.30 0.38
N LYS F 198 -34.50 -31.51 1.67
CA LYS F 198 -35.67 -31.23 2.50
C LYS F 198 -36.08 -29.75 2.40
N LYS F 199 -37.38 -29.49 2.38
CA LYS F 199 -37.87 -28.12 2.42
C LYS F 199 -37.34 -27.39 3.66
N GLU F 200 -36.94 -26.13 3.47
CA GLU F 200 -36.53 -25.27 4.57
C GLU F 200 -37.77 -24.83 5.31
N ASP F 201 -37.66 -24.70 6.63
CA ASP F 201 -38.70 -24.18 7.51
C ASP F 201 -38.39 -22.69 7.81
N LYS F 202 -39.12 -21.84 7.10
CA LYS F 202 -38.79 -20.42 6.99
C LYS F 202 -39.62 -19.54 7.93
N LEU F 203 -39.04 -18.39 8.27
CA LEU F 203 -39.69 -17.35 9.01
C LEU F 203 -40.95 -16.85 8.32
N GLY F 204 -40.87 -16.70 6.99
CA GLY F 204 -41.95 -16.18 6.14
C GLY F 204 -41.85 -16.72 4.70
N ILE F 205 -42.60 -16.11 3.77
CA ILE F 205 -42.86 -16.63 2.39
C ILE F 205 -42.95 -18.19 2.34
N ARG F 206 -43.71 -18.72 3.28
CA ARG F 206 -43.71 -20.14 3.58
C ARG F 206 -44.49 -20.96 2.54
N GLY F 207 -45.36 -20.31 1.80
CA GLY F 207 -46.01 -20.97 0.67
C GLY F 207 -45.07 -21.39 -0.46
N SER F 208 -43.91 -20.75 -0.51
CA SER F 208 -42.91 -21.09 -1.50
C SER F 208 -41.98 -22.13 -0.92
N SER F 209 -41.63 -23.10 -1.75
CA SER F 209 -40.68 -24.14 -1.37
C SER F 209 -39.25 -23.61 -1.57
N THR F 210 -38.38 -24.00 -0.65
CA THR F 210 -36.97 -23.67 -0.70
C THR F 210 -36.21 -24.93 -0.30
N ALA F 211 -35.29 -25.37 -1.14
CA ALA F 211 -34.58 -26.64 -0.87
C ALA F 211 -33.26 -26.74 -1.62
N ASN F 212 -32.37 -27.60 -1.15
CA ASN F 212 -31.16 -27.91 -1.91
C ASN F 212 -31.48 -28.69 -3.23
N LEU F 213 -30.68 -28.44 -4.25
CA LEU F 213 -30.63 -29.24 -5.49
C LEU F 213 -29.31 -30.03 -5.49
N ILE F 214 -29.41 -31.35 -5.43
CA ILE F 214 -28.23 -32.22 -5.27
C ILE F 214 -27.94 -32.97 -6.58
N PHE F 215 -26.79 -32.63 -7.19
CA PHE F 215 -26.34 -33.24 -8.45
C PHE F 215 -25.26 -34.26 -8.14
N GLU F 216 -25.47 -35.51 -8.53
CA GLU F 216 -24.44 -36.55 -8.40
C GLU F 216 -24.39 -37.33 -9.73
N ASP F 217 -23.27 -37.16 -10.43
CA ASP F 217 -23.11 -37.63 -11.81
C ASP F 217 -24.37 -37.43 -12.65
N CYS F 218 -24.86 -36.20 -12.59
CA CYS F 218 -26.03 -35.81 -13.34
C CYS F 218 -25.62 -35.39 -14.76
N ARG F 219 -26.12 -36.15 -15.75
CA ARG F 219 -25.77 -35.94 -17.16
C ARG F 219 -26.85 -35.16 -17.90
N ILE F 220 -26.43 -34.16 -18.65
CA ILE F 220 -27.36 -33.35 -19.46
C ILE F 220 -26.71 -33.20 -20.85
N PRO F 221 -27.51 -33.01 -21.91
CA PRO F 221 -26.89 -32.84 -23.22
C PRO F 221 -25.98 -31.61 -23.32
N LYS F 222 -24.99 -31.67 -24.21
CA LYS F 222 -24.06 -30.56 -24.41
C LYS F 222 -24.78 -29.31 -24.86
N ASP F 223 -25.84 -29.47 -25.64
CA ASP F 223 -26.75 -28.39 -26.02
C ASP F 223 -27.49 -27.68 -24.87
N SER F 224 -27.38 -28.21 -23.66
CA SER F 224 -28.04 -27.62 -22.49
C SER F 224 -27.43 -26.30 -22.02
N ILE F 225 -26.17 -26.04 -22.41
CA ILE F 225 -25.47 -24.82 -21.99
C ILE F 225 -26.19 -23.58 -22.54
N LEU F 226 -26.37 -22.60 -21.66
CA LEU F 226 -26.99 -21.34 -22.01
C LEU F 226 -25.84 -20.35 -22.23
N GLY F 227 -25.80 -19.74 -23.41
CA GLY F 227 -24.63 -18.98 -23.85
C GLY F 227 -23.41 -19.84 -24.09
N GLU F 228 -22.24 -19.29 -23.83
CA GLU F 228 -20.99 -19.95 -24.10
C GLU F 228 -20.35 -20.34 -22.80
N PRO F 229 -19.45 -21.34 -22.83
CA PRO F 229 -18.69 -21.63 -21.62
C PRO F 229 -17.99 -20.39 -21.10
N GLY F 230 -18.07 -20.19 -19.79
CA GLY F 230 -17.46 -19.02 -19.14
C GLY F 230 -18.39 -17.82 -19.02
N MET F 231 -19.52 -17.83 -19.74
CA MET F 231 -20.47 -16.74 -19.67
C MET F 231 -21.34 -16.77 -18.40
N GLY F 232 -21.23 -17.82 -17.60
CA GLY F 232 -22.16 -18.01 -16.47
C GLY F 232 -22.20 -16.88 -15.44
N PHE F 233 -21.06 -16.28 -15.11
CA PHE F 233 -21.10 -15.24 -14.09
C PHE F 233 -21.88 -14.00 -14.57
N LYS F 234 -21.59 -13.54 -15.79
CA LYS F 234 -22.33 -12.45 -16.45
C LYS F 234 -23.81 -12.73 -16.65
N ILE F 235 -24.14 -13.98 -16.97
CA ILE F 235 -25.56 -14.37 -17.09
C ILE F 235 -26.26 -14.25 -15.74
N ALA F 236 -25.60 -14.68 -14.68
CA ALA F 236 -26.17 -14.65 -13.34
C ALA F 236 -26.37 -13.23 -12.87
N MET F 237 -25.33 -12.41 -13.09
CA MET F 237 -25.37 -11.01 -12.67
C MET F 237 -26.45 -10.22 -13.40
N GLN F 238 -26.59 -10.46 -14.70
CA GLN F 238 -27.61 -9.76 -15.47
C GLN F 238 -29.01 -10.24 -15.16
N THR F 239 -29.12 -11.49 -14.70
CA THR F 239 -30.40 -12.04 -14.37
C THR F 239 -30.87 -11.43 -13.06
N LEU F 240 -29.96 -11.35 -12.08
CA LEU F 240 -30.24 -10.70 -10.81
C LEU F 240 -30.61 -9.23 -10.92
N ASP F 241 -30.14 -8.53 -11.95
CA ASP F 241 -30.52 -7.13 -12.17
C ASP F 241 -32.02 -7.07 -12.44
N MET F 242 -32.49 -7.98 -13.31
CA MET F 242 -33.91 -8.15 -13.58
C MET F 242 -34.68 -8.59 -12.34
N GLY F 243 -34.16 -9.61 -11.65
CA GLY F 243 -34.81 -10.15 -10.51
C GLY F 243 -34.97 -9.14 -9.40
N ARG F 244 -34.02 -8.23 -9.27
CA ARG F 244 -34.11 -7.18 -8.25
C ARG F 244 -35.30 -6.25 -8.42
N ILE F 245 -35.70 -6.02 -9.67
CA ILE F 245 -36.87 -5.22 -9.94
C ILE F 245 -38.13 -5.95 -9.43
N GLY F 246 -38.17 -7.26 -9.68
CA GLY F 246 -39.24 -8.12 -9.17
C GLY F 246 -39.32 -8.21 -7.65
N ILE F 247 -38.18 -8.33 -6.98
CA ILE F 247 -38.18 -8.38 -5.51
C ILE F 247 -38.54 -6.97 -4.91
N ALA F 248 -38.07 -5.89 -5.55
CA ALA F 248 -38.49 -4.53 -5.22
C ALA F 248 -40.01 -4.42 -5.17
N SER F 249 -40.66 -4.97 -6.18
CA SER F 249 -42.08 -4.82 -6.33
C SER F 249 -42.82 -5.72 -5.38
N GLN F 250 -42.26 -6.91 -5.13
CA GLN F 250 -42.73 -7.77 -4.07
C GLN F 250 -42.76 -7.02 -2.73
N ALA F 251 -41.61 -6.45 -2.37
CA ALA F 251 -41.47 -5.62 -1.18
C ALA F 251 -42.48 -4.45 -1.16
N LEU F 252 -42.71 -3.82 -2.32
CA LEU F 252 -43.71 -2.76 -2.39
C LEU F 252 -45.13 -3.25 -2.06
N GLY F 253 -45.43 -4.48 -2.48
CA GLY F 253 -46.74 -5.05 -2.29
C GLY F 253 -46.97 -5.36 -0.83
N ILE F 254 -45.92 -5.88 -0.18
CA ILE F 254 -45.93 -6.20 1.25
C ILE F 254 -46.08 -4.91 2.09
N ALA F 255 -45.32 -3.87 1.74
CA ALA F 255 -45.38 -2.57 2.39
C ALA F 255 -46.76 -1.95 2.25
N GLN F 256 -47.32 -2.04 1.06
CA GLN F 256 -48.60 -1.42 0.80
C GLN F 256 -49.72 -2.02 1.65
N THR F 257 -49.71 -3.35 1.77
CA THR F 257 -50.77 -4.05 2.43
C THR F 257 -50.69 -3.84 3.94
N ALA F 258 -49.45 -3.79 4.45
CA ALA F 258 -49.13 -3.44 5.84
C ALA F 258 -49.55 -2.01 6.19
N LEU F 259 -49.35 -1.07 5.30
CA LEU F 259 -49.88 0.28 5.43
C LEU F 259 -51.42 0.30 5.37
N ASP F 260 -52.02 -0.42 4.41
CA ASP F 260 -53.49 -0.53 4.34
C ASP F 260 -54.07 -1.04 5.66
N CYS F 261 -53.38 -2.00 6.25
CA CYS F 261 -53.74 -2.60 7.54
C CYS F 261 -53.66 -1.62 8.74
N ALA F 262 -52.55 -0.91 8.89
CA ALA F 262 -52.40 0.10 9.92
C ALA F 262 -53.46 1.23 9.82
N VAL F 263 -53.65 1.75 8.61
CA VAL F 263 -54.59 2.86 8.40
C VAL F 263 -56.01 2.49 8.75
N ASN F 264 -56.49 1.36 8.22
CA ASN F 264 -57.87 0.97 8.46
C ASN F 264 -58.07 0.71 9.94
N TYR F 265 -57.04 0.15 10.57
CA TYR F 265 -57.08 -0.16 11.98
C TYR F 265 -57.07 1.10 12.83
N ALA F 266 -56.23 2.07 12.44
CA ALA F 266 -56.07 3.32 13.19
C ALA F 266 -57.30 4.20 13.09
N GLU F 267 -57.98 4.14 11.94
CA GLU F 267 -59.20 4.90 11.74
C GLU F 267 -60.35 4.43 12.62
N ASN F 268 -60.32 3.16 13.04
CA ASN F 268 -61.41 2.55 13.75
C ASN F 268 -61.11 2.19 15.21
N ARG F 269 -59.86 2.22 15.63
CA ARG F 269 -59.51 1.91 17.03
C ARG F 269 -59.59 3.21 17.84
N MET F 270 -60.34 3.20 18.93
CA MET F 270 -60.41 4.35 19.83
C MET F 270 -59.42 4.20 20.98
N ALA F 271 -58.83 5.33 21.36
CA ALA F 271 -57.97 5.40 22.53
C ALA F 271 -58.04 6.82 23.08
N PHE F 272 -58.12 6.95 24.40
CA PHE F 272 -58.21 8.26 25.06
C PHE F 272 -59.28 9.17 24.43
N GLY F 273 -60.42 8.60 24.05
CA GLY F 273 -61.57 9.36 23.56
C GLY F 273 -61.72 9.61 22.06
N ALA F 274 -60.84 9.04 21.24
CA ALA F 274 -60.81 9.36 19.82
C ALA F 274 -60.08 8.26 19.07
N PRO F 275 -60.27 8.22 17.75
CA PRO F 275 -59.47 7.33 16.93
C PRO F 275 -57.98 7.59 17.08
N LEU F 276 -57.22 6.53 16.84
CA LEU F 276 -55.77 6.59 16.83
C LEU F 276 -55.24 7.62 15.81
N THR F 277 -55.94 7.77 14.68
CA THR F 277 -55.53 8.73 13.68
C THR F 277 -55.59 10.20 14.13
N LYS F 278 -56.33 10.51 15.19
CA LYS F 278 -56.32 11.86 15.80
C LYS F 278 -55.02 12.12 16.58
N LEU F 279 -54.29 11.08 16.93
CA LEU F 279 -53.02 11.26 17.62
C LEU F 279 -51.91 11.69 16.64
N GLN F 280 -51.21 12.76 17.00
CA GLN F 280 -50.14 13.30 16.17
C GLN F 280 -49.08 12.28 15.83
N VAL F 281 -48.67 11.50 16.82
CA VAL F 281 -47.55 10.59 16.60
C VAL F 281 -47.94 9.47 15.65
N ILE F 282 -49.23 9.11 15.61
CA ILE F 282 -49.74 8.08 14.73
C ILE F 282 -49.80 8.65 13.31
N GLN F 283 -50.22 9.90 13.21
CA GLN F 283 -50.22 10.62 11.95
C GLN F 283 -48.84 10.66 11.27
N PHE F 284 -47.83 10.92 12.10
CA PHE F 284 -46.43 10.98 11.74
C PHE F 284 -45.86 9.63 11.34
N LYS F 285 -46.26 8.59 12.08
CA LYS F 285 -45.92 7.23 11.73
C LYS F 285 -46.41 6.93 10.34
N LEU F 286 -47.69 7.20 10.10
CA LEU F 286 -48.31 6.94 8.83
C LEU F 286 -47.72 7.77 7.67
N ALA F 287 -47.41 9.05 7.96
CA ALA F 287 -46.74 9.90 6.98
C ALA F 287 -45.39 9.33 6.59
N ASP F 288 -44.57 8.91 7.56
CA ASP F 288 -43.29 8.28 7.26
C ASP F 288 -43.40 6.97 6.46
N MET F 289 -44.46 6.20 6.72
CA MET F 289 -44.69 4.96 6.00
C MET F 289 -45.05 5.26 4.54
N ALA F 290 -45.99 6.18 4.35
CA ALA F 290 -46.42 6.62 3.03
C ALA F 290 -45.23 7.11 2.19
N LEU F 291 -44.38 7.95 2.78
CA LEU F 291 -43.23 8.51 2.12
C LEU F 291 -42.20 7.45 1.72
N ALA F 292 -41.87 6.52 2.62
CA ALA F 292 -40.91 5.47 2.30
C ALA F 292 -41.36 4.59 1.14
N LEU F 293 -42.66 4.28 1.13
CA LEU F 293 -43.27 3.44 0.13
C LEU F 293 -43.35 4.12 -1.24
N GLU F 294 -43.83 5.36 -1.28
CA GLU F 294 -44.03 6.08 -2.53
C GLU F 294 -42.68 6.34 -3.15
N SER F 295 -41.71 6.69 -2.32
CA SER F 295 -40.36 6.87 -2.79
C SER F 295 -39.73 5.61 -3.35
N ALA F 296 -39.97 4.48 -2.69
CA ALA F 296 -39.44 3.20 -3.13
C ALA F 296 -40.10 2.79 -4.46
N ARG F 297 -41.37 3.10 -4.63
CA ARG F 297 -42.07 2.75 -5.89
C ARG F 297 -41.54 3.55 -7.10
N LEU F 298 -41.27 4.83 -6.91
CA LEU F 298 -40.65 5.63 -7.95
C LEU F 298 -39.26 5.05 -8.33
N LEU F 299 -38.42 4.67 -7.36
CA LEU F 299 -37.17 4.00 -7.70
C LEU F 299 -37.33 2.71 -8.53
N THR F 300 -38.40 1.97 -8.24
CA THR F 300 -38.61 0.70 -8.87
C THR F 300 -39.12 0.93 -10.28
N TRP F 301 -40.04 1.86 -10.42
CA TRP F 301 -40.57 2.20 -11.73
C TRP F 301 -39.50 2.78 -12.66
N ARG F 302 -38.61 3.59 -12.11
CA ARG F 302 -37.49 4.12 -12.87
C ARG F 302 -36.63 2.99 -13.40
N ALA F 303 -36.35 2.00 -12.56
CA ALA F 303 -35.50 0.86 -12.95
C ALA F 303 -36.14 0.04 -14.08
N ALA F 304 -37.44 -0.17 -13.96
CA ALA F 304 -38.24 -0.92 -14.94
C ALA F 304 -38.33 -0.20 -16.29
N MET F 305 -38.56 1.11 -16.23
CA MET F 305 -38.60 1.92 -17.43
C MET F 305 -37.25 1.96 -18.16
N LEU F 306 -36.15 2.03 -17.42
CA LEU F 306 -34.83 1.91 -18.03
C LEU F 306 -34.64 0.57 -18.73
N LYS F 307 -35.00 -0.52 -18.04
CA LYS F 307 -34.92 -1.83 -18.65
C LYS F 307 -35.76 -1.87 -19.92
N ASP F 308 -37.00 -1.37 -19.85
CA ASP F 308 -37.92 -1.35 -21.01
C ASP F 308 -37.39 -0.52 -22.17
N ASN F 309 -36.61 0.50 -21.86
CA ASN F 309 -36.03 1.37 -22.90
C ASN F 309 -34.63 0.94 -23.32
N LYS F 310 -34.19 -0.22 -22.84
CA LYS F 310 -32.91 -0.81 -23.25
C LYS F 310 -31.72 0.08 -22.86
N LYS F 311 -31.85 0.73 -21.70
CA LYS F 311 -30.78 1.52 -21.09
C LYS F 311 -30.24 0.78 -19.86
N PRO F 312 -28.98 1.06 -19.47
CA PRO F 312 -28.39 0.41 -18.27
C PRO F 312 -29.23 0.66 -17.03
N PHE F 313 -29.35 -0.33 -16.14
CA PHE F 313 -30.21 -0.22 -14.96
C PHE F 313 -29.70 -0.99 -13.75
N ILE F 314 -28.40 -1.28 -13.71
CA ILE F 314 -27.82 -2.04 -12.63
C ILE F 314 -27.89 -1.26 -11.30
N LYS F 315 -27.46 -0.01 -11.32
CA LYS F 315 -27.45 0.78 -10.10
C LYS F 315 -28.89 1.01 -9.66
N GLU F 316 -29.74 1.32 -10.63
CA GLU F 316 -31.12 1.71 -10.34
C GLU F 316 -31.94 0.53 -9.79
N ALA F 317 -31.75 -0.68 -10.37
CA ALA F 317 -32.35 -1.92 -9.82
C ALA F 317 -31.93 -2.18 -8.37
N ALA F 318 -30.63 -2.05 -8.11
CA ALA F 318 -30.09 -2.21 -6.79
C ALA F 318 -30.67 -1.19 -5.77
N MET F 319 -30.79 0.07 -6.16
CA MET F 319 -31.42 1.10 -5.32
C MET F 319 -32.90 0.81 -4.99
N ALA F 320 -33.65 0.41 -5.99
CA ALA F 320 -35.03 0.01 -5.79
C ALA F 320 -35.16 -1.19 -4.84
N LYS F 321 -34.38 -2.22 -5.06
CA LYS F 321 -34.48 -3.40 -4.22
C LYS F 321 -34.13 -3.04 -2.76
N LEU F 322 -33.07 -2.27 -2.60
CA LEU F 322 -32.57 -1.83 -1.28
C LEU F 322 -33.63 -0.95 -0.58
N ALA F 323 -34.10 0.09 -1.25
CA ALA F 323 -35.15 0.97 -0.76
C ALA F 323 -36.47 0.25 -0.41
N ALA F 324 -36.95 -0.58 -1.30
CA ALA F 324 -38.21 -1.27 -1.11
C ALA F 324 -38.13 -2.29 0.04
N SER F 325 -37.04 -3.04 0.10
CA SER F 325 -36.90 -4.07 1.10
C SER F 325 -36.81 -3.42 2.49
N GLU F 326 -36.06 -2.33 2.59
CA GLU F 326 -35.90 -1.68 3.88
C GLU F 326 -37.18 -0.99 4.32
N ALA F 327 -37.92 -0.42 3.37
CA ALA F 327 -39.23 0.11 3.66
C ALA F 327 -40.26 -0.95 4.12
N ALA F 328 -40.31 -2.11 3.45
CA ALA F 328 -41.20 -3.19 3.85
C ALA F 328 -40.97 -3.61 5.32
N THR F 329 -39.72 -3.72 5.71
CA THR F 329 -39.40 -4.09 7.09
C THR F 329 -39.84 -2.97 8.06
N ALA F 330 -39.47 -1.73 7.76
CA ALA F 330 -39.86 -0.58 8.59
C ALA F 330 -41.38 -0.32 8.61
N ILE F 331 -42.05 -0.48 7.47
CA ILE F 331 -43.50 -0.25 7.42
C ILE F 331 -44.25 -1.35 8.16
N SER F 332 -43.83 -2.60 7.95
CA SER F 332 -44.44 -3.74 8.60
C SER F 332 -44.21 -3.71 10.13
N HIS F 333 -43.00 -3.34 10.55
CA HIS F 333 -42.74 -3.03 11.98
C HIS F 333 -43.75 -2.02 12.58
N GLN F 334 -43.94 -0.90 11.90
CA GLN F 334 -44.83 0.15 12.40
C GLN F 334 -46.33 -0.20 12.28
N ALA F 335 -46.64 -1.13 11.39
CA ALA F 335 -48.01 -1.64 11.27
C ALA F 335 -48.29 -2.49 12.54
N ILE F 336 -47.33 -3.30 12.95
CA ILE F 336 -47.48 -4.02 14.20
C ILE F 336 -47.67 -3.05 15.38
N GLN F 337 -46.79 -2.04 15.46
CA GLN F 337 -46.79 -1.09 16.58
C GLN F 337 -48.16 -0.41 16.69
N ILE F 338 -48.71 -0.03 15.57
CA ILE F 338 -49.96 0.69 15.54
C ILE F 338 -51.15 -0.16 15.98
N LEU F 339 -51.13 -1.45 15.62
CA LEU F 339 -52.15 -2.40 16.03
C LEU F 339 -52.03 -2.74 17.50
N GLY F 340 -50.85 -2.49 18.07
CA GLY F 340 -50.59 -2.80 19.47
C GLY F 340 -50.53 -4.30 19.66
N GLY F 341 -51.22 -4.80 20.71
CA GLY F 341 -51.36 -6.23 20.98
C GLY F 341 -51.91 -7.03 19.81
N MET F 342 -52.89 -6.48 19.10
CA MET F 342 -53.42 -7.14 17.91
C MET F 342 -52.40 -7.37 16.78
N GLY F 343 -51.32 -6.58 16.75
CA GLY F 343 -50.26 -6.81 15.77
C GLY F 343 -49.35 -7.99 16.05
N TYR F 344 -49.39 -8.52 17.28
CA TYR F 344 -48.55 -9.63 17.69
C TYR F 344 -49.24 -11.00 17.50
N VAL F 345 -50.47 -11.01 17.00
CA VAL F 345 -51.22 -12.27 16.88
C VAL F 345 -51.70 -12.54 15.47
N THR F 346 -51.99 -13.81 15.21
CA THR F 346 -52.35 -14.29 13.88
C THR F 346 -53.78 -13.90 13.48
N GLU F 347 -54.58 -13.40 14.43
CA GLU F 347 -55.91 -12.86 14.15
C GLU F 347 -55.85 -11.67 13.20
N MET F 348 -54.72 -10.96 13.21
CA MET F 348 -54.46 -9.90 12.25
C MET F 348 -53.30 -10.31 11.35
N PRO F 349 -53.23 -9.73 10.14
CA PRO F 349 -52.19 -10.04 9.19
C PRO F 349 -50.84 -9.31 9.36
N ALA F 350 -50.72 -8.33 10.28
CA ALA F 350 -49.48 -7.55 10.45
C ALA F 350 -48.25 -8.38 10.74
N GLU F 351 -48.35 -9.34 11.66
CA GLU F 351 -47.23 -10.17 12.00
C GLU F 351 -46.72 -11.00 10.80
N ARG F 352 -47.63 -11.47 9.93
CA ARG F 352 -47.25 -12.16 8.71
C ARG F 352 -46.46 -11.20 7.78
N HIS F 353 -46.97 -10.00 7.60
CA HIS F 353 -46.30 -9.02 6.73
C HIS F 353 -44.87 -8.71 7.18
N TYR F 354 -44.67 -8.65 8.50
CA TYR F 354 -43.38 -8.42 9.12
C TYR F 354 -42.41 -9.58 8.83
N ARG F 355 -42.94 -10.80 8.88
CA ARG F 355 -42.17 -12.02 8.66
C ARG F 355 -41.79 -12.15 7.18
N ASP F 356 -42.75 -11.89 6.29
CA ASP F 356 -42.54 -11.90 4.86
C ASP F 356 -41.59 -10.79 4.38
N ALA F 357 -41.78 -9.57 4.90
CA ALA F 357 -40.92 -8.44 4.57
C ALA F 357 -39.42 -8.74 4.82
N ARG F 358 -39.13 -9.52 5.87
CA ARG F 358 -37.78 -9.80 6.27
C ARG F 358 -36.91 -10.45 5.15
N ILE F 359 -37.48 -11.34 4.33
CA ILE F 359 -36.70 -12.04 3.31
C ILE F 359 -36.19 -11.08 2.23
N THR F 360 -36.94 -10.02 1.95
CA THR F 360 -36.61 -9.09 0.86
C THR F 360 -35.28 -8.35 1.04
N GLU F 361 -34.80 -8.28 2.28
CA GLU F 361 -33.51 -7.68 2.60
C GLU F 361 -32.33 -8.68 2.47
N ILE F 362 -32.65 -9.93 2.18
CA ILE F 362 -31.65 -11.00 2.12
C ILE F 362 -31.52 -11.55 0.71
N TYR F 363 -32.61 -12.03 0.13
CA TYR F 363 -32.43 -12.74 -1.15
C TYR F 363 -32.30 -11.82 -2.37
N GLU F 364 -31.77 -12.41 -3.44
CA GLU F 364 -31.33 -11.71 -4.64
C GLU F 364 -30.26 -10.64 -4.35
N GLY F 365 -29.37 -10.94 -3.41
CA GLY F 365 -28.34 -10.02 -2.99
C GLY F 365 -28.80 -9.25 -1.77
N THR F 366 -28.08 -9.44 -0.67
CA THR F 366 -28.41 -8.81 0.59
C THR F 366 -28.26 -7.30 0.46
N SER F 367 -28.85 -6.59 1.40
CA SER F 367 -28.71 -5.14 1.47
C SER F 367 -27.27 -4.65 1.36
N GLU F 368 -26.35 -5.37 2.00
CA GLU F 368 -24.94 -5.04 2.00
C GLU F 368 -24.35 -5.14 0.60
N ILE F 369 -24.71 -6.21 -0.11
CA ILE F 369 -24.30 -6.41 -1.48
C ILE F 369 -24.89 -5.29 -2.35
N GLN F 370 -26.15 -4.92 -2.11
CA GLN F 370 -26.78 -3.85 -2.87
C GLN F 370 -25.99 -2.54 -2.71
N ARG F 371 -25.67 -2.19 -1.47
CA ARG F 371 -24.86 -1.00 -1.23
C ARG F 371 -23.55 -1.04 -1.96
N LEU F 372 -22.92 -2.20 -2.02
CA LEU F 372 -21.62 -2.34 -2.73
C LEU F 372 -21.76 -2.12 -4.21
N VAL F 373 -22.83 -2.67 -4.79
CA VAL F 373 -23.15 -2.47 -6.19
C VAL F 373 -23.44 -1.00 -6.48
N ILE F 374 -24.29 -0.36 -5.67
CA ILE F 374 -24.63 1.05 -5.85
C ILE F 374 -23.36 1.92 -5.84
N ALA F 375 -22.52 1.70 -4.84
CA ALA F 375 -21.25 2.43 -4.68
C ALA F 375 -20.29 2.25 -5.88
N GLY F 376 -20.14 1.02 -6.38
CA GLY F 376 -19.31 0.74 -7.54
C GLY F 376 -19.72 1.55 -8.77
N HIS F 377 -21.02 1.56 -9.04
CA HIS F 377 -21.57 2.25 -10.21
C HIS F 377 -21.60 3.75 -10.04
N LEU F 378 -21.85 4.21 -8.80
CA LEU F 378 -21.70 5.63 -8.48
C LEU F 378 -20.29 6.10 -8.82
N LEU F 379 -19.28 5.38 -8.32
CA LEU F 379 -17.89 5.79 -8.50
C LEU F 379 -17.39 5.71 -9.96
N ARG F 380 -17.73 4.64 -10.67
CA ARG F 380 -17.46 4.54 -12.12
C ARG F 380 -18.07 5.71 -12.89
N SER F 381 -19.26 6.12 -12.45
CA SER F 381 -19.97 7.21 -13.09
C SER F 381 -19.19 8.53 -12.96
N TYR F 382 -18.57 8.77 -11.80
CA TYR F 382 -17.68 9.93 -11.61
C TYR F 382 -16.36 9.81 -12.39
N ARG F 383 -15.75 8.62 -12.40
CA ARG F 383 -14.47 8.43 -13.13
C ARG F 383 -14.64 8.63 -14.64
N SER F 384 -15.78 8.20 -15.17
CA SER F 384 -16.09 8.36 -16.59
C SER F 384 -16.19 9.84 -16.96
N ALA F 385 -16.96 10.61 -16.18
CA ALA F 385 -17.11 12.06 -16.40
C ALA F 385 -15.89 12.88 -15.96
N LEU G 6 -24.36 11.04 43.03
CA LEU G 6 -22.90 11.25 43.17
C LEU G 6 -22.50 11.39 44.65
N PRO G 7 -21.22 11.14 44.97
CA PRO G 7 -20.68 11.45 46.31
C PRO G 7 -20.83 12.93 46.66
N GLU G 8 -20.79 13.24 47.96
CA GLU G 8 -20.92 14.62 48.43
C GLU G 8 -19.89 15.50 47.73
N THR G 9 -18.62 15.14 47.84
CA THR G 9 -17.51 15.84 47.16
C THR G 9 -17.88 16.22 45.72
N HIS G 10 -18.29 15.22 44.96
CA HIS G 10 -18.61 15.41 43.54
C HIS G 10 -19.84 16.28 43.33
N GLN G 11 -20.76 16.28 44.31
CA GLN G 11 -21.94 17.14 44.25
C GLN G 11 -21.56 18.60 44.48
N MET G 12 -20.61 18.82 45.38
CA MET G 12 -20.11 20.18 45.63
C MET G 12 -19.30 20.70 44.43
N LEU G 13 -18.48 19.82 43.86
CA LEU G 13 -17.74 20.13 42.63
C LEU G 13 -18.67 20.54 41.51
N LEU G 14 -19.72 19.74 41.31
CA LEU G 14 -20.70 20.05 40.28
C LEU G 14 -21.24 21.48 40.46
N GLN G 15 -21.46 21.88 41.71
CA GLN G 15 -22.09 23.16 41.99
C GLN G 15 -21.12 24.31 41.79
N THR G 16 -19.86 24.10 42.15
CA THR G 16 -18.81 25.06 41.85
C THR G 16 -18.69 25.34 40.33
N CYS G 17 -18.60 24.26 39.55
CA CYS G 17 -18.42 24.39 38.11
C CYS G 17 -19.61 25.05 37.45
N ARG G 18 -20.79 24.64 37.86
CA ARG G 18 -22.01 25.23 37.32
C ARG G 18 -22.08 26.75 37.60
N ASP G 19 -21.74 27.13 38.84
CA ASP G 19 -21.75 28.54 39.25
C ASP G 19 -20.68 29.34 38.51
N PHE G 20 -19.51 28.74 38.34
CA PHE G 20 -18.47 29.32 37.49
C PHE G 20 -18.96 29.57 36.06
N ALA G 21 -19.53 28.53 35.44
CA ALA G 21 -20.00 28.61 34.06
C ALA G 21 -21.07 29.67 33.92
N GLU G 22 -22.05 29.64 34.82
CA GLU G 22 -23.15 30.61 34.79
C GLU G 22 -22.59 32.04 34.90
N LYS G 23 -21.62 32.23 35.76
CA LYS G 23 -21.04 33.55 36.00
C LYS G 23 -20.06 34.02 34.93
N GLU G 24 -19.15 33.12 34.54
CA GLU G 24 -18.00 33.49 33.74
C GLU G 24 -18.07 33.10 32.27
N LEU G 25 -18.84 32.05 31.93
CA LEU G 25 -18.78 31.47 30.58
C LEU G 25 -20.02 31.80 29.75
N PHE G 26 -21.20 31.61 30.32
CA PHE G 26 -22.44 31.93 29.61
C PHE G 26 -22.47 33.37 29.02
N PRO G 27 -22.03 34.39 29.80
CA PRO G 27 -21.98 35.77 29.30
C PRO G 27 -20.99 36.03 28.14
N ILE G 28 -19.89 35.29 28.05
CA ILE G 28 -18.90 35.46 26.96
C ILE G 28 -19.02 34.50 25.75
N ALA G 29 -19.85 33.46 25.86
CA ALA G 29 -19.91 32.38 24.85
C ALA G 29 -20.13 32.92 23.46
N ALA G 30 -21.09 33.84 23.31
CA ALA G 30 -21.44 34.38 22.00
C ALA G 30 -20.28 35.15 21.34
N GLN G 31 -19.62 36.00 22.11
CA GLN G 31 -18.44 36.77 21.67
C GLN G 31 -17.22 35.90 21.32
N VAL G 32 -16.92 34.92 22.17
CA VAL G 32 -15.84 33.98 21.92
C VAL G 32 -16.04 33.30 20.56
N ASP G 33 -17.30 32.98 20.26
CA ASP G 33 -17.63 32.31 19.04
C ASP G 33 -17.56 33.27 17.87
N LYS G 34 -18.15 34.45 18.04
CA LYS G 34 -18.27 35.42 16.96
C LYS G 34 -16.93 35.97 16.52
N GLU G 35 -16.03 36.15 17.47
CA GLU G 35 -14.76 36.83 17.21
C GLU G 35 -13.58 35.89 17.20
N HIS G 36 -13.83 34.58 17.25
CA HIS G 36 -12.77 33.58 17.36
C HIS G 36 -11.81 33.94 18.47
N LEU G 37 -12.35 34.30 19.61
CA LEU G 37 -11.57 34.95 20.65
C LEU G 37 -11.18 33.98 21.74
N PHE G 38 -9.89 33.75 21.92
CA PHE G 38 -9.41 32.89 23.00
C PHE G 38 -9.76 33.52 24.37
N PRO G 39 -10.47 32.75 25.24
CA PRO G 39 -10.97 33.33 26.51
C PRO G 39 -9.93 33.31 27.63
N ALA G 40 -8.87 34.12 27.47
CA ALA G 40 -7.68 34.07 28.32
C ALA G 40 -7.93 34.31 29.82
N ALA G 41 -8.70 35.35 30.14
CA ALA G 41 -9.01 35.70 31.54
C ALA G 41 -9.71 34.53 32.23
N GLN G 42 -10.68 33.95 31.52
CA GLN G 42 -11.48 32.85 32.05
C GLN G 42 -10.67 31.58 32.25
N VAL G 43 -9.79 31.24 31.29
CA VAL G 43 -8.86 30.08 31.44
C VAL G 43 -7.93 30.23 32.65
N LYS G 44 -7.45 31.46 32.87
CA LYS G 44 -6.60 31.73 34.06
C LYS G 44 -7.42 31.51 35.35
N LYS G 45 -8.64 32.01 35.39
CA LYS G 45 -9.52 31.79 36.55
C LYS G 45 -9.77 30.29 36.76
N MET G 46 -10.14 29.57 35.70
CA MET G 46 -10.30 28.10 35.77
C MET G 46 -9.04 27.40 36.25
N GLY G 47 -7.90 27.89 35.79
CA GLY G 47 -6.61 27.36 36.21
C GLY G 47 -6.46 27.50 37.71
N GLY G 48 -6.90 28.64 38.21
CA GLY G 48 -6.88 28.93 39.63
C GLY G 48 -7.84 28.12 40.48
N LEU G 49 -8.91 27.58 39.88
CA LEU G 49 -9.82 26.67 40.59
C LEU G 49 -9.42 25.20 40.51
N GLY G 50 -8.28 24.91 39.86
CA GLY G 50 -7.81 23.54 39.71
C GLY G 50 -8.39 22.78 38.51
N LEU G 51 -9.18 23.45 37.68
CA LEU G 51 -9.90 22.81 36.57
C LEU G 51 -9.01 22.44 35.35
N LEU G 52 -7.83 23.04 35.23
CA LEU G 52 -6.90 22.68 34.13
C LEU G 52 -5.93 21.56 34.51
N ALA G 53 -6.04 21.07 35.74
CA ALA G 53 -5.16 20.04 36.28
C ALA G 53 -5.90 19.17 37.31
N MET G 54 -7.04 18.63 36.90
CA MET G 54 -7.96 17.97 37.85
C MET G 54 -7.51 16.66 38.46
N ASP G 55 -6.82 15.84 37.67
CA ASP G 55 -6.42 14.50 38.11
C ASP G 55 -4.91 14.50 38.35
N VAL G 56 -4.36 15.69 38.53
CA VAL G 56 -2.95 15.87 38.84
C VAL G 56 -2.85 15.91 40.35
N PRO G 57 -1.81 15.26 40.94
CA PRO G 57 -1.57 15.33 42.39
C PRO G 57 -1.33 16.76 42.91
N GLU G 58 -1.79 17.00 44.13
CA GLU G 58 -1.67 18.29 44.80
C GLU G 58 -0.22 18.76 44.87
N GLU G 59 0.70 17.83 45.07
CA GLU G 59 2.15 18.11 45.19
C GLU G 59 2.75 18.67 43.91
N LEU G 60 2.11 18.40 42.76
CA LEU G 60 2.59 18.91 41.50
C LEU G 60 1.76 20.10 41.06
N GLY G 61 0.96 20.63 41.98
CA GLY G 61 0.17 21.82 41.72
C GLY G 61 -1.26 21.52 41.29
N GLY G 62 -1.65 20.26 41.31
CA GLY G 62 -2.97 19.85 40.86
C GLY G 62 -4.12 19.87 41.86
N ALA G 63 -5.33 19.57 41.37
CA ALA G 63 -6.55 19.48 42.20
C ALA G 63 -6.60 18.19 43.06
N GLY G 64 -5.83 17.17 42.70
CA GLY G 64 -5.81 15.93 43.47
C GLY G 64 -7.10 15.10 43.44
N LEU G 65 -7.86 15.21 42.35
CA LEU G 65 -9.15 14.53 42.20
C LEU G 65 -9.04 13.38 41.20
N ASP G 66 -10.15 12.93 40.64
CA ASP G 66 -10.14 11.76 39.74
C ASP G 66 -10.89 12.06 38.45
N TYR G 67 -11.04 11.04 37.59
CA TYR G 67 -11.69 11.21 36.28
C TYR G 67 -13.23 11.37 36.31
N LEU G 68 -13.90 10.74 37.28
CA LEU G 68 -15.32 11.06 37.50
C LEU G 68 -15.54 12.55 37.67
N ALA G 69 -14.73 13.15 38.56
CA ALA G 69 -14.73 14.58 38.80
C ALA G 69 -14.39 15.40 37.56
N TYR G 70 -13.35 14.99 36.85
CA TYR G 70 -13.01 15.61 35.55
C TYR G 70 -14.20 15.58 34.60
N ALA G 71 -14.85 14.41 34.52
CA ALA G 71 -16.03 14.23 33.68
C ALA G 71 -17.18 15.20 33.99
N ILE G 72 -17.50 15.31 35.29
CA ILE G 72 -18.56 16.20 35.78
C ILE G 72 -18.28 17.65 35.45
N ALA G 73 -17.07 18.08 35.81
CA ALA G 73 -16.60 19.45 35.55
C ALA G 73 -16.59 19.81 34.05
N MET G 74 -16.00 18.91 33.25
CA MET G 74 -15.91 19.10 31.78
C MET G 74 -17.28 19.36 31.24
N GLU G 75 -18.24 18.56 31.71
CA GLU G 75 -19.63 18.74 31.28
C GLU G 75 -20.17 20.10 31.69
N GLU G 76 -19.97 20.51 32.95
CA GLU G 76 -20.47 21.84 33.40
C GLU G 76 -19.84 23.05 32.67
N ILE G 77 -18.52 22.99 32.50
CA ILE G 77 -17.77 23.99 31.74
C ILE G 77 -18.23 24.07 30.27
N SER G 78 -18.32 22.92 29.61
CA SER G 78 -18.65 22.88 28.18
C SER G 78 -20.07 23.33 27.90
N ARG G 79 -20.93 23.14 28.91
CA ARG G 79 -22.30 23.63 28.87
C ARG G 79 -22.33 25.16 28.77
N GLY G 80 -21.38 25.80 29.46
CA GLY G 80 -21.18 27.23 29.38
C GLY G 80 -20.46 27.71 28.13
N CYS G 81 -19.31 27.12 27.83
CA CYS G 81 -18.58 27.47 26.62
C CYS G 81 -17.84 26.26 26.05
N ALA G 82 -18.20 25.82 24.83
CA ALA G 82 -17.62 24.58 24.26
C ALA G 82 -16.12 24.72 23.94
N SER G 83 -15.68 25.95 23.66
CA SER G 83 -14.27 26.24 23.36
C SER G 83 -13.42 26.14 24.65
N THR G 84 -13.92 26.73 25.73
CA THR G 84 -13.26 26.60 27.03
C THR G 84 -13.12 25.12 27.44
N GLY G 85 -14.21 24.38 27.25
CA GLY G 85 -14.21 22.93 27.41
C GLY G 85 -13.06 22.20 26.74
N VAL G 86 -12.91 22.37 25.42
CA VAL G 86 -11.87 21.68 24.67
C VAL G 86 -10.48 22.17 25.09
N ILE G 87 -10.34 23.47 25.37
CA ILE G 87 -9.07 24.05 25.89
C ILE G 87 -8.68 23.31 27.17
N MET G 88 -9.66 23.20 28.08
CA MET G 88 -9.47 22.47 29.33
C MET G 88 -9.13 21.00 29.12
N SER G 89 -9.92 20.32 28.28
CA SER G 89 -9.70 18.92 27.99
C SER G 89 -8.30 18.59 27.43
N VAL G 90 -7.85 19.36 26.45
CA VAL G 90 -6.51 19.17 25.91
C VAL G 90 -5.48 19.30 27.04
N ASN G 91 -5.59 20.34 27.86
CA ASN G 91 -4.57 20.52 28.90
C ASN G 91 -4.53 19.36 29.90
N ASN G 92 -5.71 19.01 30.40
CA ASN G 92 -5.91 17.84 31.26
C ASN G 92 -5.58 16.49 30.63
N SER G 93 -6.28 16.07 29.58
CA SER G 93 -6.12 14.68 29.12
C SER G 93 -4.90 14.49 28.22
N LEU G 94 -4.67 15.42 27.29
CA LEU G 94 -3.75 15.16 26.16
C LEU G 94 -2.34 15.69 26.42
N TYR G 95 -2.23 16.76 27.21
CA TYR G 95 -0.92 17.32 27.57
C TYR G 95 -0.42 16.80 28.94
N LEU G 96 -1.11 17.15 30.02
CA LEU G 96 -0.69 16.68 31.37
C LEU G 96 -0.79 15.16 31.50
N GLY G 97 -1.85 14.56 30.97
CA GLY G 97 -2.05 13.11 31.12
C GLY G 97 -0.85 12.19 30.86
N PRO G 98 -0.29 12.21 29.62
CA PRO G 98 0.84 11.34 29.26
C PRO G 98 2.11 11.64 30.06
N ILE G 99 2.31 12.91 30.38
CA ILE G 99 3.51 13.32 31.14
C ILE G 99 3.43 12.74 32.57
N LEU G 100 2.26 12.85 33.19
CA LEU G 100 2.01 12.23 34.50
C LEU G 100 2.18 10.74 34.41
N LYS G 101 1.62 10.13 33.37
CA LYS G 101 1.61 8.68 33.22
C LYS G 101 2.96 8.06 32.80
N PHE G 102 3.76 8.77 32.01
CA PHE G 102 4.97 8.17 31.43
C PHE G 102 6.29 8.87 31.80
N GLY G 103 6.19 10.07 32.38
CA GLY G 103 7.36 10.92 32.58
C GLY G 103 8.14 10.59 33.85
N SER G 104 9.39 11.05 33.87
CA SER G 104 10.24 10.98 35.06
C SER G 104 9.82 12.04 36.10
N LYS G 105 10.34 11.95 37.32
CA LYS G 105 10.08 12.96 38.37
C LYS G 105 10.44 14.33 37.86
N GLU G 106 11.61 14.39 37.21
CA GLU G 106 12.16 15.62 36.66
C GLU G 106 11.29 16.25 35.57
N GLN G 107 10.76 15.39 34.69
CA GLN G 107 9.88 15.85 33.61
C GLN G 107 8.56 16.37 34.17
N LYS G 108 8.03 15.68 35.17
CA LYS G 108 6.84 16.16 35.86
C LYS G 108 7.11 17.55 36.47
N GLN G 109 8.23 17.68 37.18
CA GLN G 109 8.58 19.00 37.76
C GLN G 109 8.65 20.07 36.67
N ALA G 110 9.43 19.80 35.61
CA ALA G 110 9.61 20.79 34.55
C ALA G 110 8.36 21.06 33.70
N TRP G 111 7.63 20.00 33.33
CA TRP G 111 6.56 20.15 32.29
C TRP G 111 5.11 20.04 32.80
N VAL G 112 4.92 19.49 34.01
CA VAL G 112 3.58 19.47 34.60
C VAL G 112 3.37 20.74 35.42
N THR G 113 4.18 20.89 36.46
CA THR G 113 3.85 21.87 37.49
C THR G 113 3.59 23.28 36.98
N PRO G 114 4.42 23.76 36.04
CA PRO G 114 4.17 25.09 35.54
C PRO G 114 2.92 25.24 34.65
N PHE G 115 2.23 24.15 34.34
CA PHE G 115 1.04 24.18 33.47
C PHE G 115 -0.24 23.82 34.21
N THR G 116 -0.24 23.99 35.54
CA THR G 116 -1.35 23.58 36.38
C THR G 116 -2.23 24.73 36.86
N SER G 117 -1.79 25.97 36.69
CA SER G 117 -2.48 27.10 37.33
C SER G 117 -3.06 28.09 36.34
N GLY G 118 -3.07 27.73 35.06
CA GLY G 118 -3.64 28.58 34.02
C GLY G 118 -2.72 29.65 33.47
N ASP G 119 -1.49 29.71 33.97
CA ASP G 119 -0.50 30.67 33.47
C ASP G 119 0.08 30.21 32.15
N LYS G 120 0.38 28.92 32.10
CA LYS G 120 0.80 28.23 30.89
C LYS G 120 -0.13 27.04 30.64
N ILE G 121 -0.49 26.84 29.36
CA ILE G 121 -1.12 25.60 28.91
C ILE G 121 -0.33 24.87 27.80
N GLY G 122 -0.70 23.60 27.60
CA GLY G 122 -0.01 22.70 26.68
C GLY G 122 -0.90 22.28 25.50
N CYS G 123 -0.30 21.49 24.62
CA CYS G 123 -0.97 20.97 23.43
C CYS G 123 -0.43 19.58 23.11
N PHE G 124 -1.10 18.90 22.18
CA PHE G 124 -0.84 17.49 21.87
C PHE G 124 -0.76 17.35 20.35
N ALA G 125 0.36 16.84 19.86
CA ALA G 125 0.69 16.94 18.43
C ALA G 125 0.97 15.57 17.79
N LEU G 126 -0.09 14.99 17.23
CA LEU G 126 -0.09 13.61 16.70
C LEU G 126 -0.46 13.63 15.21
N SER G 127 -1.57 14.29 14.88
CA SER G 127 -2.02 14.37 13.51
C SER G 127 -1.08 15.19 12.60
N GLU G 128 -1.15 14.88 11.32
CA GLU G 128 -0.34 15.54 10.31
C GLU G 128 -1.23 15.84 9.13
N PRO G 129 -0.75 16.67 8.20
CA PRO G 129 -1.62 16.92 7.04
C PRO G 129 -2.03 15.67 6.22
N GLY G 130 -1.13 14.70 6.17
CA GLY G 130 -1.32 13.48 5.41
C GLY G 130 -1.97 12.35 6.19
N ASN G 131 -2.15 12.53 7.49
CA ASN G 131 -2.70 11.48 8.36
C ASN G 131 -3.23 11.92 9.74
N GLY G 132 -4.50 11.57 9.98
CA GLY G 132 -5.12 11.72 11.29
C GLY G 132 -5.57 10.39 11.88
N SER G 133 -6.55 9.75 11.23
CA SER G 133 -7.07 8.44 11.64
C SER G 133 -5.97 7.38 11.66
N ASP G 134 -5.12 7.44 10.65
CA ASP G 134 -4.04 6.50 10.46
C ASP G 134 -2.83 7.09 11.18
N ALA G 135 -2.90 6.98 12.50
CA ALA G 135 -1.98 7.69 13.40
C ALA G 135 -0.54 7.18 13.30
N GLY G 136 -0.38 5.89 13.06
CA GLY G 136 0.97 5.31 12.95
C GLY G 136 1.71 5.67 11.68
N ALA G 137 1.04 6.37 10.75
CA ALA G 137 1.64 6.79 9.47
C ALA G 137 2.45 8.10 9.57
N ALA G 138 2.78 8.54 10.79
CA ALA G 138 3.48 9.83 11.01
C ALA G 138 4.75 9.96 10.16
N SER G 139 4.83 11.06 9.40
CA SER G 139 5.97 11.41 8.55
C SER G 139 6.92 12.42 9.20
N THR G 140 6.50 13.03 10.31
CA THR G 140 7.40 13.86 11.11
C THR G 140 8.44 12.92 11.66
N THR G 141 9.70 13.33 11.59
CA THR G 141 10.81 12.45 11.94
C THR G 141 11.57 13.07 13.08
N ALA G 142 12.21 12.21 13.87
CA ALA G 142 13.06 12.66 14.97
C ALA G 142 14.35 11.89 14.81
N ARG G 143 15.48 12.60 14.82
CA ARG G 143 16.79 11.98 14.66
C ARG G 143 17.70 12.36 15.82
N ALA G 144 18.35 11.37 16.41
CA ALA G 144 19.29 11.63 17.51
C ALA G 144 20.62 12.13 16.91
N GLU G 145 21.02 13.35 17.28
CA GLU G 145 22.22 13.98 16.76
C GLU G 145 22.99 14.65 17.89
N GLY G 146 23.92 13.91 18.51
CA GLY G 146 24.73 14.47 19.59
C GLY G 146 23.97 14.56 20.90
N ASP G 147 24.02 15.73 21.53
CA ASP G 147 23.28 15.99 22.77
C ASP G 147 21.82 16.39 22.49
N SER G 148 21.35 16.10 21.28
CA SER G 148 20.05 16.57 20.83
C SER G 148 19.24 15.58 20.00
N TRP G 149 17.91 15.80 20.00
CA TRP G 149 17.01 15.20 19.02
C TRP G 149 16.71 16.28 17.98
N VAL G 150 16.61 15.87 16.71
CA VAL G 150 16.36 16.81 15.64
C VAL G 150 15.04 16.45 14.99
N LEU G 151 14.08 17.38 15.03
CA LEU G 151 12.73 17.13 14.55
C LEU G 151 12.52 17.83 13.21
N ASN G 152 11.90 17.12 12.27
CA ASN G 152 11.54 17.67 10.98
C ASN G 152 10.16 17.16 10.58
N GLY G 153 9.26 18.09 10.28
CA GLY G 153 7.94 17.74 9.78
C GLY G 153 6.87 18.75 10.16
N THR G 154 5.66 18.53 9.67
CA THR G 154 4.52 19.32 10.04
C THR G 154 3.48 18.48 10.78
N LYS G 155 3.10 18.95 11.95
CA LYS G 155 1.90 18.44 12.64
C LYS G 155 0.73 19.33 12.26
N ALA G 156 -0.46 18.74 12.24
CA ALA G 156 -1.64 19.44 11.76
C ALA G 156 -2.75 19.41 12.79
N TRP G 157 -3.60 20.43 12.74
CA TRP G 157 -4.83 20.49 13.52
C TRP G 157 -4.61 20.68 15.02
N ILE G 158 -3.55 21.35 15.42
CA ILE G 158 -3.20 21.36 16.84
C ILE G 158 -3.97 22.42 17.61
N THR G 159 -4.89 21.93 18.45
CA THR G 159 -5.69 22.74 19.34
C THR G 159 -4.78 23.39 20.39
N ASN G 160 -4.98 24.69 20.61
CA ASN G 160 -4.17 25.52 21.56
C ASN G 160 -2.81 25.93 21.00
N ALA G 161 -2.59 25.76 19.69
CA ALA G 161 -1.27 25.94 19.09
C ALA G 161 -0.78 27.36 19.31
N TRP G 162 -1.67 28.33 19.12
CA TRP G 162 -1.33 29.75 19.28
C TRP G 162 -1.33 30.28 20.72
N GLU G 163 -1.66 29.44 21.68
CA GLU G 163 -1.58 29.81 23.10
C GLU G 163 -0.68 28.92 23.94
N ALA G 164 -0.27 27.76 23.44
CA ALA G 164 0.48 26.78 24.25
C ALA G 164 1.96 27.14 24.42
N SER G 165 2.50 26.76 25.57
CA SER G 165 3.93 26.95 25.87
C SER G 165 4.69 25.65 25.82
N ALA G 166 4.00 24.56 25.54
CA ALA G 166 4.67 23.27 25.41
C ALA G 166 3.79 22.31 24.66
N ALA G 167 4.42 21.36 23.97
CA ALA G 167 3.75 20.34 23.16
C ALA G 167 4.28 18.97 23.47
N VAL G 168 3.38 17.99 23.47
CA VAL G 168 3.75 16.59 23.38
C VAL G 168 3.65 16.21 21.89
N VAL G 169 4.80 15.94 21.28
CA VAL G 169 4.92 15.75 19.84
C VAL G 169 5.33 14.31 19.53
N PHE G 170 4.67 13.73 18.53
CA PHE G 170 4.91 12.36 18.11
C PHE G 170 5.58 12.35 16.75
N ALA G 171 6.71 11.66 16.69
CA ALA G 171 7.62 11.67 15.55
C ALA G 171 8.21 10.28 15.32
N SER G 172 8.36 9.93 14.03
CA SER G 172 8.93 8.66 13.64
C SER G 172 10.42 8.64 13.85
N THR G 173 10.87 7.65 14.61
CA THR G 173 12.29 7.50 14.94
C THR G 173 12.83 6.40 14.03
N ASP G 174 13.08 6.79 12.77
CA ASP G 174 13.63 5.91 11.71
C ASP G 174 12.67 4.78 11.34
N GLN G 178 6.43 1.37 10.89
CA GLN G 178 5.17 2.13 10.97
C GLN G 178 4.74 2.37 12.42
N ASN G 179 3.89 1.49 12.96
CA ASN G 179 3.41 1.59 14.35
C ASN G 179 4.52 1.44 15.39
N LYS G 180 5.59 0.70 15.04
CA LYS G 180 6.61 0.28 16.01
C LYS G 180 7.80 1.25 16.22
N SER G 181 7.88 2.31 15.42
CA SER G 181 9.03 3.23 15.43
C SER G 181 8.65 4.69 15.71
N ILE G 182 7.59 4.91 16.49
CA ILE G 182 7.17 6.26 16.85
C ILE G 182 7.65 6.56 18.26
N SER G 183 8.16 7.78 18.48
CA SER G 183 8.54 8.27 19.81
C SER G 183 7.77 9.51 20.22
N ALA G 184 7.63 9.72 21.53
CA ALA G 184 7.02 10.93 22.09
C ALA G 184 8.08 11.91 22.64
N PHE G 185 7.88 13.20 22.35
CA PHE G 185 8.80 14.26 22.77
C PHE G 185 8.10 15.47 23.39
N LEU G 186 8.74 16.02 24.42
CA LEU G 186 8.35 17.29 25.05
C LEU G 186 9.08 18.44 24.39
N VAL G 187 8.33 19.40 23.87
CA VAL G 187 8.87 20.48 23.03
C VAL G 187 8.38 21.86 23.55
N PRO G 188 9.32 22.76 23.91
CA PRO G 188 8.87 24.09 24.34
C PRO G 188 8.35 24.96 23.18
N MET G 189 7.44 25.87 23.49
CA MET G 189 6.87 26.79 22.52
C MET G 189 6.90 28.16 23.16
N PRO G 190 7.60 29.12 22.52
CA PRO G 190 8.27 29.02 21.24
C PRO G 190 9.66 28.40 21.39
N THR G 191 10.24 27.96 20.27
CA THR G 191 11.57 27.37 20.26
C THR G 191 12.14 27.50 18.86
N PRO G 192 13.47 27.67 18.75
CA PRO G 192 14.01 27.78 17.40
C PRO G 192 13.81 26.48 16.62
N GLY G 193 13.48 26.61 15.35
CA GLY G 193 13.17 25.47 14.53
C GLY G 193 11.68 25.20 14.40
N LEU G 194 10.87 25.87 15.22
CA LEU G 194 9.42 25.70 15.22
C LEU G 194 8.69 26.97 14.77
N THR G 195 7.82 26.85 13.76
CA THR G 195 6.87 27.92 13.45
C THR G 195 5.39 27.46 13.43
N LEU G 196 4.48 28.40 13.68
CA LEU G 196 3.06 28.08 13.72
C LEU G 196 2.47 28.34 12.34
N GLY G 197 1.55 27.48 11.92
CA GLY G 197 0.74 27.78 10.77
C GLY G 197 -0.30 28.81 11.14
N LYS G 198 -1.00 29.31 10.13
CA LYS G 198 -2.16 30.16 10.29
C LYS G 198 -3.30 29.41 11.01
N LYS G 199 -3.98 30.14 11.89
CA LYS G 199 -5.15 29.63 12.59
C LYS G 199 -6.18 29.18 11.57
N GLU G 200 -6.76 28.01 11.81
CA GLU G 200 -7.85 27.50 10.97
C GLU G 200 -9.11 28.32 11.18
N ASP G 201 -9.89 28.48 10.12
CA ASP G 201 -11.19 29.12 10.19
C ASP G 201 -12.28 28.02 10.25
N LYS G 202 -12.84 27.82 11.45
CA LYS G 202 -13.64 26.62 11.76
C LYS G 202 -15.12 26.86 11.88
N LEU G 203 -15.86 25.76 11.72
CA LEU G 203 -17.30 25.78 11.81
C LEU G 203 -17.73 26.11 13.24
N GLY G 204 -16.94 25.68 14.22
CA GLY G 204 -17.30 25.87 15.59
C GLY G 204 -16.07 25.70 16.45
N ILE G 205 -16.33 25.58 17.75
CA ILE G 205 -15.30 25.76 18.81
C ILE G 205 -14.23 26.80 18.44
N ARG G 206 -14.72 27.95 17.97
CA ARG G 206 -13.90 28.96 17.29
C ARG G 206 -13.01 29.76 18.24
N GLY G 207 -13.32 29.70 19.53
CA GLY G 207 -12.48 30.32 20.56
C GLY G 207 -11.20 29.58 20.90
N SER G 208 -11.12 28.30 20.55
CA SER G 208 -9.84 27.57 20.63
C SER G 208 -9.08 27.79 19.31
N SER G 209 -7.77 27.84 19.41
CA SER G 209 -6.89 27.99 18.27
C SER G 209 -6.55 26.59 17.74
N THR G 210 -6.52 26.49 16.42
CA THR G 210 -6.10 25.29 15.71
C THR G 210 -5.13 25.69 14.61
N ALA G 211 -3.94 25.12 14.64
CA ALA G 211 -2.91 25.45 13.64
C ALA G 211 -1.89 24.35 13.52
N ASN G 212 -1.12 24.41 12.44
CA ASN G 212 -0.01 23.49 12.21
C ASN G 212 1.21 23.85 13.05
N LEU G 213 1.93 22.82 13.48
CA LEU G 213 3.25 23.01 14.10
C LEU G 213 4.32 22.55 13.09
N ILE G 214 5.13 23.50 12.60
CA ILE G 214 6.11 23.25 11.52
C ILE G 214 7.51 23.19 12.10
N PHE G 215 8.11 22.00 12.04
CA PHE G 215 9.46 21.75 12.55
C PHE G 215 10.44 21.72 11.38
N GLU G 216 11.38 22.66 11.40
CA GLU G 216 12.46 22.66 10.44
C GLU G 216 13.75 22.60 11.23
N ASP G 217 14.42 21.44 11.18
CA ASP G 217 15.70 21.23 11.86
C ASP G 217 15.64 21.71 13.29
N CYS G 218 14.59 21.29 13.99
CA CYS G 218 14.32 21.77 15.34
C CYS G 218 15.04 20.93 16.38
N ARG G 219 15.95 21.54 17.12
CA ARG G 219 16.80 20.82 18.03
C ARG G 219 16.29 21.01 19.46
N ILE G 220 16.11 19.87 20.13
CA ILE G 220 15.68 19.81 21.50
C ILE G 220 16.60 18.82 22.21
N PRO G 221 16.81 19.01 23.52
CA PRO G 221 17.73 18.11 24.22
C PRO G 221 17.29 16.66 24.25
N LYS G 222 18.25 15.78 24.49
CA LYS G 222 18.00 14.36 24.43
C LYS G 222 17.01 13.92 25.49
N ASP G 223 17.09 14.51 26.68
CA ASP G 223 16.17 14.09 27.76
C ASP G 223 14.73 14.58 27.53
N SER G 224 14.46 15.21 26.37
CA SER G 224 13.12 15.60 25.96
C SER G 224 12.23 14.41 25.58
N ILE G 225 12.83 13.22 25.35
CA ILE G 225 12.05 12.03 25.06
C ILE G 225 11.15 11.63 26.24
N LEU G 226 9.86 11.45 25.94
CA LEU G 226 8.88 10.96 26.91
C LEU G 226 8.78 9.46 26.74
N GLY G 227 9.20 8.71 27.76
CA GLY G 227 9.35 7.26 27.65
C GLY G 227 10.60 6.80 26.87
N GLU G 228 10.55 5.58 26.38
CA GLU G 228 11.62 4.97 25.58
C GLU G 228 11.33 5.12 24.10
N PRO G 229 12.38 5.03 23.26
CA PRO G 229 12.19 5.01 21.81
C PRO G 229 11.26 3.90 21.35
N GLY G 230 10.34 4.24 20.46
CA GLY G 230 9.38 3.28 19.95
C GLY G 230 8.10 3.12 20.78
N MET G 231 8.04 3.75 21.96
CA MET G 231 6.85 3.72 22.83
C MET G 231 5.77 4.73 22.38
N GLY G 232 6.13 5.64 21.47
CA GLY G 232 5.26 6.73 21.06
C GLY G 232 3.85 6.33 20.65
N PHE G 233 3.72 5.21 19.94
CA PHE G 233 2.41 4.80 19.44
C PHE G 233 1.48 4.44 20.60
N LYS G 234 1.99 3.63 21.52
CA LYS G 234 1.27 3.21 22.70
C LYS G 234 0.96 4.35 23.67
N ILE G 235 1.92 5.26 23.85
CA ILE G 235 1.70 6.47 24.62
C ILE G 235 0.53 7.26 24.03
N ALA G 236 0.53 7.42 22.72
CA ALA G 236 -0.50 8.19 22.04
C ALA G 236 -1.89 7.57 22.20
N MET G 237 -1.94 6.26 22.10
CA MET G 237 -3.19 5.50 22.15
C MET G 237 -3.78 5.54 23.54
N GLN G 238 -2.94 5.38 24.56
CA GLN G 238 -3.40 5.49 25.94
C GLN G 238 -3.79 6.90 26.36
N THR G 239 -3.17 7.91 25.74
CA THR G 239 -3.54 9.28 26.02
C THR G 239 -4.92 9.59 25.46
N LEU G 240 -5.17 9.07 24.26
CA LEU G 240 -6.43 9.28 23.59
C LEU G 240 -7.59 8.56 24.27
N ASP G 241 -7.33 7.39 24.84
CA ASP G 241 -8.31 6.68 25.67
C ASP G 241 -8.84 7.61 26.75
N MET G 242 -7.92 8.23 27.48
CA MET G 242 -8.28 9.21 28.48
C MET G 242 -8.93 10.45 27.91
N GLY G 243 -8.42 10.93 26.76
CA GLY G 243 -8.90 12.14 26.12
C GLY G 243 -10.31 11.97 25.59
N ARG G 244 -10.61 10.75 25.20
CA ARG G 244 -11.95 10.38 24.77
C ARG G 244 -13.02 10.55 25.86
N ILE G 245 -12.65 10.32 27.12
CA ILE G 245 -13.54 10.59 28.26
C ILE G 245 -13.87 12.11 28.32
N GLY G 246 -12.84 12.95 28.15
CA GLY G 246 -13.00 14.39 28.12
C GLY G 246 -13.86 14.92 26.98
N ILE G 247 -13.65 14.37 25.79
CA ILE G 247 -14.43 14.78 24.66
C ILE G 247 -15.89 14.30 24.85
N ALA G 248 -16.07 13.10 25.40
CA ALA G 248 -17.38 12.61 25.82
C ALA G 248 -18.07 13.62 26.74
N SER G 249 -17.36 14.10 27.75
CA SER G 249 -17.93 15.05 28.68
C SER G 249 -18.21 16.39 28.03
N GLN G 250 -17.34 16.81 27.09
CA GLN G 250 -17.59 18.06 26.38
C GLN G 250 -18.88 17.93 25.59
N ALA G 251 -19.05 16.82 24.87
CA ALA G 251 -20.27 16.61 24.03
C ALA G 251 -21.55 16.58 24.91
N LEU G 252 -21.46 15.92 26.08
CA LEU G 252 -22.56 15.95 27.06
C LEU G 252 -22.98 17.35 27.47
N GLY G 253 -22.00 18.23 27.66
CA GLY G 253 -22.25 19.58 28.08
C GLY G 253 -22.92 20.40 26.99
N ILE G 254 -22.46 20.19 25.76
CA ILE G 254 -23.08 20.79 24.57
C ILE G 254 -24.53 20.29 24.41
N ALA G 255 -24.67 18.96 24.48
CA ALA G 255 -25.97 18.34 24.40
C ALA G 255 -26.90 18.82 25.53
N GLN G 256 -26.42 18.90 26.76
CA GLN G 256 -27.25 19.43 27.86
C GLN G 256 -27.78 20.87 27.66
N THR G 257 -26.92 21.81 27.28
CA THR G 257 -27.32 23.21 27.13
C THR G 257 -28.28 23.35 25.93
N ALA G 258 -28.00 22.55 24.90
CA ALA G 258 -28.88 22.44 23.75
C ALA G 258 -30.28 21.96 24.18
N LEU G 259 -30.35 20.92 25.01
CA LEU G 259 -31.64 20.47 25.55
C LEU G 259 -32.34 21.53 26.47
N ASP G 260 -31.58 22.12 27.39
CA ASP G 260 -32.07 23.23 28.23
C ASP G 260 -32.71 24.34 27.41
N CYS G 261 -32.00 24.74 26.34
CA CYS G 261 -32.46 25.75 25.42
C CYS G 261 -33.81 25.40 24.77
N ALA G 262 -33.93 24.16 24.30
CA ALA G 262 -35.13 23.69 23.63
C ALA G 262 -36.36 23.69 24.56
N VAL G 263 -36.18 23.16 25.74
CA VAL G 263 -37.26 23.05 26.71
C VAL G 263 -37.78 24.42 27.16
N ASN G 264 -36.86 25.32 27.49
CA ASN G 264 -37.19 26.67 27.93
C ASN G 264 -38.01 27.39 26.90
N TYR G 265 -37.57 27.26 25.65
CA TYR G 265 -38.25 27.84 24.50
C TYR G 265 -39.62 27.23 24.24
N ALA G 266 -39.66 25.89 24.22
CA ALA G 266 -40.89 25.16 24.04
C ALA G 266 -41.95 25.42 25.15
N GLU G 267 -41.52 25.71 26.37
CA GLU G 267 -42.47 26.01 27.45
C GLU G 267 -43.17 27.36 27.25
N ASN G 268 -42.49 28.29 26.56
CA ASN G 268 -42.90 29.67 26.48
C ASN G 268 -43.44 30.08 25.11
N ARG G 269 -43.08 29.33 24.06
CA ARG G 269 -43.56 29.61 22.70
C ARG G 269 -44.95 29.00 22.58
N MET G 270 -45.90 29.80 22.11
CA MET G 270 -47.27 29.37 21.86
C MET G 270 -47.50 29.08 20.37
N ALA G 271 -48.28 28.05 20.09
CA ALA G 271 -48.72 27.77 18.71
C ALA G 271 -50.05 27.06 18.78
N PHE G 272 -50.94 27.38 17.85
CA PHE G 272 -52.29 26.82 17.83
C PHE G 272 -52.93 26.80 19.22
N GLY G 273 -52.82 27.91 19.95
CA GLY G 273 -53.52 28.09 21.19
C GLY G 273 -52.79 27.74 22.49
N ALA G 274 -51.64 27.06 22.42
CA ALA G 274 -50.99 26.58 23.64
C ALA G 274 -49.47 26.46 23.48
N PRO G 275 -48.75 26.24 24.58
CA PRO G 275 -47.31 26.01 24.49
C PRO G 275 -46.96 24.80 23.64
N LEU G 276 -45.77 24.87 23.04
CA LEU G 276 -45.26 23.81 22.18
C LEU G 276 -45.15 22.49 22.91
N THR G 277 -44.85 22.56 24.21
CA THR G 277 -44.78 21.34 25.01
C THR G 277 -46.13 20.60 25.16
N LYS G 278 -47.24 21.20 24.72
CA LYS G 278 -48.54 20.50 24.69
C LYS G 278 -48.70 19.66 23.43
N LEU G 279 -47.81 19.84 22.47
CA LEU G 279 -47.80 19.08 21.23
C LEU G 279 -47.06 17.76 21.45
N GLN G 280 -47.71 16.65 21.10
CA GLN G 280 -47.14 15.29 21.24
C GLN G 280 -45.79 15.13 20.56
N VAL G 281 -45.72 15.60 19.32
CA VAL G 281 -44.50 15.55 18.53
C VAL G 281 -43.34 16.21 19.25
N ILE G 282 -43.56 17.36 19.87
CA ILE G 282 -42.49 18.07 20.57
C ILE G 282 -42.03 17.28 21.81
N GLN G 283 -42.99 16.72 22.54
CA GLN G 283 -42.72 15.87 23.71
C GLN G 283 -41.89 14.65 23.36
N PHE G 284 -42.28 14.03 22.25
CA PHE G 284 -41.49 12.92 21.72
C PHE G 284 -40.06 13.31 21.38
N LYS G 285 -39.87 14.48 20.73
CA LYS G 285 -38.52 14.98 20.43
C LYS G 285 -37.75 15.16 21.74
N LEU G 286 -38.36 15.84 22.70
CA LEU G 286 -37.70 16.02 24.01
C LEU G 286 -37.36 14.72 24.74
N ALA G 287 -38.26 13.74 24.69
CA ALA G 287 -37.99 12.43 25.27
C ALA G 287 -36.82 11.71 24.62
N ASP G 288 -36.76 11.72 23.29
CA ASP G 288 -35.64 11.12 22.56
C ASP G 288 -34.33 11.83 22.88
N MET G 289 -34.38 13.16 23.00
CA MET G 289 -33.19 13.94 23.38
C MET G 289 -32.70 13.56 24.78
N ALA G 290 -33.62 13.49 25.74
CA ALA G 290 -33.23 13.17 27.13
C ALA G 290 -32.67 11.73 27.23
N LEU G 291 -33.32 10.80 26.55
CA LEU G 291 -32.85 9.41 26.53
C LEU G 291 -31.41 9.32 25.98
N ALA G 292 -31.14 9.96 24.85
CA ALA G 292 -29.81 9.91 24.24
C ALA G 292 -28.76 10.53 25.14
N LEU G 293 -29.10 11.64 25.78
CA LEU G 293 -28.16 12.31 26.68
C LEU G 293 -27.86 11.48 27.92
N GLU G 294 -28.91 10.99 28.57
CA GLU G 294 -28.71 10.25 29.81
C GLU G 294 -27.95 8.93 29.59
N SER G 295 -28.23 8.21 28.50
CA SER G 295 -27.47 6.97 28.22
C SER G 295 -25.98 7.24 27.93
N ALA G 296 -25.72 8.29 27.15
CA ALA G 296 -24.37 8.73 26.86
C ALA G 296 -23.63 9.13 28.14
N ARG G 297 -24.30 9.86 29.02
CA ARG G 297 -23.70 10.20 30.33
C ARG G 297 -23.26 8.95 31.13
N LEU G 298 -24.16 7.99 31.28
CA LEU G 298 -23.85 6.73 31.96
C LEU G 298 -22.67 5.99 31.34
N LEU G 299 -22.60 5.88 30.00
CA LEU G 299 -21.39 5.35 29.35
C LEU G 299 -20.09 6.12 29.75
N THR G 300 -20.20 7.46 29.80
CA THR G 300 -19.03 8.30 30.14
C THR G 300 -18.60 8.06 31.58
N TRP G 301 -19.58 8.03 32.48
CA TRP G 301 -19.27 7.76 33.91
C TRP G 301 -18.69 6.38 34.15
N ARG G 302 -19.20 5.37 33.44
CA ARG G 302 -18.63 4.03 33.47
C ARG G 302 -17.13 4.00 33.10
N ALA G 303 -16.79 4.67 32.00
CA ALA G 303 -15.40 4.78 31.50
C ALA G 303 -14.47 5.47 32.52
N ALA G 304 -14.92 6.63 33.03
CA ALA G 304 -14.18 7.38 34.09
C ALA G 304 -13.96 6.56 35.36
N MET G 305 -15.00 5.86 35.79
CA MET G 305 -14.88 4.96 36.92
C MET G 305 -13.94 3.80 36.64
N LEU G 306 -13.94 3.21 35.44
CA LEU G 306 -12.96 2.12 35.20
C LEU G 306 -11.54 2.66 35.23
N LYS G 307 -11.34 3.83 34.61
CA LYS G 307 -10.03 4.49 34.67
C LYS G 307 -9.61 4.79 36.12
N ASP G 308 -10.53 5.35 36.92
CA ASP G 308 -10.28 5.63 38.35
C ASP G 308 -9.89 4.40 39.17
N ASN G 309 -10.47 3.25 38.85
CA ASN G 309 -10.13 2.01 39.52
C ASN G 309 -9.03 1.20 38.83
N LYS G 310 -8.29 1.84 37.93
CA LYS G 310 -7.17 1.21 37.23
C LYS G 310 -7.57 -0.12 36.56
N LYS G 311 -8.75 -0.12 35.95
CA LYS G 311 -9.23 -1.22 35.12
C LYS G 311 -9.18 -0.79 33.64
N PRO G 312 -9.11 -1.76 32.72
CA PRO G 312 -9.12 -1.40 31.28
C PRO G 312 -10.40 -0.67 30.86
N PHE G 313 -10.28 0.38 30.06
CA PHE G 313 -11.42 1.18 29.65
C PHE G 313 -11.39 1.65 28.20
N ILE G 314 -10.64 0.97 27.34
CA ILE G 314 -10.48 1.40 25.91
C ILE G 314 -11.80 1.35 25.20
N LYS G 315 -12.42 0.19 25.25
CA LYS G 315 -13.74 -0.01 24.63
C LYS G 315 -14.79 0.96 25.20
N GLU G 316 -14.77 1.14 26.51
CA GLU G 316 -15.77 1.95 27.26
C GLU G 316 -15.60 3.44 27.02
N ALA G 317 -14.36 3.89 26.87
CA ALA G 317 -14.08 5.29 26.48
C ALA G 317 -14.53 5.54 25.04
N ALA G 318 -14.21 4.61 24.15
CA ALA G 318 -14.66 4.65 22.74
C ALA G 318 -16.20 4.72 22.62
N MET G 319 -16.88 3.84 23.35
CA MET G 319 -18.35 3.83 23.41
C MET G 319 -18.94 5.16 23.90
N ALA G 320 -18.40 5.69 24.99
CA ALA G 320 -18.84 6.98 25.53
C ALA G 320 -18.67 8.13 24.53
N LYS G 321 -17.48 8.22 23.93
CA LYS G 321 -17.18 9.29 22.94
C LYS G 321 -18.13 9.21 21.76
N LEU G 322 -18.29 8.00 21.24
CA LEU G 322 -19.16 7.74 20.15
C LEU G 322 -20.60 8.10 20.48
N ALA G 323 -21.14 7.56 21.58
CA ALA G 323 -22.54 7.82 22.01
C ALA G 323 -22.81 9.30 22.24
N ALA G 324 -21.92 9.93 22.99
CA ALA G 324 -22.04 11.35 23.36
C ALA G 324 -21.95 12.32 22.17
N SER G 325 -20.94 12.08 21.34
CA SER G 325 -20.71 12.91 20.19
C SER G 325 -21.94 12.83 19.29
N GLU G 326 -22.48 11.64 19.08
CA GLU G 326 -23.63 11.53 18.17
C GLU G 326 -24.92 12.11 18.78
N ALA G 327 -25.04 11.97 20.10
CA ALA G 327 -26.14 12.60 20.87
C ALA G 327 -26.10 14.13 20.77
N ALA G 328 -24.90 14.71 20.93
CA ALA G 328 -24.71 16.16 20.83
C ALA G 328 -25.20 16.71 19.47
N THR G 329 -24.88 16.00 18.38
CA THR G 329 -25.31 16.43 17.05
C THR G 329 -26.81 16.22 16.81
N ALA G 330 -27.34 15.08 17.26
CA ALA G 330 -28.79 14.84 17.13
C ALA G 330 -29.58 15.81 18.00
N ILE G 331 -29.10 16.08 19.21
CA ILE G 331 -29.83 16.93 20.15
C ILE G 331 -29.80 18.39 19.69
N SER G 332 -28.64 18.82 19.19
CA SER G 332 -28.47 20.19 18.76
C SER G 332 -29.30 20.45 17.50
N HIS G 333 -29.35 19.45 16.61
CA HIS G 333 -30.21 19.52 15.43
C HIS G 333 -31.68 19.74 15.82
N GLN G 334 -32.14 18.94 16.76
CA GLN G 334 -33.51 18.99 17.23
C GLN G 334 -33.82 20.24 18.07
N ALA G 335 -32.81 20.78 18.75
CA ALA G 335 -32.98 22.05 19.46
C ALA G 335 -33.28 23.18 18.46
N ILE G 336 -32.54 23.20 17.33
CA ILE G 336 -32.79 24.13 16.26
C ILE G 336 -34.22 23.98 15.73
N GLN G 337 -34.63 22.74 15.50
CA GLN G 337 -35.97 22.45 14.95
C GLN G 337 -37.10 22.95 15.87
N ILE G 338 -36.98 22.70 17.17
CA ILE G 338 -37.97 23.14 18.14
C ILE G 338 -38.11 24.68 18.14
N LEU G 339 -36.98 25.40 18.02
CA LEU G 339 -36.95 26.87 17.95
C LEU G 339 -37.54 27.42 16.65
N GLY G 340 -37.59 26.59 15.61
CA GLY G 340 -38.09 27.04 14.30
C GLY G 340 -37.13 28.09 13.73
N GLY G 341 -37.67 29.20 13.23
CA GLY G 341 -36.82 30.28 12.67
C GLY G 341 -35.78 30.76 13.67
N MET G 342 -36.21 30.95 14.91
CA MET G 342 -35.30 31.35 16.00
C MET G 342 -34.07 30.43 16.15
N GLY G 343 -34.18 29.18 15.69
CA GLY G 343 -33.07 28.23 15.69
C GLY G 343 -31.95 28.51 14.69
N TYR G 344 -32.26 29.24 13.62
CA TYR G 344 -31.33 29.53 12.53
C TYR G 344 -30.59 30.88 12.64
N VAL G 345 -30.84 31.62 13.71
CA VAL G 345 -30.29 32.96 13.87
C VAL G 345 -29.51 33.07 15.14
N THR G 346 -28.54 33.98 15.14
CA THR G 346 -27.54 34.10 16.20
C THR G 346 -28.11 34.74 17.46
N GLU G 347 -29.34 35.25 17.34
CA GLU G 347 -30.16 35.74 18.47
C GLU G 347 -30.26 34.69 19.56
N MET G 348 -30.37 33.43 19.14
CA MET G 348 -30.46 32.28 20.05
C MET G 348 -29.21 31.46 19.89
N PRO G 349 -28.83 30.69 20.93
CA PRO G 349 -27.59 29.91 20.96
C PRO G 349 -27.66 28.52 20.26
N ALA G 350 -28.83 28.14 19.78
CA ALA G 350 -29.03 26.83 19.18
C ALA G 350 -28.13 26.58 17.96
N GLU G 351 -28.08 27.55 17.02
CA GLU G 351 -27.22 27.40 15.85
C GLU G 351 -25.74 27.21 16.24
N ARG G 352 -25.29 27.83 17.32
CA ARG G 352 -23.93 27.64 17.79
C ARG G 352 -23.67 26.24 18.42
N HIS G 353 -24.60 25.75 19.23
CA HIS G 353 -24.46 24.40 19.78
C HIS G 353 -24.33 23.35 18.64
N TYR G 354 -25.13 23.50 17.59
CA TYR G 354 -25.04 22.65 16.34
C TYR G 354 -23.65 22.64 15.71
N ARG G 355 -23.06 23.82 15.60
CA ARG G 355 -21.76 23.99 14.98
C ARG G 355 -20.68 23.38 15.86
N ASP G 356 -20.81 23.60 17.17
CA ASP G 356 -19.90 23.07 18.18
C ASP G 356 -19.98 21.55 18.35
N ALA G 357 -21.21 21.02 18.40
CA ALA G 357 -21.44 19.57 18.47
C ALA G 357 -20.74 18.81 17.33
N ARG G 358 -20.62 19.46 16.17
CA ARG G 358 -20.16 18.75 14.97
C ARG G 358 -18.71 18.24 15.07
N ILE G 359 -17.84 18.96 15.77
CA ILE G 359 -16.44 18.51 15.92
C ILE G 359 -16.30 17.24 16.77
N THR G 360 -17.24 17.04 17.71
CA THR G 360 -17.12 15.93 18.64
C THR G 360 -17.19 14.57 17.91
N GLU G 361 -17.78 14.52 16.73
CA GLU G 361 -17.80 13.29 15.91
C GLU G 361 -16.49 13.04 15.10
N ILE G 362 -15.58 14.02 15.13
CA ILE G 362 -14.36 14.00 14.31
C ILE G 362 -13.07 13.89 15.11
N TYR G 363 -12.80 14.87 15.98
CA TYR G 363 -11.52 14.83 16.69
C TYR G 363 -11.45 13.77 17.81
N GLU G 364 -10.23 13.45 18.20
CA GLU G 364 -9.89 12.33 19.07
C GLU G 364 -10.38 10.96 18.60
N GLY G 365 -10.33 10.75 17.28
CA GLY G 365 -10.80 9.51 16.71
C GLY G 365 -12.20 9.75 16.21
N THR G 366 -12.36 9.63 14.91
CA THR G 366 -13.65 9.80 14.28
C THR G 366 -14.64 8.70 14.75
N SER G 367 -15.93 8.95 14.66
CA SER G 367 -16.97 7.92 14.88
C SER G 367 -16.63 6.57 14.21
N GLU G 368 -16.06 6.61 13.00
CA GLU G 368 -15.68 5.41 12.22
C GLU G 368 -14.57 4.66 12.96
N ILE G 369 -13.59 5.43 13.38
CA ILE G 369 -12.51 4.87 14.16
C ILE G 369 -13.00 4.27 15.49
N GLN G 370 -13.94 4.94 16.19
CA GLN G 370 -14.45 4.41 17.48
C GLN G 370 -15.11 3.07 17.24
N ARG G 371 -15.94 2.97 16.22
CA ARG G 371 -16.55 1.69 15.89
C ARG G 371 -15.54 0.56 15.68
N LEU G 372 -14.44 0.85 14.97
CA LEU G 372 -13.36 -0.13 14.76
C LEU G 372 -12.70 -0.56 16.06
N VAL G 373 -12.47 0.41 16.94
CA VAL G 373 -11.89 0.11 18.27
C VAL G 373 -12.85 -0.76 19.10
N ILE G 374 -14.14 -0.42 19.06
CA ILE G 374 -15.18 -1.21 19.78
C ILE G 374 -15.29 -2.62 19.20
N ALA G 375 -15.43 -2.73 17.87
CA ALA G 375 -15.45 -4.02 17.18
C ALA G 375 -14.32 -4.95 17.60
N GLY G 376 -13.11 -4.40 17.66
CA GLY G 376 -11.90 -5.15 17.97
C GLY G 376 -11.87 -5.73 19.38
N HIS G 377 -12.29 -4.92 20.35
CA HIS G 377 -12.41 -5.36 21.72
C HIS G 377 -13.58 -6.30 21.91
N LEU G 378 -14.69 -6.06 21.22
CA LEU G 378 -15.80 -7.01 21.31
C LEU G 378 -15.39 -8.42 20.86
N LEU G 379 -14.71 -8.50 19.72
CA LEU G 379 -14.28 -9.79 19.18
C LEU G 379 -13.19 -10.45 20.02
N ARG G 380 -12.27 -9.66 20.57
CA ARG G 380 -11.28 -10.20 21.51
C ARG G 380 -11.93 -10.84 22.74
N SER G 381 -12.97 -10.21 23.27
CA SER G 381 -13.67 -10.72 24.44
C SER G 381 -14.34 -12.08 24.17
N TYR G 382 -14.80 -12.33 22.94
CA TYR G 382 -15.32 -13.64 22.61
C TYR G 382 -14.19 -14.66 22.42
N ARG G 383 -13.03 -14.21 21.94
CA ARG G 383 -11.82 -15.05 21.88
C ARG G 383 -11.19 -15.09 23.26
N LEU H 6 -35.17 12.59 -19.57
CA LEU H 6 -35.64 14.01 -19.74
C LEU H 6 -35.76 14.36 -21.21
N PRO H 7 -36.79 15.17 -21.57
CA PRO H 7 -36.90 15.74 -22.93
C PRO H 7 -35.61 16.44 -23.36
N GLU H 8 -35.32 16.41 -24.66
CA GLU H 8 -34.17 17.13 -25.23
C GLU H 8 -34.13 18.59 -24.79
N THR H 9 -35.30 19.24 -24.72
CA THR H 9 -35.33 20.66 -24.33
C THR H 9 -34.89 20.84 -22.88
N HIS H 10 -35.36 19.94 -22.01
CA HIS H 10 -34.99 20.01 -20.59
C HIS H 10 -33.52 19.63 -20.38
N GLN H 11 -33.00 18.69 -21.17
CA GLN H 11 -31.58 18.35 -21.16
C GLN H 11 -30.69 19.52 -21.59
N MET H 12 -31.17 20.33 -22.53
CA MET H 12 -30.45 21.54 -22.95
C MET H 12 -30.50 22.61 -21.86
N LEU H 13 -31.66 22.76 -21.22
CA LEU H 13 -31.81 23.70 -20.11
C LEU H 13 -30.84 23.36 -18.99
N LEU H 14 -30.79 22.10 -18.62
CA LEU H 14 -29.91 21.63 -17.55
C LEU H 14 -28.46 22.03 -17.80
N GLN H 15 -27.99 21.89 -19.05
CA GLN H 15 -26.62 22.25 -19.42
C GLN H 15 -26.32 23.74 -19.34
N THR H 16 -27.26 24.56 -19.79
CA THR H 16 -27.12 26.02 -19.69
C THR H 16 -27.01 26.44 -18.24
N CYS H 17 -27.86 25.85 -17.39
CA CYS H 17 -27.86 26.19 -15.97
C CYS H 17 -26.59 25.73 -15.28
N ARG H 18 -26.16 24.54 -15.63
CA ARG H 18 -24.90 24.02 -15.10
C ARG H 18 -23.73 24.90 -15.55
N ASP H 19 -23.68 25.24 -16.84
CA ASP H 19 -22.62 26.10 -17.34
C ASP H 19 -22.63 27.45 -16.61
N PHE H 20 -23.83 28.00 -16.42
CA PHE H 20 -23.97 29.27 -15.70
C PHE H 20 -23.51 29.17 -14.25
N ALA H 21 -23.97 28.14 -13.54
CA ALA H 21 -23.50 27.93 -12.16
C ALA H 21 -21.98 27.78 -12.06
N GLU H 22 -21.42 26.97 -12.97
CA GLU H 22 -19.97 26.71 -12.94
C GLU H 22 -19.18 27.99 -13.19
N LYS H 23 -19.70 28.85 -14.06
CA LYS H 23 -19.04 30.09 -14.45
C LYS H 23 -19.30 31.28 -13.52
N GLU H 24 -20.54 31.43 -13.07
CA GLU H 24 -20.93 32.64 -12.34
C GLU H 24 -21.13 32.46 -10.80
N LEU H 25 -21.45 31.25 -10.35
CA LEU H 25 -21.92 31.03 -8.97
C LEU H 25 -20.91 30.31 -8.08
N PHE H 26 -20.34 29.21 -8.55
CA PHE H 26 -19.23 28.56 -7.84
C PHE H 26 -18.10 29.53 -7.40
N PRO H 27 -17.64 30.41 -8.29
CA PRO H 27 -16.56 31.33 -7.91
C PRO H 27 -16.90 32.38 -6.84
N ILE H 28 -18.17 32.74 -6.67
CA ILE H 28 -18.58 33.74 -5.67
C ILE H 28 -19.19 33.12 -4.40
N ALA H 29 -19.44 31.81 -4.39
CA ALA H 29 -20.23 31.17 -3.32
C ALA H 29 -19.65 31.40 -1.92
N ALA H 30 -18.35 31.20 -1.79
CA ALA H 30 -17.68 31.39 -0.49
C ALA H 30 -17.79 32.84 0.02
N GLN H 31 -17.60 33.78 -0.89
CA GLN H 31 -17.66 35.21 -0.55
C GLN H 31 -19.07 35.65 -0.16
N VAL H 32 -20.05 35.21 -0.93
CA VAL H 32 -21.47 35.52 -0.68
C VAL H 32 -21.86 35.05 0.74
N ASP H 33 -21.34 33.89 1.13
CA ASP H 33 -21.56 33.31 2.46
C ASP H 33 -20.76 34.03 3.54
N LYS H 34 -19.49 34.30 3.26
CA LYS H 34 -18.64 34.94 4.26
C LYS H 34 -19.12 36.36 4.58
N GLU H 35 -19.51 37.11 3.56
CA GLU H 35 -19.80 38.54 3.70
C GLU H 35 -21.29 38.87 3.71
N HIS H 36 -22.15 37.85 3.76
CA HIS H 36 -23.59 38.01 3.81
C HIS H 36 -23.97 38.97 2.69
N LEU H 37 -23.51 38.64 1.49
CA LEU H 37 -23.52 39.58 0.36
C LEU H 37 -24.55 39.19 -0.70
N PHE H 38 -25.53 40.06 -0.94
CA PHE H 38 -26.52 39.83 -1.98
C PHE H 38 -25.76 39.75 -3.31
N PRO H 39 -26.03 38.71 -4.14
CA PRO H 39 -25.36 38.58 -5.45
C PRO H 39 -26.09 39.32 -6.58
N ALA H 40 -26.05 40.64 -6.53
CA ALA H 40 -26.85 41.49 -7.43
C ALA H 40 -26.53 41.25 -8.92
N ALA H 41 -25.25 41.21 -9.25
CA ALA H 41 -24.78 41.08 -10.64
C ALA H 41 -25.24 39.76 -11.23
N GLN H 42 -25.11 38.71 -10.41
CA GLN H 42 -25.50 37.36 -10.81
C GLN H 42 -27.02 37.22 -10.94
N VAL H 43 -27.78 37.72 -9.96
CA VAL H 43 -29.24 37.67 -10.04
C VAL H 43 -29.73 38.42 -11.28
N LYS H 44 -29.07 39.54 -11.61
CA LYS H 44 -29.41 40.26 -12.85
C LYS H 44 -29.18 39.41 -14.11
N LYS H 45 -28.03 38.75 -14.18
CA LYS H 45 -27.75 37.85 -15.30
C LYS H 45 -28.75 36.70 -15.42
N MET H 46 -29.14 36.11 -14.28
CA MET H 46 -30.16 35.08 -14.27
C MET H 46 -31.48 35.64 -14.81
N GLY H 47 -31.84 36.81 -14.31
CA GLY H 47 -33.01 37.52 -14.84
C GLY H 47 -33.04 37.56 -16.35
N GLY H 48 -31.89 37.90 -16.95
CA GLY H 48 -31.75 37.93 -18.42
C GLY H 48 -32.02 36.61 -19.10
N LEU H 49 -31.63 35.51 -18.46
CA LEU H 49 -31.83 34.15 -18.96
C LEU H 49 -33.23 33.55 -18.69
N GLY H 50 -34.09 34.29 -18.00
CA GLY H 50 -35.45 33.85 -17.76
C GLY H 50 -35.64 32.99 -16.51
N LEU H 51 -34.56 32.89 -15.72
CA LEU H 51 -34.52 32.04 -14.54
C LEU H 51 -35.36 32.55 -13.39
N LEU H 52 -35.61 33.86 -13.34
CA LEU H 52 -36.45 34.48 -12.30
C LEU H 52 -37.95 34.45 -12.60
N ALA H 53 -38.30 33.96 -13.79
CA ALA H 53 -39.67 33.99 -14.31
C ALA H 53 -39.88 32.82 -15.28
N MET H 54 -39.55 31.62 -14.82
CA MET H 54 -39.51 30.43 -15.63
C MET H 54 -40.86 29.95 -16.08
N ASP H 55 -41.84 29.97 -15.17
CA ASP H 55 -43.18 29.44 -15.43
C ASP H 55 -44.14 30.57 -15.83
N VAL H 56 -43.59 31.76 -16.03
CA VAL H 56 -44.41 32.90 -16.46
C VAL H 56 -44.56 32.90 -18.01
N PRO H 57 -45.77 33.22 -18.52
CA PRO H 57 -45.97 33.30 -19.96
C PRO H 57 -45.04 34.29 -20.67
N GLU H 58 -44.62 33.95 -21.88
CA GLU H 58 -43.79 34.86 -22.69
C GLU H 58 -44.42 36.23 -22.91
N GLU H 59 -45.75 36.26 -23.06
CA GLU H 59 -46.52 37.51 -23.25
C GLU H 59 -46.42 38.49 -22.07
N LEU H 60 -46.14 37.95 -20.88
CA LEU H 60 -45.91 38.77 -19.68
C LEU H 60 -44.43 38.94 -19.40
N GLY H 61 -43.57 38.44 -20.31
CA GLY H 61 -42.12 38.57 -20.20
C GLY H 61 -41.40 37.41 -19.52
N GLY H 62 -42.08 36.27 -19.33
CA GLY H 62 -41.44 35.08 -18.75
C GLY H 62 -40.79 34.17 -19.78
N ALA H 63 -40.12 33.11 -19.30
CA ALA H 63 -39.49 32.09 -20.17
C ALA H 63 -40.50 31.18 -20.88
N GLY H 64 -41.73 31.14 -20.39
CA GLY H 64 -42.74 30.25 -20.93
C GLY H 64 -42.40 28.78 -20.75
N LEU H 65 -41.74 28.44 -19.64
CA LEU H 65 -41.38 27.04 -19.39
C LEU H 65 -42.36 26.48 -18.36
N ASP H 66 -42.03 25.34 -17.78
CA ASP H 66 -42.91 24.67 -16.83
C ASP H 66 -42.19 24.40 -15.52
N TYR H 67 -42.88 23.68 -14.63
CA TYR H 67 -42.33 23.45 -13.31
C TYR H 67 -41.25 22.36 -13.24
N LEU H 68 -41.26 21.40 -14.17
CA LEU H 68 -40.13 20.46 -14.26
C LEU H 68 -38.82 21.21 -14.61
N ALA H 69 -38.92 22.14 -15.55
CA ALA H 69 -37.83 22.99 -15.97
C ALA H 69 -37.32 23.85 -14.84
N TYR H 70 -38.25 24.41 -14.08
CA TYR H 70 -37.93 25.19 -12.87
C TYR H 70 -37.17 24.33 -11.85
N ALA H 71 -37.68 23.13 -11.59
CA ALA H 71 -37.05 22.16 -10.67
C ALA H 71 -35.61 21.80 -11.05
N ILE H 72 -35.41 21.50 -12.34
CA ILE H 72 -34.12 21.24 -12.96
C ILE H 72 -33.16 22.45 -12.82
N ALA H 73 -33.65 23.64 -13.22
CA ALA H 73 -32.88 24.88 -13.10
C ALA H 73 -32.55 25.22 -11.66
N MET H 74 -33.55 25.12 -10.76
CA MET H 74 -33.34 25.40 -9.31
C MET H 74 -32.23 24.59 -8.70
N GLU H 75 -32.15 23.32 -9.07
CA GLU H 75 -31.15 22.42 -8.54
C GLU H 75 -29.75 22.79 -9.07
N GLU H 76 -29.64 23.07 -10.36
CA GLU H 76 -28.34 23.46 -10.91
C GLU H 76 -27.81 24.75 -10.27
N ILE H 77 -28.71 25.72 -10.07
CA ILE H 77 -28.34 27.03 -9.52
C ILE H 77 -27.93 26.91 -8.05
N SER H 78 -28.71 26.13 -7.31
CA SER H 78 -28.51 25.91 -5.86
C SER H 78 -27.25 25.08 -5.57
N ARG H 79 -26.92 24.23 -6.52
CA ARG H 79 -25.66 23.53 -6.51
C ARG H 79 -24.46 24.49 -6.56
N GLY H 80 -24.57 25.55 -7.33
CA GLY H 80 -23.55 26.60 -7.35
C GLY H 80 -23.59 27.53 -6.15
N CYS H 81 -24.79 28.01 -5.80
CA CYS H 81 -24.96 28.92 -4.65
C CYS H 81 -26.35 28.79 -4.04
N ALA H 82 -26.41 28.37 -2.78
CA ALA H 82 -27.69 28.10 -2.13
C ALA H 82 -28.55 29.37 -1.95
N SER H 83 -27.88 30.51 -1.74
CA SER H 83 -28.55 31.79 -1.55
C SER H 83 -29.20 32.27 -2.84
N THR H 84 -28.45 32.23 -3.94
CA THR H 84 -28.98 32.56 -5.26
C THR H 84 -30.19 31.68 -5.59
N GLY H 85 -30.11 30.42 -5.16
CA GLY H 85 -31.22 29.51 -5.27
C GLY H 85 -32.46 30.01 -4.56
N VAL H 86 -32.35 30.39 -3.29
CA VAL H 86 -33.52 30.81 -2.53
C VAL H 86 -34.09 32.14 -3.05
N ILE H 87 -33.20 33.06 -3.40
CA ILE H 87 -33.59 34.35 -4.00
C ILE H 87 -34.47 34.07 -5.23
N MET H 88 -33.99 33.20 -6.12
CA MET H 88 -34.73 32.78 -7.33
C MET H 88 -36.04 32.04 -7.05
N SER H 89 -36.04 31.18 -6.04
CA SER H 89 -37.23 30.43 -5.68
C SER H 89 -38.35 31.32 -5.17
N VAL H 90 -38.01 32.35 -4.40
CA VAL H 90 -38.98 33.28 -3.85
C VAL H 90 -39.64 34.06 -4.97
N ASN H 91 -38.83 34.57 -5.90
CA ASN H 91 -39.40 35.32 -7.02
C ASN H 91 -40.32 34.50 -7.93
N ASN H 92 -39.89 33.30 -8.31
CA ASN H 92 -40.71 32.40 -9.14
C ASN H 92 -42.00 31.91 -8.44
N SER H 93 -41.82 31.15 -7.36
CA SER H 93 -42.93 30.49 -6.69
C SER H 93 -43.75 31.42 -5.80
N LEU H 94 -43.09 32.15 -4.89
CA LEU H 94 -43.82 32.88 -3.85
C LEU H 94 -44.32 34.26 -4.24
N TYR H 95 -43.60 34.95 -5.14
CA TYR H 95 -44.03 36.26 -5.59
C TYR H 95 -44.83 36.18 -6.89
N LEU H 96 -44.20 35.72 -7.97
CA LEU H 96 -44.87 35.71 -9.28
C LEU H 96 -46.01 34.70 -9.27
N GLY H 97 -45.78 33.55 -8.62
CA GLY H 97 -46.77 32.48 -8.58
C GLY H 97 -48.22 32.83 -8.26
N PRO H 98 -48.45 33.47 -7.09
CA PRO H 98 -49.83 33.81 -6.72
C PRO H 98 -50.44 34.91 -7.60
N ILE H 99 -49.59 35.84 -8.03
CA ILE H 99 -50.07 36.92 -8.91
C ILE H 99 -50.54 36.31 -10.24
N LEU H 100 -49.77 35.38 -10.78
CA LEU H 100 -50.20 34.65 -12.01
C LEU H 100 -51.46 33.85 -11.81
N LYS H 101 -51.58 33.17 -10.68
CA LYS H 101 -52.74 32.33 -10.43
C LYS H 101 -54.00 33.09 -10.06
N PHE H 102 -53.87 34.21 -9.37
CA PHE H 102 -55.01 34.89 -8.78
C PHE H 102 -55.23 36.33 -9.25
N GLY H 103 -54.23 36.92 -9.91
CA GLY H 103 -54.33 38.33 -10.31
C GLY H 103 -55.24 38.61 -11.51
N SER H 104 -55.74 39.85 -11.59
CA SER H 104 -56.41 40.35 -12.83
C SER H 104 -55.43 40.57 -13.98
N LYS H 105 -55.94 40.77 -15.20
CA LYS H 105 -55.07 41.04 -16.38
C LYS H 105 -54.19 42.28 -16.16
N GLU H 106 -54.76 43.27 -15.48
CA GLU H 106 -54.07 44.52 -15.15
C GLU H 106 -52.98 44.31 -14.08
N GLN H 107 -53.29 43.47 -13.10
CA GLN H 107 -52.38 43.23 -11.96
C GLN H 107 -51.09 42.52 -12.40
N LYS H 108 -51.22 41.57 -13.32
CA LYS H 108 -50.07 40.87 -13.89
C LYS H 108 -49.17 41.83 -14.69
N GLN H 109 -49.79 42.70 -15.48
CA GLN H 109 -49.01 43.66 -16.24
C GLN H 109 -48.25 44.63 -15.32
N ALA H 110 -48.86 45.04 -14.22
CA ALA H 110 -48.22 45.98 -13.31
C ALA H 110 -47.25 45.28 -12.36
N TRP H 111 -47.54 44.02 -12.01
CA TRP H 111 -46.82 43.40 -10.89
C TRP H 111 -45.99 42.17 -11.28
N VAL H 112 -46.30 41.56 -12.42
CA VAL H 112 -45.50 40.44 -12.92
C VAL H 112 -44.39 40.93 -13.87
N THR H 113 -44.78 41.65 -14.90
CA THR H 113 -43.86 41.96 -16.00
C THR H 113 -42.62 42.77 -15.59
N PRO H 114 -42.75 43.78 -14.72
CA PRO H 114 -41.52 44.46 -14.32
C PRO H 114 -40.58 43.62 -13.43
N PHE H 115 -41.03 42.41 -13.09
CA PHE H 115 -40.34 41.57 -12.13
C PHE H 115 -39.90 40.27 -12.79
N THR H 116 -39.77 40.28 -14.11
CA THR H 116 -39.44 39.09 -14.87
C THR H 116 -38.00 39.06 -15.40
N SER H 117 -37.21 40.11 -15.17
CA SER H 117 -35.93 40.27 -15.90
C SER H 117 -34.69 40.51 -15.02
N GLY H 118 -34.87 40.49 -13.71
CA GLY H 118 -33.75 40.67 -12.78
C GLY H 118 -33.51 42.12 -12.42
N ASP H 119 -34.36 43.02 -12.89
CA ASP H 119 -34.20 44.45 -12.58
C ASP H 119 -34.93 44.76 -11.28
N LYS H 120 -36.06 44.09 -11.06
CA LYS H 120 -36.82 44.14 -9.81
C LYS H 120 -37.16 42.69 -9.37
N ILE H 121 -37.08 42.42 -8.08
CA ILE H 121 -37.57 41.16 -7.51
C ILE H 121 -38.60 41.40 -6.41
N GLY H 122 -39.39 40.37 -6.13
CA GLY H 122 -40.42 40.43 -5.09
C GLY H 122 -40.11 39.61 -3.85
N CYS H 123 -41.08 39.62 -2.93
CA CYS H 123 -41.01 38.82 -1.70
C CYS H 123 -42.43 38.43 -1.28
N PHE H 124 -42.50 37.65 -0.21
CA PHE H 124 -43.70 36.96 0.25
C PHE H 124 -43.75 37.07 1.78
N ALA H 125 -44.79 37.70 2.30
CA ALA H 125 -44.86 38.12 3.70
C ALA H 125 -46.09 37.53 4.39
N LEU H 126 -45.88 36.33 4.94
CA LEU H 126 -46.95 35.57 5.62
C LEU H 126 -46.68 35.48 7.11
N SER H 127 -45.48 35.06 7.46
CA SER H 127 -45.10 34.87 8.85
C SER H 127 -45.05 36.16 9.63
N GLU H 128 -45.20 35.99 10.95
CA GLU H 128 -45.14 37.08 11.91
C GLU H 128 -44.29 36.65 13.07
N PRO H 129 -43.83 37.60 13.88
CA PRO H 129 -43.01 37.22 15.04
C PRO H 129 -43.66 36.13 15.92
N GLY H 130 -44.98 36.19 16.08
CA GLY H 130 -45.68 35.29 16.99
C GLY H 130 -46.26 34.06 16.33
N ASN H 131 -46.27 34.01 15.00
CA ASN H 131 -46.79 32.86 14.24
C ASN H 131 -46.06 32.62 12.92
N GLY H 132 -45.58 31.39 12.72
CA GLY H 132 -45.00 30.96 11.46
C GLY H 132 -45.75 29.74 10.97
N SER H 133 -45.57 28.63 11.69
CA SER H 133 -46.32 27.41 11.41
C SER H 133 -47.83 27.65 11.52
N ASP H 134 -48.25 28.40 12.54
CA ASP H 134 -49.65 28.75 12.73
C ASP H 134 -49.98 29.95 11.81
N ALA H 135 -50.04 29.68 10.51
CA ALA H 135 -50.12 30.70 9.47
C ALA H 135 -51.37 31.57 9.59
N GLY H 136 -52.51 30.92 9.78
CA GLY H 136 -53.80 31.60 9.91
C GLY H 136 -53.96 32.58 11.08
N ALA H 137 -53.01 32.58 12.02
CA ALA H 137 -53.06 33.49 13.17
C ALA H 137 -52.44 34.89 12.90
N ALA H 138 -52.39 35.31 11.64
CA ALA H 138 -51.92 36.67 11.27
C ALA H 138 -52.66 37.78 12.02
N SER H 139 -51.92 38.59 12.79
CA SER H 139 -52.50 39.71 13.54
C SER H 139 -52.33 41.06 12.80
N THR H 140 -51.48 41.09 11.78
CA THR H 140 -51.41 42.21 10.86
C THR H 140 -52.79 42.41 10.27
N THR H 141 -53.24 43.66 10.24
CA THR H 141 -54.59 44.02 9.85
C THR H 141 -54.63 44.88 8.60
N ALA H 142 -55.73 44.78 7.87
CA ALA H 142 -55.97 45.61 6.69
C ALA H 142 -57.36 46.23 6.81
N ARG H 143 -57.40 47.54 7.11
CA ARG H 143 -58.65 48.31 7.25
C ARG H 143 -59.06 48.97 5.95
N ALA H 144 -60.27 48.68 5.47
CA ALA H 144 -60.79 49.32 4.27
C ALA H 144 -61.24 50.74 4.62
N GLU H 145 -60.52 51.71 4.04
CA GLU H 145 -60.65 53.12 4.40
C GLU H 145 -60.84 53.89 3.11
N GLY H 146 -62.10 53.97 2.67
CA GLY H 146 -62.42 54.62 1.40
C GLY H 146 -62.01 53.72 0.26
N ASP H 147 -61.27 54.26 -0.70
CA ASP H 147 -60.76 53.46 -1.82
C ASP H 147 -59.31 53.01 -1.59
N SER H 148 -58.93 52.89 -0.33
CA SER H 148 -57.62 52.39 0.01
C SER H 148 -57.77 51.31 1.07
N TRP H 149 -56.67 50.61 1.31
CA TRP H 149 -56.50 49.75 2.46
C TRP H 149 -55.43 50.40 3.29
N VAL H 150 -55.62 50.40 4.60
CA VAL H 150 -54.61 50.89 5.53
C VAL H 150 -54.09 49.63 6.25
N LEU H 151 -52.77 49.47 6.28
CA LEU H 151 -52.13 48.28 6.83
C LEU H 151 -51.39 48.58 8.12
N ASN H 152 -51.50 47.69 9.11
CA ASN H 152 -50.80 47.80 10.39
C ASN H 152 -50.29 46.46 10.95
N GLY H 153 -49.01 46.40 11.29
CA GLY H 153 -48.46 45.17 11.86
C GLY H 153 -47.04 44.86 11.42
N THR H 154 -46.47 43.82 12.00
CA THR H 154 -45.12 43.39 11.69
C THR H 154 -45.14 41.98 11.10
N LYS H 155 -44.61 41.82 9.89
CA LYS H 155 -44.38 40.50 9.32
C LYS H 155 -42.94 40.12 9.57
N ALA H 156 -42.67 38.83 9.72
CA ALA H 156 -41.31 38.37 10.07
C ALA H 156 -40.72 37.37 9.07
N TRP H 157 -39.39 37.29 9.09
CA TRP H 157 -38.61 36.35 8.30
C TRP H 157 -38.72 36.51 6.80
N ILE H 158 -38.91 37.73 6.30
CA ILE H 158 -39.17 37.89 4.87
C ILE H 158 -37.88 37.84 4.05
N THR H 159 -37.71 36.75 3.31
CA THR H 159 -36.64 36.60 2.34
C THR H 159 -36.75 37.62 1.20
N ASN H 160 -35.62 38.27 0.91
CA ASN H 160 -35.53 39.36 -0.14
C ASN H 160 -36.03 40.73 0.33
N ALA H 161 -36.34 40.86 1.62
CA ALA H 161 -36.91 42.09 2.19
C ALA H 161 -36.13 43.39 1.86
N TRP H 162 -34.82 43.29 1.90
CA TRP H 162 -33.92 44.41 1.67
C TRP H 162 -33.58 44.62 0.22
N GLU H 163 -34.06 43.75 -0.68
CA GLU H 163 -33.84 43.91 -2.12
C GLU H 163 -35.10 43.94 -2.96
N ALA H 164 -36.22 43.61 -2.34
CA ALA H 164 -37.49 43.48 -3.03
C ALA H 164 -38.11 44.85 -3.38
N SER H 165 -38.84 44.89 -4.48
CA SER H 165 -39.54 46.10 -4.88
C SER H 165 -41.04 45.97 -4.71
N ALA H 166 -41.49 44.81 -4.22
CA ALA H 166 -42.92 44.53 -4.05
C ALA H 166 -43.06 43.28 -3.21
N ALA H 167 -44.14 43.24 -2.44
CA ALA H 167 -44.42 42.10 -1.59
C ALA H 167 -45.86 41.67 -1.71
N VAL H 168 -46.07 40.36 -1.61
CA VAL H 168 -47.40 39.80 -1.42
C VAL H 168 -47.55 39.65 0.08
N VAL H 169 -48.44 40.45 0.66
CA VAL H 169 -48.61 40.57 2.10
C VAL H 169 -49.97 40.04 2.52
N PHE H 170 -49.98 39.18 3.53
CA PHE H 170 -51.23 38.59 4.06
C PHE H 170 -51.61 39.25 5.38
N ALA H 171 -52.85 39.75 5.47
CA ALA H 171 -53.34 40.40 6.68
C ALA H 171 -54.81 40.10 6.93
N SER H 172 -55.19 40.30 8.19
CA SER H 172 -56.56 40.10 8.62
C SER H 172 -57.45 41.29 8.25
N THR H 173 -58.58 40.98 7.60
CA THR H 173 -59.54 41.97 7.10
C THR H 173 -60.89 41.89 7.81
N LYS H 180 -61.83 32.52 6.51
CA LYS H 180 -61.97 33.58 5.52
C LYS H 180 -61.71 34.97 6.11
N SER H 181 -60.86 35.07 7.13
CA SER H 181 -60.48 36.37 7.73
C SER H 181 -59.22 36.99 7.11
N ILE H 182 -58.45 36.21 6.34
CA ILE H 182 -57.20 36.69 5.77
C ILE H 182 -57.32 37.07 4.27
N SER H 183 -56.63 38.14 3.92
CA SER H 183 -56.51 38.56 2.54
C SER H 183 -55.07 38.80 2.14
N ALA H 184 -54.85 38.73 0.83
CA ALA H 184 -53.55 38.94 0.18
C ALA H 184 -53.50 40.33 -0.48
N PHE H 185 -52.39 41.04 -0.28
CA PHE H 185 -52.20 42.40 -0.80
C PHE H 185 -50.89 42.61 -1.53
N LEU H 186 -50.95 43.40 -2.61
CA LEU H 186 -49.78 43.79 -3.39
C LEU H 186 -49.30 45.15 -2.88
N VAL H 187 -48.12 45.16 -2.25
CA VAL H 187 -47.57 46.31 -1.56
C VAL H 187 -46.25 46.63 -2.25
N PRO H 188 -46.07 47.89 -2.71
CA PRO H 188 -44.82 48.24 -3.34
C PRO H 188 -43.79 48.56 -2.28
N MET H 189 -42.52 48.49 -2.64
CA MET H 189 -41.42 48.70 -1.69
C MET H 189 -40.32 49.50 -2.36
N PRO H 190 -39.89 50.61 -1.74
CA PRO H 190 -40.38 51.21 -0.51
C PRO H 190 -41.77 51.83 -0.65
N THR H 191 -42.36 52.18 0.48
CA THR H 191 -43.61 52.93 0.51
C THR H 191 -43.77 53.61 1.85
N PRO H 192 -44.52 54.72 1.89
CA PRO H 192 -44.73 55.36 3.19
C PRO H 192 -45.57 54.45 4.10
N GLY H 193 -45.12 54.28 5.32
CA GLY H 193 -45.81 53.42 6.29
C GLY H 193 -45.14 52.07 6.45
N LEU H 194 -44.14 51.80 5.62
CA LEU H 194 -43.38 50.55 5.63
C LEU H 194 -41.93 50.86 5.99
N THR H 195 -41.49 50.23 7.07
CA THR H 195 -40.10 50.25 7.50
C THR H 195 -39.57 48.80 7.54
N LEU H 196 -38.30 48.62 7.20
CA LEU H 196 -37.69 47.28 7.27
C LEU H 196 -36.99 47.10 8.61
N GLY H 197 -37.08 45.88 9.17
CA GLY H 197 -36.27 45.53 10.34
C GLY H 197 -34.79 45.32 10.02
N LYS H 198 -33.97 45.24 11.05
CA LYS H 198 -32.59 44.80 10.89
C LYS H 198 -32.49 43.42 10.19
N LYS H 199 -31.51 43.26 9.30
CA LYS H 199 -31.21 41.97 8.67
C LYS H 199 -30.85 40.92 9.74
N GLU H 200 -31.42 39.73 9.61
CA GLU H 200 -31.08 38.60 10.48
C GLU H 200 -29.70 38.08 10.17
N ASP H 201 -29.02 37.68 11.22
CA ASP H 201 -27.72 37.06 11.18
C ASP H 201 -27.93 35.54 11.23
N LYS H 202 -27.88 34.92 10.05
CA LYS H 202 -28.25 33.52 9.84
C LYS H 202 -27.06 32.55 9.84
N LEU H 203 -27.38 31.30 10.19
CA LEU H 203 -26.47 30.18 10.09
C LEU H 203 -26.01 29.93 8.64
N GLY H 204 -26.93 30.08 7.70
CA GLY H 204 -26.64 29.83 6.32
C GLY H 204 -27.57 30.65 5.43
N ILE H 205 -27.57 30.31 4.13
CA ILE H 205 -28.09 31.14 3.05
C ILE H 205 -27.92 32.68 3.33
N ARG H 206 -26.72 33.05 3.71
CA ARG H 206 -26.42 34.39 4.22
C ARG H 206 -26.44 35.49 3.13
N GLY H 207 -26.47 35.10 1.85
CA GLY H 207 -26.56 36.04 0.74
C GLY H 207 -27.95 36.53 0.48
N SER H 208 -28.96 35.76 0.88
CA SER H 208 -30.31 36.26 0.87
C SER H 208 -30.49 37.20 2.07
N SER H 209 -31.31 38.23 1.91
CA SER H 209 -31.74 39.05 3.03
C SER H 209 -33.00 38.45 3.64
N THR H 210 -33.06 38.57 4.97
CA THR H 210 -34.24 38.24 5.77
C THR H 210 -34.43 39.30 6.87
N ALA H 211 -35.62 39.88 6.96
CA ALA H 211 -35.92 40.93 7.93
C ALA H 211 -37.42 41.12 8.05
N ASN H 212 -37.81 41.86 9.08
CA ASN H 212 -39.22 42.20 9.31
C ASN H 212 -39.71 43.29 8.40
N LEU H 213 -40.99 43.20 8.05
CA LEU H 213 -41.73 44.27 7.37
C LEU H 213 -42.65 44.90 8.42
N ILE H 214 -42.43 46.19 8.70
CA ILE H 214 -43.15 46.89 9.75
C ILE H 214 -44.08 47.91 9.13
N PHE H 215 -45.38 47.65 9.26
CA PHE H 215 -46.45 48.50 8.70
C PHE H 215 -47.07 49.35 9.81
N GLU H 216 -47.11 50.67 9.59
CA GLU H 216 -47.69 51.62 10.54
C GLU H 216 -48.52 52.57 9.71
N ASP H 217 -49.83 52.31 9.63
CA ASP H 217 -50.78 53.09 8.81
C ASP H 217 -50.34 53.21 7.35
N CYS H 218 -49.86 52.09 6.82
CA CYS H 218 -49.37 52.02 5.48
C CYS H 218 -50.56 51.92 4.53
N ARG H 219 -50.77 52.96 3.71
CA ARG H 219 -51.92 53.02 2.79
C ARG H 219 -51.55 52.50 1.41
N ILE H 220 -52.47 51.73 0.83
CA ILE H 220 -52.27 51.21 -0.51
C ILE H 220 -53.61 51.31 -1.21
N PRO H 221 -53.62 51.33 -2.54
CA PRO H 221 -54.94 51.39 -3.22
C PRO H 221 -55.89 50.18 -3.04
N LYS H 222 -57.20 50.41 -3.15
CA LYS H 222 -58.22 49.33 -3.10
C LYS H 222 -57.96 48.14 -4.04
N ASP H 223 -57.42 48.41 -5.22
CA ASP H 223 -57.18 47.31 -6.17
C ASP H 223 -55.84 46.58 -5.97
N SER H 224 -55.16 46.88 -4.86
CA SER H 224 -54.00 46.12 -4.43
C SER H 224 -54.34 44.74 -3.82
N ILE H 225 -55.60 44.50 -3.46
CA ILE H 225 -56.06 43.20 -2.97
C ILE H 225 -55.96 42.14 -4.08
N LEU H 226 -55.35 40.97 -3.76
CA LEU H 226 -55.23 39.85 -4.71
C LEU H 226 -56.35 38.84 -4.42
N GLY H 227 -57.12 38.49 -5.45
CA GLY H 227 -58.36 37.72 -5.27
C GLY H 227 -59.39 38.47 -4.44
N GLU H 228 -60.35 37.74 -3.90
CA GLU H 228 -61.44 38.33 -3.13
C GLU H 228 -61.07 38.45 -1.67
N PRO H 229 -61.74 39.34 -0.94
CA PRO H 229 -61.45 39.38 0.50
C PRO H 229 -61.74 38.02 1.14
N GLY H 230 -60.89 37.60 2.07
CA GLY H 230 -61.03 36.28 2.72
C GLY H 230 -60.36 35.10 2.00
N MET H 231 -59.94 35.29 0.74
CA MET H 231 -59.20 34.28 -0.02
C MET H 231 -57.72 34.15 0.41
N GLY H 232 -57.27 34.99 1.33
CA GLY H 232 -55.86 35.03 1.70
C GLY H 232 -55.29 33.70 2.14
N PHE H 233 -56.00 32.97 2.98
CA PHE H 233 -55.45 31.73 3.52
C PHE H 233 -55.22 30.71 2.40
N LYS H 234 -56.23 30.53 1.56
CA LYS H 234 -56.15 29.61 0.44
C LYS H 234 -55.13 30.02 -0.61
N ILE H 235 -54.90 31.33 -0.77
CA ILE H 235 -53.84 31.82 -1.66
C ILE H 235 -52.47 31.48 -1.07
N ALA H 236 -52.33 31.71 0.23
CA ALA H 236 -51.08 31.40 0.94
C ALA H 236 -50.75 29.90 0.85
N MET H 237 -51.76 29.07 1.13
CA MET H 237 -51.60 27.62 1.07
C MET H 237 -51.25 27.13 -0.32
N GLN H 238 -51.96 27.58 -1.36
CA GLN H 238 -51.66 27.13 -2.71
C GLN H 238 -50.29 27.61 -3.23
N THR H 239 -49.80 28.74 -2.70
CA THR H 239 -48.51 29.30 -3.08
C THR H 239 -47.38 28.50 -2.46
N LEU H 240 -47.60 28.13 -1.21
CA LEU H 240 -46.63 27.34 -0.47
C LEU H 240 -46.45 25.92 -1.06
N ASP H 241 -47.53 25.35 -1.61
CA ASP H 241 -47.41 24.10 -2.39
C ASP H 241 -46.42 24.22 -3.55
N MET H 242 -46.51 25.34 -4.29
CA MET H 242 -45.56 25.57 -5.41
C MET H 242 -44.17 25.85 -4.90
N GLY H 243 -44.08 26.64 -3.83
CA GLY H 243 -42.83 26.96 -3.19
C GLY H 243 -42.06 25.75 -2.67
N ARG H 244 -42.78 24.79 -2.11
CA ARG H 244 -42.20 23.54 -1.63
C ARG H 244 -41.41 22.75 -2.66
N ILE H 245 -41.86 22.81 -3.92
CA ILE H 245 -41.17 22.16 -5.03
C ILE H 245 -39.89 22.89 -5.33
N GLY H 246 -39.92 24.20 -5.13
CA GLY H 246 -38.73 25.03 -5.28
C GLY H 246 -37.70 24.76 -4.22
N ILE H 247 -38.14 24.69 -2.98
CA ILE H 247 -37.23 24.42 -1.87
C ILE H 247 -36.68 22.98 -1.91
N ALA H 248 -37.53 22.03 -2.30
CA ALA H 248 -37.10 20.65 -2.61
C ALA H 248 -35.89 20.67 -3.53
N SER H 249 -36.00 21.43 -4.63
CA SER H 249 -34.96 21.50 -5.65
C SER H 249 -33.71 22.20 -5.17
N GLN H 250 -33.89 23.23 -4.32
CA GLN H 250 -32.74 23.89 -3.71
C GLN H 250 -32.00 22.87 -2.87
N ALA H 251 -32.77 22.11 -2.07
CA ALA H 251 -32.22 21.05 -1.24
C ALA H 251 -31.48 19.94 -2.06
N LEU H 252 -32.04 19.55 -3.19
CA LEU H 252 -31.38 18.61 -4.08
C LEU H 252 -30.05 19.18 -4.56
N GLY H 253 -30.07 20.46 -4.92
CA GLY H 253 -28.90 21.16 -5.41
C GLY H 253 -27.80 21.18 -4.36
N ILE H 254 -28.18 21.51 -3.12
CA ILE H 254 -27.27 21.47 -1.95
C ILE H 254 -26.75 20.06 -1.66
N ALA H 255 -27.66 19.08 -1.67
CA ALA H 255 -27.25 17.69 -1.52
C ALA H 255 -26.32 17.24 -2.66
N GLN H 256 -26.61 17.62 -3.91
CA GLN H 256 -25.75 17.16 -5.00
C GLN H 256 -24.31 17.68 -4.92
N THR H 257 -24.12 18.95 -4.60
CA THR H 257 -22.76 19.50 -4.50
C THR H 257 -22.01 18.91 -3.30
N ALA H 258 -22.75 18.65 -2.24
CA ALA H 258 -22.21 17.96 -1.06
C ALA H 258 -21.66 16.55 -1.39
N LEU H 259 -22.48 15.76 -2.07
CA LEU H 259 -22.06 14.48 -2.64
C LEU H 259 -20.87 14.57 -3.60
N ASP H 260 -20.89 15.52 -4.55
CA ASP H 260 -19.75 15.69 -5.46
C ASP H 260 -18.47 15.94 -4.70
N CYS H 261 -18.58 16.83 -3.74
CA CYS H 261 -17.46 17.18 -2.86
C CYS H 261 -16.85 15.94 -2.17
N ALA H 262 -17.70 15.14 -1.56
CA ALA H 262 -17.27 13.95 -0.81
C ALA H 262 -16.63 12.89 -1.72
N VAL H 263 -17.23 12.68 -2.88
CA VAL H 263 -16.71 11.69 -3.80
C VAL H 263 -15.33 12.04 -4.35
N ASN H 264 -15.18 13.25 -4.87
CA ASN H 264 -13.88 13.71 -5.36
C ASN H 264 -12.84 13.57 -4.27
N TYR H 265 -13.21 13.97 -3.06
CA TYR H 265 -12.28 13.93 -1.94
C TYR H 265 -11.86 12.49 -1.56
N ALA H 266 -12.88 11.65 -1.36
CA ALA H 266 -12.69 10.23 -1.03
C ALA H 266 -11.93 9.44 -2.12
N GLU H 267 -12.03 9.85 -3.38
CA GLU H 267 -11.25 9.20 -4.44
C GLU H 267 -9.75 9.52 -4.34
N ASN H 268 -9.40 10.68 -3.79
CA ASN H 268 -8.02 11.16 -3.78
C ASN H 268 -7.33 11.23 -2.42
N ARG H 269 -8.11 11.14 -1.35
CA ARG H 269 -7.55 11.12 0.00
C ARG H 269 -7.14 9.69 0.31
N MET H 270 -5.90 9.50 0.74
CA MET H 270 -5.39 8.18 1.11
C MET H 270 -5.45 7.95 2.62
N ALA H 271 -5.75 6.71 3.00
CA ALA H 271 -5.60 6.28 4.41
C ALA H 271 -5.34 4.79 4.40
N PHE H 272 -4.44 4.37 5.29
CA PHE H 272 -4.05 2.95 5.44
C PHE H 272 -3.69 2.30 4.11
N GLY H 273 -2.96 3.03 3.27
CA GLY H 273 -2.38 2.50 2.03
C GLY H 273 -3.23 2.54 0.77
N ALA H 274 -4.36 3.24 0.80
CA ALA H 274 -5.28 3.26 -0.35
C ALA H 274 -6.23 4.43 -0.21
N PRO H 275 -6.95 4.77 -1.28
CA PRO H 275 -7.96 5.81 -1.18
C PRO H 275 -9.11 5.42 -0.25
N LEU H 276 -9.79 6.43 0.27
CA LEU H 276 -10.91 6.23 1.18
C LEU H 276 -12.00 5.42 0.51
N THR H 277 -12.12 5.53 -0.81
CA THR H 277 -13.14 4.75 -1.55
C THR H 277 -12.85 3.24 -1.59
N LYS H 278 -11.68 2.80 -1.14
CA LYS H 278 -11.42 1.36 -0.95
C LYS H 278 -11.94 0.83 0.40
N LEU H 279 -12.29 1.73 1.31
CA LEU H 279 -12.92 1.33 2.57
C LEU H 279 -14.42 1.09 2.42
N GLN H 280 -14.85 -0.11 2.79
CA GLN H 280 -16.26 -0.49 2.69
C GLN H 280 -17.20 0.51 3.34
N VAL H 281 -16.80 1.00 4.52
CA VAL H 281 -17.63 1.93 5.29
C VAL H 281 -17.89 3.21 4.51
N ILE H 282 -16.84 3.72 3.85
CA ILE H 282 -16.92 4.92 3.02
C ILE H 282 -17.80 4.60 1.81
N GLN H 283 -17.64 3.42 1.23
CA GLN H 283 -18.50 3.02 0.09
C GLN H 283 -19.98 3.02 0.45
N PHE H 284 -20.29 2.48 1.63
CA PHE H 284 -21.63 2.49 2.19
C PHE H 284 -22.17 3.90 2.44
N LYS H 285 -21.34 4.77 3.03
CA LYS H 285 -21.74 6.17 3.26
C LYS H 285 -22.18 6.78 1.93
N LEU H 286 -21.34 6.61 0.91
CA LEU H 286 -21.63 7.12 -0.43
C LEU H 286 -22.85 6.52 -1.14
N ALA H 287 -23.05 5.22 -1.08
CA ALA H 287 -24.28 4.60 -1.63
C ALA H 287 -25.56 5.13 -0.97
N ASP H 288 -25.53 5.28 0.36
CA ASP H 288 -26.67 5.79 1.15
C ASP H 288 -27.01 7.22 0.78
N MET H 289 -25.96 8.02 0.59
CA MET H 289 -26.10 9.38 0.08
C MET H 289 -26.74 9.45 -1.32
N ALA H 290 -26.20 8.71 -2.29
CA ALA H 290 -26.78 8.68 -3.64
C ALA H 290 -28.23 8.23 -3.62
N LEU H 291 -28.54 7.22 -2.82
CA LEU H 291 -29.91 6.67 -2.73
C LEU H 291 -30.90 7.73 -2.18
N ALA H 292 -30.55 8.38 -1.07
CA ALA H 292 -31.32 9.47 -0.51
C ALA H 292 -31.56 10.59 -1.53
N LEU H 293 -30.50 10.98 -2.24
CA LEU H 293 -30.60 12.04 -3.24
C LEU H 293 -31.49 11.70 -4.42
N GLU H 294 -31.22 10.55 -5.02
CA GLU H 294 -31.93 10.11 -6.20
C GLU H 294 -33.39 9.87 -5.89
N SER H 295 -33.67 9.26 -4.74
CA SER H 295 -35.07 9.14 -4.27
C SER H 295 -35.79 10.47 -4.14
N ALA H 296 -35.14 11.44 -3.51
CA ALA H 296 -35.72 12.77 -3.30
C ALA H 296 -35.98 13.50 -4.60
N ARG H 297 -35.06 13.34 -5.56
CA ARG H 297 -35.23 13.97 -6.89
C ARG H 297 -36.47 13.44 -7.61
N LEU H 298 -36.65 12.12 -7.59
CA LEU H 298 -37.81 11.51 -8.23
C LEU H 298 -39.12 11.97 -7.59
N LEU H 299 -39.15 12.12 -6.26
CA LEU H 299 -40.30 12.74 -5.57
C LEU H 299 -40.52 14.18 -6.00
N THR H 300 -39.44 14.92 -6.17
CA THR H 300 -39.56 16.30 -6.62
C THR H 300 -40.11 16.41 -8.06
N TRP H 301 -39.60 15.58 -8.95
CA TRP H 301 -40.05 15.60 -10.35
C TRP H 301 -41.47 15.16 -10.46
N ARG H 302 -41.88 14.17 -9.66
CA ARG H 302 -43.28 13.77 -9.63
C ARG H 302 -44.20 14.96 -9.28
N ALA H 303 -43.86 15.72 -8.23
CA ALA H 303 -44.70 16.87 -7.84
C ALA H 303 -44.75 17.96 -8.91
N ALA H 304 -43.59 18.22 -9.51
CA ALA H 304 -43.45 19.14 -10.64
C ALA H 304 -44.36 18.75 -11.80
N MET H 305 -44.33 17.48 -12.17
CA MET H 305 -45.09 17.00 -13.32
C MET H 305 -46.60 16.97 -13.09
N LEU H 306 -47.00 16.69 -11.85
CA LEU H 306 -48.42 16.75 -11.48
C LEU H 306 -48.95 18.17 -11.67
N LYS H 307 -48.23 19.13 -11.10
CA LYS H 307 -48.55 20.54 -11.26
C LYS H 307 -48.61 20.96 -12.73
N ASP H 308 -47.62 20.55 -13.52
CA ASP H 308 -47.58 20.84 -14.96
C ASP H 308 -48.78 20.25 -15.69
N ASN H 309 -49.26 19.12 -15.19
CA ASN H 309 -50.44 18.47 -15.79
C ASN H 309 -51.75 18.81 -15.09
N LYS H 310 -51.75 19.90 -14.34
CA LYS H 310 -52.96 20.40 -13.70
C LYS H 310 -53.65 19.35 -12.83
N LYS H 311 -52.87 18.43 -12.27
CA LYS H 311 -53.38 17.42 -11.34
C LYS H 311 -53.06 17.90 -9.92
N PRO H 312 -53.73 17.34 -8.89
CA PRO H 312 -53.41 17.67 -7.50
C PRO H 312 -51.96 17.32 -7.13
N PHE H 313 -51.30 18.18 -6.35
CA PHE H 313 -49.91 17.94 -5.99
C PHE H 313 -49.54 18.33 -4.56
N ILE H 314 -50.55 18.54 -3.69
CA ILE H 314 -50.28 19.00 -2.31
C ILE H 314 -49.48 17.97 -1.50
N LYS H 315 -49.99 16.74 -1.44
CA LYS H 315 -49.27 15.67 -0.74
C LYS H 315 -47.90 15.44 -1.37
N GLU H 316 -47.86 15.44 -2.71
CA GLU H 316 -46.65 15.10 -3.45
C GLU H 316 -45.55 16.16 -3.31
N ALA H 317 -45.94 17.44 -3.28
CA ALA H 317 -45.00 18.52 -2.96
C ALA H 317 -44.45 18.45 -1.52
N ALA H 318 -45.31 18.16 -0.55
CA ALA H 318 -44.85 18.09 0.86
C ALA H 318 -43.86 16.91 1.05
N MET H 319 -44.16 15.78 0.42
CA MET H 319 -43.23 14.64 0.39
C MET H 319 -41.85 14.98 -0.21
N ALA H 320 -41.84 15.66 -1.35
CA ALA H 320 -40.61 16.12 -2.00
C ALA H 320 -39.79 17.04 -1.09
N LYS H 321 -40.44 18.08 -0.55
CA LYS H 321 -39.76 19.05 0.30
C LYS H 321 -39.18 18.36 1.51
N LEU H 322 -40.01 17.54 2.15
CA LEU H 322 -39.61 16.83 3.36
C LEU H 322 -38.45 15.90 3.03
N ALA H 323 -38.60 15.09 1.98
CA ALA H 323 -37.55 14.13 1.62
C ALA H 323 -36.22 14.82 1.24
N ALA H 324 -36.30 15.87 0.42
CA ALA H 324 -35.09 16.51 -0.08
C ALA H 324 -34.34 17.26 1.02
N SER H 325 -35.09 17.97 1.87
CA SER H 325 -34.51 18.69 3.01
C SER H 325 -33.77 17.77 3.99
N GLU H 326 -34.35 16.62 4.33
CA GLU H 326 -33.69 15.73 5.31
C GLU H 326 -32.47 15.05 4.71
N ALA H 327 -32.57 14.73 3.43
CA ALA H 327 -31.44 14.26 2.64
C ALA H 327 -30.32 15.30 2.55
N ALA H 328 -30.63 16.58 2.35
CA ALA H 328 -29.60 17.61 2.23
C ALA H 328 -28.79 17.71 3.51
N THR H 329 -29.51 17.68 4.63
CA THR H 329 -28.91 17.64 5.93
C THR H 329 -28.15 16.34 6.22
N ALA H 330 -28.73 15.17 5.92
CA ALA H 330 -28.00 13.91 6.12
C ALA H 330 -26.73 13.80 5.22
N ILE H 331 -26.84 14.21 3.96
CA ILE H 331 -25.74 14.08 3.00
C ILE H 331 -24.59 15.07 3.34
N SER H 332 -24.98 16.28 3.73
CA SER H 332 -24.01 17.32 4.05
C SER H 332 -23.28 16.94 5.35
N HIS H 333 -24.01 16.39 6.32
CA HIS H 333 -23.35 15.84 7.52
C HIS H 333 -22.29 14.79 7.18
N GLN H 334 -22.67 13.79 6.40
CA GLN H 334 -21.75 12.76 5.97
C GLN H 334 -20.62 13.27 5.08
N ALA H 335 -20.85 14.32 4.29
CA ALA H 335 -19.78 14.92 3.50
C ALA H 335 -18.67 15.51 4.38
N ILE H 336 -19.08 16.23 5.44
CA ILE H 336 -18.13 16.66 6.46
C ILE H 336 -17.38 15.47 7.04
N GLN H 337 -18.11 14.41 7.35
CA GLN H 337 -17.50 13.25 8.00
C GLN H 337 -16.44 12.59 7.11
N ILE H 338 -16.77 12.39 5.84
CA ILE H 338 -15.83 11.79 4.89
C ILE H 338 -14.57 12.66 4.75
N LEU H 339 -14.75 13.98 4.82
CA LEU H 339 -13.64 14.92 4.71
C LEU H 339 -12.76 14.95 5.96
N GLY H 340 -13.29 14.49 7.09
CA GLY H 340 -12.52 14.52 8.34
C GLY H 340 -12.32 15.96 8.81
N GLY H 341 -11.13 16.26 9.33
CA GLY H 341 -10.77 17.64 9.74
C GLY H 341 -11.07 18.69 8.68
N MET H 342 -10.75 18.33 7.43
CA MET H 342 -10.97 19.21 6.27
C MET H 342 -12.44 19.61 6.12
N GLY H 343 -13.35 18.79 6.64
CA GLY H 343 -14.78 19.09 6.59
C GLY H 343 -15.24 20.15 7.57
N TYR H 344 -14.43 20.39 8.59
CA TYR H 344 -14.74 21.37 9.64
C TYR H 344 -14.25 22.81 9.41
N VAL H 345 -13.51 23.03 8.31
CA VAL H 345 -12.89 24.33 8.01
C VAL H 345 -13.39 24.94 6.70
N THR H 346 -13.24 26.26 6.59
CA THR H 346 -13.76 26.98 5.40
C THR H 346 -12.91 26.75 4.15
N GLU H 347 -11.73 26.14 4.30
CA GLU H 347 -10.93 25.74 3.13
C GLU H 347 -11.65 24.76 2.22
N MET H 348 -12.62 24.05 2.77
CA MET H 348 -13.52 23.24 1.98
C MET H 348 -14.93 23.78 2.13
N PRO H 349 -15.79 23.44 1.16
CA PRO H 349 -17.18 23.93 1.12
C PRO H 349 -18.21 23.11 1.91
N ALA H 350 -17.80 21.96 2.42
CA ALA H 350 -18.71 21.06 3.17
C ALA H 350 -19.45 21.71 4.35
N GLU H 351 -18.73 22.49 5.17
CA GLU H 351 -19.33 23.15 6.32
C GLU H 351 -20.40 24.17 5.86
N ARG H 352 -20.14 24.88 4.77
CA ARG H 352 -21.15 25.76 4.19
C ARG H 352 -22.39 24.97 3.75
N HIS H 353 -22.20 23.84 3.08
CA HIS H 353 -23.33 22.99 2.65
C HIS H 353 -24.16 22.48 3.85
N TYR H 354 -23.49 22.06 4.92
CA TYR H 354 -24.17 21.71 6.18
C TYR H 354 -25.04 22.87 6.69
N ARG H 355 -24.48 24.07 6.72
CA ARG H 355 -25.17 25.24 7.26
C ARG H 355 -26.36 25.66 6.38
N ASP H 356 -26.19 25.61 5.06
CA ASP H 356 -27.24 25.96 4.09
C ASP H 356 -28.38 24.96 4.05
N ALA H 357 -28.02 23.68 4.12
CA ALA H 357 -29.00 22.60 4.14
C ALA H 357 -29.98 22.72 5.33
N ARG H 358 -29.53 23.28 6.44
CA ARG H 358 -30.30 23.29 7.66
C ARG H 358 -31.61 24.09 7.54
N ILE H 359 -31.61 25.15 6.72
CA ILE H 359 -32.82 25.97 6.56
C ILE H 359 -33.93 25.23 5.82
N THR H 360 -33.57 24.30 4.94
CA THR H 360 -34.57 23.58 4.13
C THR H 360 -35.56 22.76 4.98
N GLU H 361 -35.15 22.36 6.18
CA GLU H 361 -36.03 21.62 7.09
C GLU H 361 -37.04 22.55 7.82
N ILE H 362 -36.87 23.86 7.66
CA ILE H 362 -37.58 24.88 8.46
C ILE H 362 -38.53 25.70 7.63
N TYR H 363 -38.02 26.41 6.61
CA TYR H 363 -38.87 27.35 5.90
C TYR H 363 -39.76 26.73 4.84
N GLU H 364 -40.84 27.43 4.52
CA GLU H 364 -41.91 26.94 3.67
C GLU H 364 -42.61 25.69 4.24
N GLY H 365 -42.85 25.73 5.54
CA GLY H 365 -43.38 24.60 6.28
C GLY H 365 -42.26 23.73 6.82
N THR H 366 -42.13 23.72 8.16
CA THR H 366 -41.20 22.79 8.81
C THR H 366 -41.56 21.33 8.45
N SER H 367 -40.57 20.46 8.63
CA SER H 367 -40.75 19.03 8.46
C SER H 367 -41.99 18.48 9.18
N GLU H 368 -42.22 18.95 10.40
CA GLU H 368 -43.38 18.57 11.21
C GLU H 368 -44.68 18.93 10.51
N ILE H 369 -44.74 20.17 10.01
CA ILE H 369 -45.90 20.60 9.23
C ILE H 369 -46.04 19.76 7.96
N GLN H 370 -44.94 19.45 7.29
CA GLN H 370 -44.99 18.57 6.12
C GLN H 370 -45.59 17.21 6.48
N ARG H 371 -45.11 16.58 7.55
CA ARG H 371 -45.70 15.32 8.01
C ARG H 371 -47.20 15.40 8.28
N LEU H 372 -47.63 16.48 8.96
CA LEU H 372 -49.06 16.72 9.17
C LEU H 372 -49.85 16.84 7.86
N VAL H 373 -49.25 17.56 6.91
CA VAL H 373 -49.89 17.74 5.60
C VAL H 373 -49.98 16.40 4.87
N ILE H 374 -48.89 15.61 4.90
CA ILE H 374 -48.89 14.29 4.24
C ILE H 374 -49.90 13.35 4.91
N ALA H 375 -49.90 13.30 6.25
CA ALA H 375 -50.84 12.46 7.01
C ALA H 375 -52.30 12.77 6.70
N GLY H 376 -52.62 14.07 6.63
CA GLY H 376 -53.95 14.54 6.31
C GLY H 376 -54.43 14.10 4.94
N HIS H 377 -53.54 14.20 3.94
CA HIS H 377 -53.91 13.81 2.58
C HIS H 377 -54.00 12.30 2.40
N LEU H 378 -53.08 11.58 3.03
CA LEU H 378 -53.14 10.13 3.05
C LEU H 378 -54.49 9.62 3.61
N LEU H 379 -54.89 10.09 4.78
CA LEU H 379 -56.17 9.66 5.40
C LEU H 379 -57.39 10.07 4.58
N ARG H 380 -57.38 11.26 4.01
CA ARG H 380 -58.46 11.68 3.13
C ARG H 380 -58.58 10.77 1.89
N SER H 381 -57.47 10.20 1.40
CA SER H 381 -57.52 9.31 0.24
C SER H 381 -58.07 7.91 0.60
N TYR H 382 -57.82 7.43 1.83
CA TYR H 382 -58.50 6.22 2.30
C TYR H 382 -60.00 6.44 2.54
N ARG H 383 -60.37 7.61 3.07
CA ARG H 383 -61.79 7.96 3.25
C ARG H 383 -62.52 8.16 1.92
N SER H 384 -61.89 8.81 0.95
CA SER H 384 -62.45 8.89 -0.40
C SER H 384 -62.61 7.51 -1.04
N ALA H 385 -61.65 6.61 -0.82
CA ALA H 385 -61.70 5.23 -1.32
C ALA H 385 -62.29 4.30 -0.27
#